data_4UQJ
#
_entry.id   4UQJ
#
_cell.length_a   1.000
_cell.length_b   1.000
_cell.length_c   1.000
_cell.angle_alpha   90.00
_cell.angle_beta   90.00
_cell.angle_gamma   90.00
#
_symmetry.space_group_name_H-M   'P 1'
#
loop_
_entity.id
_entity.type
_entity.pdbx_description
1 polymer 'GLUTAMATE RECEPTOR 2'
2 non-polymer '{[7-morpholin-4-yl-2,3-dioxo-6-(trifluoromethyl)-3,4-dihydroquinoxalin-1(2H)-yl]methyl}phosphonic acid'
#
_entity_poly.entity_id   1
_entity_poly.type   'polypeptide(L)'
_entity_poly.pdbx_seq_one_letter_code
;VSSNSIQIGGLFPRGADQEYSAFRVGMVQFSTSEFRLTPHIDNLEVANSFAVTNAFCSQFSRGVYAIFGFYDKKSVNTIT
SFCGTLHVSFITPSFPTDGTHPFVIQMRPDLKGALLSLIEYYQWDKFAYLYDSDRGLSTLQAVLDSAAEKKWQVTAINVG
NINNDKKDETYRSLFQDLELKKERRVILDCERDKVNDIVDQVITIGKHVKGYHYIIANLGFTDGDLLKIQFGGAEVSGFQ
IVDYDDSLVSKFIERWSTLEEKEYPGAHTATIKYTSALTYDAVQVMTEAFRNLRKQRIEISRRGNAGDCLANPAVPWGQG
VEIERALKQVQVEGLSGNIKFDQNGKRINYTINIMELKTNGPRKIGYWSEVDKMVLTLTELPSGNDTSGLENKTVVVTTI
LESPYVMMKKNHEMLKGNERYEGYCVDLAAEIAKHCGFKYKLTIVGDGKYGARDADTKIWNGMVGELVYGKADIAIAPLT
ITLVREEVIDFSKPFMSLGISIMIKKPQKSKPGVFSFLDPLAYEIWMCIVFAYIGVSVVLFLVSRFSPYEWHTEEFEDGR
ETQSSESTNEFGIFNSLWFSLGAFMQQGADISPRSLSGRIVGGVWWFFTLIIISSYTANLAAFLTVERMVSPIESAEDLS
KQTEIAYGTLDSGSTKEFFRRSKIAVFDKMWTYMRSAEPSVFVRTTAEGVARVRKSKGKYAYLLESTMNEYIEQRKPCDT
MKVGGNLDSKGYGIATPKGSSLGTPVNLAVLKLSEQGLLDKLKNKWWYDKGECGAKDSGSKEKTSALSLSNVAGVFYILV
GGLGLAMLVALIEFCYKSRAEAKRMK
;
_entity_poly.pdbx_strand_id   A,B,C,D
#
loop_
_chem_comp.id
_chem_comp.type
_chem_comp.name
_chem_comp.formula
ZK1 non-polymer '{[7-morpholin-4-yl-2,3-dioxo-6-(trifluoromethyl)-3,4-dihydroquinoxalin-1(2H)-yl]methyl}phosphonic acid' 'C14 H15 F3 N3 O6 P'
#
# COMPACT_ATOMS: atom_id res chain seq x y z
N ASN A 4 -38.31 2.13 83.25
CA ASN A 4 -37.19 2.13 82.31
C ASN A 4 -37.33 3.21 81.26
N SER A 5 -36.62 4.32 81.46
CA SER A 5 -36.69 5.45 80.54
C SER A 5 -35.39 5.62 79.77
N ILE A 6 -35.42 5.31 78.47
CA ILE A 6 -34.24 5.43 77.62
C ILE A 6 -34.31 6.69 76.76
N GLN A 7 -33.49 7.67 77.11
CA GLN A 7 -33.47 8.94 76.38
C GLN A 7 -32.64 8.85 75.11
N ILE A 8 -33.22 9.28 73.99
CA ILE A 8 -32.52 9.28 72.71
C ILE A 8 -32.66 10.63 72.02
N GLY A 9 -31.75 10.91 71.09
CA GLY A 9 -31.77 12.16 70.36
C GLY A 9 -32.43 12.03 69.00
N GLY A 10 -33.03 13.11 68.53
CA GLY A 10 -33.70 13.11 67.24
C GLY A 10 -33.38 14.36 66.43
N LEU A 11 -32.55 14.20 65.41
CA LEU A 11 -32.17 15.31 64.55
C LEU A 11 -32.94 15.31 63.24
N PHE A 12 -34.05 16.04 63.20
CA PHE A 12 -34.89 16.11 62.02
C PHE A 12 -34.74 17.44 61.29
N PRO A 13 -34.32 17.38 60.02
CA PRO A 13 -34.18 18.58 59.18
C PRO A 13 -35.54 19.25 58.97
N ARG A 14 -35.58 20.57 59.07
CA ARG A 14 -36.82 21.31 58.86
C ARG A 14 -37.45 20.97 57.52
N GLY A 15 -38.64 20.39 57.57
CA GLY A 15 -39.35 19.99 56.36
C GLY A 15 -39.61 18.50 56.33
N ALA A 16 -38.98 17.76 57.24
CA ALA A 16 -39.17 16.32 57.32
C ALA A 16 -40.46 15.98 58.07
N ASP A 17 -41.59 16.40 57.50
CA ASP A 17 -42.89 16.19 58.11
C ASP A 17 -43.27 14.72 58.14
N GLN A 18 -43.33 14.10 56.96
CA GLN A 18 -43.71 12.70 56.86
C GLN A 18 -42.72 11.80 57.58
N GLU A 19 -41.45 12.18 57.56
CA GLU A 19 -40.41 11.43 58.24
C GLU A 19 -40.66 11.41 59.74
N TYR A 20 -40.99 12.58 60.30
CA TYR A 20 -41.27 12.68 61.73
C TYR A 20 -42.59 12.01 62.07
N SER A 21 -43.57 12.14 61.19
CA SER A 21 -44.87 11.49 61.37
C SER A 21 -44.68 9.99 61.46
N ALA A 22 -43.83 9.46 60.59
CA ALA A 22 -43.52 8.04 60.60
C ALA A 22 -42.71 7.70 61.86
N PHE A 23 -41.93 8.65 62.32
CA PHE A 23 -41.13 8.47 63.53
C PHE A 23 -42.04 8.35 64.75
N ARG A 24 -43.12 9.12 64.74
CA ARG A 24 -44.10 9.09 65.83
C ARG A 24 -44.88 7.78 65.83
N VAL A 25 -45.37 7.39 64.66
CA VAL A 25 -46.13 6.15 64.53
C VAL A 25 -45.31 4.95 65.01
N GLY A 26 -44.01 5.00 64.74
CA GLY A 26 -43.11 3.95 65.19
C GLY A 26 -43.01 3.89 66.70
N MET A 27 -42.99 5.06 67.33
CA MET A 27 -42.93 5.14 68.78
C MET A 27 -44.14 4.48 69.41
N VAL A 28 -45.28 4.57 68.71
CA VAL A 28 -46.53 4.02 69.21
C VAL A 28 -46.63 2.52 68.96
N GLN A 29 -46.25 2.10 67.76
CA GLN A 29 -46.37 0.70 67.37
C GLN A 29 -45.36 -0.20 68.09
N PHE A 30 -44.24 0.39 68.50
CA PHE A 30 -43.19 -0.38 69.17
C PHE A 30 -42.98 0.05 70.62
N SER A 31 -44.05 0.52 71.25
CA SER A 31 -44.01 0.91 72.66
C SER A 31 -44.37 -0.27 73.56
N THR A 32 -43.51 -0.56 74.51
CA THR A 32 -43.73 -1.68 75.43
C THR A 32 -43.65 -1.23 76.88
N SER A 33 -44.13 -2.08 77.79
CA SER A 33 -44.13 -1.77 79.21
C SER A 33 -42.74 -1.98 79.82
N GLU A 34 -41.95 -2.84 79.19
CA GLU A 34 -40.60 -3.13 79.67
C GLU A 34 -39.75 -1.87 79.71
N PHE A 35 -39.92 -1.00 78.72
CA PHE A 35 -39.17 0.24 78.65
C PHE A 35 -39.78 1.19 77.62
N ARG A 36 -39.62 2.50 77.87
CA ARG A 36 -40.14 3.51 76.97
C ARG A 36 -39.04 4.42 76.46
N LEU A 37 -39.12 4.79 75.18
CA LEU A 37 -38.12 5.65 74.56
C LEU A 37 -38.53 7.11 74.66
N THR A 38 -37.61 7.97 75.11
CA THR A 38 -37.88 9.39 75.26
C THR A 38 -37.11 10.21 74.22
N PRO A 39 -37.77 10.53 73.10
CA PRO A 39 -37.15 11.28 72.00
C PRO A 39 -37.03 12.77 72.32
N HIS A 40 -35.83 13.31 72.18
CA HIS A 40 -35.61 14.75 72.32
C HIS A 40 -35.37 15.34 70.94
N ILE A 41 -36.43 15.91 70.36
CA ILE A 41 -36.39 16.38 68.98
C ILE A 41 -35.71 17.73 68.82
N ASP A 42 -34.84 17.83 67.82
CA ASP A 42 -34.16 19.08 67.49
C ASP A 42 -34.24 19.36 66.00
N ASN A 43 -35.05 20.35 65.63
CA ASN A 43 -35.22 20.72 64.23
C ASN A 43 -34.20 21.78 63.80
N LEU A 44 -33.17 21.34 63.10
CA LEU A 44 -32.12 22.24 62.62
C LEU A 44 -31.84 22.04 61.14
N GLU A 45 -31.21 23.04 60.52
CA GLU A 45 -30.82 22.95 59.13
C GLU A 45 -29.71 21.92 58.98
N VAL A 46 -30.07 20.72 58.52
CA VAL A 46 -29.15 19.60 58.44
C VAL A 46 -27.89 19.94 57.63
N ALA A 47 -28.02 20.85 56.67
CA ALA A 47 -26.90 21.23 55.83
C ALA A 47 -25.81 21.95 56.62
N ASN A 48 -26.23 22.86 57.50
CA ASN A 48 -25.28 23.63 58.30
C ASN A 48 -24.48 22.73 59.25
N SER A 49 -23.18 22.63 59.00
CA SER A 49 -22.30 21.78 59.80
C SER A 49 -22.21 22.27 61.24
N PHE A 50 -22.14 23.59 61.42
CA PHE A 50 -22.05 24.18 62.75
C PHE A 50 -23.26 23.79 63.61
N ALA A 51 -24.45 24.05 63.07
CA ALA A 51 -25.69 23.75 63.79
C ALA A 51 -25.74 22.28 64.19
N VAL A 52 -25.36 21.40 63.27
CA VAL A 52 -25.36 19.97 63.53
C VAL A 52 -24.43 19.62 64.68
N THR A 53 -23.32 20.36 64.79
CA THR A 53 -22.37 20.13 65.87
C THR A 53 -22.99 20.46 67.23
N ASN A 54 -23.71 21.57 67.28
CA ASN A 54 -24.39 21.97 68.50
C ASN A 54 -25.50 21.00 68.89
N ALA A 55 -26.32 20.62 67.92
CA ALA A 55 -27.42 19.70 68.17
C ALA A 55 -26.91 18.36 68.67
N PHE A 56 -25.70 17.99 68.27
CA PHE A 56 -25.10 16.74 68.70
C PHE A 56 -24.57 16.84 70.13
N CYS A 57 -23.83 17.92 70.39
CA CYS A 57 -23.27 18.14 71.72
C CYS A 57 -24.36 18.43 72.74
N SER A 58 -25.46 19.02 72.27
CA SER A 58 -26.60 19.32 73.12
C SER A 58 -27.27 18.04 73.57
N GLN A 59 -27.53 17.15 72.61
CA GLN A 59 -28.15 15.86 72.90
C GLN A 59 -27.18 14.97 73.67
N PHE A 60 -25.89 15.27 73.58
CA PHE A 60 -24.86 14.49 74.27
C PHE A 60 -24.75 14.92 75.74
N SER A 61 -24.90 16.21 75.98
CA SER A 61 -24.87 16.74 77.34
C SER A 61 -26.13 16.32 78.09
N ARG A 62 -27.24 16.20 77.36
CA ARG A 62 -28.50 15.74 77.94
C ARG A 62 -28.40 14.27 78.30
N GLY A 63 -27.29 13.65 77.93
CA GLY A 63 -27.04 12.26 78.25
C GLY A 63 -27.97 11.29 77.55
N VAL A 64 -27.80 11.15 76.24
CA VAL A 64 -28.59 10.19 75.47
C VAL A 64 -27.82 8.89 75.25
N TYR A 65 -28.53 7.83 74.96
CA TYR A 65 -27.90 6.52 74.73
C TYR A 65 -27.69 6.27 73.24
N ALA A 66 -28.48 6.94 72.41
CA ALA A 66 -28.36 6.80 70.96
C ALA A 66 -29.00 8.00 70.26
N ILE A 67 -28.57 8.26 69.03
CA ILE A 67 -29.09 9.39 68.28
C ILE A 67 -29.61 8.97 66.91
N PHE A 68 -30.84 9.37 66.60
CA PHE A 68 -31.41 9.16 65.28
C PHE A 68 -31.62 10.49 64.56
N GLY A 69 -31.06 10.61 63.37
CA GLY A 69 -31.19 11.84 62.60
C GLY A 69 -30.80 11.69 61.14
N PHE A 70 -30.50 12.81 60.51
CA PHE A 70 -30.11 12.83 59.11
C PHE A 70 -28.88 13.69 58.93
N TYR A 71 -28.18 13.49 57.81
CA TYR A 71 -27.04 14.33 57.48
C TYR A 71 -26.96 14.63 55.98
N ASP A 72 -26.27 15.71 55.63
CA ASP A 72 -26.10 16.09 54.24
C ASP A 72 -24.69 15.76 53.77
N LYS A 73 -24.43 15.95 52.49
CA LYS A 73 -23.10 15.69 51.93
C LYS A 73 -22.05 16.58 52.59
N LYS A 74 -22.51 17.58 53.34
CA LYS A 74 -21.61 18.53 53.99
C LYS A 74 -21.42 18.24 55.47
N SER A 75 -22.50 17.85 56.14
CA SER A 75 -22.46 17.63 57.59
C SER A 75 -22.19 16.18 57.95
N VAL A 76 -22.20 15.30 56.95
CA VAL A 76 -22.00 13.87 57.19
C VAL A 76 -20.70 13.58 57.91
N ASN A 77 -19.63 14.30 57.54
CA ASN A 77 -18.33 14.09 58.15
C ASN A 77 -18.31 14.46 59.64
N THR A 78 -19.10 15.47 60.00
CA THR A 78 -19.21 15.89 61.39
C THR A 78 -19.79 14.76 62.25
N ILE A 79 -20.90 14.20 61.79
CA ILE A 79 -21.56 13.12 62.52
C ILE A 79 -20.67 11.89 62.66
N THR A 80 -20.20 11.37 61.53
CA THR A 80 -19.36 10.17 61.52
C THR A 80 -18.14 10.34 62.43
N SER A 81 -17.63 11.55 62.51
CA SER A 81 -16.42 11.82 63.30
C SER A 81 -16.72 11.84 64.80
N PHE A 82 -17.67 12.68 65.20
CA PHE A 82 -18.03 12.81 66.61
C PHE A 82 -18.54 11.48 67.17
N CYS A 83 -19.45 10.85 66.45
CA CYS A 83 -20.03 9.58 66.89
C CYS A 83 -18.96 8.50 67.06
N GLY A 84 -17.87 8.63 66.29
CA GLY A 84 -16.78 7.68 66.37
C GLY A 84 -15.87 7.97 67.54
N THR A 85 -15.71 9.25 67.84
CA THR A 85 -14.84 9.66 68.94
C THR A 85 -15.52 9.48 70.29
N LEU A 86 -16.78 9.88 70.36
CA LEU A 86 -17.54 9.81 71.62
C LEU A 86 -18.27 8.48 71.77
N HIS A 87 -18.01 7.56 70.85
CA HIS A 87 -18.61 6.23 70.89
C HIS A 87 -20.14 6.29 70.97
N VAL A 88 -20.71 7.32 70.37
CA VAL A 88 -22.16 7.47 70.34
C VAL A 88 -22.73 6.84 69.08
N SER A 89 -23.79 6.07 69.23
CA SER A 89 -24.44 5.40 68.09
C SER A 89 -25.37 6.36 67.35
N PHE A 90 -25.28 6.35 66.03
CA PHE A 90 -26.09 7.24 65.20
C PHE A 90 -26.85 6.47 64.12
N ILE A 91 -28.16 6.39 64.27
CA ILE A 91 -29.02 5.73 63.29
C ILE A 91 -29.59 6.74 62.31
N THR A 92 -29.45 6.48 61.02
CA THR A 92 -29.90 7.41 60.01
C THR A 92 -30.40 6.72 58.74
N PRO A 93 -31.51 7.23 58.18
CA PRO A 93 -32.08 6.74 56.91
C PRO A 93 -31.36 7.36 55.71
N SER A 94 -30.54 8.38 55.97
CA SER A 94 -29.84 9.08 54.89
C SER A 94 -28.93 8.16 54.09
N PHE A 95 -28.32 8.70 53.05
CA PHE A 95 -27.43 7.93 52.18
C PHE A 95 -26.29 7.29 52.97
N PRO A 96 -25.91 6.06 52.58
CA PRO A 96 -24.82 5.32 53.22
C PRO A 96 -23.50 6.08 53.15
N THR A 97 -22.68 5.95 54.19
CA THR A 97 -21.38 6.61 54.22
C THR A 97 -20.40 5.95 53.27
N ASP A 98 -19.60 6.77 52.59
CA ASP A 98 -18.61 6.26 51.66
C ASP A 98 -17.38 5.73 52.38
N GLY A 99 -17.52 4.58 53.02
CA GLY A 99 -16.42 3.98 53.75
C GLY A 99 -16.90 3.13 54.91
N THR A 100 -16.04 2.96 55.92
CA THR A 100 -16.36 2.14 57.08
C THR A 100 -16.29 2.96 58.37
N HIS A 101 -17.36 3.72 58.64
CA HIS A 101 -17.40 4.56 59.82
C HIS A 101 -18.18 3.88 60.95
N PRO A 102 -17.47 3.54 62.04
CA PRO A 102 -18.07 2.87 63.20
C PRO A 102 -19.10 3.75 63.91
N PHE A 103 -19.94 3.12 64.73
CA PHE A 103 -20.95 3.83 65.50
C PHE A 103 -21.95 4.57 64.61
N VAL A 104 -22.24 4.00 63.44
CA VAL A 104 -23.22 4.56 62.53
C VAL A 104 -24.09 3.47 61.93
N ILE A 105 -25.40 3.57 62.15
CA ILE A 105 -26.34 2.60 61.60
C ILE A 105 -27.12 3.22 60.44
N GLN A 106 -26.97 2.61 59.26
CA GLN A 106 -27.57 3.17 58.05
C GLN A 106 -28.77 2.35 57.58
N MET A 107 -29.93 2.99 57.52
CA MET A 107 -31.17 2.33 57.13
C MET A 107 -31.28 2.14 55.62
N ARG A 108 -30.63 3.01 54.87
CA ARG A 108 -30.69 2.96 53.41
C ARG A 108 -29.68 1.98 52.84
N PRO A 109 -30.16 0.97 52.11
CA PRO A 109 -29.30 -0.01 51.43
C PRO A 109 -28.56 0.63 50.26
N ASP A 110 -27.43 0.05 49.88
CA ASP A 110 -26.64 0.59 48.78
C ASP A 110 -27.29 0.27 47.43
N LEU A 111 -27.63 1.31 46.69
CA LEU A 111 -28.28 1.17 45.39
C LEU A 111 -27.26 0.97 44.27
N LYS A 112 -26.02 1.37 44.55
CA LYS A 112 -24.95 1.28 43.56
C LYS A 112 -24.94 -0.05 42.82
N GLY A 113 -25.11 -1.14 43.57
CA GLY A 113 -25.11 -2.47 42.98
C GLY A 113 -26.31 -2.73 42.09
N ALA A 114 -27.50 -2.41 42.59
CA ALA A 114 -28.73 -2.64 41.85
C ALA A 114 -28.77 -1.85 40.55
N LEU A 115 -28.17 -0.66 40.56
CA LEU A 115 -28.16 0.19 39.37
C LEU A 115 -27.30 -0.44 38.27
N LEU A 116 -26.06 -0.76 38.61
CA LEU A 116 -25.13 -1.35 37.65
C LEU A 116 -25.69 -2.62 37.02
N SER A 117 -26.40 -3.41 37.82
CA SER A 117 -26.98 -4.65 37.33
C SER A 117 -28.10 -4.38 36.32
N LEU A 118 -28.89 -3.34 36.58
CA LEU A 118 -29.99 -2.98 35.70
C LEU A 118 -29.49 -2.51 34.35
N ILE A 119 -28.38 -1.77 34.36
CA ILE A 119 -27.79 -1.26 33.13
C ILE A 119 -27.41 -2.40 32.19
N GLU A 120 -26.79 -3.43 32.75
CA GLU A 120 -26.38 -4.58 31.97
C GLU A 120 -27.58 -5.37 31.46
N TYR A 121 -28.66 -5.39 32.26
CA TYR A 121 -29.87 -6.09 31.88
C TYR A 121 -30.45 -5.52 30.58
N TYR A 122 -30.57 -4.20 30.53
CA TYR A 122 -31.06 -3.53 29.32
C TYR A 122 -29.97 -3.46 28.26
N GLN A 123 -28.78 -3.93 28.62
CA GLN A 123 -27.64 -3.94 27.69
C GLN A 123 -27.34 -2.55 27.14
N TRP A 124 -27.04 -1.62 28.04
CA TRP A 124 -26.72 -0.25 27.67
C TRP A 124 -25.22 -0.09 27.47
N ASP A 125 -24.83 0.60 26.41
CA ASP A 125 -23.43 0.86 26.12
C ASP A 125 -23.14 2.35 26.05
N LYS A 126 -24.18 3.13 25.75
CA LYS A 126 -24.06 4.58 25.69
C LYS A 126 -25.30 5.24 26.30
N PHE A 127 -25.12 5.94 27.41
CA PHE A 127 -26.23 6.57 28.10
C PHE A 127 -25.81 7.86 28.80
N ALA A 128 -26.79 8.72 29.06
CA ALA A 128 -26.55 9.96 29.78
C ALA A 128 -26.82 9.77 31.26
N TYR A 129 -25.97 10.34 32.11
CA TYR A 129 -26.09 10.17 33.55
C TYR A 129 -26.24 11.52 34.26
N LEU A 130 -27.48 11.96 34.43
CA LEU A 130 -27.76 13.21 35.13
C LEU A 130 -27.77 12.96 36.63
N TYR A 131 -26.81 13.56 37.33
CA TYR A 131 -26.64 13.31 38.77
C TYR A 131 -26.83 14.55 39.62
N ASP A 132 -27.04 14.34 40.91
CA ASP A 132 -27.16 15.43 41.87
C ASP A 132 -26.16 15.19 43.00
N SER A 133 -25.34 16.21 43.27
CA SER A 133 -24.26 16.08 44.24
C SER A 133 -24.75 16.08 45.69
N ASP A 134 -26.05 15.96 45.88
CA ASP A 134 -26.63 16.01 47.22
C ASP A 134 -26.33 14.77 48.04
N ARG A 135 -26.40 13.60 47.40
CA ARG A 135 -26.16 12.33 48.09
C ARG A 135 -24.77 11.78 47.82
N GLY A 136 -23.85 12.67 47.48
CA GLY A 136 -22.47 12.27 47.21
C GLY A 136 -22.31 11.63 45.86
N LEU A 137 -21.12 11.79 45.27
CA LEU A 137 -20.83 11.23 43.96
C LEU A 137 -20.40 9.77 44.07
N SER A 138 -20.90 9.08 45.09
CA SER A 138 -20.57 7.68 45.32
C SER A 138 -21.06 6.80 44.16
N THR A 139 -22.27 7.07 43.69
CA THR A 139 -22.85 6.31 42.59
C THR A 139 -22.29 6.76 41.25
N LEU A 140 -21.90 8.04 41.18
CA LEU A 140 -21.30 8.58 39.96
C LEU A 140 -19.96 7.89 39.69
N GLN A 141 -19.14 7.78 40.72
CA GLN A 141 -17.87 7.08 40.60
C GLN A 141 -18.10 5.62 40.22
N ALA A 142 -19.19 5.06 40.72
CA ALA A 142 -19.52 3.67 40.44
C ALA A 142 -19.71 3.42 38.95
N VAL A 143 -20.54 4.24 38.31
CA VAL A 143 -20.83 4.08 36.89
C VAL A 143 -19.64 4.48 36.02
N LEU A 144 -18.85 5.44 36.50
CA LEU A 144 -17.68 5.89 35.76
C LEU A 144 -16.58 4.83 35.76
N ASP A 145 -16.35 4.23 36.92
CA ASP A 145 -15.34 3.19 37.06
C ASP A 145 -15.74 1.95 36.26
N SER A 146 -17.03 1.63 36.29
CA SER A 146 -17.56 0.48 35.56
C SER A 146 -17.56 0.76 34.07
N ALA A 147 -17.62 2.04 33.70
CA ALA A 147 -17.61 2.45 32.31
C ALA A 147 -16.27 2.12 31.66
N ALA A 148 -15.24 2.01 32.49
CA ALA A 148 -13.91 1.66 32.00
C ALA A 148 -13.82 0.17 31.71
N GLU A 149 -14.36 -0.64 32.63
CA GLU A 149 -14.33 -2.09 32.48
C GLU A 149 -15.34 -2.57 31.44
N LYS A 150 -16.61 -2.25 31.67
CA LYS A 150 -17.69 -2.68 30.77
C LYS A 150 -17.67 -1.89 29.47
N LYS A 151 -16.77 -0.91 29.37
CA LYS A 151 -16.63 -0.10 28.17
C LYS A 151 -17.93 0.62 27.81
N TRP A 152 -18.29 1.64 28.60
CA TRP A 152 -19.46 2.45 28.32
C TRP A 152 -19.08 3.87 27.94
N GLN A 153 -19.93 4.52 27.17
CA GLN A 153 -19.75 5.93 26.84
C GLN A 153 -20.73 6.78 27.63
N VAL A 154 -20.40 7.03 28.90
CA VAL A 154 -21.27 7.76 29.80
C VAL A 154 -21.13 9.28 29.65
N THR A 155 -22.26 9.97 29.61
CA THR A 155 -22.25 11.42 29.53
C THR A 155 -22.76 12.00 30.85
N ALA A 156 -21.86 12.12 31.82
CA ALA A 156 -22.22 12.61 33.14
C ALA A 156 -22.43 14.12 33.15
N ILE A 157 -23.56 14.56 33.71
CA ILE A 157 -23.88 15.97 33.78
C ILE A 157 -24.46 16.35 35.14
N ASN A 158 -23.78 17.24 35.85
CA ASN A 158 -24.25 17.70 37.15
C ASN A 158 -25.49 18.59 37.03
N VAL A 159 -26.66 18.00 37.23
CA VAL A 159 -27.92 18.72 37.12
C VAL A 159 -28.30 19.34 38.46
N GLY A 160 -27.32 19.46 39.35
CA GLY A 160 -27.57 19.95 40.69
C GLY A 160 -27.39 21.45 40.85
N ASN A 161 -26.25 21.97 40.39
CA ASN A 161 -25.92 23.38 40.58
C ASN A 161 -26.76 24.32 39.73
N ILE A 162 -27.88 23.82 39.20
CA ILE A 162 -28.77 24.63 38.39
C ILE A 162 -29.60 25.59 39.23
N ASN A 163 -29.31 26.89 39.10
CA ASN A 163 -30.07 27.91 39.83
C ASN A 163 -31.55 27.90 39.44
N ASN A 164 -32.42 27.73 40.43
CA ASN A 164 -33.84 27.51 40.17
C ASN A 164 -34.70 28.73 39.78
N ASP A 165 -34.16 29.94 39.93
CA ASP A 165 -34.85 31.20 39.63
C ASP A 165 -34.63 31.68 38.18
N LYS A 166 -34.51 30.72 37.26
CA LYS A 166 -34.19 30.98 35.87
C LYS A 166 -33.72 29.67 35.23
N LYS A 167 -34.12 28.54 35.81
CA LYS A 167 -33.67 27.23 35.32
C LYS A 167 -34.51 26.73 34.15
N ASP A 168 -34.26 27.28 32.96
CA ASP A 168 -35.01 26.90 31.77
C ASP A 168 -34.11 26.96 30.55
N GLU A 169 -33.36 28.05 30.44
CA GLU A 169 -32.34 28.19 29.40
C GLU A 169 -31.20 27.24 29.68
N THR A 170 -31.24 26.61 30.85
CA THR A 170 -30.23 25.65 31.24
C THR A 170 -30.62 24.24 30.80
N TYR A 171 -31.90 23.93 30.96
CA TYR A 171 -32.43 22.62 30.53
C TYR A 171 -32.45 22.52 29.01
N ARG A 172 -32.77 23.63 28.35
CA ARG A 172 -32.78 23.68 26.89
C ARG A 172 -31.36 23.47 26.37
N SER A 173 -30.39 24.00 27.10
CA SER A 173 -28.98 23.85 26.73
C SER A 173 -28.44 22.51 27.24
N LEU A 174 -29.23 21.85 28.09
CA LEU A 174 -28.85 20.55 28.63
C LEU A 174 -29.17 19.44 27.63
N PHE A 175 -30.39 19.45 27.10
CA PHE A 175 -30.80 18.45 26.12
C PHE A 175 -30.30 18.81 24.73
N GLN A 176 -29.60 19.94 24.63
CA GLN A 176 -28.95 20.33 23.39
C GLN A 176 -27.65 19.56 23.24
N ASP A 177 -27.00 19.30 24.36
CA ASP A 177 -25.78 18.50 24.39
C ASP A 177 -26.13 17.02 24.35
N LEU A 178 -27.32 16.69 24.85
CA LEU A 178 -27.79 15.31 24.83
C LEU A 178 -28.42 14.99 23.49
N GLU A 179 -28.20 15.86 22.50
CA GLU A 179 -28.70 15.64 21.16
C GLU A 179 -27.56 15.55 20.16
N LEU A 180 -26.38 16.02 20.56
CA LEU A 180 -25.19 15.92 19.73
C LEU A 180 -24.87 14.46 19.47
N LYS A 181 -25.09 13.63 20.48
CA LYS A 181 -24.89 12.19 20.36
C LYS A 181 -26.23 11.47 20.32
N LYS A 182 -27.30 12.23 20.16
CA LYS A 182 -28.66 11.67 20.08
C LYS A 182 -28.94 10.73 21.25
N GLU A 183 -28.63 11.17 22.45
CA GLU A 183 -28.86 10.37 23.65
C GLU A 183 -30.35 10.09 23.84
N ARG A 184 -30.69 8.81 23.91
CA ARG A 184 -32.08 8.40 24.10
C ARG A 184 -32.26 7.65 25.41
N ARG A 185 -31.14 7.38 26.09
CA ARG A 185 -31.18 6.64 27.35
C ARG A 185 -30.57 7.45 28.48
N VAL A 186 -31.41 7.90 29.40
CA VAL A 186 -30.99 8.78 30.49
C VAL A 186 -31.18 8.13 31.86
N ILE A 187 -30.22 8.34 32.75
CA ILE A 187 -30.33 7.87 34.12
C ILE A 187 -30.43 9.06 35.08
N LEU A 188 -31.56 9.17 35.75
CA LEU A 188 -31.79 10.27 36.67
C LEU A 188 -31.43 9.89 38.11
N ASP A 189 -30.26 10.34 38.56
CA ASP A 189 -29.81 10.10 39.92
C ASP A 189 -30.06 11.34 40.78
N CYS A 190 -31.31 11.52 41.20
CA CYS A 190 -31.68 12.72 41.95
C CYS A 190 -32.66 12.39 43.07
N GLU A 191 -33.02 13.41 43.84
CA GLU A 191 -34.01 13.26 44.90
C GLU A 191 -35.41 13.25 44.30
N ARG A 192 -36.41 12.90 45.12
CA ARG A 192 -37.78 12.80 44.66
C ARG A 192 -38.27 14.12 44.07
N ASP A 193 -37.62 15.22 44.46
CA ASP A 193 -38.02 16.55 44.00
C ASP A 193 -37.36 16.91 42.67
N LYS A 194 -36.03 16.83 42.63
CA LYS A 194 -35.28 17.15 41.42
C LYS A 194 -35.70 16.27 40.25
N VAL A 195 -36.27 15.11 40.56
CA VAL A 195 -36.75 14.19 39.53
C VAL A 195 -38.01 14.72 38.85
N ASN A 196 -38.96 15.16 39.65
CA ASN A 196 -40.20 15.73 39.12
C ASN A 196 -39.95 16.94 38.24
N ASP A 197 -38.97 17.75 38.63
CA ASP A 197 -38.60 18.92 37.84
C ASP A 197 -38.10 18.50 36.46
N ILE A 198 -37.22 17.50 36.44
CA ILE A 198 -36.70 16.98 35.19
C ILE A 198 -37.80 16.32 34.35
N VAL A 199 -38.60 15.47 34.99
CA VAL A 199 -39.69 14.79 34.32
C VAL A 199 -40.64 15.79 33.67
N ASP A 200 -40.93 16.89 34.37
CA ASP A 200 -41.79 17.93 33.84
C ASP A 200 -41.17 18.59 32.60
N GLN A 201 -39.88 18.89 32.69
CA GLN A 201 -39.16 19.47 31.56
C GLN A 201 -39.14 18.51 30.37
N VAL A 202 -38.93 17.24 30.67
CA VAL A 202 -38.88 16.21 29.64
C VAL A 202 -40.18 16.16 28.83
N ILE A 203 -41.31 16.27 29.53
CA ILE A 203 -42.61 16.25 28.87
C ILE A 203 -42.82 17.51 28.04
N THR A 204 -42.34 18.64 28.55
CA THR A 204 -42.49 19.91 27.86
C THR A 204 -41.79 19.89 26.50
N ILE A 205 -40.53 19.45 26.50
CA ILE A 205 -39.75 19.38 25.27
C ILE A 205 -40.16 18.16 24.43
N GLY A 206 -40.98 17.30 25.01
CA GLY A 206 -41.53 16.15 24.31
C GLY A 206 -40.58 14.98 24.19
N LYS A 207 -39.57 14.93 25.06
CA LYS A 207 -38.62 13.81 25.06
C LYS A 207 -39.09 12.68 25.96
N HIS A 208 -40.40 12.47 26.02
CA HIS A 208 -40.99 11.42 26.83
C HIS A 208 -41.78 10.44 25.97
N VAL A 209 -41.58 10.53 24.66
CA VAL A 209 -42.28 9.66 23.72
C VAL A 209 -41.49 8.39 23.48
N LYS A 210 -42.06 7.47 22.71
CA LYS A 210 -41.41 6.21 22.40
C LYS A 210 -40.03 6.44 21.79
N GLY A 211 -39.03 5.73 22.32
CA GLY A 211 -37.67 5.87 21.86
C GLY A 211 -36.73 6.23 22.98
N TYR A 212 -37.26 6.91 23.99
CA TYR A 212 -36.48 7.31 25.16
C TYR A 212 -36.63 6.31 26.28
N HIS A 213 -35.59 6.17 27.10
CA HIS A 213 -35.61 5.25 28.23
C HIS A 213 -34.98 5.90 29.45
N TYR A 214 -35.78 6.11 30.49
CA TYR A 214 -35.30 6.75 31.71
C TYR A 214 -35.18 5.77 32.86
N ILE A 215 -34.19 5.98 33.71
CA ILE A 215 -34.00 5.16 34.90
C ILE A 215 -33.87 6.04 36.13
N ILE A 216 -34.86 5.97 37.01
CA ILE A 216 -34.85 6.75 38.24
C ILE A 216 -33.97 6.07 39.28
N ALA A 217 -32.78 6.63 39.50
CA ALA A 217 -31.80 6.05 40.40
C ALA A 217 -32.06 6.39 41.86
N ASN A 218 -33.17 5.91 42.40
CA ASN A 218 -33.47 6.06 43.82
C ASN A 218 -34.32 4.90 44.33
N LEU A 219 -34.45 4.79 45.64
CA LEU A 219 -35.19 3.69 46.25
C LEU A 219 -36.68 3.99 46.33
N GLY A 220 -37.09 5.12 45.76
CA GLY A 220 -38.49 5.52 45.76
C GLY A 220 -39.04 5.76 44.37
N PHE A 221 -39.26 4.69 43.62
CA PHE A 221 -39.75 4.78 42.26
C PHE A 221 -41.21 5.22 42.21
N THR A 222 -42.01 4.70 43.13
CA THR A 222 -43.43 5.02 43.18
C THR A 222 -43.70 6.22 44.09
N ASP A 223 -42.63 6.79 44.64
CA ASP A 223 -42.76 7.93 45.55
C ASP A 223 -43.08 9.20 44.79
N GLY A 224 -42.69 9.26 43.52
CA GLY A 224 -42.94 10.43 42.70
C GLY A 224 -44.13 10.25 41.79
N ASP A 225 -44.56 11.35 41.16
CA ASP A 225 -45.68 11.30 40.23
C ASP A 225 -45.23 10.75 38.89
N LEU A 226 -45.82 9.63 38.47
CA LEU A 226 -45.46 8.99 37.21
C LEU A 226 -46.59 9.07 36.19
N LEU A 227 -47.79 9.46 36.65
CA LEU A 227 -48.95 9.55 35.78
C LEU A 227 -48.70 10.46 34.59
N LYS A 228 -47.71 11.34 34.70
CA LYS A 228 -47.41 12.30 33.64
C LYS A 228 -46.60 11.68 32.50
N ILE A 229 -45.51 11.01 32.83
CA ILE A 229 -44.70 10.33 31.82
C ILE A 229 -45.08 8.86 31.69
N GLN A 230 -46.32 8.54 32.04
CA GLN A 230 -46.81 7.17 32.00
C GLN A 230 -47.39 6.82 30.63
N PHE A 231 -48.07 7.78 30.02
CA PHE A 231 -48.72 7.55 28.74
C PHE A 231 -47.93 8.19 27.60
N GLY A 232 -46.78 8.76 27.92
CA GLY A 232 -45.93 9.40 26.93
C GLY A 232 -45.42 8.44 25.87
N GLY A 233 -44.99 7.26 26.30
CA GLY A 233 -44.48 6.26 25.39
C GLY A 233 -43.09 5.80 25.76
N ALA A 234 -42.30 6.72 26.31
CA ALA A 234 -40.94 6.40 26.73
C ALA A 234 -40.96 5.45 27.92
N GLU A 235 -40.12 4.43 27.85
CA GLU A 235 -40.04 3.45 28.94
C GLU A 235 -39.32 4.03 30.15
N VAL A 236 -39.91 3.85 31.32
CA VAL A 236 -39.34 4.34 32.56
C VAL A 236 -39.14 3.21 33.56
N SER A 237 -37.91 3.08 34.07
CA SER A 237 -37.59 2.07 35.05
C SER A 237 -37.07 2.70 36.33
N GLY A 238 -37.03 1.94 37.41
CA GLY A 238 -36.56 2.45 38.69
C GLY A 238 -36.43 1.38 39.75
N PHE A 239 -36.34 1.81 41.00
CA PHE A 239 -36.17 0.88 42.11
C PHE A 239 -37.16 1.17 43.24
N GLN A 240 -37.69 0.12 43.84
CA GLN A 240 -38.62 0.26 44.96
C GLN A 240 -38.17 -0.58 46.15
N ILE A 241 -38.04 0.07 47.30
CA ILE A 241 -37.59 -0.62 48.51
C ILE A 241 -38.78 -0.98 49.40
N VAL A 242 -39.85 -0.21 49.29
CA VAL A 242 -41.05 -0.47 50.06
C VAL A 242 -42.05 -1.28 49.25
N ASP A 243 -42.03 -2.60 49.42
CA ASP A 243 -42.93 -3.47 48.68
C ASP A 243 -44.33 -3.42 49.26
N TYR A 244 -45.25 -2.80 48.52
CA TYR A 244 -46.63 -2.65 48.99
C TYR A 244 -47.41 -3.94 48.81
N ASP A 245 -46.72 -5.00 48.38
CA ASP A 245 -47.35 -6.31 48.20
C ASP A 245 -47.17 -7.18 49.44
N ASP A 246 -46.28 -6.77 50.33
CA ASP A 246 -46.09 -7.48 51.59
C ASP A 246 -47.27 -7.22 52.52
N SER A 247 -47.80 -8.30 53.10
CA SER A 247 -48.90 -8.18 54.05
C SER A 247 -48.50 -7.30 55.23
N LEU A 248 -47.20 -7.25 55.50
CA LEU A 248 -46.67 -6.41 56.58
C LEU A 248 -46.84 -4.94 56.23
N VAL A 249 -46.40 -4.57 55.03
CA VAL A 249 -46.52 -3.19 54.57
C VAL A 249 -47.98 -2.83 54.28
N SER A 250 -48.71 -3.79 53.70
CA SER A 250 -50.11 -3.59 53.38
C SER A 250 -50.92 -3.25 54.63
N LYS A 251 -50.57 -3.88 55.74
CA LYS A 251 -51.25 -3.63 57.01
C LYS A 251 -50.88 -2.26 57.55
N PHE A 252 -49.64 -1.86 57.35
CA PHE A 252 -49.17 -0.54 57.79
C PHE A 252 -49.94 0.57 57.11
N ILE A 253 -50.11 0.45 55.79
CA ILE A 253 -50.82 1.44 55.01
C ILE A 253 -52.29 1.54 55.44
N GLU A 254 -52.87 0.39 55.78
CA GLU A 254 -54.26 0.35 56.22
C GLU A 254 -54.51 1.32 57.37
N ARG A 255 -53.52 1.47 58.24
CA ARG A 255 -53.63 2.37 59.38
C ARG A 255 -53.03 3.73 59.08
N TRP A 256 -52.03 3.75 58.22
CA TRP A 256 -51.35 4.99 57.85
C TRP A 256 -52.26 5.89 57.02
N SER A 257 -52.90 5.31 56.01
CA SER A 257 -53.75 6.07 55.10
C SER A 257 -54.97 6.69 55.80
N THR A 258 -55.28 6.20 56.99
CA THR A 258 -56.45 6.66 57.72
C THR A 258 -56.11 7.73 58.76
N LEU A 259 -54.86 7.75 59.19
CA LEU A 259 -54.41 8.71 60.20
C LEU A 259 -54.79 10.14 59.83
N GLU A 260 -55.09 10.95 60.84
CA GLU A 260 -55.46 12.34 60.64
C GLU A 260 -54.28 13.15 60.11
N GLU A 261 -54.47 13.81 58.97
CA GLU A 261 -53.40 14.57 58.35
C GLU A 261 -53.07 15.83 59.15
N LYS A 262 -53.96 16.20 60.06
CA LYS A 262 -53.76 17.37 60.90
C LYS A 262 -52.65 17.12 61.92
N GLU A 263 -52.79 16.04 62.68
CA GLU A 263 -51.80 15.68 63.68
C GLU A 263 -50.57 15.03 63.04
N TYR A 264 -50.80 14.25 61.99
CA TYR A 264 -49.73 13.59 61.27
C TYR A 264 -49.61 14.15 59.85
N PRO A 265 -48.79 15.20 59.69
CA PRO A 265 -48.58 15.88 58.41
C PRO A 265 -48.17 14.91 57.30
N GLY A 266 -48.77 15.06 56.13
CA GLY A 266 -48.45 14.24 54.97
C GLY A 266 -48.46 12.75 55.29
N ALA A 267 -49.51 12.30 55.97
CA ALA A 267 -49.62 10.90 56.36
C ALA A 267 -50.96 10.29 55.95
N HIS A 268 -51.76 11.05 55.22
CA HIS A 268 -53.08 10.58 54.79
C HIS A 268 -53.04 10.11 53.33
N THR A 269 -52.08 9.25 53.02
CA THR A 269 -51.95 8.72 51.67
C THR A 269 -51.78 7.20 51.68
N ALA A 270 -51.92 6.58 50.51
CA ALA A 270 -51.80 5.13 50.39
C ALA A 270 -50.34 4.71 50.20
N THR A 271 -49.46 5.69 49.99
CA THR A 271 -48.05 5.41 49.79
C THR A 271 -47.19 6.14 50.82
N ILE A 272 -45.89 5.87 50.80
CA ILE A 272 -44.97 6.49 51.75
C ILE A 272 -43.55 6.58 51.18
N LYS A 273 -42.93 7.73 51.34
CA LYS A 273 -41.56 7.93 50.89
C LYS A 273 -40.62 6.95 51.56
N TYR A 274 -39.64 6.44 50.81
CA TYR A 274 -38.73 5.44 51.34
C TYR A 274 -37.93 5.98 52.52
N THR A 275 -37.70 7.29 52.54
CA THR A 275 -37.01 7.93 53.64
C THR A 275 -37.84 7.84 54.92
N SER A 276 -39.14 8.03 54.77
CA SER A 276 -40.06 7.94 55.91
C SER A 276 -40.20 6.49 56.37
N ALA A 277 -40.29 5.57 55.42
CA ALA A 277 -40.43 4.15 55.73
C ALA A 277 -39.23 3.64 56.51
N LEU A 278 -38.05 4.15 56.18
CA LEU A 278 -36.82 3.77 56.87
C LEU A 278 -36.81 4.33 58.30
N THR A 279 -37.39 5.51 58.46
CA THR A 279 -37.50 6.13 59.78
C THR A 279 -38.32 5.25 60.71
N TYR A 280 -39.45 4.75 60.20
CA TYR A 280 -40.31 3.86 60.95
C TYR A 280 -39.57 2.58 61.31
N ASP A 281 -38.82 2.03 60.35
CA ASP A 281 -38.05 0.82 60.58
C ASP A 281 -36.89 1.07 61.52
N ALA A 282 -36.46 2.33 61.59
CA ALA A 282 -35.37 2.72 62.49
C ALA A 282 -35.80 2.57 63.94
N VAL A 283 -37.02 3.01 64.23
CA VAL A 283 -37.57 2.90 65.58
C VAL A 283 -37.60 1.44 66.03
N GLN A 284 -38.00 0.56 65.13
CA GLN A 284 -38.09 -0.86 65.44
C GLN A 284 -36.71 -1.44 65.75
N VAL A 285 -35.69 -0.98 65.03
CA VAL A 285 -34.33 -1.44 65.24
C VAL A 285 -33.80 -1.00 66.60
N MET A 286 -34.09 0.24 66.97
CA MET A 286 -33.65 0.78 68.24
C MET A 286 -34.35 0.10 69.41
N THR A 287 -35.60 -0.30 69.19
CA THR A 287 -36.37 -0.99 70.22
C THR A 287 -35.81 -2.38 70.46
N GLU A 288 -35.64 -3.15 69.39
CA GLU A 288 -35.13 -4.50 69.48
C GLU A 288 -33.70 -4.51 70.04
N ALA A 289 -32.97 -3.42 69.82
CA ALA A 289 -31.60 -3.32 70.28
C ALA A 289 -31.55 -3.11 71.79
N PHE A 290 -32.33 -2.15 72.29
CA PHE A 290 -32.38 -1.87 73.71
C PHE A 290 -33.05 -3.01 74.47
N ARG A 291 -33.82 -3.83 73.76
CA ARG A 291 -34.49 -4.98 74.36
C ARG A 291 -33.53 -6.15 74.51
N ASN A 292 -32.65 -6.32 73.54
CA ASN A 292 -31.65 -7.38 73.58
C ASN A 292 -30.57 -7.10 74.62
N LEU A 293 -30.55 -5.89 75.14
CA LEU A 293 -29.61 -5.51 76.18
C LEU A 293 -30.18 -5.81 77.57
N ARG A 294 -31.50 -5.71 77.69
CA ARG A 294 -32.17 -6.01 78.95
C ARG A 294 -32.20 -7.51 79.19
N LYS A 295 -32.48 -8.27 78.13
CA LYS A 295 -32.53 -9.72 78.22
C LYS A 295 -31.14 -10.33 78.30
N GLN A 296 -30.13 -9.54 77.99
CA GLN A 296 -28.75 -10.00 78.04
C GLN A 296 -28.09 -9.62 79.37
N ARG A 297 -28.85 -8.99 80.25
CA ARG A 297 -28.36 -8.59 81.56
C ARG A 297 -27.15 -7.67 81.45
N ILE A 298 -27.27 -6.64 80.63
CA ILE A 298 -26.18 -5.68 80.43
C ILE A 298 -26.56 -4.29 80.93
N GLU A 299 -25.88 -3.84 81.97
CA GLU A 299 -26.11 -2.52 82.54
C GLU A 299 -25.35 -1.46 81.76
N ILE A 300 -26.07 -0.44 81.31
CA ILE A 300 -25.47 0.64 80.52
C ILE A 300 -25.90 2.01 81.01
N SER A 301 -26.67 2.06 82.09
CA SER A 301 -27.08 3.32 82.68
C SER A 301 -25.87 4.18 83.01
N ARG A 302 -25.87 5.42 82.51
CA ARG A 302 -24.76 6.33 82.72
C ARG A 302 -24.58 6.66 84.21
N ARG A 303 -23.32 6.81 84.62
CA ARG A 303 -23.01 7.12 86.01
C ARG A 303 -23.31 8.58 86.34
N GLY A 304 -23.36 9.41 85.30
CA GLY A 304 -23.64 10.83 85.48
C GLY A 304 -23.57 11.59 84.17
N ASN A 305 -23.55 12.92 84.25
CA ASN A 305 -23.45 13.77 83.06
C ASN A 305 -22.24 13.40 82.22
N ALA A 306 -22.40 13.46 80.90
CA ALA A 306 -21.33 13.07 79.98
C ALA A 306 -20.28 14.16 79.84
N GLY A 307 -20.69 15.39 80.10
CA GLY A 307 -19.78 16.53 80.00
C GLY A 307 -19.75 17.13 78.61
N ASP A 308 -18.90 18.14 78.43
CA ASP A 308 -18.76 18.80 77.15
C ASP A 308 -18.08 17.88 76.14
N CYS A 309 -18.62 17.83 74.92
CA CYS A 309 -18.10 16.95 73.88
C CYS A 309 -16.70 17.37 73.45
N LEU A 310 -16.38 18.65 73.63
CA LEU A 310 -15.06 19.17 73.25
C LEU A 310 -14.02 18.89 74.33
N ALA A 311 -14.42 18.13 75.34
CA ALA A 311 -13.52 17.78 76.44
C ALA A 311 -12.22 17.20 75.92
N ASN A 312 -11.10 17.75 76.40
CA ASN A 312 -9.78 17.30 75.97
C ASN A 312 -8.88 16.97 77.16
N PRO A 313 -8.37 15.74 77.21
CA PRO A 313 -8.59 14.69 76.20
C PRO A 313 -10.01 14.15 76.22
N ALA A 314 -10.52 13.76 75.06
CA ALA A 314 -11.86 13.20 74.95
C ALA A 314 -11.86 11.71 75.29
N VAL A 315 -12.59 11.35 76.34
CA VAL A 315 -12.67 9.96 76.77
C VAL A 315 -14.01 9.33 76.41
N PRO A 316 -13.98 8.28 75.57
CA PRO A 316 -15.17 7.55 75.15
C PRO A 316 -15.71 6.67 76.26
N TRP A 317 -17.01 6.78 76.56
CA TRP A 317 -17.62 5.96 77.58
C TRP A 317 -17.81 4.53 77.08
N GLY A 318 -17.20 3.58 77.77
CA GLY A 318 -17.19 2.19 77.35
C GLY A 318 -18.55 1.58 77.09
N GLN A 319 -19.58 2.14 77.71
CA GLN A 319 -20.94 1.61 77.54
C GLN A 319 -21.43 1.79 76.11
N GLY A 320 -20.75 2.63 75.34
CA GLY A 320 -21.13 2.87 73.96
C GLY A 320 -20.78 1.73 73.03
N VAL A 321 -19.69 1.03 73.35
CA VAL A 321 -19.24 -0.10 72.55
C VAL A 321 -20.28 -1.19 72.50
N GLU A 322 -21.01 -1.36 73.60
CA GLU A 322 -22.05 -2.38 73.69
C GLU A 322 -23.32 -1.97 72.94
N ILE A 323 -23.63 -0.68 72.98
CA ILE A 323 -24.80 -0.16 72.28
C ILE A 323 -24.66 -0.36 70.77
N GLU A 324 -23.42 -0.30 70.29
CA GLU A 324 -23.15 -0.52 68.87
C GLU A 324 -23.35 -1.98 68.50
N ARG A 325 -22.76 -2.87 69.29
CA ARG A 325 -22.86 -4.31 69.05
C ARG A 325 -24.31 -4.78 69.17
N ALA A 326 -25.16 -3.95 69.74
CA ALA A 326 -26.58 -4.27 69.89
C ALA A 326 -27.35 -3.92 68.62
N LEU A 327 -27.25 -2.67 68.20
CA LEU A 327 -27.92 -2.20 67.00
C LEU A 327 -27.49 -2.99 65.77
N LYS A 328 -26.19 -3.24 65.66
CA LYS A 328 -25.64 -3.96 64.51
C LYS A 328 -26.03 -5.44 64.52
N GLN A 329 -26.45 -5.93 65.69
CA GLN A 329 -26.84 -7.33 65.83
C GLN A 329 -28.32 -7.52 65.57
N VAL A 330 -29.07 -6.41 65.56
CA VAL A 330 -30.51 -6.45 65.35
C VAL A 330 -30.85 -7.05 63.99
N GLN A 331 -31.95 -7.80 63.94
CA GLN A 331 -32.44 -8.38 62.70
C GLN A 331 -33.93 -8.66 62.75
N VAL A 332 -34.72 -7.69 62.30
CA VAL A 332 -36.17 -7.81 62.30
C VAL A 332 -36.74 -7.57 60.90
N GLU A 333 -38.07 -7.65 60.78
CA GLU A 333 -38.73 -7.43 59.51
C GLU A 333 -39.45 -6.09 59.52
N GLY A 334 -39.17 -5.25 58.52
CA GLY A 334 -39.77 -3.93 58.45
C GLY A 334 -40.36 -3.61 57.08
N LEU A 335 -40.72 -2.35 56.89
CA LEU A 335 -41.31 -1.91 55.63
C LEU A 335 -40.33 -2.07 54.47
N SER A 336 -39.04 -1.94 54.76
CA SER A 336 -38.01 -2.05 53.75
C SER A 336 -37.42 -3.46 53.68
N GLY A 337 -38.28 -4.45 53.76
CA GLY A 337 -37.85 -5.84 53.68
C GLY A 337 -37.05 -6.29 54.88
N ASN A 338 -36.31 -7.38 54.71
CA ASN A 338 -35.49 -7.92 55.79
C ASN A 338 -34.36 -6.99 56.18
N ILE A 339 -34.29 -6.63 57.46
CA ILE A 339 -33.28 -5.71 57.95
C ILE A 339 -32.14 -6.44 58.66
N LYS A 340 -30.94 -6.32 58.10
CA LYS A 340 -29.76 -6.93 58.71
C LYS A 340 -28.55 -6.02 58.51
N PHE A 341 -27.55 -6.15 59.38
CA PHE A 341 -26.38 -5.30 59.32
C PHE A 341 -25.08 -6.09 59.42
N ASP A 342 -23.99 -5.47 58.99
CA ASP A 342 -22.66 -6.06 59.13
C ASP A 342 -21.92 -5.34 60.26
N GLN A 343 -20.63 -5.66 60.41
CA GLN A 343 -19.83 -5.10 61.49
C GLN A 343 -19.69 -3.58 61.38
N ASN A 344 -19.90 -3.06 60.18
CA ASN A 344 -19.74 -1.62 59.94
C ASN A 344 -21.03 -0.82 60.15
N GLY A 345 -22.12 -1.32 59.61
CA GLY A 345 -23.41 -0.65 59.75
C GLY A 345 -24.20 -0.66 58.46
N LYS A 346 -23.55 -1.02 57.36
CA LYS A 346 -24.21 -1.10 56.07
C LYS A 346 -25.15 -2.30 56.04
N ARG A 347 -26.36 -2.08 55.51
CA ARG A 347 -27.36 -3.14 55.46
C ARG A 347 -26.96 -4.26 54.52
N ILE A 348 -27.33 -5.48 54.88
CA ILE A 348 -27.03 -6.66 54.07
C ILE A 348 -28.24 -7.58 53.97
N ASN A 349 -28.16 -8.55 53.07
CA ASN A 349 -29.25 -9.50 52.85
C ASN A 349 -30.59 -8.78 52.65
N TYR A 350 -30.57 -7.74 51.83
CA TYR A 350 -31.77 -6.97 51.54
C TYR A 350 -32.28 -7.23 50.13
N THR A 351 -33.44 -6.66 49.80
CA THR A 351 -34.04 -6.86 48.49
C THR A 351 -34.59 -5.57 47.91
N ILE A 352 -34.18 -5.26 46.68
CA ILE A 352 -34.66 -4.06 46.00
C ILE A 352 -35.42 -4.45 44.72
N ASN A 353 -36.72 -4.18 44.72
CA ASN A 353 -37.56 -4.52 43.57
C ASN A 353 -37.33 -3.61 42.38
N ILE A 354 -37.09 -4.21 41.22
CA ILE A 354 -36.95 -3.46 39.98
C ILE A 354 -38.32 -3.16 39.38
N MET A 355 -38.57 -1.89 39.09
CA MET A 355 -39.89 -1.46 38.63
C MET A 355 -39.86 -0.92 37.20
N GLU A 356 -40.94 -1.17 36.47
CA GLU A 356 -41.14 -0.59 35.15
C GLU A 356 -42.52 0.07 35.09
N LEU A 357 -42.60 1.20 34.38
CA LEU A 357 -43.86 1.93 34.27
C LEU A 357 -44.61 1.56 32.99
N LYS A 358 -45.72 0.86 33.15
CA LYS A 358 -46.54 0.47 32.01
C LYS A 358 -47.75 1.38 31.88
N THR A 359 -48.68 1.01 31.01
CA THR A 359 -49.88 1.81 30.78
C THR A 359 -50.82 1.78 31.98
N ASN A 360 -50.96 0.61 32.60
CA ASN A 360 -51.83 0.45 33.75
C ASN A 360 -51.19 0.95 35.04
N GLY A 361 -49.93 1.35 34.95
CA GLY A 361 -49.20 1.84 36.11
C GLY A 361 -47.94 1.05 36.37
N PRO A 362 -47.21 1.41 37.46
CA PRO A 362 -45.97 0.73 37.85
C PRO A 362 -46.18 -0.77 38.03
N ARG A 363 -45.13 -1.55 37.78
CA ARG A 363 -45.21 -3.00 37.90
C ARG A 363 -43.84 -3.61 38.15
N LYS A 364 -43.75 -4.43 39.19
CA LYS A 364 -42.50 -5.10 39.53
C LYS A 364 -42.16 -6.18 38.51
N ILE A 365 -40.99 -6.07 37.91
CA ILE A 365 -40.55 -7.03 36.92
C ILE A 365 -39.49 -7.98 37.49
N GLY A 366 -39.12 -7.74 38.74
CA GLY A 366 -38.12 -8.56 39.40
C GLY A 366 -37.53 -7.87 40.61
N TYR A 367 -36.49 -8.47 41.18
CA TYR A 367 -35.83 -7.91 42.36
C TYR A 367 -34.31 -8.01 42.22
N TRP A 368 -33.60 -7.41 43.18
CA TRP A 368 -32.14 -7.44 43.18
C TRP A 368 -31.61 -7.82 44.55
N SER A 369 -30.87 -8.93 44.60
CA SER A 369 -30.24 -9.37 45.84
C SER A 369 -28.75 -9.14 45.78
N GLU A 370 -28.15 -8.80 46.92
CA GLU A 370 -26.71 -8.55 46.98
C GLU A 370 -25.92 -9.81 46.65
N VAL A 371 -26.59 -10.95 46.66
CA VAL A 371 -25.94 -12.24 46.43
C VAL A 371 -26.43 -12.93 45.16
N ASP A 372 -27.58 -12.51 44.67
CA ASP A 372 -28.18 -13.13 43.49
C ASP A 372 -28.29 -12.17 42.32
N LYS A 373 -27.79 -10.95 42.51
CA LYS A 373 -27.91 -9.91 41.50
C LYS A 373 -29.37 -9.72 41.11
N MET A 374 -29.63 -9.50 39.82
CA MET A 374 -31.00 -9.30 39.35
C MET A 374 -31.69 -10.62 39.03
N VAL A 375 -32.94 -10.75 39.47
CA VAL A 375 -33.75 -11.94 39.19
C VAL A 375 -35.17 -11.56 38.81
N LEU A 376 -35.56 -11.90 37.58
CA LEU A 376 -36.86 -11.51 37.06
C LEU A 376 -38.03 -12.28 37.66
N THR A 377 -39.14 -11.59 37.89
CA THR A 377 -40.36 -12.21 38.39
C THR A 377 -41.36 -12.39 37.24
N LEU A 378 -41.60 -13.64 36.85
CA LEU A 378 -42.35 -13.95 35.64
C LEU A 378 -43.86 -13.73 35.77
N LYS A 393 -51.94 -7.52 12.64
CA LYS A 393 -51.34 -6.31 12.08
C LYS A 393 -51.49 -6.23 10.56
N THR A 394 -52.59 -5.63 10.10
CA THR A 394 -52.81 -5.43 8.68
C THR A 394 -51.55 -4.79 8.09
N VAL A 395 -50.78 -5.58 7.36
CA VAL A 395 -49.40 -5.21 7.00
C VAL A 395 -49.31 -3.94 6.17
N VAL A 396 -48.29 -3.14 6.44
CA VAL A 396 -48.07 -1.90 5.70
C VAL A 396 -47.11 -2.13 4.54
N VAL A 397 -47.64 -2.10 3.32
CA VAL A 397 -46.84 -2.32 2.12
C VAL A 397 -46.48 -0.99 1.46
N THR A 398 -45.20 -0.67 1.44
CA THR A 398 -44.73 0.56 0.80
C THR A 398 -44.34 0.29 -0.64
N THR A 399 -44.63 1.24 -1.52
CA THR A 399 -44.31 1.10 -2.93
C THR A 399 -44.20 2.47 -3.59
N ILE A 400 -43.55 2.52 -4.75
CA ILE A 400 -43.36 3.77 -5.48
C ILE A 400 -44.25 3.82 -6.72
N LEU A 401 -44.62 5.04 -7.11
CA LEU A 401 -45.44 5.23 -8.31
C LEU A 401 -44.56 5.20 -9.56
N GLU A 402 -44.46 4.02 -10.17
CA GLU A 402 -43.67 3.84 -11.37
C GLU A 402 -44.35 2.89 -12.34
N SER A 403 -44.73 3.41 -13.51
CA SER A 403 -45.40 2.60 -14.52
C SER A 403 -44.44 1.59 -15.14
N PRO A 404 -44.94 0.38 -15.42
CA PRO A 404 -46.32 -0.04 -15.16
C PRO A 404 -46.43 -0.90 -13.90
N TYR A 405 -45.56 -0.65 -12.93
CA TYR A 405 -45.56 -1.42 -11.70
C TYR A 405 -46.67 -0.99 -10.76
N VAL A 406 -46.75 0.31 -10.48
CA VAL A 406 -47.80 0.87 -9.64
C VAL A 406 -48.30 2.18 -10.22
N MET A 407 -49.55 2.20 -10.68
CA MET A 407 -50.14 3.38 -11.30
C MET A 407 -51.50 3.70 -10.68
N MET A 408 -51.92 4.94 -10.82
CA MET A 408 -53.22 5.36 -10.34
C MET A 408 -54.31 4.92 -11.31
N LYS A 409 -55.25 4.12 -10.83
CA LYS A 409 -56.35 3.63 -11.66
C LYS A 409 -57.11 4.80 -12.28
N LYS A 410 -57.81 4.52 -13.37
CA LYS A 410 -58.58 5.55 -14.08
C LYS A 410 -59.43 6.37 -13.12
N ASN A 411 -60.48 5.75 -12.59
CA ASN A 411 -61.36 6.43 -11.64
C ASN A 411 -60.88 6.25 -10.20
N HIS A 412 -59.64 6.64 -9.94
CA HIS A 412 -59.05 6.50 -8.61
C HIS A 412 -59.70 7.44 -7.61
N GLU A 413 -60.31 8.51 -8.12
CA GLU A 413 -60.98 9.48 -7.27
C GLU A 413 -62.29 8.92 -6.70
N MET A 414 -62.85 7.95 -7.40
CA MET A 414 -64.09 7.31 -6.97
C MET A 414 -63.82 6.01 -6.22
N LEU A 415 -62.54 5.74 -5.96
CA LEU A 415 -62.14 4.53 -5.26
C LEU A 415 -61.34 4.85 -4.01
N LYS A 416 -61.13 3.84 -3.17
CA LYS A 416 -60.37 4.00 -1.94
C LYS A 416 -59.60 2.74 -1.60
N GLY A 417 -58.68 2.84 -0.65
CA GLY A 417 -57.89 1.71 -0.21
C GLY A 417 -56.91 1.23 -1.27
N ASN A 418 -56.84 -0.09 -1.45
CA ASN A 418 -55.92 -0.68 -2.42
C ASN A 418 -56.48 -0.69 -3.83
N GLU A 419 -57.79 -0.49 -3.94
CA GLU A 419 -58.46 -0.50 -5.24
C GLU A 419 -58.05 0.71 -6.08
N ARG A 420 -57.45 1.70 -5.44
CA ARG A 420 -57.03 2.92 -6.13
C ARG A 420 -55.88 2.65 -7.09
N TYR A 421 -55.07 1.65 -6.80
CA TYR A 421 -53.86 1.39 -7.57
C TYR A 421 -53.97 0.15 -8.45
N GLU A 422 -53.16 0.11 -9.50
CA GLU A 422 -53.11 -1.03 -10.41
C GLU A 422 -51.72 -1.11 -11.05
N GLY A 423 -51.26 -2.33 -11.30
CA GLY A 423 -49.96 -2.51 -11.92
C GLY A 423 -49.32 -3.85 -11.59
N TYR A 424 -48.10 -4.05 -12.09
CA TYR A 424 -47.39 -5.30 -11.88
C TYR A 424 -47.18 -5.60 -10.39
N CYS A 425 -46.66 -4.62 -9.67
CA CYS A 425 -46.40 -4.78 -8.24
C CYS A 425 -47.68 -4.85 -7.43
N VAL A 426 -48.73 -4.16 -7.90
CA VAL A 426 -50.02 -4.21 -7.23
C VAL A 426 -50.59 -5.62 -7.24
N ASP A 427 -50.43 -6.30 -8.38
CA ASP A 427 -50.87 -7.69 -8.50
C ASP A 427 -49.90 -8.60 -7.75
N LEU A 428 -48.61 -8.29 -7.83
CA LEU A 428 -47.58 -9.08 -7.15
C LEU A 428 -47.79 -9.04 -5.64
N ALA A 429 -48.33 -7.92 -5.15
CA ALA A 429 -48.61 -7.77 -3.73
C ALA A 429 -49.70 -8.74 -3.29
N ALA A 430 -50.80 -8.76 -4.04
CA ALA A 430 -51.91 -9.66 -3.74
C ALA A 430 -51.48 -11.12 -3.75
N GLU A 431 -50.61 -11.45 -4.70
CA GLU A 431 -50.10 -12.82 -4.80
C GLU A 431 -49.25 -13.20 -3.60
N ILE A 432 -48.32 -12.32 -3.24
CA ILE A 432 -47.47 -12.54 -2.08
C ILE A 432 -48.31 -12.67 -0.81
N ALA A 433 -49.30 -11.80 -0.68
CA ALA A 433 -50.16 -11.79 0.51
C ALA A 433 -51.00 -13.05 0.59
N LYS A 434 -51.31 -13.65 -0.55
CA LYS A 434 -52.12 -14.85 -0.60
C LYS A 434 -51.33 -16.08 -0.16
N HIS A 435 -50.06 -16.14 -0.55
CA HIS A 435 -49.21 -17.28 -0.21
C HIS A 435 -48.60 -17.14 1.18
N CYS A 436 -48.57 -15.92 1.70
CA CYS A 436 -48.03 -15.68 3.04
C CYS A 436 -49.17 -15.52 4.06
N GLY A 437 -50.38 -15.32 3.55
CA GLY A 437 -51.55 -15.20 4.40
C GLY A 437 -51.54 -13.98 5.29
N PHE A 438 -51.88 -12.83 4.72
CA PHE A 438 -51.97 -11.60 5.48
C PHE A 438 -52.68 -10.50 4.72
N LYS A 439 -53.37 -9.62 5.44
CA LYS A 439 -54.00 -8.45 4.85
C LYS A 439 -52.98 -7.33 4.76
N TYR A 440 -53.15 -6.44 3.79
CA TYR A 440 -52.19 -5.37 3.59
C TYR A 440 -52.84 -4.06 3.14
N LYS A 441 -52.10 -2.97 3.32
CA LYS A 441 -52.56 -1.65 2.90
C LYS A 441 -51.49 -0.97 2.04
N LEU A 442 -51.76 -0.88 0.74
CA LEU A 442 -50.82 -0.26 -0.19
C LEU A 442 -50.64 1.22 0.10
N THR A 443 -49.39 1.63 0.32
CA THR A 443 -49.08 3.02 0.61
C THR A 443 -47.91 3.50 -0.25
N ILE A 444 -48.04 4.72 -0.77
CA ILE A 444 -46.98 5.31 -1.58
C ILE A 444 -45.96 6.02 -0.70
N VAL A 445 -44.68 5.76 -0.97
CA VAL A 445 -43.60 6.37 -0.21
C VAL A 445 -43.67 7.90 -0.28
N GLY A 446 -43.39 8.55 0.84
CA GLY A 446 -43.47 10.00 0.93
C GLY A 446 -42.64 10.74 -0.09
N ASP A 447 -41.32 10.73 0.10
CA ASP A 447 -40.41 11.47 -0.77
C ASP A 447 -40.42 10.94 -2.21
N GLY A 448 -40.98 9.76 -2.40
CA GLY A 448 -41.09 9.17 -3.73
C GLY A 448 -39.76 8.68 -4.29
N LYS A 449 -38.84 8.34 -3.39
CA LYS A 449 -37.55 7.81 -3.80
C LYS A 449 -37.48 6.30 -3.56
N TYR A 450 -36.45 5.65 -4.10
CA TYR A 450 -36.30 4.21 -3.94
C TYR A 450 -35.58 3.86 -2.64
N GLY A 451 -34.27 4.07 -2.61
CA GLY A 451 -33.48 3.76 -1.43
C GLY A 451 -32.03 4.14 -1.55
N ALA A 452 -31.71 5.37 -1.16
CA ALA A 452 -30.33 5.86 -1.18
C ALA A 452 -29.89 6.25 0.23
N ARG A 453 -28.62 6.60 0.37
CA ARG A 453 -28.08 6.98 1.67
C ARG A 453 -27.24 8.25 1.60
N ASP A 454 -27.80 9.35 2.09
CA ASP A 454 -27.09 10.62 2.13
C ASP A 454 -25.79 10.46 2.91
N ALA A 455 -24.67 10.75 2.27
CA ALA A 455 -23.35 10.58 2.87
C ALA A 455 -23.22 11.34 4.20
N ASP A 456 -23.65 12.59 4.21
CA ASP A 456 -23.51 13.43 5.39
C ASP A 456 -24.37 12.96 6.55
N THR A 457 -25.69 13.10 6.41
CA THR A 457 -26.62 12.76 7.48
C THR A 457 -26.66 11.25 7.74
N LYS A 458 -26.17 10.48 6.78
CA LYS A 458 -26.17 9.02 6.90
C LYS A 458 -27.59 8.49 7.09
N ILE A 459 -28.56 9.16 6.47
CA ILE A 459 -29.96 8.79 6.60
C ILE A 459 -30.47 8.12 5.32
N TRP A 460 -31.24 7.05 5.49
CA TRP A 460 -31.85 6.37 4.36
C TRP A 460 -33.15 7.06 3.96
N ASN A 461 -33.39 7.12 2.65
CA ASN A 461 -34.61 7.74 2.14
C ASN A 461 -35.41 6.78 1.26
N GLY A 462 -36.64 7.18 0.93
CA GLY A 462 -37.48 6.35 0.09
C GLY A 462 -38.03 5.14 0.82
N MET A 463 -38.32 4.09 0.06
CA MET A 463 -38.89 2.86 0.63
C MET A 463 -37.91 2.18 1.57
N VAL A 464 -36.67 2.03 1.13
CA VAL A 464 -35.63 1.43 1.95
C VAL A 464 -35.54 2.13 3.29
N GLY A 465 -35.77 3.44 3.29
CA GLY A 465 -35.77 4.22 4.51
C GLY A 465 -36.94 3.87 5.41
N GLU A 466 -38.15 3.91 4.84
CA GLU A 466 -39.36 3.61 5.61
C GLU A 466 -39.34 2.21 6.22
N LEU A 467 -38.46 1.36 5.70
CA LEU A 467 -38.31 0.01 6.24
C LEU A 467 -37.40 0.00 7.47
N VAL A 468 -36.29 0.70 7.36
CA VAL A 468 -35.30 0.74 8.44
C VAL A 468 -35.82 1.50 9.66
N TYR A 469 -36.71 2.46 9.44
CA TYR A 469 -37.20 3.30 10.52
C TYR A 469 -38.61 2.89 10.97
N GLY A 470 -39.05 1.71 10.56
CA GLY A 470 -40.28 1.13 11.04
C GLY A 470 -41.56 1.76 10.52
N LYS A 471 -41.45 2.50 9.42
CA LYS A 471 -42.62 3.14 8.82
C LYS A 471 -43.48 2.11 8.08
N ALA A 472 -42.83 1.12 7.49
CA ALA A 472 -43.53 0.08 6.75
C ALA A 472 -43.04 -1.32 7.15
N ASP A 473 -43.83 -2.33 6.80
CA ASP A 473 -43.50 -3.71 7.16
C ASP A 473 -42.83 -4.45 6.00
N ILE A 474 -43.07 -3.98 4.78
CA ILE A 474 -42.55 -4.65 3.60
C ILE A 474 -42.56 -3.71 2.39
N ALA A 475 -41.65 -3.94 1.46
CA ALA A 475 -41.54 -3.11 0.27
C ALA A 475 -41.72 -3.93 -1.00
N ILE A 476 -42.85 -3.74 -1.68
CA ILE A 476 -43.12 -4.43 -2.94
C ILE A 476 -43.09 -3.44 -4.10
N ALA A 477 -41.92 -3.33 -4.74
CA ALA A 477 -41.72 -2.39 -5.82
C ALA A 477 -40.49 -2.80 -6.63
N PRO A 478 -40.22 -2.09 -7.74
CA PRO A 478 -39.01 -2.39 -8.52
C PRO A 478 -37.74 -1.95 -7.78
N LEU A 479 -37.54 -2.48 -6.58
CA LEU A 479 -36.38 -2.12 -5.79
C LEU A 479 -35.18 -2.98 -6.16
N THR A 480 -34.13 -2.32 -6.67
CA THR A 480 -32.92 -3.03 -7.08
C THR A 480 -32.20 -3.66 -5.89
N ILE A 481 -31.73 -4.89 -6.07
CA ILE A 481 -31.00 -5.59 -5.03
C ILE A 481 -29.52 -5.19 -5.06
N THR A 482 -29.15 -4.24 -4.22
CA THR A 482 -27.78 -3.75 -4.17
C THR A 482 -27.10 -4.12 -2.85
N LEU A 483 -25.78 -4.21 -2.88
CA LEU A 483 -25.00 -4.56 -1.70
C LEU A 483 -25.22 -3.56 -0.57
N VAL A 484 -25.26 -2.27 -0.91
CA VAL A 484 -25.43 -1.22 0.08
C VAL A 484 -26.75 -1.34 0.83
N ARG A 485 -27.74 -1.95 0.19
CA ARG A 485 -29.06 -2.13 0.79
C ARG A 485 -29.19 -3.47 1.51
N GLU A 486 -28.56 -4.49 0.95
CA GLU A 486 -28.61 -5.83 1.53
C GLU A 486 -28.02 -5.84 2.93
N GLU A 487 -27.25 -4.81 3.25
CA GLU A 487 -26.61 -4.70 4.55
C GLU A 487 -27.58 -4.22 5.63
N VAL A 488 -28.54 -3.39 5.23
CA VAL A 488 -29.48 -2.81 6.19
C VAL A 488 -30.84 -3.53 6.19
N ILE A 489 -31.23 -4.05 5.03
CA ILE A 489 -32.51 -4.76 4.92
C ILE A 489 -32.32 -6.14 4.29
N ASP A 490 -33.42 -6.86 4.14
CA ASP A 490 -33.38 -8.19 3.55
C ASP A 490 -34.09 -8.21 2.20
N PHE A 491 -33.42 -8.78 1.19
CA PHE A 491 -34.00 -8.91 -0.13
C PHE A 491 -34.34 -10.37 -0.45
N SER A 492 -35.59 -10.59 -0.84
CA SER A 492 -36.00 -11.91 -1.32
C SER A 492 -35.34 -12.16 -2.66
N LYS A 493 -35.40 -13.40 -3.14
CA LYS A 493 -34.85 -13.72 -4.45
C LYS A 493 -35.49 -12.83 -5.50
N PRO A 494 -34.77 -12.55 -6.59
CA PRO A 494 -35.25 -11.63 -7.64
C PRO A 494 -36.55 -12.12 -8.27
N PHE A 495 -37.53 -11.24 -8.36
CA PHE A 495 -38.79 -11.58 -9.01
C PHE A 495 -38.80 -11.07 -10.45
N MET A 496 -37.68 -10.50 -10.88
CA MET A 496 -37.53 -9.98 -12.23
C MET A 496 -36.10 -9.57 -12.52
N SER A 497 -35.42 -10.36 -13.35
CA SER A 497 -34.04 -10.06 -13.73
C SER A 497 -33.99 -9.06 -14.87
N LEU A 498 -33.08 -8.09 -14.77
CA LEU A 498 -32.96 -7.05 -15.80
C LEU A 498 -31.51 -6.60 -15.99
N GLY A 499 -31.35 -5.44 -16.61
CA GLY A 499 -30.03 -4.88 -16.86
C GLY A 499 -30.13 -3.59 -17.67
N ILE A 500 -28.98 -3.12 -18.15
CA ILE A 500 -28.91 -1.91 -18.96
C ILE A 500 -29.03 -2.25 -20.44
N SER A 501 -29.95 -1.58 -21.13
CA SER A 501 -30.21 -1.87 -22.54
C SER A 501 -30.01 -0.64 -23.43
N ILE A 502 -30.15 -0.84 -24.74
CA ILE A 502 -29.98 0.24 -25.71
C ILE A 502 -31.30 0.55 -26.40
N MET A 503 -31.62 1.84 -26.52
CA MET A 503 -32.84 2.26 -27.19
C MET A 503 -32.55 3.12 -28.41
N ILE A 504 -33.04 2.68 -29.56
CA ILE A 504 -32.88 3.41 -30.81
C ILE A 504 -34.24 3.66 -31.45
N LYS A 505 -34.26 4.54 -32.45
CA LYS A 505 -35.51 4.86 -33.15
C LYS A 505 -35.87 3.77 -34.16
N PRO A 512 -38.68 5.65 -50.83
CA PRO A 512 -38.84 5.47 -52.27
C PRO A 512 -38.05 6.51 -53.05
N GLY A 513 -38.74 7.52 -53.56
CA GLY A 513 -38.12 8.56 -54.35
C GLY A 513 -37.58 8.01 -55.65
N VAL A 514 -38.31 8.23 -56.74
CA VAL A 514 -37.89 7.79 -58.06
C VAL A 514 -36.56 8.45 -58.44
N PHE A 515 -36.12 9.39 -57.61
CA PHE A 515 -34.86 10.11 -57.84
C PHE A 515 -33.63 9.29 -57.48
N SER A 516 -33.83 8.05 -57.06
CA SER A 516 -32.72 7.14 -56.81
C SER A 516 -32.41 6.35 -58.08
N PHE A 517 -33.20 6.63 -59.12
CA PHE A 517 -33.02 5.98 -60.42
C PHE A 517 -32.38 6.95 -61.39
N LEU A 518 -32.61 8.24 -61.16
CA LEU A 518 -32.05 9.29 -62.00
C LEU A 518 -30.65 9.66 -61.53
N ASP A 519 -30.26 9.16 -60.36
CA ASP A 519 -28.95 9.46 -59.79
C ASP A 519 -27.85 8.61 -60.41
N PRO A 520 -28.02 7.28 -60.43
CA PRO A 520 -27.00 6.39 -61.00
C PRO A 520 -26.51 6.95 -62.32
N LEU A 521 -27.42 7.09 -63.27
CA LEU A 521 -27.05 7.71 -64.52
C LEU A 521 -27.52 9.17 -64.46
N ALA A 522 -26.55 10.06 -64.50
CA ALA A 522 -26.72 11.49 -64.32
C ALA A 522 -27.70 12.04 -65.35
N TYR A 523 -28.44 13.07 -64.97
CA TYR A 523 -29.37 13.71 -65.89
C TYR A 523 -28.66 14.17 -67.16
N GLU A 524 -27.41 14.61 -67.00
CA GLU A 524 -26.62 15.10 -68.11
C GLU A 524 -26.30 13.95 -69.07
N ILE A 525 -26.12 12.77 -68.50
CA ILE A 525 -25.80 11.59 -69.30
C ILE A 525 -27.02 11.05 -70.03
N TRP A 526 -28.17 11.05 -69.36
CA TRP A 526 -29.42 10.63 -70.00
C TRP A 526 -29.70 11.52 -71.21
N MET A 527 -29.32 12.79 -71.10
CA MET A 527 -29.53 13.74 -72.17
C MET A 527 -28.67 13.41 -73.38
N CYS A 528 -27.35 13.35 -73.17
CA CYS A 528 -26.42 13.09 -74.25
C CYS A 528 -26.68 11.75 -74.94
N ILE A 529 -27.07 10.75 -74.16
CA ILE A 529 -27.37 9.43 -74.72
C ILE A 529 -28.61 9.50 -75.61
N VAL A 530 -29.43 10.53 -75.39
CA VAL A 530 -30.60 10.76 -76.21
C VAL A 530 -30.26 11.61 -77.44
N PHE A 531 -29.35 12.56 -77.25
CA PHE A 531 -28.89 13.39 -78.36
C PHE A 531 -28.12 12.54 -79.37
N ALA A 532 -27.26 11.66 -78.88
CA ALA A 532 -26.53 10.74 -79.73
C ALA A 532 -27.47 9.69 -80.30
N TYR A 533 -28.58 9.45 -79.58
CA TYR A 533 -29.60 8.52 -80.02
C TYR A 533 -30.21 8.98 -81.34
N ILE A 534 -30.70 10.21 -81.34
CA ILE A 534 -31.25 10.81 -82.55
C ILE A 534 -30.13 11.20 -83.50
N GLY A 535 -28.91 11.28 -82.96
CA GLY A 535 -27.75 11.61 -83.75
C GLY A 535 -27.32 10.45 -84.64
N VAL A 536 -27.79 9.25 -84.29
CA VAL A 536 -27.50 8.06 -85.07
C VAL A 536 -28.66 7.74 -86.01
N SER A 537 -29.88 7.98 -85.54
CA SER A 537 -31.07 7.74 -86.33
C SER A 537 -31.17 8.75 -87.48
N VAL A 538 -30.38 9.82 -87.39
CA VAL A 538 -30.34 10.82 -88.46
C VAL A 538 -29.21 10.50 -89.43
N VAL A 539 -28.14 9.93 -88.93
CA VAL A 539 -27.02 9.49 -89.77
C VAL A 539 -27.44 8.31 -90.63
N LEU A 540 -28.16 7.37 -90.02
CA LEU A 540 -28.71 6.23 -90.75
C LEU A 540 -29.76 6.70 -91.74
N PHE A 541 -30.48 7.76 -91.37
CA PHE A 541 -31.53 8.31 -92.23
C PHE A 541 -30.95 8.85 -93.53
N LEU A 542 -29.68 9.25 -93.49
CA LEU A 542 -29.01 9.78 -94.68
C LEU A 542 -28.45 8.67 -95.55
N VAL A 543 -28.44 7.45 -95.02
CA VAL A 543 -27.92 6.29 -95.75
C VAL A 543 -28.91 5.80 -96.80
N SER A 544 -30.15 5.60 -96.40
CA SER A 544 -31.20 5.12 -97.30
C SER A 544 -31.47 6.14 -98.40
N THR A 568 -42.27 12.10 -101.90
CA THR A 568 -40.87 12.07 -101.47
C THR A 568 -40.74 12.51 -100.03
N ASN A 569 -41.63 13.39 -99.59
CA ASN A 569 -41.62 13.89 -98.22
C ASN A 569 -42.07 12.81 -97.22
N GLU A 570 -43.07 12.03 -97.61
CA GLU A 570 -43.57 10.95 -96.78
C GLU A 570 -42.59 9.78 -96.75
N PHE A 571 -41.87 9.59 -97.86
CA PHE A 571 -40.86 8.54 -97.95
C PHE A 571 -39.76 8.78 -96.93
N GLY A 572 -39.57 10.03 -96.55
CA GLY A 572 -38.59 10.39 -95.55
C GLY A 572 -39.12 10.21 -94.15
N ILE A 573 -40.44 10.25 -94.02
CA ILE A 573 -41.10 10.07 -92.73
C ILE A 573 -41.15 8.60 -92.35
N PHE A 574 -41.50 7.76 -93.32
CA PHE A 574 -41.55 6.32 -93.11
C PHE A 574 -40.16 5.77 -92.80
N ASN A 575 -39.15 6.37 -93.41
CA ASN A 575 -37.77 5.98 -93.17
C ASN A 575 -37.27 6.47 -91.81
N SER A 576 -37.61 7.70 -91.48
CA SER A 576 -37.22 8.29 -90.20
C SER A 576 -37.85 7.53 -89.04
N LEU A 577 -38.98 6.87 -89.31
CA LEU A 577 -39.65 6.06 -88.32
C LEU A 577 -39.05 4.66 -88.27
N TRP A 578 -38.41 4.28 -89.38
CA TRP A 578 -37.74 2.98 -89.46
C TRP A 578 -36.36 3.05 -88.80
N PHE A 579 -35.69 4.18 -88.98
CA PHE A 579 -34.38 4.40 -88.36
C PHE A 579 -34.56 4.68 -86.87
N SER A 580 -35.75 5.14 -86.50
CA SER A 580 -36.09 5.36 -85.09
C SER A 580 -36.41 4.03 -84.43
N LEU A 581 -36.78 3.05 -85.26
CA LEU A 581 -37.01 1.69 -84.79
C LEU A 581 -35.68 0.95 -84.74
N GLY A 582 -34.78 1.31 -85.64
CA GLY A 582 -33.42 0.82 -85.60
C GLY A 582 -32.68 1.53 -84.48
N ALA A 583 -33.31 2.60 -83.97
CA ALA A 583 -32.77 3.34 -82.84
C ALA A 583 -33.24 2.71 -81.54
N PHE A 584 -34.57 2.69 -81.34
CA PHE A 584 -35.16 1.91 -80.25
C PHE A 584 -34.45 0.56 -80.26
N MET A 585 -33.58 0.37 -79.28
CA MET A 585 -32.47 -0.59 -79.39
C MET A 585 -32.82 -2.08 -79.41
N GLN A 586 -31.84 -2.85 -79.88
CA GLN A 586 -31.88 -4.31 -79.81
C GLN A 586 -30.46 -4.83 -79.60
N PRO A 593 -28.49 -4.95 -95.46
CA PRO A 593 -27.44 -5.97 -95.45
C PRO A 593 -26.08 -5.40 -95.05
N ARG A 594 -25.04 -5.73 -95.80
CA ARG A 594 -23.68 -5.30 -95.47
C ARG A 594 -23.34 -3.94 -96.09
N SER A 595 -24.09 -2.91 -95.72
CA SER A 595 -23.78 -1.56 -96.13
C SER A 595 -22.72 -0.98 -95.21
N LEU A 596 -21.46 -1.23 -95.54
CA LEU A 596 -20.32 -0.87 -94.69
C LEU A 596 -20.48 0.48 -94.00
N SER A 597 -20.99 1.47 -94.74
CA SER A 597 -21.19 2.81 -94.19
C SER A 597 -21.96 2.77 -92.87
N GLY A 598 -23.27 2.54 -92.96
CA GLY A 598 -24.11 2.48 -91.79
C GLY A 598 -23.87 1.24 -90.96
N ARG A 599 -23.06 0.32 -91.47
CA ARG A 599 -22.74 -0.91 -90.76
C ARG A 599 -21.89 -0.63 -89.52
N ILE A 600 -20.80 0.11 -89.70
CA ILE A 600 -19.93 0.45 -88.58
C ILE A 600 -20.63 1.37 -87.60
N VAL A 601 -21.64 2.09 -88.09
CA VAL A 601 -22.44 2.96 -87.24
C VAL A 601 -23.21 2.13 -86.20
N GLY A 602 -23.82 1.04 -86.68
CA GLY A 602 -24.56 0.16 -85.80
C GLY A 602 -23.64 -0.56 -84.81
N GLY A 603 -22.42 -0.84 -85.26
CA GLY A 603 -21.44 -1.50 -84.43
C GLY A 603 -20.88 -0.59 -83.35
N VAL A 604 -20.50 0.62 -83.75
CA VAL A 604 -19.96 1.61 -82.82
C VAL A 604 -21.03 2.06 -81.82
N TRP A 605 -22.25 2.23 -82.30
CA TRP A 605 -23.36 2.60 -81.43
C TRP A 605 -23.66 1.50 -80.42
N TRP A 606 -23.46 0.25 -80.84
CA TRP A 606 -23.66 -0.89 -79.97
C TRP A 606 -22.59 -0.93 -78.89
N PHE A 607 -21.34 -0.68 -79.29
CA PHE A 607 -20.23 -0.62 -78.35
C PHE A 607 -20.41 0.54 -77.37
N PHE A 608 -21.04 1.61 -77.86
CA PHE A 608 -21.30 2.78 -77.05
C PHE A 608 -22.31 2.47 -75.95
N THR A 609 -23.45 1.90 -76.34
CA THR A 609 -24.50 1.56 -75.39
C THR A 609 -24.05 0.44 -74.45
N LEU A 610 -23.16 -0.42 -74.94
CA LEU A 610 -22.61 -1.49 -74.12
C LEU A 610 -21.87 -0.92 -72.91
N ILE A 611 -21.02 0.07 -73.17
CA ILE A 611 -20.25 0.71 -72.11
C ILE A 611 -21.17 1.40 -71.11
N ILE A 612 -22.17 2.12 -71.62
CA ILE A 612 -23.10 2.85 -70.76
C ILE A 612 -23.88 1.93 -69.83
N ILE A 613 -24.52 0.91 -70.39
CA ILE A 613 -25.30 -0.03 -69.59
C ILE A 613 -24.42 -0.78 -68.59
N SER A 614 -23.15 -0.97 -68.96
CA SER A 614 -22.18 -1.60 -68.07
C SER A 614 -21.85 -0.64 -66.92
N SER A 615 -21.70 0.64 -67.26
CA SER A 615 -21.42 1.67 -66.27
C SER A 615 -22.60 1.80 -65.30
N TYR A 616 -23.81 1.86 -65.84
CA TYR A 616 -25.01 1.95 -65.02
C TYR A 616 -25.09 0.79 -64.04
N THR A 617 -24.84 -0.42 -64.54
CA THR A 617 -24.91 -1.62 -63.72
C THR A 617 -23.86 -1.59 -62.61
N ALA A 618 -22.62 -1.29 -62.98
CA ALA A 618 -21.52 -1.24 -62.02
C ALA A 618 -21.78 -0.18 -60.94
N ASN A 619 -22.16 1.02 -61.39
CA ASN A 619 -22.42 2.12 -60.47
C ASN A 619 -23.57 1.82 -59.53
N LEU A 620 -24.62 1.20 -60.06
CA LEU A 620 -25.79 0.84 -59.26
C LEU A 620 -25.43 -0.17 -58.19
N ALA A 621 -24.39 -0.96 -58.46
CA ALA A 621 -23.93 -1.96 -57.50
C ALA A 621 -23.22 -1.34 -56.31
N ALA A 622 -22.43 -0.29 -56.53
CA ALA A 622 -21.71 0.33 -55.41
C ALA A 622 -22.67 0.96 -54.43
N PHE A 623 -23.76 1.53 -54.95
CA PHE A 623 -24.77 2.17 -54.11
C PHE A 623 -25.56 1.14 -53.31
N LEU A 624 -25.58 -0.10 -53.80
CA LEU A 624 -26.26 -1.17 -53.10
C LEU A 624 -25.31 -1.94 -52.19
N THR A 625 -24.05 -1.99 -52.58
CA THR A 625 -23.02 -2.63 -51.77
C THR A 625 -22.78 -1.83 -50.50
N VAL A 626 -22.65 -0.52 -50.65
CA VAL A 626 -22.46 0.36 -49.51
C VAL A 626 -23.73 0.43 -48.66
N GLU A 627 -24.88 0.31 -49.31
CA GLU A 627 -26.16 0.34 -48.62
C GLU A 627 -26.23 -0.82 -47.65
N ARG A 628 -25.52 -1.89 -47.97
CA ARG A 628 -25.50 -3.01 -47.06
C ARG A 628 -24.39 -2.87 -46.05
N PRO A 632 -26.98 -2.11 -38.59
CA PRO A 632 -27.85 -1.62 -37.52
C PRO A 632 -27.21 -1.79 -36.15
N ILE A 633 -27.50 -0.87 -35.23
CA ILE A 633 -26.95 -0.96 -33.89
C ILE A 633 -27.43 -2.22 -33.19
N GLU A 634 -26.57 -3.25 -33.20
CA GLU A 634 -26.92 -4.54 -32.62
C GLU A 634 -26.53 -4.66 -31.16
N SER A 635 -25.24 -4.54 -30.91
CA SER A 635 -24.73 -4.69 -29.55
C SER A 635 -24.16 -3.38 -29.04
N ALA A 636 -23.62 -3.41 -27.83
CA ALA A 636 -23.01 -2.23 -27.22
C ALA A 636 -21.66 -1.94 -27.88
N GLU A 637 -20.97 -3.00 -28.30
CA GLU A 637 -19.68 -2.86 -28.96
C GLU A 637 -19.82 -2.07 -30.25
N ASP A 638 -21.03 -2.09 -30.82
CA ASP A 638 -21.30 -1.37 -32.06
C ASP A 638 -21.35 0.14 -31.83
N LEU A 639 -21.73 0.53 -30.61
CA LEU A 639 -21.80 1.95 -30.27
C LEU A 639 -20.41 2.54 -30.07
N SER A 640 -19.46 1.71 -29.67
CA SER A 640 -18.10 2.15 -29.42
C SER A 640 -17.26 2.17 -30.70
N LYS A 641 -17.57 1.26 -31.61
CA LYS A 641 -16.81 1.14 -32.85
C LYS A 641 -17.14 2.25 -33.85
N GLN A 642 -18.23 2.97 -33.59
CA GLN A 642 -18.66 4.05 -34.47
C GLN A 642 -18.89 5.34 -33.71
N THR A 643 -19.08 6.44 -34.44
CA THR A 643 -19.26 7.75 -33.82
C THR A 643 -20.41 8.52 -34.46
N GLU A 644 -20.82 8.09 -35.65
CA GLU A 644 -21.89 8.76 -36.38
C GLU A 644 -23.15 8.90 -35.52
N ILE A 645 -23.48 7.84 -34.79
CA ILE A 645 -24.66 7.85 -33.92
C ILE A 645 -24.27 8.13 -32.47
N ALA A 646 -24.62 9.32 -32.00
CA ALA A 646 -24.33 9.70 -30.62
C ALA A 646 -25.15 8.87 -29.65
N TYR A 647 -24.74 8.84 -28.39
CA TYR A 647 -25.45 8.09 -27.36
C TYR A 647 -25.06 8.56 -25.96
N GLY A 648 -25.99 8.43 -25.02
CA GLY A 648 -25.75 8.84 -23.66
C GLY A 648 -26.69 8.18 -22.66
N THR A 649 -26.55 8.55 -21.40
CA THR A 649 -27.39 8.00 -20.34
C THR A 649 -28.01 9.13 -19.51
N LEU A 650 -28.66 8.76 -18.42
CA LEU A 650 -29.23 9.75 -17.51
C LEU A 650 -28.09 10.46 -16.77
N ASP A 651 -28.24 11.76 -16.59
CA ASP A 651 -27.18 12.57 -15.97
C ASP A 651 -26.87 12.13 -14.54
N SER A 652 -27.81 11.43 -13.92
CA SER A 652 -27.63 10.95 -12.56
C SER A 652 -28.37 9.63 -12.33
N GLY A 653 -27.66 8.64 -11.81
CA GLY A 653 -28.24 7.33 -11.55
C GLY A 653 -27.23 6.22 -11.67
N SER A 654 -27.65 5.00 -11.31
CA SER A 654 -26.78 3.84 -11.36
C SER A 654 -26.33 3.56 -12.79
N THR A 655 -27.15 3.93 -13.76
CA THR A 655 -26.83 3.72 -15.16
C THR A 655 -25.57 4.47 -15.56
N LYS A 656 -25.53 5.76 -15.24
CA LYS A 656 -24.36 6.59 -15.55
C LYS A 656 -23.16 6.18 -14.72
N GLU A 657 -23.38 5.97 -13.42
CA GLU A 657 -22.31 5.58 -12.51
C GLU A 657 -21.73 4.22 -12.88
N PHE A 658 -22.50 3.43 -13.63
CA PHE A 658 -22.05 2.12 -14.06
C PHE A 658 -20.86 2.23 -15.01
N PHE A 659 -21.03 3.00 -16.08
CA PHE A 659 -19.97 3.18 -17.06
C PHE A 659 -18.74 3.85 -16.46
N ARG A 660 -18.98 4.81 -15.57
CA ARG A 660 -17.89 5.54 -14.93
C ARG A 660 -16.98 4.61 -14.14
N ARG A 661 -17.57 3.66 -13.44
CA ARG A 661 -16.81 2.76 -12.57
C ARG A 661 -16.46 1.45 -13.28
N SER A 662 -17.08 1.20 -14.43
CA SER A 662 -16.85 -0.04 -15.16
C SER A 662 -15.42 -0.13 -15.70
N LYS A 663 -14.77 -1.26 -15.42
CA LYS A 663 -13.40 -1.48 -15.89
C LYS A 663 -13.38 -2.42 -17.09
N ILE A 664 -14.56 -2.68 -17.66
CA ILE A 664 -14.67 -3.55 -18.82
C ILE A 664 -14.24 -2.83 -20.09
N ALA A 665 -13.61 -3.56 -20.99
CA ALA A 665 -13.06 -2.99 -22.23
C ALA A 665 -14.05 -2.08 -22.95
N VAL A 666 -15.12 -2.67 -23.47
CA VAL A 666 -16.10 -1.93 -24.27
C VAL A 666 -16.69 -0.75 -23.52
N PHE A 667 -17.26 -1.02 -22.34
CA PHE A 667 -17.93 0.01 -21.55
C PHE A 667 -16.98 1.15 -21.17
N ASP A 668 -15.69 0.85 -21.10
CA ASP A 668 -14.69 1.86 -20.77
C ASP A 668 -14.67 2.95 -21.85
N LYS A 669 -14.45 2.53 -23.10
CA LYS A 669 -14.40 3.45 -24.22
C LYS A 669 -15.69 4.27 -24.31
N MET A 670 -16.82 3.60 -24.11
CA MET A 670 -18.12 4.27 -24.16
C MET A 670 -18.17 5.44 -23.19
N TRP A 671 -17.74 5.20 -21.95
CA TRP A 671 -17.74 6.24 -20.93
C TRP A 671 -16.79 7.37 -21.31
N THR A 672 -15.62 7.03 -21.82
CA THR A 672 -14.64 8.02 -22.25
C THR A 672 -15.26 8.99 -23.25
N TYR A 673 -16.06 8.44 -24.16
CA TYR A 673 -16.75 9.25 -25.15
C TYR A 673 -17.81 10.15 -24.52
N MET A 674 -18.71 9.54 -23.76
CA MET A 674 -19.81 10.28 -23.13
C MET A 674 -19.31 11.31 -22.13
N ARG A 675 -18.15 11.06 -21.54
CA ARG A 675 -17.60 11.92 -20.50
C ARG A 675 -17.20 13.29 -21.04
N SER A 676 -16.85 13.34 -22.33
CA SER A 676 -16.38 14.58 -22.94
C SER A 676 -17.14 14.91 -24.22
N ALA A 677 -18.23 14.20 -24.47
CA ALA A 677 -19.04 14.41 -25.67
C ALA A 677 -19.78 15.75 -25.62
N GLU A 678 -19.70 16.51 -26.71
CA GLU A 678 -20.37 17.80 -26.80
C GLU A 678 -21.23 17.86 -28.06
N PRO A 679 -22.47 18.35 -27.92
CA PRO A 679 -23.08 18.80 -26.66
C PRO A 679 -23.32 17.64 -25.68
N SER A 680 -23.85 17.96 -24.51
CA SER A 680 -24.11 16.95 -23.49
C SER A 680 -24.98 15.82 -24.01
N VAL A 681 -24.48 14.60 -23.89
CA VAL A 681 -25.21 13.41 -24.33
C VAL A 681 -26.10 12.90 -23.20
N PHE A 682 -26.01 13.52 -22.04
CA PHE A 682 -26.82 13.14 -20.89
C PHE A 682 -28.10 13.96 -20.82
N VAL A 683 -29.19 13.32 -20.40
CA VAL A 683 -30.47 13.99 -20.29
C VAL A 683 -30.89 14.18 -18.83
N ARG A 684 -31.83 15.08 -18.60
CA ARG A 684 -32.31 15.36 -17.25
C ARG A 684 -33.20 14.25 -16.71
N THR A 685 -34.21 13.87 -17.49
CA THR A 685 -35.13 12.81 -17.10
C THR A 685 -35.20 11.73 -18.18
N THR A 686 -35.89 10.64 -17.86
CA THR A 686 -36.03 9.53 -18.81
C THR A 686 -36.88 9.94 -20.00
N ALA A 687 -37.87 10.80 -19.75
CA ALA A 687 -38.74 11.29 -20.82
C ALA A 687 -37.95 12.10 -21.83
N GLU A 688 -37.00 12.90 -21.35
CA GLU A 688 -36.17 13.72 -22.22
C GLU A 688 -35.29 12.84 -23.12
N GLY A 689 -34.78 11.75 -22.54
CA GLY A 689 -33.95 10.82 -23.29
C GLY A 689 -34.71 10.16 -24.43
N VAL A 690 -35.92 9.70 -24.15
CA VAL A 690 -36.76 9.07 -25.16
C VAL A 690 -37.11 10.08 -26.26
N ALA A 691 -37.40 11.31 -25.86
CA ALA A 691 -37.74 12.37 -26.80
C ALA A 691 -36.56 12.67 -27.72
N ARG A 692 -35.36 12.58 -27.18
CA ARG A 692 -34.15 12.85 -27.95
C ARG A 692 -33.93 11.76 -29.01
N VAL A 693 -34.35 10.54 -28.69
CA VAL A 693 -34.21 9.43 -29.62
C VAL A 693 -35.27 9.49 -30.71
N ARG A 694 -36.43 10.06 -30.38
CA ARG A 694 -37.54 10.15 -31.32
C ARG A 694 -37.43 11.37 -32.23
N LYS A 695 -36.51 12.27 -31.90
CA LYS A 695 -36.39 13.52 -32.65
C LYS A 695 -35.02 13.67 -33.32
N SER A 696 -34.20 12.63 -33.24
CA SER A 696 -32.87 12.66 -33.83
C SER A 696 -32.78 11.84 -35.11
N LYS A 697 -33.91 11.27 -35.52
CA LYS A 697 -33.98 10.49 -36.74
C LYS A 697 -32.98 9.33 -36.73
N GLY A 698 -32.74 8.77 -35.54
CA GLY A 698 -31.85 7.64 -35.39
C GLY A 698 -30.39 8.04 -35.25
N LYS A 699 -30.15 9.28 -34.87
CA LYS A 699 -28.79 9.78 -34.70
C LYS A 699 -28.37 9.75 -33.23
N TYR A 700 -29.32 9.48 -32.35
CA TYR A 700 -29.05 9.43 -30.92
C TYR A 700 -29.65 8.20 -30.25
N ALA A 701 -28.82 7.48 -29.51
CA ALA A 701 -29.26 6.31 -28.77
C ALA A 701 -29.27 6.60 -27.27
N TYR A 702 -30.23 6.00 -26.56
CA TYR A 702 -30.36 6.23 -25.13
C TYR A 702 -30.21 4.93 -24.35
N LEU A 703 -29.36 4.95 -23.32
CA LEU A 703 -29.12 3.78 -22.49
C LEU A 703 -29.91 3.85 -21.19
N LEU A 704 -30.74 2.84 -20.95
CA LEU A 704 -31.57 2.82 -19.76
C LEU A 704 -31.91 1.40 -19.33
N GLU A 705 -32.62 1.27 -18.22
CA GLU A 705 -33.02 -0.04 -17.70
C GLU A 705 -33.91 -0.76 -18.69
N SER A 706 -33.61 -2.04 -18.93
CA SER A 706 -34.36 -2.84 -19.89
C SER A 706 -35.85 -2.84 -19.58
N THR A 707 -36.19 -2.94 -18.30
CA THR A 707 -37.58 -2.99 -17.88
C THR A 707 -38.37 -1.80 -18.41
N MET A 708 -37.89 -0.60 -18.14
CA MET A 708 -38.57 0.61 -18.59
C MET A 708 -38.51 0.74 -20.11
N ASN A 709 -37.42 0.25 -20.69
CA ASN A 709 -37.24 0.30 -22.14
C ASN A 709 -38.27 -0.56 -22.86
N GLU A 710 -38.39 -1.82 -22.45
CA GLU A 710 -39.34 -2.75 -23.04
C GLU A 710 -40.75 -2.17 -23.00
N TYR A 711 -41.07 -1.46 -21.92
CA TYR A 711 -42.38 -0.85 -21.76
C TYR A 711 -42.59 0.28 -22.75
N ILE A 712 -41.56 1.12 -22.91
CA ILE A 712 -41.63 2.24 -23.85
C ILE A 712 -41.88 1.75 -25.28
N GLU A 713 -41.27 0.63 -25.62
CA GLU A 713 -41.44 0.04 -26.95
C GLU A 713 -42.89 -0.33 -27.22
N GLN A 714 -43.66 -0.52 -26.16
CA GLN A 714 -45.07 -0.88 -26.28
C GLN A 714 -45.98 0.32 -26.04
N ARG A 715 -45.47 1.51 -26.35
CA ARG A 715 -46.23 2.74 -26.19
C ARG A 715 -46.19 3.56 -27.48
N LYS A 716 -47.31 4.19 -27.82
CA LYS A 716 -47.40 5.01 -29.02
C LYS A 716 -46.32 6.10 -29.01
N PRO A 717 -45.87 6.52 -30.21
CA PRO A 717 -46.32 6.02 -31.51
C PRO A 717 -45.56 4.76 -31.95
N CYS A 718 -45.08 3.98 -30.98
CA CYS A 718 -44.35 2.75 -31.29
C CYS A 718 -43.17 3.03 -32.21
N ASP A 719 -42.31 3.97 -31.82
CA ASP A 719 -41.19 4.37 -32.64
C ASP A 719 -39.85 4.10 -31.97
N THR A 720 -39.86 3.27 -30.94
CA THR A 720 -38.63 2.92 -30.24
C THR A 720 -38.52 1.41 -30.04
N MET A 721 -37.30 0.90 -30.03
CA MET A 721 -37.07 -0.53 -29.87
C MET A 721 -35.77 -0.82 -29.14
N LYS A 722 -35.77 -1.88 -28.34
CA LYS A 722 -34.56 -2.31 -27.64
C LYS A 722 -33.73 -3.22 -28.53
N VAL A 723 -32.42 -3.01 -28.53
CA VAL A 723 -31.52 -3.78 -29.37
C VAL A 723 -30.42 -4.45 -28.56
N GLY A 724 -30.09 -5.69 -28.92
CA GLY A 724 -29.06 -6.44 -28.24
C GLY A 724 -29.45 -6.83 -26.83
N GLY A 725 -28.62 -7.66 -26.20
CA GLY A 725 -28.86 -8.09 -24.84
C GLY A 725 -28.45 -7.04 -23.82
N ASN A 726 -28.77 -7.29 -22.55
CA ASN A 726 -28.41 -6.36 -21.49
C ASN A 726 -26.91 -6.26 -21.29
N LEU A 727 -26.46 -5.16 -20.71
CA LEU A 727 -25.05 -4.91 -20.49
C LEU A 727 -24.57 -5.50 -19.17
N ASP A 728 -25.50 -5.65 -18.23
CA ASP A 728 -25.19 -6.23 -16.93
C ASP A 728 -26.39 -7.00 -16.38
N SER A 729 -26.16 -7.74 -15.30
CA SER A 729 -27.21 -8.55 -14.70
C SER A 729 -27.66 -7.98 -13.35
N LYS A 730 -28.88 -7.45 -13.32
CA LYS A 730 -29.46 -6.93 -12.09
C LYS A 730 -30.70 -7.73 -11.72
N GLY A 731 -31.52 -7.17 -10.84
CA GLY A 731 -32.75 -7.83 -10.42
C GLY A 731 -33.46 -7.14 -9.28
N TYR A 732 -34.78 -7.03 -9.39
CA TYR A 732 -35.60 -6.47 -8.33
C TYR A 732 -36.00 -7.55 -7.34
N GLY A 733 -36.37 -7.14 -6.14
CA GLY A 733 -36.78 -8.07 -5.10
C GLY A 733 -37.67 -7.43 -4.05
N ILE A 734 -38.38 -8.26 -3.30
CA ILE A 734 -39.23 -7.78 -2.23
C ILE A 734 -38.39 -7.50 -0.99
N ALA A 735 -38.42 -6.25 -0.51
CA ALA A 735 -37.60 -5.83 0.62
C ALA A 735 -38.35 -5.95 1.94
N THR A 736 -37.70 -6.57 2.93
CA THR A 736 -38.30 -6.73 4.24
C THR A 736 -37.28 -6.39 5.33
N PRO A 737 -37.72 -5.67 6.38
CA PRO A 737 -36.85 -5.26 7.49
C PRO A 737 -35.99 -6.41 7.99
N LYS A 738 -34.72 -6.12 8.27
CA LYS A 738 -33.78 -7.14 8.74
C LYS A 738 -34.34 -7.88 9.96
N GLY A 739 -34.36 -9.20 9.89
CA GLY A 739 -34.86 -10.01 10.97
C GLY A 739 -36.36 -9.91 11.15
N SER A 740 -37.09 -9.90 10.04
CA SER A 740 -38.55 -9.82 10.08
C SER A 740 -39.17 -11.20 10.04
N SER A 741 -40.45 -11.27 10.40
CA SER A 741 -41.18 -12.54 10.39
C SER A 741 -41.62 -12.91 8.98
N LEU A 742 -41.90 -11.90 8.17
CA LEU A 742 -42.32 -12.12 6.78
C LEU A 742 -41.15 -12.49 5.89
N GLY A 743 -39.95 -12.41 6.44
CA GLY A 743 -38.74 -12.69 5.69
C GLY A 743 -38.80 -13.96 4.87
N THR A 744 -38.59 -15.09 5.53
CA THR A 744 -38.57 -16.39 4.85
C THR A 744 -39.83 -16.67 4.02
N PRO A 745 -41.02 -16.44 4.60
CA PRO A 745 -42.27 -16.70 3.88
C PRO A 745 -42.30 -16.02 2.51
N VAL A 746 -42.08 -14.71 2.48
CA VAL A 746 -42.10 -13.96 1.23
C VAL A 746 -41.07 -14.48 0.25
N ASN A 747 -39.87 -14.77 0.74
CA ASN A 747 -38.81 -15.31 -0.10
C ASN A 747 -39.27 -16.54 -0.88
N LEU A 748 -39.81 -17.52 -0.16
CA LEU A 748 -40.32 -18.74 -0.77
C LEU A 748 -41.48 -18.43 -1.71
N ALA A 749 -42.31 -17.47 -1.33
CA ALA A 749 -43.46 -17.07 -2.13
C ALA A 749 -43.02 -16.61 -3.52
N VAL A 750 -41.97 -15.81 -3.57
CA VAL A 750 -41.44 -15.32 -4.84
C VAL A 750 -40.97 -16.48 -5.71
N LEU A 751 -40.25 -17.42 -5.11
CA LEU A 751 -39.77 -18.60 -5.83
C LEU A 751 -40.93 -19.44 -6.34
N LYS A 752 -41.98 -19.55 -5.53
CA LYS A 752 -43.16 -20.32 -5.91
C LYS A 752 -43.87 -19.68 -7.09
N LEU A 753 -44.01 -18.36 -7.05
CA LEU A 753 -44.69 -17.62 -8.11
C LEU A 753 -43.95 -17.75 -9.44
N SER A 754 -42.63 -17.69 -9.40
CA SER A 754 -41.82 -17.77 -10.61
C SER A 754 -41.91 -19.16 -11.26
N GLU A 755 -41.89 -20.19 -10.42
CA GLU A 755 -41.96 -21.56 -10.92
C GLU A 755 -43.33 -21.88 -11.50
N GLN A 756 -44.35 -21.24 -10.97
CA GLN A 756 -45.70 -21.40 -11.50
C GLN A 756 -45.91 -20.53 -12.74
N GLY A 757 -44.83 -19.86 -13.16
CA GLY A 757 -44.88 -18.99 -14.32
C GLY A 757 -45.80 -17.80 -14.09
N LEU A 758 -46.17 -17.56 -12.84
CA LEU A 758 -47.08 -16.47 -12.50
C LEU A 758 -46.39 -15.12 -12.69
N LEU A 759 -45.10 -15.06 -12.38
CA LEU A 759 -44.34 -13.83 -12.56
C LEU A 759 -44.24 -13.46 -14.04
N ASP A 760 -43.84 -14.42 -14.86
CA ASP A 760 -43.75 -14.21 -16.30
C ASP A 760 -45.11 -13.79 -16.86
N LYS A 761 -46.16 -14.40 -16.33
CA LYS A 761 -47.52 -14.10 -16.75
C LYS A 761 -47.88 -12.64 -16.45
N LEU A 762 -47.57 -12.19 -15.24
CA LEU A 762 -47.85 -10.83 -14.83
C LEU A 762 -47.15 -9.81 -15.74
N LYS A 763 -45.88 -10.06 -16.04
CA LYS A 763 -45.12 -9.17 -16.90
C LYS A 763 -45.76 -9.06 -18.28
N ASN A 764 -46.10 -10.21 -18.85
CA ASN A 764 -46.76 -10.25 -20.14
C ASN A 764 -48.08 -9.48 -20.12
N LYS A 765 -48.73 -9.48 -18.96
CA LYS A 765 -50.02 -8.81 -18.81
C LYS A 765 -49.89 -7.29 -18.89
N TRP A 766 -48.83 -6.74 -18.31
CA TRP A 766 -48.67 -5.30 -18.20
C TRP A 766 -47.75 -4.71 -19.26
N TRP A 767 -46.88 -5.55 -19.82
CA TRP A 767 -45.93 -5.09 -20.84
C TRP A 767 -46.45 -5.26 -22.26
N TYR A 768 -46.82 -6.49 -22.62
CA TYR A 768 -47.20 -6.80 -23.99
C TYR A 768 -48.71 -6.88 -24.20
N ASP A 769 -49.39 -7.62 -23.35
CA ASP A 769 -50.85 -7.76 -23.45
C ASP A 769 -51.55 -6.42 -23.32
N LYS A 770 -51.22 -5.69 -22.25
CA LYS A 770 -51.82 -4.39 -22.00
C LYS A 770 -51.17 -3.32 -22.89
N GLY A 771 -50.15 -3.74 -23.65
CA GLY A 771 -49.41 -2.83 -24.50
C GLY A 771 -50.24 -2.29 -25.66
N GLU A 772 -49.74 -1.24 -26.28
CA GLU A 772 -50.45 -0.60 -27.39
C GLU A 772 -49.74 -0.85 -28.71
N CYS A 773 -48.65 -1.63 -28.66
CA CYS A 773 -47.82 -1.83 -29.85
C CYS A 773 -47.50 -3.30 -30.11
N SER A 790 -39.81 0.49 -54.97
CA SER A 790 -39.82 1.91 -55.32
C SER A 790 -39.08 2.21 -56.63
N ASN A 791 -37.77 1.96 -56.64
CA ASN A 791 -36.96 2.23 -57.82
C ASN A 791 -37.47 1.52 -59.06
N VAL A 792 -37.76 0.22 -58.92
CA VAL A 792 -38.25 -0.58 -60.02
C VAL A 792 -39.59 -0.06 -60.55
N ALA A 793 -40.37 0.54 -59.66
CA ALA A 793 -41.68 1.06 -60.02
C ALA A 793 -41.58 2.17 -61.06
N GLY A 794 -40.61 3.05 -60.90
CA GLY A 794 -40.40 4.15 -61.82
C GLY A 794 -40.22 3.68 -63.25
N VAL A 795 -39.67 2.48 -63.42
CA VAL A 795 -39.43 1.91 -64.73
C VAL A 795 -40.70 1.26 -65.27
N PHE A 796 -41.64 0.95 -64.38
CA PHE A 796 -42.92 0.38 -64.77
C PHE A 796 -43.84 1.44 -65.37
N TYR A 797 -43.81 2.64 -64.78
CA TYR A 797 -44.64 3.74 -65.25
C TYR A 797 -44.20 4.22 -66.63
N ILE A 798 -42.90 4.24 -66.86
CA ILE A 798 -42.36 4.65 -68.16
C ILE A 798 -42.67 3.60 -69.22
N LEU A 799 -42.91 2.37 -68.77
CA LEU A 799 -43.29 1.29 -69.68
C LEU A 799 -44.73 1.45 -70.14
N VAL A 800 -45.64 1.54 -69.19
CA VAL A 800 -47.06 1.73 -69.48
C VAL A 800 -47.27 3.01 -70.29
N GLY A 801 -46.45 4.02 -70.01
CA GLY A 801 -46.48 5.26 -70.77
C GLY A 801 -46.12 5.04 -72.21
N GLY A 802 -45.15 4.15 -72.44
CA GLY A 802 -44.73 3.81 -73.79
C GLY A 802 -45.79 3.00 -74.50
N LEU A 803 -46.45 2.11 -73.76
CA LEU A 803 -47.54 1.31 -74.31
C LEU A 803 -48.70 2.21 -74.73
N GLY A 804 -49.02 3.18 -73.89
CA GLY A 804 -50.08 4.13 -74.18
C GLY A 804 -49.76 4.98 -75.38
N LEU A 805 -48.50 5.40 -75.48
CA LEU A 805 -48.05 6.19 -76.62
C LEU A 805 -48.21 5.40 -77.91
N ALA A 806 -47.94 4.10 -77.84
CA ALA A 806 -48.08 3.21 -78.99
C ALA A 806 -49.54 2.99 -79.34
N MET A 807 -50.37 2.81 -78.32
CA MET A 807 -51.81 2.65 -78.51
C MET A 807 -52.40 3.90 -79.15
N LEU A 808 -51.70 5.02 -79.02
CA LEU A 808 -52.13 6.28 -79.61
C LEU A 808 -51.65 6.36 -81.06
N VAL A 809 -50.41 5.95 -81.29
CA VAL A 809 -49.84 5.95 -82.63
C VAL A 809 -50.54 4.92 -83.51
N ALA A 810 -51.04 3.86 -82.89
CA ALA A 810 -51.76 2.81 -83.61
C ALA A 810 -53.08 3.34 -84.16
N LEU A 811 -53.86 3.96 -83.29
CA LEU A 811 -55.17 4.50 -83.67
C LEU A 811 -55.09 5.46 -84.84
N ILE A 812 -54.12 6.37 -84.79
CA ILE A 812 -53.97 7.37 -85.86
C ILE A 812 -53.61 6.73 -87.20
N GLU A 813 -52.80 5.68 -87.15
CA GLU A 813 -52.39 4.98 -88.37
C GLU A 813 -53.59 4.38 -89.10
N PHE A 814 -54.48 3.73 -88.34
CA PHE A 814 -55.68 3.13 -88.91
C PHE A 814 -56.63 4.20 -89.45
N CYS A 815 -56.54 5.39 -88.87
CA CYS A 815 -57.39 6.51 -89.29
C CYS A 815 -56.95 7.07 -90.64
N TYR A 816 -55.65 7.30 -90.79
CA TYR A 816 -55.12 7.81 -92.05
C TYR A 816 -55.37 6.84 -93.20
N LYS A 817 -55.24 5.54 -92.91
CA LYS A 817 -55.45 4.51 -93.91
C LYS A 817 -56.92 4.40 -94.29
N ASN B 4 1.41 46.60 70.02
CA ASN B 4 0.33 46.02 69.23
C ASN B 4 0.55 44.53 68.97
N SER B 5 -0.14 43.70 69.74
CA SER B 5 -0.02 42.25 69.60
C SER B 5 -1.29 41.63 69.04
N ILE B 6 -1.21 41.17 67.79
CA ILE B 6 -2.34 40.53 67.13
C ILE B 6 -2.22 39.01 67.13
N GLN B 7 -3.03 38.36 67.95
CA GLN B 7 -2.99 36.90 68.05
C GLN B 7 -3.78 36.24 66.94
N ILE B 8 -3.14 35.29 66.26
CA ILE B 8 -3.78 34.54 65.18
C ILE B 8 -3.59 33.03 65.36
N GLY B 9 -4.46 32.24 64.74
CA GLY B 9 -4.38 30.80 64.84
C GLY B 9 -3.67 30.18 63.64
N GLY B 10 -3.02 29.05 63.87
CA GLY B 10 -2.31 28.35 62.83
C GLY B 10 -2.56 26.86 62.84
N LEU B 11 -3.36 26.37 61.89
CA LEU B 11 -3.68 24.96 61.79
C LEU B 11 -2.85 24.27 60.71
N PHE B 12 -1.73 23.68 61.12
CA PHE B 12 -0.84 23.01 60.18
C PHE B 12 -0.93 21.49 60.32
N PRO B 13 -1.31 20.80 59.23
CA PRO B 13 -1.38 19.34 59.20
C PRO B 13 0.00 18.72 59.42
N ARG B 14 0.06 17.68 60.25
CA ARG B 14 1.33 17.00 60.52
C ARG B 14 2.00 16.57 59.23
N GLY B 15 3.18 17.13 58.97
CA GLY B 15 3.92 16.81 57.76
C GLY B 15 4.16 18.04 56.89
N ALA B 16 3.47 19.13 57.24
CA ALA B 16 3.63 20.38 56.50
C ALA B 16 4.88 21.13 56.95
N ASP B 17 6.03 20.50 56.74
CA ASP B 17 7.30 21.08 57.15
C ASP B 17 7.65 22.33 56.35
N GLN B 18 7.74 22.18 55.03
CA GLN B 18 8.10 23.31 54.17
C GLN B 18 7.05 24.41 54.25
N GLU B 19 5.80 24.03 54.43
CA GLU B 19 4.71 24.99 54.55
C GLU B 19 4.90 25.86 55.80
N TYR B 20 5.24 25.22 56.91
CA TYR B 20 5.47 25.94 58.16
C TYR B 20 6.75 26.75 58.10
N SER B 21 7.78 26.17 57.47
CA SER B 21 9.04 26.88 57.28
C SER B 21 8.82 28.16 56.49
N ALA B 22 8.00 28.09 55.46
CA ALA B 22 7.64 29.26 54.68
C ALA B 22 6.78 30.21 55.50
N PHE B 23 6.00 29.64 56.41
CA PHE B 23 5.16 30.44 57.29
C PHE B 23 6.02 31.24 58.25
N ARG B 24 7.12 30.65 58.70
CA ARG B 24 8.04 31.32 59.61
C ARG B 24 8.79 32.44 58.89
N VAL B 25 9.32 32.14 57.71
CA VAL B 25 10.06 33.11 56.92
C VAL B 25 9.19 34.34 56.64
N GLY B 26 7.91 34.11 56.42
CA GLY B 26 6.96 35.19 56.18
C GLY B 26 6.81 36.07 57.39
N MET B 27 6.78 35.45 58.57
CA MET B 27 6.67 36.19 59.82
C MET B 27 7.85 37.14 59.99
N VAL B 28 9.01 36.73 59.48
CA VAL B 28 10.23 37.51 59.61
C VAL B 28 10.31 38.62 58.57
N GLN B 29 9.97 38.28 57.33
CA GLN B 29 10.06 39.23 56.22
C GLN B 29 9.01 40.33 56.31
N PHE B 30 7.88 40.04 56.96
CA PHE B 30 6.79 41.00 57.05
C PHE B 30 6.54 41.45 58.49
N SER B 31 7.60 41.46 59.30
CA SER B 31 7.50 41.91 60.68
C SER B 31 7.80 43.40 60.78
N THR B 32 6.89 44.15 61.38
CA THR B 32 7.06 45.59 61.53
C THR B 32 6.93 46.02 62.98
N SER B 33 7.36 47.25 63.26
CA SER B 33 7.30 47.80 64.62
C SER B 33 5.89 48.26 64.97
N GLU B 34 5.10 48.58 63.96
CA GLU B 34 3.73 49.03 64.16
C GLU B 34 2.90 47.99 64.89
N PHE B 35 3.13 46.72 64.55
CA PHE B 35 2.42 45.62 65.19
C PHE B 35 3.09 44.27 64.88
N ARG B 36 2.95 43.33 65.81
CA ARG B 36 3.53 42.00 65.64
C ARG B 36 2.46 40.92 65.70
N LEU B 37 2.60 39.91 64.85
CA LEU B 37 1.66 38.80 64.80
C LEU B 37 2.10 37.66 65.71
N THR B 38 1.17 37.17 66.54
CA THR B 38 1.47 36.08 67.47
C THR B 38 0.76 34.80 67.05
N PRO B 39 1.47 33.93 66.30
CA PRO B 39 0.93 32.67 65.81
C PRO B 39 0.82 31.60 66.90
N HIS B 40 -0.37 31.03 67.06
CA HIS B 40 -0.56 29.91 67.97
C HIS B 40 -0.73 28.64 67.16
N ILE B 41 0.35 27.88 67.02
CA ILE B 41 0.38 26.73 66.13
C ILE B 41 -0.25 25.48 66.75
N ASP B 42 -1.08 24.81 65.96
CA ASP B 42 -1.73 23.57 66.38
C ASP B 42 -1.58 22.50 65.30
N ASN B 43 -0.73 21.51 65.56
CA ASN B 43 -0.49 20.42 64.61
C ASN B 43 -1.46 19.26 64.81
N LEU B 44 -2.49 19.21 63.97
CA LEU B 44 -3.49 18.15 64.07
C LEU B 44 -3.72 17.47 62.72
N GLU B 45 -4.29 16.27 62.75
CA GLU B 45 -4.64 15.55 61.54
C GLU B 45 -5.77 16.28 60.81
N VAL B 46 -5.41 17.02 59.78
CA VAL B 46 -6.36 17.87 59.07
C VAL B 46 -7.57 17.09 58.57
N ALA B 47 -7.39 15.81 58.28
CA ALA B 47 -8.46 14.97 57.76
C ALA B 47 -9.57 14.77 58.80
N ASN B 48 -9.17 14.53 60.04
CA ASN B 48 -10.12 14.30 61.12
C ASN B 48 -10.98 15.54 61.40
N SER B 49 -12.27 15.43 61.11
CA SER B 49 -13.20 16.53 61.28
C SER B 49 -13.34 16.94 62.75
N PHE B 50 -13.38 15.94 63.63
CA PHE B 50 -13.51 16.20 65.06
C PHE B 50 -12.35 17.04 65.58
N ALA B 51 -11.13 16.59 65.30
CA ALA B 51 -9.93 17.28 65.75
C ALA B 51 -9.91 18.73 65.26
N VAL B 52 -10.29 18.92 64.00
CA VAL B 52 -10.33 20.25 63.40
C VAL B 52 -11.32 21.15 64.16
N THR B 53 -12.40 20.56 64.63
CA THR B 53 -13.41 21.31 65.38
C THR B 53 -12.84 21.81 66.70
N ASN B 54 -12.09 20.95 67.39
CA ASN B 54 -11.45 21.33 68.64
C ASN B 54 -10.39 22.41 68.44
N ALA B 55 -9.53 22.20 67.44
CA ALA B 55 -8.46 23.15 67.14
C ALA B 55 -9.02 24.52 66.80
N PHE B 56 -10.22 24.55 66.24
CA PHE B 56 -10.87 25.81 65.88
C PHE B 56 -11.45 26.49 67.11
N CYS B 57 -12.18 25.72 67.92
CA CYS B 57 -12.79 26.25 69.14
C CYS B 57 -11.73 26.62 70.17
N SER B 58 -10.60 25.92 70.13
CA SER B 58 -9.49 26.19 71.03
C SER B 58 -8.86 27.54 70.69
N GLN B 59 -8.59 27.74 69.41
CA GLN B 59 -8.02 29.00 68.94
C GLN B 59 -9.03 30.13 69.05
N PHE B 60 -10.31 29.77 69.11
CA PHE B 60 -11.36 30.77 69.24
C PHE B 60 -11.53 31.23 70.69
N SER B 61 -11.36 30.30 71.62
CA SER B 61 -11.44 30.63 73.04
C SER B 61 -10.22 31.45 73.46
N ARG B 62 -9.08 31.18 72.81
CA ARG B 62 -7.86 31.93 73.06
C ARG B 62 -8.00 33.35 72.52
N GLY B 63 -9.12 33.61 71.85
CA GLY B 63 -9.42 34.93 71.32
C GLY B 63 -8.48 35.38 70.22
N VAL B 64 -8.59 34.76 69.05
CA VAL B 64 -7.79 35.16 67.90
C VAL B 64 -8.59 36.08 66.98
N TYR B 65 -7.89 36.83 66.15
CA TYR B 65 -8.54 37.76 65.22
C TYR B 65 -8.71 37.13 63.85
N ALA B 66 -7.87 36.13 63.55
CA ALA B 66 -7.94 35.43 62.27
C ALA B 66 -7.24 34.08 62.37
N ILE B 67 -7.60 33.17 61.49
CA ILE B 67 -7.03 31.82 61.51
C ILE B 67 -6.47 31.43 60.15
N PHE B 68 -5.22 30.97 60.14
CA PHE B 68 -4.61 30.44 58.93
C PHE B 68 -4.33 28.95 59.09
N GLY B 69 -4.84 28.16 58.16
CA GLY B 69 -4.65 26.72 58.21
C GLY B 69 -4.99 26.01 56.91
N PHE B 70 -5.24 24.71 57.01
CA PHE B 70 -5.57 23.90 55.85
C PHE B 70 -6.79 23.03 56.15
N TYR B 71 -7.44 22.54 55.11
CA TYR B 71 -8.56 21.61 55.28
C TYR B 71 -8.56 20.53 54.20
N ASP B 72 -9.21 19.42 54.50
CA ASP B 72 -9.32 18.31 53.57
C ASP B 72 -10.72 18.27 52.97
N LYS B 73 -10.93 17.38 52.00
CA LYS B 73 -12.24 17.23 51.37
C LYS B 73 -13.29 16.83 52.39
N LYS B 74 -12.84 16.43 53.58
CA LYS B 74 -13.74 15.97 54.62
C LYS B 74 -14.00 17.04 55.69
N SER B 75 -12.95 17.77 56.05
CA SER B 75 -13.05 18.75 57.13
C SER B 75 -13.37 20.15 56.60
N VAL B 76 -13.33 20.33 55.28
CA VAL B 76 -13.57 21.63 54.68
C VAL B 76 -14.93 22.22 55.09
N ASN B 77 -15.95 21.38 55.16
CA ASN B 77 -17.28 21.84 55.54
C ASN B 77 -17.34 22.36 56.97
N THR B 78 -16.55 21.76 57.85
CA THR B 78 -16.48 22.20 59.24
C THR B 78 -15.97 23.62 59.33
N ILE B 79 -14.85 23.88 58.66
CA ILE B 79 -14.24 25.21 58.66
C ILE B 79 -15.17 26.27 58.08
N THR B 80 -15.61 26.06 56.84
CA THR B 80 -16.47 27.01 56.16
C THR B 80 -17.72 27.34 56.97
N SER B 81 -18.21 26.35 57.72
CA SER B 81 -19.43 26.51 58.49
C SER B 81 -19.20 27.34 59.75
N PHE B 82 -18.26 26.91 60.57
CA PHE B 82 -17.93 27.61 61.81
C PHE B 82 -17.48 29.05 61.55
N CYS B 83 -16.55 29.21 60.62
CA CYS B 83 -16.02 30.53 60.29
C CYS B 83 -17.12 31.46 59.80
N GLY B 84 -18.17 30.89 59.21
CA GLY B 84 -19.29 31.67 58.72
C GLY B 84 -20.26 32.05 59.82
N THR B 85 -20.40 31.16 60.80
CA THR B 85 -21.30 31.39 61.92
C THR B 85 -20.67 32.32 62.96
N LEU B 86 -19.40 32.09 63.27
CA LEU B 86 -18.69 32.87 64.28
C LEU B 86 -18.00 34.08 63.67
N HIS B 87 -18.25 34.33 62.38
CA HIS B 87 -17.68 35.48 61.70
C HIS B 87 -16.15 35.54 61.81
N VAL B 88 -15.53 34.37 61.92
CA VAL B 88 -14.08 34.29 62.00
C VAL B 88 -13.48 34.13 60.61
N SER B 89 -12.43 34.90 60.33
CA SER B 89 -11.78 34.84 59.03
C SER B 89 -10.79 33.67 58.97
N PHE B 90 -10.81 32.93 57.86
CA PHE B 90 -9.96 31.77 57.70
C PHE B 90 -9.18 31.84 56.38
N ILE B 91 -7.87 32.04 56.49
CA ILE B 91 -7.00 32.08 55.32
C ILE B 91 -6.36 30.71 55.09
N THR B 92 -6.46 30.20 53.87
CA THR B 92 -5.94 28.88 53.56
C THR B 92 -5.41 28.77 52.14
N PRO B 93 -4.27 28.08 51.97
CA PRO B 93 -3.67 27.80 50.67
C PRO B 93 -4.31 26.59 50.01
N SER B 94 -5.13 25.85 50.76
CA SER B 94 -5.77 24.64 50.25
C SER B 94 -6.67 24.93 49.06
N PHE B 95 -7.23 23.86 48.49
CA PHE B 95 -8.09 23.98 47.32
C PHE B 95 -9.27 24.91 47.59
N PRO B 96 -9.67 25.69 46.56
CA PRO B 96 -10.80 26.62 46.67
C PRO B 96 -12.10 25.90 47.00
N THR B 97 -12.96 26.54 47.78
CA THR B 97 -14.24 25.97 48.16
C THR B 97 -15.20 25.94 46.97
N ASP B 98 -15.97 24.85 46.85
CA ASP B 98 -16.93 24.72 45.77
C ASP B 98 -18.19 25.50 46.06
N GLY B 99 -18.11 26.82 45.94
CA GLY B 99 -19.25 27.68 46.20
C GLY B 99 -18.83 29.06 46.69
N THR B 100 -19.74 29.72 47.40
CA THR B 100 -19.48 31.06 47.91
C THR B 100 -19.58 31.09 49.44
N HIS B 101 -18.51 30.66 50.11
CA HIS B 101 -18.49 30.63 51.57
C HIS B 101 -17.77 31.85 52.14
N PRO B 102 -18.53 32.72 52.83
CA PRO B 102 -18.00 33.95 53.44
C PRO B 102 -16.98 33.66 54.53
N PHE B 103 -16.19 34.67 54.87
CA PHE B 103 -15.18 34.55 55.93
C PHE B 103 -14.14 33.48 55.63
N VAL B 104 -13.81 33.32 54.35
CA VAL B 104 -12.79 32.38 53.94
C VAL B 104 -11.92 32.99 52.83
N ILE B 105 -10.61 33.08 53.10
CA ILE B 105 -9.68 33.62 52.12
C ILE B 105 -8.84 32.48 51.52
N GLN B 106 -8.95 32.32 50.21
CA GLN B 106 -8.30 31.21 49.52
C GLN B 106 -7.10 31.67 48.69
N MET B 107 -5.92 31.15 49.03
CA MET B 107 -4.68 31.55 48.36
C MET B 107 -4.52 30.86 47.00
N ARG B 108 -5.12 29.68 46.86
CA ARG B 108 -4.99 28.93 45.63
C ARG B 108 -6.01 29.37 44.57
N PRO B 109 -5.52 29.82 43.42
CA PRO B 109 -6.37 30.21 42.29
C PRO B 109 -7.05 29.00 41.67
N ASP B 110 -8.18 29.22 41.00
CA ASP B 110 -8.93 28.14 40.37
C ASP B 110 -8.23 27.67 39.09
N LEU B 111 -7.84 26.40 39.07
CA LEU B 111 -7.14 25.83 37.93
C LEU B 111 -8.11 25.32 36.87
N LYS B 112 -9.35 25.10 37.29
CA LYS B 112 -10.39 24.57 36.40
C LYS B 112 -10.40 25.27 35.05
N GLY B 113 -10.29 26.59 35.06
CA GLY B 113 -10.29 27.37 33.83
C GLY B 113 -9.06 27.13 32.97
N ALA B 114 -7.89 27.19 33.59
CA ALA B 114 -6.64 27.03 32.87
C ALA B 114 -6.52 25.65 32.23
N LEU B 115 -7.09 24.64 32.89
CA LEU B 115 -7.04 23.28 32.38
C LEU B 115 -7.86 23.15 31.10
N LEU B 116 -9.14 23.55 31.17
CA LEU B 116 -10.04 23.46 30.03
C LEU B 116 -9.48 24.19 28.82
N SER B 117 -8.82 25.31 29.04
CA SER B 117 -8.24 26.10 27.96
C SER B 117 -7.09 25.35 27.30
N LEU B 118 -6.29 24.67 28.11
CA LEU B 118 -5.13 23.92 27.61
C LEU B 118 -5.58 22.76 26.75
N ILE B 119 -6.66 22.09 27.14
CA ILE B 119 -7.19 20.97 26.39
C ILE B 119 -7.56 21.37 24.97
N GLU B 120 -8.24 22.52 24.84
CA GLU B 120 -8.64 23.02 23.54
C GLU B 120 -7.43 23.43 22.70
N TYR B 121 -6.39 23.94 23.38
CA TYR B 121 -5.18 24.36 22.69
C TYR B 121 -4.54 23.20 21.95
N TYR B 122 -4.39 22.06 22.64
CA TYR B 122 -3.84 20.86 22.03
C TYR B 122 -4.89 20.17 21.17
N GLN B 123 -6.10 20.70 21.19
CA GLN B 123 -7.20 20.16 20.38
C GLN B 123 -7.44 18.68 20.69
N TRP B 124 -7.75 18.40 21.96
CA TRP B 124 -8.03 17.04 22.41
C TRP B 124 -9.52 16.74 22.31
N ASP B 125 -9.84 15.55 21.80
CA ASP B 125 -11.24 15.13 21.69
C ASP B 125 -11.48 13.83 22.46
N LYS B 126 -10.42 13.06 22.67
CA LYS B 126 -10.49 11.83 23.43
C LYS B 126 -9.27 11.67 24.31
N PHE B 127 -9.48 11.69 25.62
CA PHE B 127 -8.38 11.62 26.58
C PHE B 127 -8.80 10.91 27.87
N ALA B 128 -7.80 10.39 28.59
CA ALA B 128 -8.05 9.75 29.88
C ALA B 128 -7.83 10.76 31.00
N TYR B 129 -8.71 10.72 31.99
CA TYR B 129 -8.64 11.66 33.11
C TYR B 129 -8.49 10.94 34.45
N LEU B 130 -7.25 10.73 34.86
CA LEU B 130 -6.97 10.10 36.15
C LEU B 130 -7.02 11.14 37.25
N TYR B 131 -8.00 11.00 38.15
CA TYR B 131 -8.23 12.00 39.19
C TYR B 131 -8.05 11.44 40.59
N ASP B 132 -7.89 12.36 41.55
CA ASP B 132 -7.78 12.00 42.95
C ASP B 132 -8.83 12.77 43.75
N SER B 133 -9.64 12.06 44.52
CA SER B 133 -10.76 12.66 45.23
C SER B 133 -10.32 13.49 46.45
N ASP B 134 -9.03 13.75 46.56
CA ASP B 134 -8.50 14.48 47.70
C ASP B 134 -8.87 15.97 47.68
N ARG B 135 -8.81 16.57 46.51
CA ARG B 135 -9.10 17.99 46.36
C ARG B 135 -10.49 18.25 45.80
N GLY B 136 -11.38 17.28 46.00
CA GLY B 136 -12.76 17.41 45.52
C GLY B 136 -12.88 17.16 44.03
N LEU B 137 -14.04 16.66 43.62
CA LEU B 137 -14.29 16.38 42.21
C LEU B 137 -14.76 17.64 41.48
N SER B 138 -14.30 18.79 41.95
CA SER B 138 -14.68 20.07 41.34
C SER B 138 -14.17 20.18 39.92
N THR B 139 -12.93 19.74 39.70
CA THR B 139 -12.33 19.78 38.38
C THR B 139 -12.83 18.63 37.51
N LEU B 140 -13.17 17.52 38.14
CA LEU B 140 -13.72 16.37 37.42
C LEU B 140 -15.05 16.73 36.79
N GLN B 141 -15.93 17.36 37.57
CA GLN B 141 -17.22 17.82 37.05
C GLN B 141 -17.00 18.82 35.92
N ALA B 142 -15.95 19.62 36.05
CA ALA B 142 -15.63 20.63 35.04
C ALA B 142 -15.39 20.01 33.68
N VAL B 143 -14.52 19.02 33.62
CA VAL B 143 -14.18 18.36 32.36
C VAL B 143 -15.32 17.50 31.84
N LEU B 144 -16.10 16.93 32.75
CA LEU B 144 -17.23 16.10 32.37
C LEU B 144 -18.36 16.93 31.76
N ASP B 145 -18.65 18.07 32.38
CA ASP B 145 -19.68 18.97 31.89
C ASP B 145 -19.28 19.57 30.55
N SER B 146 -18.01 19.91 30.42
CA SER B 146 -17.48 20.47 29.17
C SER B 146 -17.39 19.40 28.10
N ALA B 147 -17.30 18.14 28.52
CA ALA B 147 -17.25 17.02 27.59
C ALA B 147 -18.57 16.89 26.84
N ALA B 148 -19.63 17.38 27.45
CA ALA B 148 -20.95 17.35 26.81
C ALA B 148 -21.05 18.42 25.74
N GLU B 149 -20.59 19.63 26.06
CA GLU B 149 -20.63 20.75 25.12
C GLU B 149 -19.60 20.61 24.01
N LYS B 150 -18.32 20.51 24.41
CA LYS B 150 -17.23 20.41 23.45
C LYS B 150 -17.17 19.03 22.80
N LYS B 151 -18.04 18.14 23.26
CA LYS B 151 -18.11 16.78 22.71
C LYS B 151 -16.79 16.05 22.84
N TRP B 152 -16.45 15.65 24.07
CA TRP B 152 -15.24 14.88 24.32
C TRP B 152 -15.58 13.48 24.80
N GLN B 153 -14.67 12.53 24.54
CA GLN B 153 -14.81 11.17 25.05
C GLN B 153 -13.85 10.95 26.20
N VAL B 154 -14.23 11.44 27.38
CA VAL B 154 -13.38 11.37 28.56
C VAL B 154 -13.48 10.02 29.27
N THR B 155 -12.33 9.47 29.64
CA THR B 155 -12.29 8.23 30.40
C THR B 155 -11.82 8.50 31.82
N ALA B 156 -12.76 8.92 32.68
CA ALA B 156 -12.44 9.26 34.06
C ALA B 156 -12.19 8.01 34.91
N ILE B 157 -11.08 8.01 35.64
CA ILE B 157 -10.74 6.89 36.50
C ILE B 157 -10.19 7.36 37.84
N ASN B 158 -10.88 6.99 38.92
CA ASN B 158 -10.45 7.36 40.26
C ASN B 158 -9.20 6.60 40.67
N VAL B 159 -8.04 7.25 40.54
CA VAL B 159 -6.76 6.65 40.88
C VAL B 159 -6.42 6.89 42.34
N GLY B 160 -7.43 7.26 43.12
CA GLY B 160 -7.22 7.60 44.52
C GLY B 160 -7.38 6.45 45.49
N ASN B 161 -8.49 5.72 45.38
CA ASN B 161 -8.78 4.64 46.31
C ASN B 161 -7.89 3.42 46.15
N ILE B 162 -6.77 3.59 45.47
CA ILE B 162 -5.83 2.50 45.25
C ILE B 162 -5.02 2.21 46.51
N ASN B 163 -5.26 1.05 47.13
CA ASN B 163 -4.51 0.65 48.31
C ASN B 163 -3.02 0.48 48.01
N ASN B 164 -2.19 1.21 48.75
CA ASN B 164 -0.77 1.32 48.44
C ASN B 164 0.14 0.13 48.81
N ASP B 165 -0.39 -0.82 49.61
CA ASP B 165 0.35 -2.00 50.08
C ASP B 165 0.19 -3.21 49.14
N LYS B 166 0.09 -2.93 47.83
CA LYS B 166 -0.18 -3.95 46.82
C LYS B 166 -0.64 -3.24 45.55
N LYS B 167 -0.29 -1.97 45.41
CA LYS B 167 -0.75 -1.17 44.27
C LYS B 167 0.11 -1.37 43.02
N ASP B 168 -0.06 -2.50 42.35
CA ASP B 168 0.73 -2.82 41.17
C ASP B 168 -0.14 -3.58 40.17
N GLU B 169 -0.86 -4.58 40.67
CA GLU B 169 -1.82 -5.33 39.87
C GLU B 169 -3.01 -4.43 39.55
N THR B 170 -3.03 -3.26 40.16
CA THR B 170 -4.08 -2.27 39.93
C THR B 170 -3.70 -1.33 38.79
N TYR B 171 -2.43 -0.93 38.77
CA TYR B 171 -1.91 -0.08 37.69
C TYR B 171 -1.83 -0.84 36.37
N ARG B 172 -1.46 -2.12 36.45
CA ARG B 172 -1.40 -2.97 35.27
C ARG B 172 -2.80 -3.15 34.69
N SER B 173 -3.79 -3.22 35.57
CA SER B 173 -5.18 -3.36 35.16
C SER B 173 -5.76 -1.98 34.83
N LEU B 174 -5.03 -0.94 35.17
CA LEU B 174 -5.45 0.43 34.88
C LEU B 174 -5.13 0.80 33.44
N PHE B 175 -3.89 0.56 33.04
CA PHE B 175 -3.45 0.85 31.68
C PHE B 175 -3.90 -0.24 30.71
N GLN B 176 -4.56 -1.26 31.24
CA GLN B 176 -5.15 -2.31 30.42
C GLN B 176 -6.47 -1.80 29.84
N ASP B 177 -7.17 -0.99 30.62
CA ASP B 177 -8.40 -0.36 30.17
C ASP B 177 -8.09 0.86 29.31
N LEU B 178 -6.93 1.45 29.56
CA LEU B 178 -6.47 2.61 28.79
C LEU B 178 -5.80 2.15 27.49
N GLU B 179 -5.98 0.87 27.17
CA GLU B 179 -5.42 0.32 25.95
C GLU B 179 -6.53 -0.22 25.04
N LEU B 180 -7.70 -0.43 25.61
CA LEU B 180 -8.86 -0.85 24.84
C LEU B 180 -9.20 0.20 23.80
N LYS B 181 -9.05 1.47 24.18
CA LYS B 181 -9.28 2.59 23.28
C LYS B 181 -7.96 3.21 22.86
N LYS B 182 -6.86 2.53 23.19
CA LYS B 182 -5.52 3.01 22.84
C LYS B 182 -5.30 4.45 23.28
N GLU B 183 -5.65 4.74 24.52
CA GLU B 183 -5.48 6.09 25.08
C GLU B 183 -4.01 6.49 25.11
N ARG B 184 -3.69 7.60 24.45
CA ARG B 184 -2.32 8.10 24.40
C ARG B 184 -2.21 9.47 25.06
N ARG B 185 -3.36 10.02 25.46
CA ARG B 185 -3.40 11.34 26.09
C ARG B 185 -4.04 11.27 27.47
N VAL B 186 -3.21 11.44 28.50
CA VAL B 186 -3.67 11.31 29.88
C VAL B 186 -3.54 12.62 30.66
N ILE B 187 -4.53 12.90 31.50
CA ILE B 187 -4.49 14.07 32.38
C ILE B 187 -4.40 13.63 33.82
N LEU B 188 -3.29 13.96 34.47
CA LEU B 188 -3.07 13.57 35.87
C LEU B 188 -3.50 14.66 36.83
N ASP B 189 -4.67 14.49 37.43
CA ASP B 189 -5.18 15.44 38.42
C ASP B 189 -4.94 14.89 39.82
N CYS B 190 -3.71 15.03 40.30
CA CYS B 190 -3.34 14.48 41.60
C CYS B 190 -2.40 15.41 42.36
N GLU B 191 -2.06 15.01 43.58
CA GLU B 191 -1.11 15.77 44.39
C GLU B 191 0.31 15.51 43.91
N ARG B 192 1.26 16.30 44.42
CA ARG B 192 2.65 16.17 44.01
C ARG B 192 3.20 14.76 44.28
N ASP B 193 2.56 14.05 45.20
CA ASP B 193 3.01 12.71 45.56
C ASP B 193 2.40 11.64 44.65
N LYS B 194 1.08 11.62 44.54
CA LYS B 194 0.38 10.65 43.71
C LYS B 194 0.83 10.75 42.26
N VAL B 195 1.37 11.91 41.88
CA VAL B 195 1.86 12.12 40.52
C VAL B 195 3.15 11.35 40.27
N ASN B 196 4.09 11.47 41.21
CA ASN B 196 5.36 10.76 41.10
C ASN B 196 5.17 9.25 41.05
N ASP B 197 4.20 8.76 41.81
CA ASP B 197 3.88 7.33 41.80
C ASP B 197 3.43 6.89 40.42
N ILE B 198 2.53 7.67 39.82
CA ILE B 198 2.04 7.38 38.47
C ILE B 198 3.16 7.51 37.45
N VAL B 199 3.91 8.60 37.51
CA VAL B 199 5.02 8.83 36.60
C VAL B 199 6.02 7.68 36.63
N ASP B 200 6.30 7.17 37.83
CA ASP B 200 7.20 6.04 37.99
C ASP B 200 6.66 4.79 37.31
N GLN B 201 5.37 4.53 37.54
CA GLN B 201 4.71 3.39 36.92
C GLN B 201 4.71 3.52 35.40
N VAL B 202 4.46 4.73 34.92
CA VAL B 202 4.43 5.01 33.49
C VAL B 202 5.75 4.65 32.83
N ILE B 203 6.85 5.00 33.49
CA ILE B 203 8.18 4.71 32.95
C ILE B 203 8.45 3.20 32.98
N THR B 204 7.98 2.53 34.02
CA THR B 204 8.19 1.10 34.16
C THR B 204 7.54 0.33 33.01
N ILE B 205 6.28 0.63 32.74
CA ILE B 205 5.55 -0.03 31.65
C ILE B 205 5.95 0.54 30.29
N GLY B 206 6.73 1.62 30.32
CA GLY B 206 7.28 2.18 29.09
C GLY B 206 6.30 3.05 28.32
N LYS B 207 5.27 3.54 28.99
CA LYS B 207 4.30 4.42 28.35
C LYS B 207 4.70 5.89 28.48
N HIS B 208 6.00 6.14 28.42
CA HIS B 208 6.52 7.49 28.53
C HIS B 208 7.32 7.85 27.29
N VAL B 209 7.19 7.05 26.25
CA VAL B 209 7.90 7.27 24.99
C VAL B 209 7.08 8.16 24.06
N LYS B 210 7.67 8.51 22.92
CA LYS B 210 7.00 9.36 21.94
C LYS B 210 5.65 8.76 21.55
N GLY B 211 4.62 9.61 21.57
CA GLY B 211 3.28 9.17 21.22
C GLY B 211 2.30 9.46 22.35
N TYR B 212 2.81 9.48 23.58
CA TYR B 212 1.99 9.77 24.74
C TYR B 212 2.08 11.26 25.13
N HIS B 213 1.01 11.78 25.71
CA HIS B 213 0.96 13.17 26.12
C HIS B 213 0.29 13.28 27.49
N TYR B 214 1.06 13.72 28.48
CA TYR B 214 0.54 13.84 29.84
C TYR B 214 0.37 15.30 30.24
N ILE B 215 -0.66 15.56 31.05
CA ILE B 215 -0.92 16.90 31.57
C ILE B 215 -1.06 16.85 33.08
N ILE B 216 -0.12 17.44 33.79
CA ILE B 216 -0.16 17.48 35.25
C ILE B 216 -1.10 18.58 35.72
N ALA B 217 -2.27 18.19 36.19
CA ALA B 217 -3.31 19.15 36.58
C ALA B 217 -3.11 19.69 38.00
N ASN B 218 -2.02 20.43 38.19
CA ASN B 218 -1.77 21.11 39.45
C ASN B 218 -0.97 22.38 39.24
N LEU B 219 -0.90 23.22 40.27
CA LEU B 219 -0.21 24.50 40.17
C LEU B 219 1.29 24.36 40.44
N GLY B 220 1.74 23.11 40.61
CA GLY B 220 3.15 22.84 40.86
C GLY B 220 3.76 21.90 39.85
N PHE B 221 3.98 22.38 38.64
CA PHE B 221 4.54 21.56 37.57
C PHE B 221 6.01 21.22 37.81
N THR B 222 6.75 22.20 38.29
CA THR B 222 8.18 22.02 38.55
C THR B 222 8.44 21.55 39.97
N ASP B 223 7.37 21.35 40.73
CA ASP B 223 7.47 20.90 42.12
C ASP B 223 7.87 19.44 42.22
N GLY B 224 7.52 18.67 41.18
CA GLY B 224 7.82 17.25 41.16
C GLY B 224 9.05 16.94 40.33
N ASP B 225 9.53 15.70 40.43
CA ASP B 225 10.69 15.26 39.66
C ASP B 225 10.27 14.96 38.22
N LEU B 226 10.86 15.68 37.27
CA LEU B 226 10.54 15.49 35.86
C LEU B 226 11.71 14.91 35.08
N LEU B 227 12.88 14.89 35.70
CA LEU B 227 14.09 14.37 35.06
C LEU B 227 13.91 12.93 34.58
N LYS B 228 12.93 12.23 35.14
CA LYS B 228 12.70 10.84 34.80
C LYS B 228 11.92 10.67 33.48
N ILE B 229 10.81 11.38 33.36
CA ILE B 229 10.02 11.34 32.13
C ILE B 229 10.37 12.50 31.21
N GLN B 230 11.59 13.01 31.34
CA GLN B 230 12.04 14.15 30.56
C GLN B 230 12.67 13.69 29.24
N PHE B 231 13.40 12.59 29.28
CA PHE B 231 14.09 12.08 28.09
C PHE B 231 13.35 10.89 27.48
N GLY B 232 12.21 10.54 28.06
CA GLY B 232 11.42 9.42 27.58
C GLY B 232 10.93 9.61 26.16
N GLY B 233 10.46 10.81 25.85
CA GLY B 233 9.96 11.11 24.52
C GLY B 233 8.54 11.64 24.54
N ALA B 234 7.74 11.15 25.48
CA ALA B 234 6.36 11.58 25.63
C ALA B 234 6.31 13.04 26.09
N GLU B 235 5.46 13.82 25.44
CA GLU B 235 5.31 15.23 25.80
C GLU B 235 4.56 15.40 27.12
N VAL B 236 5.11 16.23 28.00
CA VAL B 236 4.49 16.49 29.28
C VAL B 236 4.22 17.97 29.48
N SER B 237 2.98 18.32 29.81
CA SER B 237 2.60 19.70 30.04
C SER B 237 2.04 19.86 31.45
N GLY B 238 1.95 21.10 31.91
CA GLY B 238 1.43 21.36 33.24
C GLY B 238 1.23 22.83 33.52
N PHE B 239 1.11 23.18 34.80
CA PHE B 239 0.87 24.56 35.20
C PHE B 239 1.82 24.99 36.32
N GLN B 240 2.30 26.22 36.24
CA GLN B 240 3.19 26.76 37.26
C GLN B 240 2.68 28.11 37.76
N ILE B 241 2.51 28.21 39.08
CA ILE B 241 2.00 29.44 39.69
C ILE B 241 3.14 30.28 40.26
N VAL B 242 4.24 29.63 40.61
CA VAL B 242 5.40 30.32 41.13
C VAL B 242 6.42 30.57 40.03
N ASP B 243 6.36 31.76 39.43
CA ASP B 243 7.26 32.12 38.35
C ASP B 243 8.65 32.45 38.89
N TYR B 244 9.60 31.56 38.65
CA TYR B 244 10.96 31.76 39.13
C TYR B 244 11.73 32.76 38.27
N ASP B 245 11.04 33.37 37.32
CA ASP B 245 11.65 34.37 36.45
C ASP B 245 11.39 35.79 36.98
N ASP B 246 10.48 35.91 37.93
CA ASP B 246 10.21 37.18 38.57
C ASP B 246 11.36 37.55 39.51
N SER B 247 11.84 38.78 39.41
CA SER B 247 12.91 39.25 40.28
C SER B 247 12.48 39.15 41.74
N LEU B 248 11.17 39.23 41.97
CA LEU B 248 10.63 39.11 43.31
C LEU B 248 10.86 37.70 43.85
N VAL B 249 10.46 36.70 43.06
CA VAL B 249 10.62 35.31 43.46
C VAL B 249 12.10 34.93 43.45
N SER B 250 12.83 35.41 42.45
CA SER B 250 14.25 35.13 42.31
C SER B 250 15.02 35.57 43.55
N LYS B 251 14.62 36.71 44.12
CA LYS B 251 15.24 37.23 45.32
C LYS B 251 14.89 36.39 46.53
N PHE B 252 13.66 35.88 46.56
CA PHE B 252 13.20 35.03 47.65
C PHE B 252 14.02 33.75 47.73
N ILE B 253 14.24 33.13 46.57
CA ILE B 253 15.02 31.89 46.49
C ILE B 253 16.46 32.12 46.92
N GLU B 254 17.01 33.28 46.58
CA GLU B 254 18.37 33.62 46.95
C GLU B 254 18.61 33.46 48.45
N ARG B 255 17.58 33.78 49.23
CA ARG B 255 17.67 33.69 50.69
C ARG B 255 17.11 32.37 51.20
N TRP B 256 16.14 31.82 50.47
CA TRP B 256 15.50 30.57 50.84
C TRP B 256 16.48 29.39 50.68
N SER B 257 17.14 29.33 49.53
CA SER B 257 18.04 28.23 49.22
C SER B 257 19.24 28.16 50.16
N THR B 258 19.50 29.25 50.88
CA THR B 258 20.65 29.32 51.77
C THR B 258 20.30 28.99 53.22
N LEU B 259 19.02 29.17 53.57
CA LEU B 259 18.56 28.92 54.92
C LEU B 259 18.99 27.54 55.42
N GLU B 260 19.26 27.45 56.72
CA GLU B 260 19.68 26.20 57.33
C GLU B 260 18.53 25.20 57.34
N GLU B 261 18.79 24.02 56.76
CA GLU B 261 17.76 22.98 56.65
C GLU B 261 17.43 22.37 58.01
N LYS B 262 18.30 22.62 58.99
CA LYS B 262 18.08 22.10 60.34
C LYS B 262 16.93 22.84 61.02
N GLU B 263 17.01 24.16 61.06
CA GLU B 263 15.96 24.98 61.67
C GLU B 263 14.76 25.11 60.75
N TYR B 264 15.02 25.19 59.44
CA TYR B 264 13.95 25.28 58.45
C TYR B 264 13.91 24.03 57.59
N PRO B 265 13.12 23.02 58.03
CA PRO B 265 12.98 21.74 57.34
C PRO B 265 12.57 21.90 55.87
N GLY B 266 13.23 21.15 55.00
CA GLY B 266 12.94 21.18 53.57
C GLY B 266 12.90 22.59 53.00
N ALA B 267 13.92 23.38 53.33
CA ALA B 267 13.98 24.76 52.88
C ALA B 267 15.31 25.10 52.22
N HIS B 268 16.16 24.09 52.06
CA HIS B 268 17.47 24.29 51.47
C HIS B 268 17.49 23.87 50.00
N THR B 269 16.52 24.36 49.23
CA THR B 269 16.42 24.04 47.81
C THR B 269 16.24 25.31 46.97
N ALA B 270 16.39 25.17 45.66
CA ALA B 270 16.24 26.30 44.75
C ALA B 270 14.80 26.47 44.32
N THR B 271 13.95 25.52 44.68
CA THR B 271 12.54 25.58 44.33
C THR B 271 11.66 25.51 45.58
N ILE B 272 10.35 25.67 45.39
CA ILE B 272 9.41 25.66 46.50
C ILE B 272 8.03 25.20 46.04
N LYS B 273 7.41 24.31 46.82
CA LYS B 273 6.07 23.83 46.51
C LYS B 273 5.08 24.99 46.51
N TYR B 274 4.12 24.95 45.58
CA TYR B 274 3.16 26.03 45.44
C TYR B 274 2.34 26.22 46.72
N THR B 275 2.13 25.13 47.45
CA THR B 275 1.41 25.19 48.72
C THR B 275 2.19 26.01 49.74
N SER B 276 3.51 25.83 49.74
CA SER B 276 4.38 26.57 50.66
C SER B 276 4.47 28.04 50.24
N ALA B 277 4.56 28.27 48.93
CA ALA B 277 4.66 29.62 48.40
C ALA B 277 3.42 30.43 48.73
N LEU B 278 2.26 29.78 48.72
CA LEU B 278 1.01 30.43 49.06
C LEU B 278 0.95 30.76 50.55
N THR B 279 1.55 29.90 51.37
CA THR B 279 1.62 30.12 52.80
C THR B 279 2.39 31.41 53.09
N TYR B 280 3.52 31.57 52.41
CA TYR B 280 4.33 32.78 52.56
C TYR B 280 3.55 34.01 52.12
N ASP B 281 2.83 33.89 51.01
CA ASP B 281 2.03 34.99 50.50
C ASP B 281 0.83 35.26 51.41
N ALA B 282 0.42 34.25 52.16
CA ALA B 282 -0.69 34.38 53.09
C ALA B 282 -0.32 35.33 54.23
N VAL B 283 0.89 35.18 54.75
CA VAL B 283 1.39 36.04 55.80
C VAL B 283 1.36 37.51 55.37
N GLN B 284 1.78 37.75 54.13
CA GLN B 284 1.83 39.10 53.58
C GLN B 284 0.43 39.70 53.49
N VAL B 285 -0.55 38.88 53.14
CA VAL B 285 -1.93 39.32 53.02
C VAL B 285 -2.50 39.70 54.39
N MET B 286 -2.19 38.88 55.40
CA MET B 286 -2.68 39.12 56.76
C MET B 286 -2.03 40.37 57.35
N THR B 287 -0.79 40.63 56.98
CA THR B 287 -0.07 41.80 57.44
C THR B 287 -0.68 43.08 56.86
N GLU B 288 -0.82 43.10 55.54
CA GLU B 288 -1.37 44.26 54.84
C GLU B 288 -2.81 44.52 55.28
N ALA B 289 -3.50 43.46 55.68
CA ALA B 289 -4.89 43.58 56.11
C ALA B 289 -5.00 44.25 57.48
N PHE B 290 -4.21 43.77 58.43
CA PHE B 290 -4.23 44.33 59.77
C PHE B 290 -3.61 45.72 59.78
N ARG B 291 -2.84 46.03 58.74
CA ARG B 291 -2.21 47.34 58.61
C ARG B 291 -3.20 48.37 58.06
N ASN B 292 -4.06 47.92 57.15
CA ASN B 292 -5.08 48.79 56.56
C ASN B 292 -6.19 49.10 57.56
N LEU B 293 -6.20 48.37 58.67
CA LEU B 293 -7.16 48.62 59.73
C LEU B 293 -6.66 49.64 60.73
N ARG B 294 -5.34 49.70 60.91
CA ARG B 294 -4.73 50.67 61.80
C ARG B 294 -4.75 52.05 61.15
N LYS B 295 -4.44 52.10 59.85
CA LYS B 295 -4.42 53.36 59.12
C LYS B 295 -5.83 53.86 58.82
N GLN B 296 -6.81 52.98 58.99
CA GLN B 296 -8.21 53.34 58.75
C GLN B 296 -8.91 53.73 60.04
N ARG B 297 -8.15 53.74 61.13
CA ARG B 297 -8.69 54.11 62.44
C ARG B 297 -9.88 53.24 62.83
N ILE B 298 -9.71 51.92 62.73
CA ILE B 298 -10.76 50.98 63.07
C ILE B 298 -10.38 50.12 64.28
N GLU B 299 -11.09 50.30 65.39
CA GLU B 299 -10.84 49.53 66.59
C GLU B 299 -11.55 48.19 66.53
N ILE B 300 -10.79 47.12 66.74
CA ILE B 300 -11.33 45.76 66.67
C ILE B 300 -10.82 44.90 67.81
N SER B 301 -9.89 45.45 68.58
CA SER B 301 -9.18 44.69 69.61
C SER B 301 -10.11 44.11 70.67
N ARG B 302 -9.71 42.98 71.24
CA ARG B 302 -10.47 42.31 72.28
C ARG B 302 -9.54 41.53 73.20
N ARG B 303 -10.08 40.58 73.95
CA ARG B 303 -9.30 39.77 74.87
C ARG B 303 -9.51 38.28 74.60
N GLY B 304 -8.88 37.44 75.42
CA GLY B 304 -9.00 36.00 75.29
C GLY B 304 -10.20 35.46 76.05
N ASN B 305 -11.36 36.08 75.85
CA ASN B 305 -12.58 35.65 76.51
C ASN B 305 -13.79 35.66 75.57
N ALA B 306 -13.56 35.35 74.31
CA ALA B 306 -14.62 35.17 73.33
C ALA B 306 -15.63 34.14 73.82
N GLY B 307 -15.19 33.27 74.72
CA GLY B 307 -16.05 32.23 75.28
C GLY B 307 -16.03 30.96 74.47
N ASP B 308 -16.84 29.99 74.88
CA ASP B 308 -16.92 28.71 74.18
C ASP B 308 -17.60 28.89 72.83
N CYS B 309 -17.04 28.27 71.80
CA CYS B 309 -17.58 28.41 70.44
C CYS B 309 -18.95 27.74 70.30
N LEU B 310 -19.23 26.78 71.18
CA LEU B 310 -20.50 26.08 71.16
C LEU B 310 -21.58 26.87 71.88
N ALA B 311 -21.24 28.08 72.31
CA ALA B 311 -22.18 28.94 73.02
C ALA B 311 -23.49 29.07 72.26
N ASN B 312 -24.60 28.85 72.96
CA ASN B 312 -25.92 28.92 72.36
C ASN B 312 -26.86 29.82 73.16
N PRO B 313 -27.42 30.85 72.51
CA PRO B 313 -27.21 31.17 71.09
C PRO B 313 -25.80 31.68 70.81
N ALA B 314 -25.28 31.37 69.62
CA ALA B 314 -23.96 31.83 69.23
C ALA B 314 -24.02 33.25 68.68
N VAL B 315 -23.33 34.16 69.33
CA VAL B 315 -23.31 35.57 68.91
C VAL B 315 -21.98 35.95 68.27
N PRO B 316 -22.04 36.34 66.99
CA PRO B 316 -20.85 36.76 66.23
C PRO B 316 -20.36 38.14 66.66
N TRP B 317 -19.09 38.26 66.97
CA TRP B 317 -18.52 39.55 67.36
C TRP B 317 -18.37 40.46 66.14
N GLY B 318 -19.02 41.61 66.18
CA GLY B 318 -19.09 42.52 65.05
C GLY B 318 -17.73 42.93 64.49
N GLN B 319 -16.70 42.87 65.32
CA GLN B 319 -15.36 43.26 64.90
C GLN B 319 -14.82 42.34 63.80
N GLY B 320 -15.45 41.19 63.63
CA GLY B 320 -15.03 40.22 62.63
C GLY B 320 -15.40 40.64 61.22
N VAL B 321 -16.52 41.35 61.09
CA VAL B 321 -17.00 41.81 59.79
C VAL B 321 -15.98 42.74 59.14
N GLU B 322 -15.29 43.52 59.97
CA GLU B 322 -14.28 44.46 59.47
C GLU B 322 -12.99 43.76 59.08
N ILE B 323 -12.64 42.72 59.82
CA ILE B 323 -11.43 41.95 59.54
C ILE B 323 -11.54 41.27 58.19
N GLU B 324 -12.76 40.90 57.81
CA GLU B 324 -13.01 40.28 56.52
C GLU B 324 -12.85 41.29 55.39
N ARG B 325 -13.49 42.44 55.56
CA ARG B 325 -13.43 43.50 54.55
C ARG B 325 -12.01 44.02 54.38
N ALA B 326 -11.14 43.68 55.32
CA ALA B 326 -9.74 44.09 55.27
C ALA B 326 -8.92 43.13 54.41
N LEU B 327 -8.98 41.85 54.77
CA LEU B 327 -8.25 40.82 54.03
C LEU B 327 -8.68 40.77 52.57
N LYS B 328 -9.98 40.86 52.34
CA LYS B 328 -10.53 40.79 50.99
C LYS B 328 -10.19 42.03 50.16
N GLN B 329 -9.83 43.11 50.85
CA GLN B 329 -9.49 44.37 50.18
C GLN B 329 -8.00 44.45 49.87
N VAL B 330 -7.22 43.56 50.48
CA VAL B 330 -5.78 43.52 50.28
C VAL B 330 -5.41 43.28 48.82
N GLN B 331 -4.35 43.92 48.37
CA GLN B 331 -3.85 43.72 47.01
C GLN B 331 -2.37 44.05 46.91
N VAL B 332 -1.54 43.03 47.07
CA VAL B 332 -0.09 43.18 47.00
C VAL B 332 0.52 42.23 45.99
N GLU B 333 1.84 42.29 45.83
CA GLU B 333 2.55 41.42 44.91
C GLU B 333 3.32 40.35 45.67
N GLY B 334 3.09 39.09 45.31
CA GLY B 334 3.73 37.98 45.99
C GLY B 334 4.37 36.98 45.03
N LEU B 335 4.78 35.84 45.58
CA LEU B 335 5.40 34.80 44.78
C LEU B 335 4.45 34.24 43.73
N SER B 336 3.17 34.24 44.04
CA SER B 336 2.15 33.71 43.14
C SER B 336 1.51 34.82 42.30
N GLY B 337 2.34 35.73 41.82
CA GLY B 337 1.87 36.82 40.97
C GLY B 337 1.01 37.82 41.70
N ASN B 338 0.25 38.61 40.96
CA ASN B 338 -0.62 39.62 41.54
C ASN B 338 -1.73 39.02 42.39
N ILE B 339 -1.80 39.43 43.65
CA ILE B 339 -2.79 38.90 44.57
C ILE B 339 -3.97 39.85 44.75
N LYS B 340 -5.16 39.39 44.36
CA LYS B 340 -6.37 40.18 44.51
C LYS B 340 -7.55 39.26 44.86
N PHE B 341 -8.57 39.82 45.50
CA PHE B 341 -9.71 39.03 45.93
C PHE B 341 -11.05 39.68 45.55
N ASP B 342 -12.10 38.88 45.55
CA ASP B 342 -13.45 39.39 45.35
C ASP B 342 -14.20 39.40 46.67
N GLN B 343 -15.49 39.69 46.63
CA GLN B 343 -16.29 39.80 47.84
C GLN B 343 -16.39 38.48 48.59
N ASN B 344 -16.13 37.37 47.90
CA ASN B 344 -16.23 36.05 48.49
C ASN B 344 -14.93 35.57 49.12
N GLY B 345 -13.83 35.72 48.39
CA GLY B 345 -12.53 35.29 48.87
C GLY B 345 -11.71 34.60 47.81
N LYS B 346 -12.34 34.27 46.69
CA LYS B 346 -11.66 33.64 45.57
C LYS B 346 -10.75 34.65 44.88
N ARG B 347 -9.52 34.24 44.57
CA ARG B 347 -8.56 35.12 43.94
C ARG B 347 -8.98 35.51 42.52
N ILE B 348 -8.66 36.74 42.15
CA ILE B 348 -8.98 37.24 40.81
C ILE B 348 -7.80 38.00 40.22
N ASN B 349 -7.89 38.31 38.93
CA ASN B 349 -6.82 39.01 38.23
C ASN B 349 -5.47 38.36 38.46
N TYR B 350 -5.42 37.03 38.36
CA TYR B 350 -4.19 36.29 38.55
C TYR B 350 -3.66 35.73 37.23
N THR B 351 -2.47 35.14 37.28
CA THR B 351 -1.85 34.60 36.08
C THR B 351 -1.24 33.22 36.33
N ILE B 352 -1.61 32.26 35.49
CA ILE B 352 -1.07 30.91 35.58
C ILE B 352 -0.29 30.55 34.32
N ASN B 353 1.01 30.37 34.47
CA ASN B 353 1.88 30.06 33.33
C ASN B 353 1.70 28.63 32.85
N ILE B 354 1.48 28.46 31.54
CA ILE B 354 1.39 27.14 30.95
C ILE B 354 2.77 26.62 30.61
N MET B 355 3.09 25.42 31.09
CA MET B 355 4.42 24.86 30.95
C MET B 355 4.46 23.61 30.06
N GLU B 356 5.54 23.46 29.32
CA GLU B 356 5.79 22.24 28.55
C GLU B 356 7.19 21.72 28.87
N LEU B 357 7.34 20.41 28.91
CA LEU B 357 8.62 19.79 29.23
C LEU B 357 9.38 19.41 27.98
N LYS B 358 10.46 20.13 27.70
CA LYS B 358 11.30 19.85 26.55
C LYS B 358 12.55 19.07 26.95
N THR B 359 13.48 18.93 26.02
CA THR B 359 14.72 18.19 26.28
C THR B 359 15.62 18.93 27.26
N ASN B 360 15.71 20.25 27.11
CA ASN B 360 16.55 21.05 27.98
C ASN B 360 15.90 21.34 29.34
N GLY B 361 14.64 20.91 29.48
CA GLY B 361 13.91 21.12 30.71
C GLY B 361 12.61 21.87 30.49
N PRO B 362 11.87 22.13 31.58
CA PRO B 362 10.61 22.87 31.53
C PRO B 362 10.76 24.22 30.84
N ARG B 363 9.68 24.68 30.20
CA ARG B 363 9.71 25.95 29.48
C ARG B 363 8.32 26.55 29.34
N LYS B 364 8.18 27.80 29.75
CA LYS B 364 6.89 28.49 29.66
C LYS B 364 6.54 28.80 28.21
N ILE B 365 5.39 28.33 27.77
CA ILE B 365 4.94 28.55 26.40
C ILE B 365 3.83 29.60 26.35
N GLY B 366 3.43 30.09 27.51
CA GLY B 366 2.39 31.09 27.61
C GLY B 366 1.79 31.18 28.99
N TYR B 367 0.73 31.95 29.13
CA TYR B 367 0.06 32.11 30.42
C TYR B 367 -1.46 32.06 30.26
N TRP B 368 -2.17 32.06 31.38
CA TRP B 368 -3.63 32.03 31.35
C TRP B 368 -4.21 33.09 32.28
N SER B 369 -4.99 34.00 31.71
CA SER B 369 -5.66 35.03 32.49
C SER B 369 -7.15 34.75 32.56
N GLU B 370 -7.77 35.07 33.69
CA GLU B 370 -9.19 34.84 33.88
C GLU B 370 -10.02 35.67 32.91
N VAL B 371 -9.38 36.63 32.27
CA VAL B 371 -10.07 37.55 31.36
C VAL B 371 -9.58 37.44 29.92
N ASP B 372 -8.39 36.87 29.75
CA ASP B 372 -7.80 36.75 28.42
C ASP B 372 -7.62 35.30 28.00
N LYS B 373 -8.08 34.37 28.83
CA LYS B 373 -7.91 32.95 28.58
C LYS B 373 -6.43 32.63 28.37
N MET B 374 -6.13 31.75 27.43
CA MET B 374 -4.75 31.38 27.14
C MET B 374 -4.09 32.32 26.14
N VAL B 375 -2.86 32.72 26.43
CA VAL B 375 -2.09 33.59 25.54
C VAL B 375 -0.65 33.11 25.44
N LEU B 376 -0.26 32.68 24.25
CA LEU B 376 1.09 32.15 24.03
C LEU B 376 2.13 33.25 23.93
N THR B 377 3.31 32.99 24.49
CA THR B 377 4.44 33.90 24.39
C THR B 377 5.46 33.34 23.41
N LEU B 378 5.59 34.00 22.26
CA LEU B 378 6.48 33.53 21.20
C LEU B 378 7.94 33.53 21.62
N LYS B 393 12.86 25.42 -1.69
CA LYS B 393 13.14 26.33 -2.80
C LYS B 393 12.24 26.04 -4.00
N THR B 394 11.65 27.09 -4.57
CA THR B 394 10.76 26.95 -5.71
C THR B 394 11.53 27.06 -7.03
N VAL B 395 11.41 26.04 -7.87
CA VAL B 395 12.12 26.01 -9.14
C VAL B 395 11.39 26.81 -10.21
N VAL B 396 12.12 27.68 -10.89
CA VAL B 396 11.55 28.50 -11.96
C VAL B 396 11.64 27.77 -13.29
N VAL B 397 10.51 27.33 -13.81
CA VAL B 397 10.47 26.60 -15.08
C VAL B 397 10.04 27.52 -16.22
N THR B 398 10.96 27.76 -17.15
CA THR B 398 10.67 28.59 -18.31
C THR B 398 10.17 27.74 -19.48
N THR B 399 9.20 28.26 -20.22
CA THR B 399 8.65 27.55 -21.37
C THR B 399 8.02 28.52 -22.36
N ILE B 400 7.84 28.06 -23.59
CA ILE B 400 7.27 28.90 -24.64
C ILE B 400 5.83 28.49 -24.96
N LEU B 401 5.03 29.45 -25.40
CA LEU B 401 3.65 29.18 -25.79
C LEU B 401 3.58 28.60 -27.19
N GLU B 402 3.57 27.27 -27.29
CA GLU B 402 3.53 26.58 -28.57
C GLU B 402 2.64 25.35 -28.48
N SER B 403 1.54 25.36 -29.24
CA SER B 403 0.60 24.25 -29.23
C SER B 403 1.21 23.03 -29.93
N PRO B 404 0.92 21.83 -29.39
CA PRO B 404 0.11 21.61 -28.19
C PRO B 404 0.97 21.34 -26.96
N TYR B 405 2.16 21.93 -26.91
CA TYR B 405 3.07 21.73 -25.79
C TYR B 405 2.67 22.55 -24.58
N VAL B 406 2.48 23.86 -24.80
CA VAL B 406 2.03 24.75 -23.74
C VAL B 406 1.00 25.74 -24.27
N MET B 407 -0.23 25.61 -23.81
CA MET B 407 -1.32 26.47 -24.26
C MET B 407 -2.09 27.06 -23.09
N MET B 408 -2.77 28.17 -23.33
CA MET B 408 -3.60 28.80 -22.31
C MET B 408 -4.91 28.04 -22.15
N LYS B 409 -5.17 27.55 -20.94
CA LYS B 409 -6.40 26.82 -20.66
C LYS B 409 -7.63 27.66 -21.01
N LYS B 410 -8.75 26.99 -21.23
CA LYS B 410 -9.99 27.68 -21.59
C LYS B 410 -10.28 28.86 -20.66
N ASN B 411 -10.62 28.56 -19.42
CA ASN B 411 -10.90 29.58 -18.43
C ASN B 411 -9.64 30.00 -17.68
N HIS B 412 -8.61 30.40 -18.41
CA HIS B 412 -7.34 30.79 -17.81
C HIS B 412 -7.47 32.08 -17.02
N GLU B 413 -8.48 32.88 -17.35
CA GLU B 413 -8.72 34.14 -16.67
C GLU B 413 -9.26 33.92 -15.26
N MET B 414 -9.89 32.76 -15.06
CA MET B 414 -10.44 32.42 -13.76
C MET B 414 -9.50 31.53 -12.98
N LEU B 415 -8.30 31.34 -13.51
CA LEU B 415 -7.29 30.50 -12.86
C LEU B 415 -6.00 31.27 -12.61
N LYS B 416 -5.12 30.68 -11.81
CA LYS B 416 -3.83 31.29 -11.48
C LYS B 416 -2.75 30.24 -11.31
N GLY B 417 -1.50 30.69 -11.26
CA GLY B 417 -0.37 29.80 -11.07
C GLY B 417 -0.14 28.89 -12.27
N ASN B 418 0.11 27.62 -12.00
CA ASN B 418 0.39 26.64 -13.05
C ASN B 418 -0.88 26.07 -13.67
N GLU B 419 -2.01 26.27 -12.99
CA GLU B 419 -3.29 25.76 -13.45
C GLU B 419 -3.75 26.50 -14.72
N ARG B 420 -3.13 27.64 -14.98
CA ARG B 420 -3.48 28.46 -16.14
C ARG B 420 -3.11 27.77 -17.45
N TYR B 421 -2.07 26.94 -17.41
CA TYR B 421 -1.55 26.34 -18.64
C TYR B 421 -1.87 24.84 -18.75
N GLU B 422 -1.86 24.36 -19.99
CA GLU B 422 -2.09 22.94 -20.27
C GLU B 422 -1.38 22.55 -21.56
N GLY B 423 -0.89 21.32 -21.61
CA GLY B 423 -0.20 20.83 -22.80
C GLY B 423 0.77 19.72 -22.52
N TYR B 424 1.47 19.28 -23.56
CA TYR B 424 2.44 18.19 -23.45
C TYR B 424 3.54 18.52 -22.45
N CYS B 425 4.15 19.69 -22.60
CA CYS B 425 5.24 20.11 -21.72
C CYS B 425 4.73 20.43 -20.32
N VAL B 426 3.49 20.91 -20.23
CA VAL B 426 2.90 21.21 -18.93
C VAL B 426 2.78 19.93 -18.10
N ASP B 427 2.39 18.84 -18.75
CA ASP B 427 2.31 17.54 -18.10
C ASP B 427 3.69 16.97 -17.86
N LEU B 428 4.57 17.17 -18.85
CA LEU B 428 5.95 16.69 -18.75
C LEU B 428 6.67 17.35 -17.58
N ALA B 429 6.29 18.59 -17.28
CA ALA B 429 6.88 19.32 -16.18
C ALA B 429 6.52 18.66 -14.84
N ALA B 430 5.23 18.38 -14.66
CA ALA B 430 4.76 17.74 -13.44
C ALA B 430 5.41 16.39 -13.22
N GLU B 431 5.61 15.65 -14.32
CA GLU B 431 6.24 14.34 -14.26
C GLU B 431 7.70 14.46 -13.84
N ILE B 432 8.44 15.36 -14.46
CA ILE B 432 9.83 15.59 -14.12
C ILE B 432 9.97 16.03 -12.66
N ALA B 433 9.08 16.93 -12.24
CA ALA B 433 9.11 17.45 -10.88
C ALA B 433 8.81 16.37 -9.85
N LYS B 434 8.02 15.37 -10.27
CA LYS B 434 7.64 14.28 -9.37
C LYS B 434 8.79 13.31 -9.13
N HIS B 435 9.55 13.05 -10.19
CA HIS B 435 10.67 12.12 -10.12
C HIS B 435 11.93 12.77 -9.57
N CYS B 436 11.99 14.10 -9.65
CA CYS B 436 13.14 14.85 -9.13
C CYS B 436 12.83 15.45 -7.77
N GLY B 437 11.55 15.47 -7.42
CA GLY B 437 11.12 15.98 -6.13
C GLY B 437 11.38 17.46 -5.93
N PHE B 438 10.51 18.29 -6.50
CA PHE B 438 10.62 19.74 -6.34
C PHE B 438 9.36 20.45 -6.80
N LYS B 439 9.06 21.58 -6.15
CA LYS B 439 7.95 22.43 -6.57
C LYS B 439 8.43 23.38 -7.66
N TYR B 440 7.52 23.79 -8.53
CA TYR B 440 7.91 24.65 -9.64
C TYR B 440 6.85 25.70 -9.98
N LYS B 441 7.27 26.72 -10.70
CA LYS B 441 6.36 27.78 -11.15
C LYS B 441 6.52 28.00 -12.65
N LEU B 442 5.51 27.57 -13.41
CA LEU B 442 5.54 27.71 -14.87
C LEU B 442 5.53 29.18 -15.28
N THR B 443 6.53 29.58 -16.05
CA THR B 443 6.62 30.95 -16.53
C THR B 443 6.90 31.00 -18.03
N ILE B 444 6.23 31.90 -18.73
CA ILE B 444 6.43 32.06 -20.17
C ILE B 444 7.58 33.02 -20.45
N VAL B 445 8.47 32.62 -21.35
CA VAL B 445 9.61 33.44 -21.71
C VAL B 445 9.16 34.81 -22.24
N GLY B 446 9.90 35.84 -21.86
CA GLY B 446 9.57 37.21 -22.24
C GLY B 446 9.42 37.42 -23.73
N ASP B 447 10.55 37.45 -24.43
CA ASP B 447 10.58 37.72 -25.87
C ASP B 447 9.84 36.65 -26.68
N GLY B 448 9.56 35.52 -26.05
CA GLY B 448 8.83 34.45 -26.70
C GLY B 448 9.63 33.72 -27.76
N LYS B 449 10.95 33.72 -27.61
CA LYS B 449 11.83 33.01 -28.54
C LYS B 449 12.37 31.74 -27.89
N TYR B 450 12.99 30.89 -28.70
CA TYR B 450 13.53 29.63 -28.20
C TYR B 450 14.94 29.80 -27.63
N GLY B 451 15.93 29.95 -28.51
CA GLY B 451 17.30 30.12 -28.08
C GLY B 451 18.27 30.36 -29.22
N ALA B 452 18.47 31.62 -29.56
CA ALA B 452 19.40 32.00 -30.61
C ALA B 452 20.49 32.92 -30.06
N ARG B 453 21.47 33.24 -30.88
CA ARG B 453 22.58 34.09 -30.45
C ARG B 453 22.89 35.18 -31.47
N ASP B 454 22.50 36.42 -31.14
CA ASP B 454 22.78 37.56 -32.00
C ASP B 454 24.28 37.68 -32.22
N ALA B 455 24.70 37.63 -33.48
CA ALA B 455 26.12 37.66 -33.82
C ALA B 455 26.83 38.88 -33.25
N ASP B 456 26.22 40.05 -33.40
CA ASP B 456 26.82 41.30 -32.95
C ASP B 456 26.95 41.38 -31.44
N THR B 457 25.83 41.51 -30.74
CA THR B 457 25.82 41.67 -29.30
C THR B 457 26.28 40.41 -28.58
N LYS B 458 26.28 39.28 -29.29
CA LYS B 458 26.68 38.00 -28.71
C LYS B 458 25.82 37.66 -27.50
N ILE B 459 24.55 38.05 -27.55
CA ILE B 459 23.62 37.83 -26.45
C ILE B 459 22.62 36.72 -26.78
N TRP B 460 22.38 35.84 -25.82
CA TRP B 460 21.39 34.79 -25.97
C TRP B 460 20.00 35.32 -25.68
N ASN B 461 19.01 34.85 -26.44
CA ASN B 461 17.63 35.26 -26.25
C ASN B 461 16.71 34.07 -26.03
N GLY B 462 15.47 34.34 -25.61
CA GLY B 462 14.51 33.28 -25.37
C GLY B 462 14.80 32.49 -24.11
N MET B 463 14.36 31.23 -24.09
CA MET B 463 14.55 30.37 -22.93
C MET B 463 16.02 30.10 -22.66
N VAL B 464 16.75 29.72 -23.71
CA VAL B 464 18.17 29.46 -23.58
C VAL B 464 18.88 30.65 -22.93
N GLY B 465 18.39 31.86 -23.24
CA GLY B 465 18.94 33.06 -22.66
C GLY B 465 18.65 33.16 -21.17
N GLU B 466 17.38 33.01 -20.81
CA GLU B 466 16.96 33.11 -19.42
C GLU B 466 17.66 32.08 -18.53
N LEU B 467 18.22 31.05 -19.16
CA LEU B 467 18.97 30.04 -18.41
C LEU B 467 20.39 30.48 -18.13
N VAL B 468 21.04 31.04 -19.15
CA VAL B 468 22.43 31.47 -19.04
C VAL B 468 22.59 32.68 -18.13
N TYR B 469 21.54 33.50 -18.05
CA TYR B 469 21.60 34.73 -17.26
C TYR B 469 20.88 34.61 -15.92
N GLY B 470 20.57 33.38 -15.53
CA GLY B 470 20.04 33.10 -14.20
C GLY B 470 18.59 33.53 -13.97
N LYS B 471 17.85 33.74 -15.06
CA LYS B 471 16.45 34.13 -14.95
C LYS B 471 15.57 32.93 -14.58
N ALA B 472 15.96 31.75 -15.06
CA ALA B 472 15.22 30.53 -14.78
C ALA B 472 16.15 29.41 -14.34
N ASP B 473 15.57 28.37 -13.73
CA ASP B 473 16.34 27.24 -13.22
C ASP B 473 16.35 26.08 -14.21
N ILE B 474 15.34 26.01 -15.06
CA ILE B 474 15.19 24.89 -15.99
C ILE B 474 14.25 25.25 -17.13
N ALA B 475 14.45 24.63 -18.28
CA ALA B 475 13.64 24.89 -19.46
C ALA B 475 12.94 23.63 -19.95
N ILE B 476 11.63 23.58 -19.77
CA ILE B 476 10.83 22.46 -20.23
C ILE B 476 9.94 22.87 -21.40
N ALA B 477 10.44 22.66 -22.62
CA ALA B 477 9.73 23.07 -23.82
C ALA B 477 10.30 22.32 -25.02
N PRO B 478 9.69 22.50 -26.21
CA PRO B 478 10.24 21.86 -27.41
C PRO B 478 11.55 22.50 -27.85
N LEU B 479 12.54 22.51 -26.97
CA LEU B 479 13.82 23.11 -27.28
C LEU B 479 14.73 22.12 -28.00
N THR B 480 15.09 22.47 -29.23
CA THR B 480 15.93 21.60 -30.05
C THR B 480 17.34 21.48 -29.46
N ILE B 481 17.88 20.26 -29.47
CA ILE B 481 19.23 20.03 -28.97
C ILE B 481 20.26 20.31 -30.06
N THR B 482 20.81 21.51 -30.04
CA THR B 482 21.79 21.91 -31.04
C THR B 482 23.18 22.07 -30.43
N LEU B 483 24.21 21.94 -31.25
CA LEU B 483 25.60 22.06 -30.81
C LEU B 483 25.87 23.44 -30.22
N VAL B 484 25.34 24.48 -30.87
CA VAL B 484 25.55 25.85 -30.44
C VAL B 484 25.00 26.10 -29.04
N ARG B 485 24.00 25.32 -28.65
CA ARG B 485 23.38 25.48 -27.34
C ARG B 485 24.01 24.55 -26.30
N GLU B 486 24.39 23.36 -26.73
CA GLU B 486 25.00 22.37 -25.84
C GLU B 486 26.29 22.91 -25.23
N GLU B 487 26.84 23.94 -25.86
CA GLU B 487 28.08 24.55 -25.40
C GLU B 487 27.86 25.47 -24.19
N VAL B 488 26.70 26.10 -24.14
CA VAL B 488 26.40 27.06 -23.09
C VAL B 488 25.52 26.47 -21.99
N ILE B 489 24.65 25.54 -22.36
CA ILE B 489 23.76 24.91 -21.39
C ILE B 489 23.85 23.39 -21.47
N ASP B 490 23.07 22.70 -20.63
CA ASP B 490 23.04 21.25 -20.61
C ASP B 490 21.71 20.70 -21.09
N PHE B 491 21.76 19.74 -22.02
CA PHE B 491 20.57 19.11 -22.54
C PHE B 491 20.44 17.68 -22.05
N SER B 492 19.30 17.36 -21.45
CA SER B 492 19.00 16.00 -21.08
C SER B 492 18.77 15.18 -22.34
N LYS B 493 18.72 13.86 -22.21
CA LYS B 493 18.44 13.01 -23.36
C LYS B 493 17.11 13.42 -23.98
N PRO B 494 16.97 13.20 -25.30
CA PRO B 494 15.78 13.63 -26.04
C PRO B 494 14.51 12.98 -25.48
N PHE B 495 13.48 13.80 -25.22
CA PHE B 495 12.21 13.28 -24.77
C PHE B 495 11.24 13.15 -25.93
N MET B 496 11.72 13.45 -27.14
CA MET B 496 10.91 13.36 -28.34
C MET B 496 11.75 13.55 -29.59
N SER B 497 11.96 12.47 -30.33
CA SER B 497 12.74 12.52 -31.56
C SER B 497 11.87 12.97 -32.74
N LEU B 498 12.41 13.85 -33.57
CA LEU B 498 11.66 14.38 -34.71
C LEU B 498 12.57 14.65 -35.91
N GLY B 499 12.05 15.45 -36.85
CA GLY B 499 12.79 15.81 -38.04
C GLY B 499 11.96 16.65 -38.99
N ILE B 500 12.45 16.83 -40.20
CA ILE B 500 11.74 17.60 -41.22
C ILE B 500 10.85 16.69 -42.07
N SER B 501 9.57 17.06 -42.19
CA SER B 501 8.61 16.24 -42.90
C SER B 501 7.96 16.99 -44.07
N ILE B 502 7.12 16.28 -44.82
CA ILE B 502 6.42 16.86 -45.97
C ILE B 502 4.93 16.92 -45.73
N MET B 503 4.31 18.05 -46.05
CA MET B 503 2.87 18.21 -45.88
C MET B 503 2.18 18.52 -47.21
N ILE B 504 1.17 17.73 -47.54
CA ILE B 504 0.40 17.96 -48.75
C ILE B 504 -1.09 18.10 -48.43
N LYS B 505 -1.89 18.34 -49.46
CA LYS B 505 -3.33 18.45 -49.31
C LYS B 505 -4.00 17.11 -49.56
N PRO B 512 -11.79 14.31 -63.92
CA PRO B 512 -12.30 13.57 -65.09
C PRO B 512 -11.29 12.53 -65.57
N GLY B 513 -10.37 12.95 -66.44
CA GLY B 513 -9.36 12.06 -66.96
C GLY B 513 -9.97 10.83 -67.62
N VAL B 514 -10.02 10.84 -68.94
CA VAL B 514 -10.55 9.72 -69.70
C VAL B 514 -9.74 8.44 -69.41
N PHE B 515 -8.65 8.60 -68.67
CA PHE B 515 -7.77 7.50 -68.32
C PHE B 515 -8.33 6.63 -67.19
N SER B 516 -9.53 6.97 -66.72
CA SER B 516 -10.21 6.14 -65.73
C SER B 516 -11.10 5.12 -66.44
N PHE B 517 -11.09 5.19 -67.76
CA PHE B 517 -11.86 4.27 -68.59
C PHE B 517 -10.93 3.24 -69.24
N LEU B 518 -9.68 3.64 -69.43
CA LEU B 518 -8.67 2.77 -70.01
C LEU B 518 -8.03 1.90 -68.93
N ASP B 519 -8.30 2.22 -67.68
CA ASP B 519 -7.73 1.48 -66.55
C ASP B 519 -8.46 0.17 -66.28
N PRO B 520 -9.80 0.23 -66.12
CA PRO B 520 -10.57 -0.98 -65.85
C PRO B 520 -10.13 -2.10 -66.78
N LEU B 521 -10.26 -1.89 -68.08
CA LEU B 521 -9.76 -2.86 -69.01
C LEU B 521 -8.40 -2.36 -69.51
N ALA B 522 -7.38 -3.13 -69.18
CA ALA B 522 -5.97 -2.79 -69.42
C ALA B 522 -5.73 -2.55 -70.90
N TYR B 523 -4.78 -1.67 -71.19
CA TYR B 523 -4.43 -1.38 -72.57
C TYR B 523 -4.03 -2.66 -73.31
N GLU B 524 -3.38 -3.57 -72.58
CA GLU B 524 -2.92 -4.82 -73.15
C GLU B 524 -4.11 -5.69 -73.53
N ILE B 525 -5.18 -5.59 -72.75
CA ILE B 525 -6.38 -6.37 -72.98
C ILE B 525 -7.21 -5.81 -74.14
N TRP B 526 -7.30 -4.49 -74.22
CA TRP B 526 -7.99 -3.85 -75.34
C TRP B 526 -7.31 -4.25 -76.65
N MET B 527 -6.00 -4.43 -76.61
CA MET B 527 -5.24 -4.80 -77.78
C MET B 527 -5.58 -6.22 -78.23
N CYS B 528 -5.41 -7.18 -77.33
CA CYS B 528 -5.66 -8.58 -77.65
C CYS B 528 -7.10 -8.83 -78.09
N ILE B 529 -8.04 -8.13 -77.47
CA ILE B 529 -9.45 -8.27 -77.83
C ILE B 529 -9.68 -7.75 -79.25
N VAL B 530 -8.78 -6.90 -79.71
CA VAL B 530 -8.85 -6.38 -81.08
C VAL B 530 -8.13 -7.30 -82.04
N PHE B 531 -7.03 -7.89 -81.59
CA PHE B 531 -6.29 -8.86 -82.39
C PHE B 531 -7.13 -10.11 -82.63
N ALA B 532 -7.79 -10.59 -81.59
CA ALA B 532 -8.69 -11.73 -81.70
C ALA B 532 -9.94 -11.33 -82.48
N TYR B 533 -10.26 -10.04 -82.44
CA TYR B 533 -11.39 -9.50 -83.18
C TYR B 533 -11.20 -9.71 -84.68
N ILE B 534 -10.08 -9.24 -85.20
CA ILE B 534 -9.73 -9.44 -86.60
C ILE B 534 -9.30 -10.88 -86.83
N GLY B 535 -8.95 -11.57 -85.74
CA GLY B 535 -8.56 -12.96 -85.81
C GLY B 535 -9.74 -13.87 -86.07
N VAL B 536 -10.94 -13.36 -85.81
CA VAL B 536 -12.16 -14.11 -86.06
C VAL B 536 -12.77 -13.71 -87.39
N SER B 537 -12.67 -12.42 -87.71
CA SER B 537 -13.20 -11.91 -88.97
C SER B 537 -12.38 -12.43 -90.15
N VAL B 538 -11.19 -12.96 -89.86
CA VAL B 538 -10.35 -13.53 -90.90
C VAL B 538 -10.60 -15.03 -91.02
N VAL B 539 -10.94 -15.66 -89.90
CA VAL B 539 -11.29 -17.08 -89.90
C VAL B 539 -12.63 -17.30 -90.59
N LEU B 540 -13.57 -16.41 -90.31
CA LEU B 540 -14.88 -16.43 -90.97
C LEU B 540 -14.71 -16.11 -92.45
N PHE B 541 -13.75 -15.24 -92.75
CA PHE B 541 -13.48 -14.83 -94.13
C PHE B 541 -13.03 -16.02 -94.98
N LEU B 542 -12.44 -17.02 -94.34
CA LEU B 542 -11.96 -18.20 -95.03
C LEU B 542 -13.08 -19.22 -95.22
N VAL B 543 -14.20 -19.01 -94.55
CA VAL B 543 -15.34 -19.91 -94.63
C VAL B 543 -16.12 -19.73 -95.92
N SER B 544 -16.46 -18.48 -96.23
CA SER B 544 -17.21 -18.18 -97.45
C SER B 544 -16.39 -18.51 -98.70
N THR B 568 -12.42 -11.56 -108.72
CA THR B 568 -12.19 -12.46 -107.59
C THR B 568 -11.55 -11.73 -106.43
N ASN B 569 -10.76 -10.71 -106.73
CA ASN B 569 -10.09 -9.92 -105.70
C ASN B 569 -11.07 -9.02 -104.95
N GLU B 570 -12.03 -8.46 -105.67
CA GLU B 570 -13.05 -7.61 -105.08
C GLU B 570 -14.05 -8.44 -104.29
N PHE B 571 -14.29 -9.66 -104.76
CA PHE B 571 -15.21 -10.58 -104.08
C PHE B 571 -14.69 -10.90 -102.68
N GLY B 572 -13.38 -10.80 -102.50
CA GLY B 572 -12.76 -11.02 -101.21
C GLY B 572 -12.82 -9.78 -100.34
N ILE B 573 -12.94 -8.62 -100.98
CA ILE B 573 -13.04 -7.35 -100.26
C ILE B 573 -14.45 -7.15 -99.71
N PHE B 574 -15.45 -7.45 -100.54
CA PHE B 574 -16.85 -7.34 -100.13
C PHE B 574 -17.15 -8.32 -98.99
N ASN B 575 -16.50 -9.48 -99.03
CA ASN B 575 -16.67 -10.48 -98.00
C ASN B 575 -15.93 -10.11 -96.72
N SER B 576 -14.73 -9.58 -96.87
CA SER B 576 -13.93 -9.15 -95.73
C SER B 576 -14.61 -8.01 -94.99
N LEU B 577 -15.44 -7.25 -95.73
CA LEU B 577 -16.21 -6.17 -95.14
C LEU B 577 -17.49 -6.69 -94.51
N TRP B 578 -17.93 -7.86 -94.97
CA TRP B 578 -19.12 -8.50 -94.43
C TRP B 578 -18.77 -9.25 -93.14
N PHE B 579 -17.60 -9.87 -93.12
CA PHE B 579 -17.13 -10.56 -91.93
C PHE B 579 -16.68 -9.56 -90.88
N SER B 580 -16.33 -8.35 -91.32
CA SER B 580 -15.99 -7.27 -90.41
C SER B 580 -17.25 -6.68 -89.82
N LEU B 581 -18.36 -6.88 -90.51
CA LEU B 581 -19.67 -6.47 -90.01
C LEU B 581 -20.21 -7.56 -89.08
N GLY B 582 -19.85 -8.80 -89.38
CA GLY B 582 -20.15 -9.91 -88.50
C GLY B 582 -19.20 -9.86 -87.31
N ALA B 583 -18.18 -9.02 -87.45
CA ALA B 583 -17.22 -8.78 -86.37
C ALA B 583 -17.73 -7.67 -85.47
N PHE B 584 -17.90 -6.48 -86.03
CA PHE B 584 -18.61 -5.40 -85.33
C PHE B 584 -19.82 -6.03 -84.70
N MET B 585 -19.77 -6.19 -83.38
CA MET B 585 -20.58 -7.20 -82.68
C MET B 585 -22.09 -6.98 -82.60
N GLN B 586 -22.79 -8.07 -82.30
CA GLN B 586 -24.22 -8.06 -82.00
C GLN B 586 -24.50 -9.12 -80.94
N PRO B 593 -26.45 -19.80 -92.67
CA PRO B 593 -27.30 -20.70 -91.89
C PRO B 593 -26.50 -21.55 -90.92
N ARG B 594 -26.79 -22.85 -90.89
CA ARG B 594 -26.14 -23.76 -89.95
C ARG B 594 -24.84 -24.35 -90.51
N SER B 595 -23.89 -23.48 -90.82
CA SER B 595 -22.56 -23.92 -91.23
C SER B 595 -21.74 -24.24 -90.00
N LEU B 596 -21.86 -25.47 -89.52
CA LEU B 596 -21.23 -25.91 -88.27
C LEU B 596 -19.84 -25.34 -88.05
N SER B 597 -19.04 -25.30 -89.10
CA SER B 597 -17.68 -24.78 -89.02
C SER B 597 -17.65 -23.39 -88.38
N GLY B 598 -18.06 -22.39 -89.14
CA GLY B 598 -18.08 -21.02 -88.65
C GLY B 598 -19.14 -20.79 -87.60
N ARG B 599 -20.01 -21.78 -87.41
CA ARG B 599 -21.08 -21.68 -86.43
C ARG B 599 -20.53 -21.66 -85.00
N ILE B 600 -19.68 -22.62 -84.67
CA ILE B 600 -19.09 -22.69 -83.35
C ILE B 600 -18.13 -21.52 -83.11
N VAL B 601 -17.64 -20.94 -84.21
CA VAL B 601 -16.78 -19.77 -84.12
C VAL B 601 -17.56 -18.59 -83.56
N GLY B 602 -18.77 -18.38 -84.07
CA GLY B 602 -19.64 -17.32 -83.61
C GLY B 602 -20.08 -17.54 -82.17
N GLY B 603 -20.25 -18.80 -81.80
CA GLY B 603 -20.65 -19.16 -80.45
C GLY B 603 -19.53 -18.96 -79.45
N VAL B 604 -18.35 -19.46 -79.78
CA VAL B 604 -17.18 -19.33 -78.91
C VAL B 604 -16.76 -17.86 -78.77
N TRP B 605 -16.81 -17.14 -79.88
CA TRP B 605 -16.49 -15.72 -79.87
C TRP B 605 -17.48 -14.95 -79.00
N TRP B 606 -18.73 -15.39 -79.01
CA TRP B 606 -19.76 -14.77 -78.19
C TRP B 606 -19.50 -15.03 -76.71
N PHE B 607 -19.15 -16.27 -76.39
CA PHE B 607 -18.83 -16.64 -75.02
C PHE B 607 -17.59 -15.89 -74.55
N PHE B 608 -16.67 -15.63 -75.50
CA PHE B 608 -15.45 -14.89 -75.19
C PHE B 608 -15.75 -13.44 -74.82
N THR B 609 -16.52 -12.77 -75.66
CA THR B 609 -16.87 -11.38 -75.40
C THR B 609 -17.78 -11.25 -74.19
N LEU B 610 -18.57 -12.29 -73.93
CA LEU B 610 -19.44 -12.30 -72.76
C LEU B 610 -18.62 -12.20 -71.48
N ILE B 611 -17.57 -13.01 -71.39
CA ILE B 611 -16.70 -13.01 -70.23
C ILE B 611 -16.01 -11.66 -70.06
N ILE B 612 -15.51 -11.11 -71.16
CA ILE B 612 -14.80 -9.83 -71.11
C ILE B 612 -15.69 -8.69 -70.63
N ILE B 613 -16.86 -8.52 -71.25
CA ILE B 613 -17.77 -7.46 -70.85
C ILE B 613 -18.25 -7.64 -69.41
N SER B 614 -18.33 -8.90 -68.97
CA SER B 614 -18.68 -9.19 -67.59
C SER B 614 -17.55 -8.78 -66.66
N SER B 615 -16.32 -9.07 -67.08
CA SER B 615 -15.15 -8.67 -66.31
C SER B 615 -15.04 -7.16 -66.21
N TYR B 616 -15.22 -6.47 -67.34
CA TYR B 616 -15.19 -5.03 -67.35
C TYR B 616 -16.21 -4.43 -66.40
N THR B 617 -17.42 -4.97 -66.44
CA THR B 617 -18.50 -4.49 -65.58
C THR B 617 -18.19 -4.71 -64.11
N ALA B 618 -17.78 -5.93 -63.77
CA ALA B 618 -17.44 -6.28 -62.40
C ALA B 618 -16.30 -5.41 -61.87
N ASN B 619 -15.23 -5.32 -62.65
CA ASN B 619 -14.07 -4.53 -62.26
C ASN B 619 -14.40 -3.05 -62.09
N LEU B 620 -15.21 -2.53 -62.98
CA LEU B 620 -15.61 -1.13 -62.92
C LEU B 620 -16.43 -0.85 -61.67
N ALA B 621 -17.10 -1.87 -61.16
CA ALA B 621 -17.90 -1.73 -59.95
C ALA B 621 -16.98 -1.57 -58.72
N ALA B 622 -15.75 -2.08 -58.82
CA ALA B 622 -14.84 -2.11 -57.67
C ALA B 622 -14.33 -0.73 -57.26
N PHE B 623 -13.79 0.02 -58.23
CA PHE B 623 -13.26 1.34 -57.94
C PHE B 623 -14.30 2.27 -57.35
N LEU B 624 -15.53 2.14 -57.84
CA LEU B 624 -16.62 3.02 -57.42
C LEU B 624 -17.24 2.57 -56.10
N THR B 625 -16.84 1.39 -55.64
CA THR B 625 -17.35 0.86 -54.37
C THR B 625 -16.41 1.24 -53.22
N VAL B 626 -15.17 0.75 -53.28
CA VAL B 626 -14.18 1.03 -52.24
C VAL B 626 -13.70 2.47 -52.33
N GLU B 627 -13.12 2.82 -53.48
CA GLU B 627 -12.67 4.18 -53.75
C GLU B 627 -11.68 4.69 -52.70
N ARG B 628 -10.55 4.00 -52.56
CA ARG B 628 -9.49 4.45 -51.67
C ARG B 628 -8.54 5.40 -52.39
N PRO B 632 0.41 11.17 -54.15
CA PRO B 632 1.52 11.28 -55.10
C PRO B 632 2.88 11.16 -54.42
N ILE B 633 3.19 12.13 -53.57
CA ILE B 633 4.49 12.20 -52.90
C ILE B 633 4.62 11.12 -51.83
N GLU B 634 5.60 10.24 -52.01
CA GLU B 634 5.86 9.17 -51.05
C GLU B 634 7.13 9.46 -50.28
N SER B 635 8.03 10.18 -50.93
CA SER B 635 9.26 10.57 -50.26
C SER B 635 9.70 11.93 -50.73
N ALA B 636 10.84 12.38 -50.21
CA ALA B 636 11.39 13.67 -50.59
C ALA B 636 11.97 13.61 -52.00
N GLU B 637 12.49 12.45 -52.37
CA GLU B 637 13.06 12.24 -53.70
C GLU B 637 12.00 12.43 -54.77
N ASP B 638 10.73 12.25 -54.40
CA ASP B 638 9.63 12.41 -55.32
C ASP B 638 9.38 13.88 -55.64
N LEU B 639 9.72 14.76 -54.71
CA LEU B 639 9.56 16.19 -54.89
C LEU B 639 10.61 16.75 -55.85
N SER B 640 11.76 16.10 -55.89
CA SER B 640 12.86 16.55 -56.74
C SER B 640 12.73 16.00 -58.16
N LYS B 641 12.17 14.81 -58.28
CA LYS B 641 12.02 14.16 -59.58
C LYS B 641 10.93 14.78 -60.44
N GLN B 642 10.08 15.60 -59.81
CA GLN B 642 8.98 16.24 -60.51
C GLN B 642 8.96 17.75 -60.28
N THR B 643 8.14 18.45 -61.04
CA THR B 643 8.07 19.92 -60.94
C THR B 643 6.61 20.41 -60.93
N GLU B 644 5.70 19.55 -61.33
CA GLU B 644 4.28 19.91 -61.38
C GLU B 644 3.80 20.44 -60.04
N ILE B 645 4.22 19.79 -58.95
CA ILE B 645 3.84 20.21 -57.61
C ILE B 645 4.94 21.04 -56.96
N ALA B 646 4.68 22.33 -56.81
CA ALA B 646 5.64 23.23 -56.17
C ALA B 646 5.76 22.92 -54.69
N TYR B 647 6.85 23.38 -54.08
CA TYR B 647 7.08 23.15 -52.66
C TYR B 647 8.10 24.13 -52.10
N GLY B 648 7.99 24.43 -50.81
CA GLY B 648 8.90 25.36 -50.16
C GLY B 648 8.92 25.20 -48.65
N THR B 649 9.70 26.05 -47.99
CA THR B 649 9.80 26.02 -46.54
C THR B 649 9.56 27.41 -45.96
N LEU B 650 9.80 27.56 -44.66
CA LEU B 650 9.68 28.85 -44.01
C LEU B 650 10.84 29.75 -44.47
N ASP B 651 10.53 31.03 -44.71
CA ASP B 651 11.54 31.96 -45.22
C ASP B 651 12.73 32.12 -44.28
N SER B 652 12.54 31.78 -43.01
CA SER B 652 13.60 31.89 -42.02
C SER B 652 13.46 30.82 -40.94
N GLY B 653 14.54 30.09 -40.70
CA GLY B 653 14.54 29.04 -39.70
C GLY B 653 15.51 27.92 -40.05
N SER B 654 15.68 26.98 -39.12
CA SER B 654 16.59 25.86 -39.31
C SER B 654 16.15 25.00 -40.49
N THR B 655 14.85 24.98 -40.76
CA THR B 655 14.30 24.20 -41.87
C THR B 655 14.86 24.66 -43.20
N LYS B 656 14.80 25.97 -43.44
CA LYS B 656 15.32 26.54 -44.68
C LYS B 656 16.84 26.45 -44.74
N GLU B 657 17.48 26.80 -43.63
CA GLU B 657 18.94 26.78 -43.55
C GLU B 657 19.47 25.35 -43.71
N PHE B 658 18.61 24.37 -43.46
CA PHE B 658 19.01 22.96 -43.60
C PHE B 658 19.33 22.62 -45.05
N PHE B 659 18.38 22.90 -45.94
CA PHE B 659 18.56 22.61 -47.36
C PHE B 659 19.72 23.41 -47.95
N ARG B 660 19.85 24.66 -47.52
CA ARG B 660 20.90 25.54 -48.02
C ARG B 660 22.28 24.97 -47.75
N ARG B 661 22.47 24.41 -46.55
CA ARG B 661 23.77 23.91 -46.13
C ARG B 661 23.93 22.41 -46.39
N SER B 662 22.82 21.75 -46.71
CA SER B 662 22.83 20.31 -46.94
C SER B 662 23.64 19.94 -48.19
N LYS B 663 24.55 18.98 -48.04
CA LYS B 663 25.38 18.53 -49.15
C LYS B 663 24.89 17.19 -49.66
N ILE B 664 23.71 16.77 -49.22
CA ILE B 664 23.13 15.50 -49.64
C ILE B 664 22.53 15.63 -51.05
N ALA B 665 22.65 14.56 -51.83
CA ALA B 665 22.20 14.55 -53.22
C ALA B 665 20.80 15.13 -53.41
N VAL B 666 19.80 14.44 -52.88
CA VAL B 666 18.40 14.83 -53.06
C VAL B 666 18.13 16.25 -52.56
N PHE B 667 18.46 16.51 -51.30
CA PHE B 667 18.18 17.80 -50.69
C PHE B 667 18.87 18.94 -51.41
N ASP B 668 19.98 18.64 -52.08
CA ASP B 668 20.71 19.64 -52.84
C ASP B 668 19.83 20.19 -53.96
N LYS B 669 19.36 19.29 -54.82
CA LYS B 669 18.52 19.68 -55.95
C LYS B 669 17.29 20.45 -55.47
N MET B 670 16.69 19.98 -54.38
CA MET B 670 15.51 20.63 -53.81
C MET B 670 15.78 22.09 -53.51
N TRP B 671 16.90 22.35 -52.85
CA TRP B 671 17.28 23.72 -52.51
C TRP B 671 17.52 24.56 -53.76
N THR B 672 18.20 23.98 -54.74
CA THR B 672 18.47 24.66 -56.00
C THR B 672 17.18 25.16 -56.61
N TYR B 673 16.14 24.33 -56.55
CA TYR B 673 14.83 24.70 -57.09
C TYR B 673 14.18 25.82 -56.27
N MET B 674 14.09 25.63 -54.96
CA MET B 674 13.46 26.60 -54.08
C MET B 674 14.20 27.93 -54.05
N ARG B 675 15.50 27.88 -54.30
CA ARG B 675 16.34 29.07 -54.24
C ARG B 675 16.02 30.07 -55.33
N SER B 676 15.51 29.58 -56.46
CA SER B 676 15.22 30.44 -57.61
C SER B 676 13.80 30.26 -58.12
N ALA B 677 12.97 29.57 -57.34
CA ALA B 677 11.59 29.30 -57.74
C ALA B 677 10.75 30.57 -57.69
N GLU B 678 9.99 30.82 -58.75
CA GLU B 678 9.12 31.99 -58.83
C GLU B 678 7.69 31.57 -59.17
N PRO B 679 6.71 32.14 -58.45
CA PRO B 679 6.89 33.09 -57.34
C PRO B 679 7.56 32.44 -56.13
N SER B 680 7.77 33.24 -55.08
CA SER B 680 8.41 32.75 -53.86
C SER B 680 7.69 31.54 -53.29
N VAL B 681 8.43 30.44 -53.11
CA VAL B 681 7.87 29.23 -52.54
C VAL B 681 7.97 29.25 -51.01
N PHE B 682 8.60 30.30 -50.48
CA PHE B 682 8.75 30.45 -49.04
C PHE B 682 7.63 31.29 -48.46
N VAL B 683 7.18 30.93 -47.25
CA VAL B 683 6.10 31.65 -46.59
C VAL B 683 6.61 32.43 -45.38
N ARG B 684 5.82 33.39 -44.92
CA ARG B 684 6.19 34.23 -43.79
C ARG B 684 6.08 33.47 -42.47
N THR B 685 4.92 32.86 -42.23
CA THR B 685 4.70 32.10 -41.02
C THR B 685 4.25 30.67 -41.35
N THR B 686 4.15 29.84 -40.32
CA THR B 686 3.73 28.45 -40.50
C THR B 686 2.26 28.38 -40.92
N ALA B 687 1.46 29.31 -40.42
CA ALA B 687 0.04 29.36 -40.76
C ALA B 687 -0.14 29.64 -42.25
N GLU B 688 0.69 30.53 -42.79
CA GLU B 688 0.64 30.88 -44.20
C GLU B 688 0.97 29.67 -45.07
N GLY B 689 1.95 28.88 -44.63
CA GLY B 689 2.36 27.69 -45.36
C GLY B 689 1.25 26.67 -45.45
N VAL B 690 0.58 26.42 -44.31
CA VAL B 690 -0.52 25.48 -44.26
C VAL B 690 -1.68 25.95 -45.15
N ALA B 691 -1.95 27.26 -45.10
CA ALA B 691 -3.01 27.85 -45.90
C ALA B 691 -2.73 27.70 -47.39
N ARG B 692 -1.45 27.79 -47.76
CA ARG B 692 -1.04 27.65 -49.15
C ARG B 692 -1.26 26.23 -49.65
N VAL B 693 -1.12 25.26 -48.75
CA VAL B 693 -1.31 23.86 -49.09
C VAL B 693 -2.79 23.52 -49.20
N ARG B 694 -3.61 24.22 -48.42
CA ARG B 694 -5.04 23.98 -48.39
C ARG B 694 -5.79 24.71 -49.51
N LYS B 695 -5.10 25.63 -50.17
CA LYS B 695 -5.73 26.45 -51.20
C LYS B 695 -5.10 26.26 -52.58
N SER B 696 -4.19 25.29 -52.69
CA SER B 696 -3.52 25.03 -53.96
C SER B 696 -4.03 23.76 -54.62
N LYS B 697 -5.02 23.12 -53.99
CA LYS B 697 -5.62 21.90 -54.53
C LYS B 697 -4.58 20.81 -54.76
N GLY B 698 -3.57 20.78 -53.89
CA GLY B 698 -2.53 19.76 -53.97
C GLY B 698 -1.42 20.11 -54.93
N LYS B 699 -1.29 21.40 -55.26
CA LYS B 699 -0.25 21.85 -56.17
C LYS B 699 0.95 22.41 -55.42
N TYR B 700 0.81 22.57 -54.11
CA TYR B 700 1.89 23.10 -53.28
C TYR B 700 2.11 22.27 -52.02
N ALA B 701 3.35 21.87 -51.79
CA ALA B 701 3.72 21.12 -50.59
C ALA B 701 4.53 22.01 -49.65
N TYR B 702 4.37 21.79 -48.35
CA TYR B 702 5.07 22.59 -47.36
C TYR B 702 5.94 21.72 -46.46
N LEU B 703 7.20 22.12 -46.31
CA LEU B 703 8.16 21.38 -45.50
C LEU B 703 8.31 22.01 -44.11
N LEU B 704 8.05 21.23 -43.07
CA LEU B 704 8.11 21.73 -41.70
C LEU B 704 8.44 20.63 -40.71
N GLU B 705 8.59 21.00 -39.44
CA GLU B 705 8.88 20.04 -38.39
C GLU B 705 7.76 19.01 -38.26
N SER B 706 8.15 17.74 -38.19
CA SER B 706 7.19 16.65 -38.09
C SER B 706 6.22 16.84 -36.93
N THR B 707 6.75 17.28 -35.79
CA THR B 707 5.94 17.49 -34.59
C THR B 707 4.74 18.38 -34.86
N MET B 708 4.99 19.57 -35.40
CA MET B 708 3.94 20.52 -35.69
C MET B 708 3.05 20.01 -36.81
N ASN B 709 3.64 19.29 -37.75
CA ASN B 709 2.90 18.73 -38.87
C ASN B 709 1.87 17.71 -38.41
N GLU B 710 2.32 16.72 -37.64
CA GLU B 710 1.45 15.68 -37.12
C GLU B 710 0.25 16.29 -36.39
N TYR B 711 0.49 17.40 -35.69
CA TYR B 711 -0.55 18.07 -34.94
C TYR B 711 -1.56 18.71 -35.88
N ILE B 712 -1.07 19.37 -36.93
CA ILE B 712 -1.93 20.01 -37.92
C ILE B 712 -2.87 18.99 -38.57
N GLU B 713 -2.34 17.79 -38.81
CA GLU B 713 -3.12 16.73 -39.43
C GLU B 713 -4.32 16.36 -38.57
N GLN B 714 -4.24 16.65 -37.28
CA GLN B 714 -5.31 16.33 -36.34
C GLN B 714 -6.15 17.57 -36.01
N ARG B 715 -6.21 18.51 -36.96
CA ARG B 715 -6.99 19.72 -36.78
C ARG B 715 -7.91 19.94 -37.97
N LYS B 716 -9.12 20.43 -37.70
CA LYS B 716 -10.09 20.71 -38.76
C LYS B 716 -9.50 21.64 -39.82
N PRO B 717 -9.96 21.51 -41.07
CA PRO B 717 -10.97 20.54 -41.51
C PRO B 717 -10.37 19.19 -41.86
N CYS B 718 -9.24 18.85 -41.25
CA CYS B 718 -8.58 17.57 -41.50
C CYS B 718 -8.30 17.39 -42.99
N ASP B 719 -7.61 18.36 -43.58
CA ASP B 719 -7.34 18.35 -45.01
C ASP B 719 -5.84 18.31 -45.31
N THR B 720 -5.04 17.97 -44.30
CA THR B 720 -3.59 17.88 -44.48
C THR B 720 -3.05 16.58 -43.90
N MET B 721 -2.00 16.06 -44.51
CA MET B 721 -1.40 14.81 -44.05
C MET B 721 0.11 14.79 -44.28
N LYS B 722 0.83 14.15 -43.36
CA LYS B 722 2.27 13.99 -43.49
C LYS B 722 2.58 12.75 -44.34
N VAL B 723 3.54 12.88 -45.24
CA VAL B 723 3.91 11.78 -46.12
C VAL B 723 5.40 11.45 -46.04
N GLY B 724 5.72 10.16 -46.07
CA GLY B 724 7.09 9.71 -46.01
C GLY B 724 7.72 9.95 -44.65
N GLY B 725 8.93 9.41 -44.46
CA GLY B 725 9.64 9.58 -43.21
C GLY B 725 10.33 10.93 -43.13
N ASN B 726 10.89 11.24 -41.98
CA ASN B 726 11.60 12.51 -41.78
C ASN B 726 12.85 12.61 -42.63
N LEU B 727 13.29 13.83 -42.89
CA LEU B 727 14.45 14.08 -43.73
C LEU B 727 15.75 14.05 -42.91
N ASP B 728 15.63 14.34 -41.63
CA ASP B 728 16.77 14.34 -40.73
C ASP B 728 16.36 13.91 -39.32
N SER B 729 17.34 13.66 -38.46
CA SER B 729 17.08 13.22 -37.10
C SER B 729 17.41 14.31 -36.09
N LYS B 730 16.37 14.86 -35.47
CA LYS B 730 16.54 15.86 -34.42
C LYS B 730 15.99 15.35 -33.10
N GLY B 731 15.75 16.25 -32.16
CA GLY B 731 15.21 15.88 -30.87
C GLY B 731 15.19 17.01 -29.86
N TYR B 732 14.08 17.12 -29.13
CA TYR B 732 13.96 18.11 -28.08
C TYR B 732 14.49 17.55 -26.77
N GLY B 733 14.84 18.44 -25.83
CA GLY B 733 15.34 18.01 -24.54
C GLY B 733 15.14 19.07 -23.47
N ILE B 734 15.23 18.65 -22.22
CA ILE B 734 15.11 19.58 -21.09
C ILE B 734 16.44 20.30 -20.88
N ALA B 735 16.40 21.63 -20.94
CA ALA B 735 17.61 22.43 -20.82
C ALA B 735 17.85 22.89 -19.40
N THR B 736 19.08 22.71 -18.92
CA THR B 736 19.46 23.13 -17.58
C THR B 736 20.81 23.83 -17.59
N PRO B 737 20.93 24.93 -16.83
CA PRO B 737 22.17 25.72 -16.76
C PRO B 737 23.40 24.84 -16.57
N LYS B 738 24.46 25.15 -17.28
CA LYS B 738 25.70 24.38 -17.20
C LYS B 738 26.18 24.23 -15.76
N GLY B 739 26.40 22.99 -15.35
CA GLY B 739 26.86 22.71 -13.99
C GLY B 739 25.79 22.95 -12.95
N SER B 740 24.56 22.54 -13.26
CA SER B 740 23.45 22.70 -12.34
C SER B 740 23.25 21.45 -11.48
N SER B 741 22.50 21.60 -10.40
CA SER B 741 22.22 20.48 -9.51
C SER B 741 21.13 19.58 -10.08
N LEU B 742 20.19 20.19 -10.81
CA LEU B 742 19.09 19.44 -11.41
C LEU B 742 19.55 18.68 -12.65
N GLY B 743 20.78 18.93 -13.06
CA GLY B 743 21.33 18.31 -14.26
C GLY B 743 21.08 16.81 -14.36
N THR B 744 21.89 16.04 -13.64
CA THR B 744 21.80 14.58 -13.68
C THR B 744 20.40 14.04 -13.35
N PRO B 745 19.77 14.56 -12.27
CA PRO B 745 18.44 14.07 -11.90
C PRO B 745 17.44 14.14 -13.05
N VAL B 746 17.30 15.31 -13.65
CA VAL B 746 16.36 15.49 -14.76
C VAL B 746 16.69 14.56 -15.93
N ASN B 747 17.97 14.43 -16.24
CA ASN B 747 18.42 13.55 -17.32
C ASN B 747 17.88 12.13 -17.14
N LEU B 748 18.11 11.57 -15.96
CA LEU B 748 17.63 10.22 -15.64
C LEU B 748 16.10 10.18 -15.66
N ALA B 749 15.47 11.25 -15.19
CA ALA B 749 14.02 11.33 -15.15
C ALA B 749 13.42 11.17 -16.55
N VAL B 750 14.02 11.83 -17.53
CA VAL B 750 13.56 11.74 -18.91
C VAL B 750 13.67 10.31 -19.42
N LEU B 751 14.79 9.66 -19.13
CA LEU B 751 15.00 8.28 -19.53
C LEU B 751 13.99 7.35 -18.87
N LYS B 752 13.69 7.62 -17.60
CA LYS B 752 12.74 6.82 -16.86
C LYS B 752 11.34 6.96 -17.43
N LEU B 753 10.95 8.19 -17.76
CA LEU B 753 9.64 8.47 -18.32
C LEU B 753 9.42 7.77 -19.66
N SER B 754 10.46 7.77 -20.49
CA SER B 754 10.37 7.17 -21.81
C SER B 754 10.24 5.65 -21.74
N GLU B 755 10.98 5.04 -20.82
CA GLU B 755 10.95 3.58 -20.66
C GLU B 755 9.62 3.12 -20.08
N GLN B 756 9.00 3.98 -19.27
CA GLN B 756 7.68 3.67 -18.71
C GLN B 756 6.60 3.97 -19.73
N GLY B 757 7.01 4.37 -20.94
CA GLY B 757 6.09 4.69 -22.01
C GLY B 757 5.25 5.90 -21.67
N LEU B 758 5.66 6.66 -20.66
CA LEU B 758 4.92 7.83 -20.22
C LEU B 758 5.03 8.95 -21.24
N LEU B 759 6.18 9.07 -21.88
CA LEU B 759 6.39 10.08 -22.91
C LEU B 759 5.49 9.82 -24.12
N ASP B 760 5.53 8.59 -24.61
CA ASP B 760 4.68 8.19 -25.74
C ASP B 760 3.22 8.40 -25.39
N LYS B 761 2.87 8.11 -24.15
CA LYS B 761 1.49 8.28 -23.68
C LYS B 761 1.06 9.75 -23.75
N LEU B 762 1.93 10.63 -23.26
CA LEU B 762 1.64 12.06 -23.27
C LEU B 762 1.41 12.58 -24.69
N LYS B 763 2.27 12.17 -25.61
CA LYS B 763 2.13 12.60 -27.00
C LYS B 763 0.79 12.16 -27.58
N ASN B 764 0.45 10.89 -27.37
CA ASN B 764 -0.83 10.36 -27.82
C ASN B 764 -2.00 11.15 -27.23
N LYS B 765 -1.81 11.65 -26.01
CA LYS B 765 -2.86 12.39 -25.31
C LYS B 765 -3.15 13.73 -25.97
N TRP B 766 -2.11 14.41 -26.44
CA TRP B 766 -2.27 15.77 -26.95
C TRP B 766 -2.32 15.82 -28.48
N TRP B 767 -1.80 14.79 -29.14
CA TRP B 767 -1.77 14.76 -30.60
C TRP B 767 -2.98 14.04 -31.19
N TYR B 768 -3.20 12.80 -30.78
CA TYR B 768 -4.25 11.97 -31.38
C TYR B 768 -5.51 11.89 -30.53
N ASP B 769 -5.36 11.58 -29.25
CA ASP B 769 -6.51 11.48 -28.35
C ASP B 769 -7.27 12.80 -28.28
N LYS B 770 -6.55 13.88 -28.00
CA LYS B 770 -7.17 15.20 -27.89
C LYS B 770 -7.44 15.77 -29.28
N GLY B 771 -7.00 15.04 -30.31
CA GLY B 771 -7.15 15.48 -31.68
C GLY B 771 -8.60 15.54 -32.14
N GLU B 772 -8.84 16.23 -33.24
CA GLU B 772 -10.18 16.39 -33.77
C GLU B 772 -10.37 15.58 -35.05
N CYS B 773 -9.33 14.85 -35.45
CA CYS B 773 -9.35 14.14 -36.72
C CYS B 773 -8.92 12.68 -36.58
N SER B 790 -17.93 12.72 -66.69
CA SER B 790 -16.58 12.72 -67.23
C SER B 790 -16.23 11.44 -67.99
N ASN B 791 -16.18 10.32 -67.28
CA ASN B 791 -15.83 9.04 -67.88
C ASN B 791 -16.74 8.68 -69.05
N VAL B 792 -18.05 8.82 -68.85
CA VAL B 792 -19.02 8.49 -69.89
C VAL B 792 -18.84 9.39 -71.11
N ALA B 793 -18.36 10.60 -70.89
CA ALA B 793 -18.16 11.55 -71.98
C ALA B 793 -17.14 11.05 -72.99
N GLY B 794 -16.06 10.46 -72.50
CA GLY B 794 -15.01 9.94 -73.36
C GLY B 794 -15.53 8.94 -74.37
N VAL B 795 -16.60 8.24 -73.99
CA VAL B 795 -17.21 7.24 -74.87
C VAL B 795 -18.14 7.90 -75.87
N PHE B 796 -18.59 9.11 -75.56
CA PHE B 796 -19.44 9.87 -76.46
C PHE B 796 -18.64 10.45 -77.63
N TYR B 797 -17.44 10.92 -77.34
CA TYR B 797 -16.58 11.50 -78.37
C TYR B 797 -16.12 10.44 -79.37
N ILE B 798 -15.84 9.24 -78.88
CA ILE B 798 -15.42 8.14 -79.75
C ILE B 798 -16.59 7.67 -80.61
N LEU B 799 -17.81 7.95 -80.15
CA LEU B 799 -19.00 7.61 -80.90
C LEU B 799 -19.19 8.57 -82.07
N VAL B 800 -19.23 9.86 -81.77
CA VAL B 800 -19.37 10.89 -82.79
C VAL B 800 -18.23 10.79 -83.80
N GLY B 801 -17.06 10.41 -83.32
CA GLY B 801 -15.91 10.21 -84.19
C GLY B 801 -16.15 9.07 -85.16
N GLY B 802 -16.82 8.02 -84.68
CA GLY B 802 -17.17 6.89 -85.52
C GLY B 802 -18.24 7.26 -86.53
N LEU B 803 -19.19 8.08 -86.10
CA LEU B 803 -20.24 8.56 -86.98
C LEU B 803 -19.65 9.42 -88.10
N GLY B 804 -18.71 10.28 -87.74
CA GLY B 804 -18.05 11.13 -88.71
C GLY B 804 -17.23 10.32 -89.70
N LEU B 805 -16.56 9.30 -89.20
CA LEU B 805 -15.78 8.40 -90.06
C LEU B 805 -16.69 7.71 -91.07
N ALA B 806 -17.89 7.35 -90.63
CA ALA B 806 -18.86 6.71 -91.50
C ALA B 806 -19.41 7.69 -92.52
N MET B 807 -19.69 8.90 -92.07
CA MET B 807 -20.18 9.96 -92.96
C MET B 807 -19.14 10.27 -94.04
N LEU B 808 -17.89 9.94 -93.75
CA LEU B 808 -16.79 10.13 -94.70
C LEU B 808 -16.72 8.95 -95.67
N VAL B 809 -16.88 7.75 -95.14
CA VAL B 809 -16.85 6.54 -95.96
C VAL B 809 -18.07 6.48 -96.87
N ALA B 810 -19.16 7.09 -96.42
CA ALA B 810 -20.39 7.14 -97.21
C ALA B 810 -20.20 8.00 -98.45
N LEU B 811 -19.69 9.21 -98.25
CA LEU B 811 -19.49 10.15 -99.35
C LEU B 811 -18.62 9.58 -100.46
N ILE B 812 -17.52 8.94 -100.08
CA ILE B 812 -16.60 8.37 -101.06
C ILE B 812 -17.24 7.26 -101.87
N GLU B 813 -18.09 6.46 -101.22
CA GLU B 813 -18.77 5.36 -101.89
C GLU B 813 -19.67 5.86 -103.02
N PHE B 814 -20.44 6.91 -102.73
CA PHE B 814 -21.31 7.50 -103.73
C PHE B 814 -20.52 8.14 -104.87
N CYS B 815 -19.30 8.56 -104.56
CA CYS B 815 -18.42 9.18 -105.55
C CYS B 815 -17.89 8.16 -106.55
N TYR B 816 -17.40 7.03 -106.04
CA TYR B 816 -16.88 5.97 -106.89
C TYR B 816 -17.96 5.42 -107.80
N LYS B 817 -19.16 5.28 -107.26
CA LYS B 817 -20.30 4.76 -108.02
C LYS B 817 -20.74 5.77 -109.09
N ASN C 4 82.54 8.79 39.53
CA ASN C 4 81.08 8.72 39.52
C ASN C 4 80.58 7.48 38.79
N SER C 5 80.22 6.44 39.54
CA SER C 5 79.74 5.20 38.95
C SER C 5 78.25 4.98 39.21
N ILE C 6 77.44 5.11 38.15
CA ILE C 6 76.00 4.93 38.26
C ILE C 6 75.58 3.56 37.74
N GLN C 7 75.21 2.68 38.66
CA GLN C 7 74.80 1.32 38.30
C GLN C 7 73.35 1.28 37.83
N ILE C 8 73.12 0.67 36.68
CA ILE C 8 71.77 0.52 36.13
C ILE C 8 71.50 -0.92 35.72
N GLY C 9 70.23 -1.28 35.62
CA GLY C 9 69.85 -2.63 35.22
C GLY C 9 69.49 -2.71 33.75
N GLY C 10 69.73 -3.88 33.16
CA GLY C 10 69.42 -4.10 31.76
C GLY C 10 68.74 -5.43 31.51
N LEU C 11 67.44 -5.37 31.23
CA LEU C 11 66.66 -6.59 30.98
C LEU C 11 66.43 -6.79 29.48
N PHE C 12 67.30 -7.58 28.87
CA PHE C 12 67.20 -7.85 27.43
C PHE C 12 66.71 -9.26 27.16
N PRO C 13 65.57 -9.37 26.45
CA PRO C 13 65.00 -10.66 26.06
C PRO C 13 65.94 -11.42 25.15
N ARG C 14 66.10 -12.73 25.38
CA ARG C 14 66.97 -13.54 24.55
C ARG C 14 66.59 -13.42 23.07
N GLY C 15 67.53 -12.90 22.27
CA GLY C 15 67.30 -12.71 20.86
C GLY C 15 67.40 -11.25 20.45
N ALA C 16 67.45 -10.37 21.44
CA ALA C 16 67.57 -8.93 21.19
C ALA C 16 69.02 -8.56 20.89
N ASP C 17 69.55 -9.12 19.80
CA ASP C 17 70.94 -8.89 19.43
C ASP C 17 71.18 -7.45 19.00
N GLN C 18 70.46 -7.01 17.97
CA GLN C 18 70.62 -5.65 17.46
C GLN C 18 70.26 -4.61 18.51
N GLU C 19 69.28 -4.93 19.35
CA GLU C 19 68.87 -4.04 20.42
C GLU C 19 70.01 -3.83 21.41
N TYR C 20 70.67 -4.91 21.78
CA TYR C 20 71.79 -4.84 22.71
C TYR C 20 73.00 -4.18 22.05
N SER C 21 73.21 -4.50 20.78
CA SER C 21 74.30 -3.88 20.02
C SER C 21 74.13 -2.37 19.99
N ALA C 22 72.90 -1.93 19.78
CA ALA C 22 72.60 -0.50 19.79
C ALA C 22 72.74 0.05 21.20
N PHE C 23 72.48 -0.80 22.19
CA PHE C 23 72.61 -0.40 23.59
C PHE C 23 74.07 -0.16 23.92
N ARG C 24 74.95 -0.98 23.34
CA ARG C 24 76.39 -0.84 23.56
C ARG C 24 76.93 0.42 22.89
N VAL C 25 76.56 0.62 21.63
CA VAL C 25 77.00 1.78 20.88
C VAL C 25 76.61 3.07 21.60
N GLY C 26 75.43 3.06 22.21
CA GLY C 26 74.96 4.21 22.98
C GLY C 26 75.83 4.48 24.18
N MET C 27 76.27 3.41 24.85
CA MET C 27 77.14 3.53 26.00
C MET C 27 78.46 4.22 25.62
N VAL C 28 78.89 3.98 24.38
CA VAL C 28 80.16 4.52 23.90
C VAL C 28 80.00 5.97 23.43
N GLN C 29 78.93 6.24 22.69
CA GLN C 29 78.69 7.56 22.12
C GLN C 29 78.33 8.60 23.19
N PHE C 30 77.75 8.13 24.29
CA PHE C 30 77.32 9.04 25.36
C PHE C 30 78.09 8.82 26.65
N SER C 31 79.34 8.40 26.52
CA SER C 31 80.20 8.21 27.68
C SER C 31 81.00 9.48 27.97
N THR C 32 80.91 9.96 29.20
CA THR C 32 81.61 11.17 29.61
C THR C 32 82.50 10.93 30.83
N SER C 33 83.39 11.88 31.10
CA SER C 33 84.30 11.78 32.23
C SER C 33 83.61 12.14 33.54
N GLU C 34 82.54 12.94 33.44
CA GLU C 34 81.79 13.37 34.61
C GLU C 34 81.21 12.17 35.36
N PHE C 35 80.76 11.16 34.62
CA PHE C 35 80.21 9.96 35.22
C PHE C 35 80.08 8.83 34.19
N ARG C 36 80.18 7.60 34.65
CA ARG C 36 80.08 6.43 33.77
C ARG C 36 78.93 5.52 34.20
N LEU C 37 78.21 4.98 33.24
CA LEU C 37 77.09 4.08 33.52
C LEU C 37 77.55 2.63 33.54
N THR C 38 77.15 1.90 34.58
CA THR C 38 77.53 0.50 34.73
C THR C 38 76.32 -0.41 34.53
N PRO C 39 76.14 -0.92 33.30
CA PRO C 39 75.01 -1.80 32.96
C PRO C 39 75.19 -3.22 33.49
N HIS C 40 74.19 -3.71 34.22
CA HIS C 40 74.18 -5.10 34.66
C HIS C 40 73.16 -5.87 33.84
N ILE C 41 73.65 -6.56 32.81
CA ILE C 41 72.77 -7.22 31.84
C ILE C 41 72.21 -8.55 32.34
N ASP C 42 70.91 -8.74 32.14
CA ASP C 42 70.24 -9.99 32.50
C ASP C 42 69.37 -10.48 31.34
N ASN C 43 69.83 -11.55 30.69
CA ASN C 43 69.09 -12.13 29.57
C ASN C 43 68.08 -13.18 30.03
N LEU C 44 66.81 -12.79 30.09
CA LEU C 44 65.74 -13.70 30.50
C LEU C 44 64.58 -13.69 29.52
N GLU C 45 63.76 -14.74 29.59
CA GLU C 45 62.57 -14.82 28.75
C GLU C 45 61.57 -13.77 29.20
N VAL C 46 61.51 -12.67 28.45
CA VAL C 46 60.68 -11.53 28.82
C VAL C 46 59.22 -11.91 29.05
N ALA C 47 58.76 -12.94 28.35
CA ALA C 47 57.38 -13.40 28.46
C ALA C 47 57.06 -13.94 29.86
N ASN C 48 57.98 -14.72 30.40
CA ASN C 48 57.80 -15.33 31.72
C ASN C 48 57.73 -14.28 32.82
N SER C 49 56.55 -14.15 33.43
CA SER C 49 56.35 -13.15 34.48
C SER C 49 57.20 -13.43 35.71
N PHE C 50 57.33 -14.70 36.07
CA PHE C 50 58.13 -15.09 37.22
C PHE C 50 59.59 -14.66 37.06
N ALA C 51 60.18 -15.03 35.94
CA ALA C 51 61.57 -14.70 35.67
C ALA C 51 61.80 -13.19 35.72
N VAL C 52 60.88 -12.44 35.15
CA VAL C 52 60.97 -10.98 35.14
C VAL C 52 60.96 -10.43 36.57
N THR C 53 60.21 -11.08 37.44
CA THR C 53 60.13 -10.66 38.83
C THR C 53 61.49 -10.83 39.53
N ASN C 54 62.14 -11.97 39.27
CA ASN C 54 63.46 -12.22 39.83
C ASN C 54 64.51 -11.26 39.30
N ALA C 55 64.52 -11.07 37.99
CA ALA C 55 65.47 -10.17 37.35
C ALA C 55 65.34 -8.74 37.87
N PHE C 56 64.12 -8.38 38.26
CA PHE C 56 63.86 -7.05 38.80
C PHE C 56 64.35 -6.93 40.23
N CYS C 57 64.01 -7.91 41.07
CA CYS C 57 64.42 -7.92 42.47
C CYS C 57 65.92 -8.12 42.59
N SER C 58 66.50 -8.84 41.62
CA SER C 58 67.95 -9.06 41.60
C SER C 58 68.68 -7.76 41.33
N GLN C 59 68.22 -7.03 40.32
CA GLN C 59 68.82 -5.75 39.96
C GLN C 59 68.52 -4.71 41.05
N PHE C 60 67.47 -4.95 41.82
CA PHE C 60 67.08 -4.03 42.88
C PHE C 60 67.94 -4.24 44.13
N SER C 61 68.27 -5.50 44.41
CA SER C 61 69.14 -5.82 45.54
C SER C 61 70.57 -5.37 45.26
N ARG C 62 70.95 -5.41 44.00
CA ARG C 62 72.27 -4.94 43.58
C ARG C 62 72.35 -3.42 43.70
N GLY C 63 71.23 -2.81 44.04
CA GLY C 63 71.16 -1.37 44.24
C GLY C 63 71.40 -0.56 42.98
N VAL C 64 70.43 -0.60 42.07
CA VAL C 64 70.51 0.21 40.84
C VAL C 64 69.70 1.48 40.99
N TYR C 65 70.02 2.48 40.16
CA TYR C 65 69.33 3.76 40.20
C TYR C 65 68.21 3.82 39.17
N ALA C 66 68.33 3.00 38.13
CA ALA C 66 67.32 2.92 37.08
C ALA C 66 67.44 1.62 36.31
N ILE C 67 66.35 1.21 35.67
CA ILE C 67 66.32 -0.05 34.93
C ILE C 67 65.84 0.14 33.50
N PHE C 68 66.61 -0.35 32.55
CA PHE C 68 66.21 -0.35 31.15
C PHE C 68 66.00 -1.78 30.66
N GLY C 69 64.81 -2.04 30.11
CA GLY C 69 64.50 -3.37 29.62
C GLY C 69 63.27 -3.40 28.73
N PHE C 70 62.69 -4.59 28.59
CA PHE C 70 61.51 -4.78 27.76
C PHE C 70 60.48 -5.60 28.53
N TYR C 71 59.22 -5.52 28.09
CA TYR C 71 58.17 -6.35 28.67
C TYR C 71 57.19 -6.84 27.62
N ASP C 72 56.48 -7.92 27.94
CA ASP C 72 55.50 -8.49 27.04
C ASP C 72 54.09 -8.16 27.52
N LYS C 73 53.08 -8.51 26.74
CA LYS C 73 51.70 -8.27 27.11
C LYS C 73 51.34 -9.01 28.40
N LYS C 74 52.21 -9.90 28.83
CA LYS C 74 51.97 -10.71 30.02
C LYS C 74 52.76 -10.21 31.23
N SER C 75 53.99 -9.79 31.00
CA SER C 75 54.86 -9.37 32.10
C SER C 75 54.81 -7.85 32.35
N VAL C 76 54.15 -7.13 31.46
CA VAL C 76 54.06 -5.68 31.56
C VAL C 76 53.49 -5.22 32.90
N ASN C 77 52.48 -5.92 33.38
CA ASN C 77 51.84 -5.58 34.65
C ASN C 77 52.78 -5.74 35.84
N THR C 78 53.67 -6.71 35.76
CA THR C 78 54.66 -6.94 36.81
C THR C 78 55.58 -5.73 36.95
N ILE C 79 56.12 -5.30 35.82
CA ILE C 79 57.04 -4.16 35.80
C ILE C 79 56.38 -2.88 36.30
N THR C 80 55.27 -2.51 35.66
CA THR C 80 54.57 -1.28 36.02
C THR C 80 54.20 -1.25 37.50
N SER C 81 53.92 -2.42 38.06
CA SER C 81 53.49 -2.51 39.45
C SER C 81 54.66 -2.34 40.42
N PHE C 82 55.69 -3.16 40.25
CA PHE C 82 56.87 -3.09 41.11
C PHE C 82 57.56 -1.74 41.04
N CYS C 83 57.78 -1.25 39.82
CA CYS C 83 58.44 0.03 39.61
C CYS C 83 57.66 1.17 40.26
N GLY C 84 56.35 1.00 40.38
CA GLY C 84 55.50 1.99 40.99
C GLY C 84 55.53 1.92 42.50
N THR C 85 55.67 0.71 43.01
CA THR C 85 55.71 0.49 44.46
C THR C 85 57.08 0.84 45.03
N LEU C 86 58.13 0.39 44.35
CA LEU C 86 59.50 0.59 44.82
C LEU C 86 60.09 1.89 44.29
N HIS C 87 59.26 2.69 43.62
CA HIS C 87 59.69 3.98 43.09
C HIS C 87 60.92 3.86 42.19
N VAL C 88 61.05 2.72 41.52
CA VAL C 88 62.16 2.49 40.60
C VAL C 88 61.77 2.92 39.19
N SER C 89 62.66 3.64 38.53
CA SER C 89 62.40 4.11 37.17
C SER C 89 62.70 3.01 36.15
N PHE C 90 61.81 2.84 35.18
CA PHE C 90 61.95 1.81 34.17
C PHE C 90 61.82 2.37 32.77
N ILE C 91 62.93 2.41 32.03
CA ILE C 91 62.93 2.88 30.65
C ILE C 91 62.82 1.71 29.69
N THR C 92 61.88 1.80 28.75
CA THR C 92 61.64 0.71 27.82
C THR C 92 61.19 1.19 26.44
N PRO C 93 61.72 0.56 25.39
CA PRO C 93 61.34 0.84 24.00
C PRO C 93 60.06 0.08 23.62
N SER C 94 59.63 -0.84 24.47
CA SER C 94 58.45 -1.65 24.20
C SER C 94 57.19 -0.81 24.03
N PHE C 95 56.09 -1.47 23.70
CA PHE C 95 54.81 -0.77 23.48
C PHE C 95 54.40 0.04 24.71
N PRO C 96 53.80 1.20 24.48
CA PRO C 96 53.32 2.08 25.56
C PRO C 96 52.29 1.38 26.44
N THR C 97 52.30 1.70 27.73
CA THR C 97 51.35 1.11 28.67
C THR C 97 49.96 1.69 28.46
N ASP C 98 48.95 0.82 28.57
CA ASP C 98 47.57 1.25 28.41
C ASP C 98 47.04 1.93 29.67
N GLY C 99 47.48 3.16 29.90
CA GLY C 99 47.08 3.91 31.07
C GLY C 99 48.14 4.89 31.53
N THR C 100 48.09 5.24 32.82
CA THR C 100 49.04 6.19 33.38
C THR C 100 49.84 5.56 34.53
N HIS C 101 50.86 4.80 34.17
CA HIS C 101 51.69 4.13 35.17
C HIS C 101 52.97 4.92 35.45
N PRO C 102 53.10 5.45 36.67
CA PRO C 102 54.25 6.25 37.10
C PRO C 102 55.55 5.43 37.11
N PHE C 103 56.68 6.12 37.11
CA PHE C 103 57.99 5.47 37.16
C PHE C 103 58.23 4.57 35.96
N VAL C 104 57.69 4.95 34.81
CA VAL C 104 57.91 4.21 33.57
C VAL C 104 58.14 5.17 32.40
N ILE C 105 59.30 5.03 31.76
CA ILE C 105 59.64 5.87 30.61
C ILE C 105 59.54 5.06 29.33
N GLN C 106 58.66 5.49 28.43
CA GLN C 106 58.38 4.75 27.21
C GLN C 106 58.97 5.43 25.98
N MET C 107 59.87 4.73 25.30
CA MET C 107 60.55 5.27 24.12
C MET C 107 59.68 5.24 22.88
N ARG C 108 58.74 4.30 22.83
CA ARG C 108 57.87 4.15 21.67
C ARG C 108 56.67 5.08 21.73
N PRO C 109 56.54 5.95 20.73
CA PRO C 109 55.40 6.87 20.61
C PRO C 109 54.11 6.11 20.27
N ASP C 110 52.97 6.69 20.61
CA ASP C 110 51.69 6.05 20.36
C ASP C 110 51.33 6.14 18.88
N LEU C 111 51.18 4.98 18.24
CA LEU C 111 50.86 4.92 16.82
C LEU C 111 49.36 5.00 16.58
N LYS C 112 48.58 4.71 17.62
CA LYS C 112 47.12 4.70 17.53
C LYS C 112 46.59 5.93 16.78
N GLY C 113 47.14 7.11 17.09
CA GLY C 113 46.70 8.34 16.46
C GLY C 113 47.05 8.39 14.99
N ALA C 114 48.30 8.09 14.67
CA ALA C 114 48.77 8.16 13.29
C ALA C 114 48.03 7.20 12.38
N LEU C 115 47.63 6.05 12.92
CA LEU C 115 46.92 5.04 12.15
C LEU C 115 45.53 5.55 11.77
N LEU C 116 44.77 5.98 12.76
CA LEU C 116 43.41 6.47 12.53
C LEU C 116 43.38 7.60 11.52
N SER C 117 44.40 8.47 11.57
CA SER C 117 44.48 9.60 10.65
C SER C 117 44.72 9.12 9.22
N LEU C 118 45.54 8.10 9.08
CA LEU C 118 45.87 7.57 7.76
C LEU C 118 44.65 6.93 7.10
N ILE C 119 43.83 6.26 7.91
CA ILE C 119 42.62 5.61 7.41
C ILE C 119 41.68 6.63 6.79
N GLU C 120 41.50 7.76 7.45
CA GLU C 120 40.63 8.81 6.96
C GLU C 120 41.21 9.45 5.70
N TYR C 121 42.53 9.54 5.63
CA TYR C 121 43.21 10.11 4.47
C TYR C 121 42.86 9.34 3.20
N TYR C 122 42.99 8.02 3.26
CA TYR C 122 42.65 7.17 2.13
C TYR C 122 41.13 7.00 2.02
N GLN C 123 40.41 7.57 2.98
CA GLN C 123 38.94 7.52 2.99
C GLN C 123 38.44 6.08 2.95
N TRP C 124 38.82 5.29 3.96
CA TRP C 124 38.40 3.90 4.06
C TRP C 124 37.12 3.79 4.89
N ASP C 125 36.18 2.98 4.42
CA ASP C 125 34.93 2.76 5.11
C ASP C 125 34.74 1.28 5.45
N LYS C 126 35.40 0.42 4.68
CA LYS C 126 35.35 -1.02 4.91
C LYS C 126 36.72 -1.65 4.68
N PHE C 127 37.31 -2.17 5.74
CA PHE C 127 38.64 -2.76 5.66
C PHE C 127 38.82 -3.92 6.63
N ALA C 128 39.79 -4.77 6.34
CA ALA C 128 40.12 -5.89 7.22
C ALA C 128 41.26 -5.50 8.16
N TYR C 129 41.15 -5.90 9.42
CA TYR C 129 42.15 -5.55 10.41
C TYR C 129 42.77 -6.79 11.05
N LEU C 130 43.87 -7.26 10.46
CA LEU C 130 44.59 -8.42 11.00
C LEU C 130 45.53 -7.95 12.11
N TYR C 131 45.26 -8.40 13.32
CA TYR C 131 46.01 -7.94 14.48
C TYR C 131 46.76 -9.06 15.20
N ASP C 132 47.73 -8.68 16.02
CA ASP C 132 48.49 -9.62 16.83
C ASP C 132 48.42 -9.19 18.29
N SER C 133 47.99 -10.11 19.16
CA SER C 133 47.76 -9.80 20.56
C SER C 133 49.05 -9.61 21.36
N ASP C 134 50.18 -9.53 20.66
CA ASP C 134 51.49 -9.43 21.32
C ASP C 134 51.70 -8.06 21.97
N ARG C 135 51.29 -7.00 21.27
CA ARG C 135 51.48 -5.64 21.77
C ARG C 135 50.21 -5.07 22.37
N GLY C 136 49.31 -5.95 22.82
CA GLY C 136 48.07 -5.52 23.42
C GLY C 136 47.04 -5.06 22.40
N LEU C 137 45.76 -5.25 22.72
CA LEU C 137 44.68 -4.86 21.83
C LEU C 137 44.34 -3.38 21.98
N SER C 138 45.35 -2.59 22.34
CA SER C 138 45.16 -1.15 22.52
C SER C 138 44.78 -0.46 21.22
N THR C 139 45.42 -0.86 20.13
CA THR C 139 45.14 -0.29 18.82
C THR C 139 43.88 -0.91 18.21
N LEU C 140 43.60 -2.16 18.58
CA LEU C 140 42.40 -2.83 18.11
C LEU C 140 41.16 -2.12 18.64
N GLN C 141 41.17 -1.82 19.93
CA GLN C 141 40.06 -1.09 20.55
C GLN C 141 39.92 0.29 19.91
N ALA C 142 41.06 0.86 19.52
CA ALA C 142 41.07 2.18 18.91
C ALA C 142 40.27 2.21 17.61
N VAL C 143 40.55 1.27 16.71
CA VAL C 143 39.87 1.22 15.43
C VAL C 143 38.43 0.76 15.57
N LEU C 144 38.16 -0.09 16.56
CA LEU C 144 36.81 -0.58 16.80
C LEU C 144 35.91 0.52 17.35
N ASP C 145 36.43 1.29 18.30
CA ASP C 145 35.68 2.40 18.88
C ASP C 145 35.43 3.49 17.85
N SER C 146 36.44 3.75 17.02
CA SER C 146 36.31 4.75 15.97
C SER C 146 35.39 4.25 14.85
N ALA C 147 35.27 2.94 14.74
CA ALA C 147 34.41 2.34 13.73
C ALA C 147 32.94 2.65 14.04
N ALA C 148 32.66 2.92 15.30
CA ALA C 148 31.31 3.26 15.71
C ALA C 148 30.98 4.71 15.34
N GLU C 149 31.93 5.60 15.59
CA GLU C 149 31.75 7.02 15.29
C GLU C 149 31.85 7.30 13.79
N LYS C 150 32.99 6.95 13.20
CA LYS C 150 33.24 7.19 11.79
C LYS C 150 32.44 6.24 10.91
N LYS C 151 31.74 5.30 11.54
CA LYS C 151 30.91 4.33 10.82
C LYS C 151 31.73 3.50 9.83
N TRP C 152 32.55 2.59 10.35
CA TRP C 152 33.33 1.69 9.51
C TRP C 152 32.86 0.26 9.67
N GLN C 153 33.07 -0.55 8.63
CA GLN C 153 32.79 -1.98 8.69
C GLN C 153 34.10 -2.75 8.80
N VAL C 154 34.64 -2.81 10.02
CA VAL C 154 35.94 -3.45 10.25
C VAL C 154 35.80 -4.96 10.45
N THR C 155 36.68 -5.71 9.79
CA THR C 155 36.70 -7.15 9.94
C THR C 155 37.96 -7.56 10.71
N ALA C 156 37.89 -7.50 12.03
CA ALA C 156 39.02 -7.82 12.89
C ALA C 156 39.26 -9.32 12.96
N ILE C 157 40.51 -9.73 12.75
CA ILE C 157 40.87 -11.15 12.80
C ILE C 157 42.20 -11.35 13.52
N ASN C 158 42.17 -12.10 14.61
CA ASN C 158 43.38 -12.39 15.38
C ASN C 158 44.30 -13.35 14.63
N VAL C 159 45.30 -12.80 13.96
CA VAL C 159 46.24 -13.59 13.18
C VAL C 159 47.42 -14.04 14.05
N GLY C 160 47.23 -13.97 15.37
CA GLY C 160 48.28 -14.29 16.32
C GLY C 160 48.33 -15.74 16.76
N ASN C 161 47.18 -16.25 17.20
CA ASN C 161 47.11 -17.61 17.74
C ASN C 161 47.27 -18.71 16.69
N ILE C 162 47.78 -18.34 15.53
CA ILE C 162 47.99 -19.30 14.45
C ILE C 162 49.22 -20.17 14.71
N ASN C 163 48.99 -21.46 14.98
CA ASN C 163 50.07 -22.40 15.19
C ASN C 163 50.98 -22.53 13.97
N ASN C 164 52.27 -22.26 14.14
CA ASN C 164 53.20 -22.14 13.02
C ASN C 164 53.68 -23.44 12.35
N ASP C 165 53.41 -24.59 12.98
CA ASP C 165 53.83 -25.93 12.49
C ASP C 165 52.76 -26.59 11.60
N LYS C 166 52.04 -25.76 10.84
CA LYS C 166 50.92 -26.21 10.00
C LYS C 166 50.09 -24.97 9.63
N LYS C 167 50.72 -23.79 9.65
CA LYS C 167 50.00 -22.55 9.39
C LYS C 167 49.87 -22.25 7.89
N ASP C 168 48.98 -22.95 7.22
CA ASP C 168 48.78 -22.78 5.78
C ASP C 168 47.31 -22.97 5.43
N GLU C 169 46.72 -24.03 5.98
CA GLU C 169 45.29 -24.25 5.83
C GLU C 169 44.52 -23.22 6.63
N THR C 170 45.26 -22.44 7.42
CA THR C 170 44.68 -21.38 8.23
C THR C 170 44.64 -20.08 7.44
N TYR C 171 45.71 -19.79 6.70
CA TYR C 171 45.78 -18.61 5.86
C TYR C 171 44.83 -18.72 4.67
N ARG C 172 44.73 -19.92 4.12
CA ARG C 172 43.81 -20.17 3.02
C ARG C 172 42.37 -19.97 3.47
N SER C 173 42.10 -20.34 4.72
CA SER C 173 40.78 -20.16 5.31
C SER C 173 40.62 -18.76 5.85
N LEU C 174 41.72 -18.01 5.91
CA LEU C 174 41.71 -16.64 6.38
C LEU C 174 41.27 -15.70 5.26
N PHE C 175 41.87 -15.84 4.09
CA PHE C 175 41.53 -15.02 2.94
C PHE C 175 40.28 -15.54 2.25
N GLN C 176 39.74 -16.64 2.76
CA GLN C 176 38.47 -17.16 2.28
C GLN C 176 37.33 -16.35 2.87
N ASP C 177 37.52 -15.91 4.11
CA ASP C 177 36.56 -15.05 4.79
C ASP C 177 36.72 -13.62 4.33
N LEU C 178 37.94 -13.27 3.91
CA LEU C 178 38.24 -11.94 3.41
C LEU C 178 37.85 -11.83 1.94
N GLU C 179 37.10 -12.82 1.45
CA GLU C 179 36.64 -12.83 0.07
C GLU C 179 35.11 -12.82 0.02
N LEU C 180 34.49 -13.17 1.13
CA LEU C 180 33.03 -13.13 1.24
C LEU C 180 32.55 -11.70 1.02
N LYS C 181 33.32 -10.74 1.55
CA LYS C 181 33.01 -9.34 1.38
C LYS C 181 33.99 -8.69 0.40
N LYS C 182 34.75 -9.52 -0.29
CA LYS C 182 35.72 -9.05 -1.27
C LYS C 182 36.63 -7.97 -0.70
N GLU C 183 37.18 -8.23 0.49
CA GLU C 183 38.07 -7.27 1.14
C GLU C 183 39.33 -7.04 0.31
N ARG C 184 39.57 -5.78 -0.04
CA ARG C 184 40.75 -5.43 -0.83
C ARG C 184 41.67 -4.49 -0.04
N ARG C 185 41.23 -4.09 1.14
CA ARG C 185 42.00 -3.17 1.97
C ARG C 185 42.29 -3.79 3.34
N VAL C 186 43.54 -4.15 3.57
CA VAL C 186 43.94 -4.84 4.79
C VAL C 186 44.92 -4.01 5.62
N ILE C 187 44.75 -4.06 6.94
CA ILE C 187 45.67 -3.40 7.86
C ILE C 187 46.41 -4.44 8.69
N LEU C 188 47.73 -4.52 8.50
CA LEU C 188 48.54 -5.49 9.23
C LEU C 188 49.15 -4.89 10.49
N ASP C 189 48.54 -5.21 11.64
CA ASP C 189 49.05 -4.76 12.93
C ASP C 189 49.83 -5.88 13.59
N CYS C 190 51.08 -6.07 13.16
CA CYS C 190 51.90 -7.16 13.66
C CYS C 190 53.35 -6.73 13.85
N GLU C 191 54.17 -7.65 14.36
CA GLU C 191 55.60 -7.40 14.52
C GLU C 191 56.30 -7.54 13.18
N ARG C 192 57.56 -7.12 13.14
CA ARG C 192 58.34 -7.17 11.90
C ARG C 192 58.42 -8.59 11.33
N ASP C 193 58.22 -9.59 12.18
CA ASP C 193 58.30 -10.97 11.77
C ASP C 193 56.97 -11.48 11.23
N LYS C 194 55.91 -11.35 12.01
CA LYS C 194 54.58 -11.80 11.61
C LYS C 194 54.12 -11.11 10.33
N VAL C 195 54.71 -9.95 10.04
CA VAL C 195 54.37 -9.21 8.83
C VAL C 195 54.95 -9.88 7.60
N ASN C 196 56.22 -10.27 7.66
CA ASN C 196 56.87 -10.95 6.55
C ASN C 196 56.18 -12.27 6.21
N ASP C 197 55.71 -12.97 7.24
CA ASP C 197 54.98 -14.22 7.05
C ASP C 197 53.71 -13.98 6.25
N ILE C 198 52.96 -12.94 6.63
CA ILE C 198 51.74 -12.58 5.94
C ILE C 198 52.04 -12.10 4.51
N VAL C 199 53.01 -11.21 4.38
CA VAL C 199 53.41 -10.69 3.08
C VAL C 199 53.78 -11.81 2.12
N ASP C 200 54.50 -12.81 2.63
CA ASP C 200 54.88 -13.96 1.82
C ASP C 200 53.66 -14.74 1.36
N GLN C 201 52.72 -14.97 2.29
CA GLN C 201 51.49 -15.68 1.96
C GLN C 201 50.67 -14.90 0.94
N VAL C 202 50.63 -13.57 1.11
CA VAL C 202 49.90 -12.70 0.21
C VAL C 202 50.39 -12.84 -1.23
N ILE C 203 51.71 -12.90 -1.39
CA ILE C 203 52.31 -13.04 -2.71
C ILE C 203 52.01 -14.41 -3.31
N THR C 204 52.02 -15.43 -2.45
CA THR C 204 51.75 -16.80 -2.90
C THR C 204 50.36 -16.93 -3.49
N ILE C 205 49.36 -16.44 -2.77
CA ILE C 205 47.98 -16.50 -3.24
C ILE C 205 47.71 -15.42 -4.29
N GLY C 206 48.67 -14.54 -4.49
CA GLY C 206 48.58 -13.53 -5.53
C GLY C 206 47.71 -12.33 -5.19
N LYS C 207 47.49 -12.11 -3.90
CA LYS C 207 46.69 -10.97 -3.46
C LYS C 207 47.56 -9.74 -3.22
N HIS C 208 48.60 -9.59 -4.04
CA HIS C 208 49.51 -8.47 -3.93
C HIS C 208 49.54 -7.67 -5.22
N VAL C 209 48.57 -7.93 -6.09
CA VAL C 209 48.46 -7.23 -7.36
C VAL C 209 47.63 -5.97 -7.23
N LYS C 210 47.55 -5.20 -8.31
CA LYS C 210 46.78 -3.96 -8.31
C LYS C 210 45.35 -4.20 -7.87
N GLY C 211 44.88 -3.38 -6.94
CA GLY C 211 43.52 -3.51 -6.41
C GLY C 211 43.53 -3.66 -4.91
N TYR C 212 44.61 -4.23 -4.38
CA TYR C 212 44.76 -4.41 -2.95
C TYR C 212 45.54 -3.27 -2.32
N HIS C 213 45.24 -2.96 -1.06
CA HIS C 213 45.92 -1.90 -0.34
C HIS C 213 46.24 -2.34 1.08
N TYR C 214 47.52 -2.44 1.40
CA TYR C 214 47.94 -2.88 2.72
C TYR C 214 48.54 -1.74 3.54
N ILE C 215 48.31 -1.78 4.85
CA ILE C 215 48.88 -0.79 5.76
C ILE C 215 49.60 -1.48 6.91
N ILE C 216 50.91 -1.34 6.94
CA ILE C 216 51.71 -1.94 8.00
C ILE C 216 51.66 -1.09 9.25
N ALA C 217 50.90 -1.55 10.25
CA ALA C 217 50.68 -0.78 11.47
C ALA C 217 51.82 -0.94 12.47
N ASN C 218 52.99 -0.43 12.11
CA ASN C 218 54.13 -0.40 13.02
C ASN C 218 55.05 0.77 12.71
N LEU C 219 55.98 1.06 13.62
CA LEU C 219 56.88 2.19 13.46
C LEU C 219 58.10 1.83 12.62
N GLY C 220 58.12 0.61 12.09
CA GLY C 220 59.22 0.15 11.27
C GLY C 220 58.77 -0.31 9.90
N PHE C 221 58.42 0.64 9.03
CA PHE C 221 57.95 0.32 7.69
C PHE C 221 59.07 -0.19 6.80
N THR C 222 60.24 0.41 6.93
CA THR C 222 61.40 0.03 6.11
C THR C 222 62.23 -1.04 6.81
N ASP C 223 61.79 -1.47 7.98
CA ASP C 223 62.51 -2.47 8.75
C ASP C 223 62.35 -3.87 8.15
N GLY C 224 61.25 -4.08 7.44
CA GLY C 224 60.98 -5.36 6.82
C GLY C 224 61.32 -5.37 5.34
N ASP C 225 61.32 -6.56 4.75
CA ASP C 225 61.59 -6.71 3.33
C ASP C 225 60.36 -6.33 2.50
N LEU C 226 60.52 -5.31 1.66
CA LEU C 226 59.41 -4.83 0.83
C LEU C 226 59.65 -5.11 -0.65
N LEU C 227 60.87 -5.49 -0.99
CA LEU C 227 61.23 -5.77 -2.38
C LEU C 227 60.34 -6.83 -3.00
N LYS C 228 59.69 -7.62 -2.17
CA LYS C 228 58.84 -8.71 -2.66
C LYS C 228 57.45 -8.22 -3.11
N ILE C 229 56.79 -7.44 -2.25
CA ILE C 229 55.49 -6.87 -2.61
C ILE C 229 55.63 -5.46 -3.15
N GLN C 230 56.80 -5.16 -3.72
CA GLN C 230 57.08 -3.83 -4.25
C GLN C 230 56.65 -3.70 -5.71
N PHE C 231 56.84 -4.77 -6.47
CA PHE C 231 56.52 -4.77 -7.89
C PHE C 231 55.21 -5.51 -8.17
N GLY C 232 54.56 -5.98 -7.12
CA GLY C 232 53.31 -6.71 -7.25
C GLY C 232 52.20 -5.88 -7.87
N GLY C 233 52.09 -4.63 -7.44
CA GLY C 233 51.06 -3.75 -7.95
C GLY C 233 50.19 -3.17 -6.86
N ALA C 234 49.97 -3.97 -5.81
CA ALA C 234 49.16 -3.52 -4.68
C ALA C 234 49.88 -2.42 -3.91
N GLU C 235 49.15 -1.36 -3.58
CA GLU C 235 49.71 -0.24 -2.84
C GLU C 235 49.94 -0.61 -1.38
N VAL C 236 51.14 -0.29 -0.89
CA VAL C 236 51.49 -0.59 0.50
C VAL C 236 51.91 0.68 1.22
N SER C 237 51.28 0.95 2.36
CA SER C 237 51.61 2.11 3.18
C SER C 237 52.02 1.68 4.57
N GLY C 238 52.65 2.59 5.31
CA GLY C 238 53.10 2.29 6.65
C GLY C 238 53.62 3.51 7.39
N PHE C 239 54.37 3.27 8.47
CA PHE C 239 54.88 4.34 9.29
C PHE C 239 56.37 4.16 9.58
N GLN C 240 57.12 5.26 9.55
CA GLN C 240 58.55 5.23 9.83
C GLN C 240 58.91 6.25 10.91
N ILE C 241 59.57 5.79 11.96
CA ILE C 241 59.94 6.65 13.07
C ILE C 241 61.40 7.07 12.96
N VAL C 242 62.21 6.24 12.30
CA VAL C 242 63.62 6.54 12.10
C VAL C 242 63.83 7.18 10.73
N ASP C 243 63.86 8.51 10.70
CA ASP C 243 64.05 9.24 9.45
C ASP C 243 65.50 9.19 9.01
N TYR C 244 65.78 8.42 7.95
CA TYR C 244 67.14 8.28 7.45
C TYR C 244 67.58 9.50 6.64
N ASP C 245 66.71 10.51 6.59
CA ASP C 245 67.03 11.74 5.89
C ASP C 245 67.61 12.80 6.82
N ASP C 246 67.52 12.56 8.13
CA ASP C 246 68.12 13.44 9.11
C ASP C 246 69.63 13.27 9.11
N SER C 247 70.36 14.38 9.07
CA SER C 247 71.82 14.34 9.11
C SER C 247 72.29 13.65 10.39
N LEU C 248 71.46 13.71 11.43
CA LEU C 248 71.77 13.06 12.69
C LEU C 248 71.76 11.55 12.52
N VAL C 249 70.68 11.03 11.94
CA VAL C 249 70.55 9.59 11.71
C VAL C 249 71.52 9.14 10.63
N SER C 250 71.67 9.96 9.59
CA SER C 250 72.56 9.64 8.48
C SER C 250 73.99 9.44 8.98
N LYS C 251 74.39 10.24 9.96
CA LYS C 251 75.73 10.14 10.53
C LYS C 251 75.87 8.87 11.37
N PHE C 252 74.78 8.51 12.05
CA PHE C 252 74.78 7.31 12.88
C PHE C 252 74.99 6.06 12.02
N ILE C 253 74.28 6.00 10.90
CA ILE C 253 74.40 4.86 9.98
C ILE C 253 75.80 4.76 9.40
N GLU C 254 76.42 5.91 9.14
CA GLU C 254 77.78 5.94 8.59
C GLU C 254 78.74 5.13 9.44
N ARG C 255 78.52 5.15 10.75
CA ARG C 255 79.38 4.43 11.69
C ARG C 255 78.79 3.06 12.02
N TRP C 256 77.46 2.97 12.00
CA TRP C 256 76.78 1.73 12.32
C TRP C 256 77.00 0.68 11.24
N SER C 257 76.84 1.08 9.99
CA SER C 257 76.96 0.15 8.86
C SER C 257 78.37 -0.42 8.71
N THR C 258 79.34 0.22 9.36
CA THR C 258 80.73 -0.20 9.24
C THR C 258 81.16 -1.10 10.40
N LEU C 259 80.48 -0.99 11.52
CA LEU C 259 80.82 -1.78 12.71
C LEU C 259 80.94 -3.26 12.39
N GLU C 260 81.85 -3.93 13.08
CA GLU C 260 82.09 -5.35 12.88
C GLU C 260 80.88 -6.16 13.35
N GLU C 261 80.34 -6.98 12.45
CA GLU C 261 79.15 -7.78 12.76
C GLU C 261 79.46 -8.91 13.75
N LYS C 262 80.75 -9.18 13.94
CA LYS C 262 81.18 -10.21 14.88
C LYS C 262 80.96 -9.76 16.31
N GLU C 263 81.48 -8.59 16.65
CA GLU C 263 81.33 -8.05 18.00
C GLU C 263 79.95 -7.44 18.19
N TYR C 264 79.43 -6.81 17.12
CA TYR C 264 78.11 -6.21 17.16
C TYR C 264 77.15 -6.96 16.23
N PRO C 265 76.47 -7.98 16.77
CA PRO C 265 75.53 -8.82 16.01
C PRO C 265 74.46 -8.01 15.30
N GLY C 266 74.20 -8.34 14.04
CA GLY C 266 73.18 -7.66 13.26
C GLY C 266 73.31 -6.16 13.28
N ALA C 267 74.54 -5.67 13.07
CA ALA C 267 74.79 -4.23 13.10
C ALA C 267 75.54 -3.76 11.86
N HIS C 268 75.74 -4.66 10.90
CA HIS C 268 76.45 -4.32 9.68
C HIS C 268 75.49 -4.06 8.53
N THR C 269 74.51 -3.19 8.77
CA THR C 269 73.52 -2.85 7.75
C THR C 269 73.33 -1.34 7.65
N ALA C 270 72.66 -0.91 6.59
CA ALA C 270 72.43 0.52 6.37
C ALA C 270 71.15 0.98 7.08
N THR C 271 70.39 0.02 7.61
CA THR C 271 69.15 0.34 8.31
C THR C 271 69.19 -0.18 9.74
N ILE C 272 68.14 0.13 10.50
CA ILE C 272 68.06 -0.29 11.89
C ILE C 272 66.61 -0.38 12.36
N LYS C 273 66.29 -1.48 13.05
CA LYS C 273 64.94 -1.68 13.58
C LYS C 273 64.59 -0.55 14.56
N TYR C 274 63.33 -0.11 14.53
CA TYR C 274 62.91 1.00 15.37
C TYR C 274 63.07 0.68 16.86
N THR C 275 62.96 -0.60 17.19
CA THR C 275 63.15 -1.06 18.56
C THR C 275 64.60 -0.82 19.00
N SER C 276 65.52 -1.09 18.09
CA SER C 276 66.94 -0.89 18.37
C SER C 276 67.28 0.59 18.43
N ALA C 277 66.70 1.37 17.52
CA ALA C 277 66.93 2.80 17.46
C ALA C 277 66.46 3.48 18.75
N LEU C 278 65.37 2.99 19.32
CA LEU C 278 64.84 3.53 20.56
C LEU C 278 65.75 3.17 21.73
N THR C 279 66.37 1.99 21.66
CA THR C 279 67.31 1.57 22.69
C THR C 279 68.49 2.53 22.75
N TYR C 280 69.01 2.88 21.58
CA TYR C 280 70.12 3.84 21.49
C TYR C 280 69.71 5.20 22.05
N ASP C 281 68.49 5.63 21.72
CA ASP C 281 67.98 6.90 22.19
C ASP C 281 67.68 6.84 23.69
N ALA C 282 67.46 5.63 24.19
CA ALA C 282 67.20 5.43 25.61
C ALA C 282 68.44 5.76 26.43
N VAL C 283 69.60 5.30 25.96
CA VAL C 283 70.86 5.57 26.62
C VAL C 283 71.10 7.07 26.74
N GLN C 284 70.80 7.80 25.67
CA GLN C 284 70.98 9.25 25.65
C GLN C 284 70.08 9.93 26.68
N VAL C 285 68.87 9.42 26.84
CA VAL C 285 67.92 9.98 27.78
C VAL C 285 68.39 9.76 29.22
N MET C 286 68.92 8.57 29.49
CA MET C 286 69.39 8.23 30.83
C MET C 286 70.64 9.03 31.17
N THR C 287 71.46 9.34 30.17
CA THR C 287 72.66 10.13 30.37
C THR C 287 72.32 11.58 30.71
N GLU C 288 71.46 12.18 29.89
CA GLU C 288 71.05 13.56 30.10
C GLU C 288 70.30 13.72 31.42
N ALA C 289 69.65 12.64 31.86
CA ALA C 289 68.89 12.67 33.09
C ALA C 289 69.81 12.69 34.31
N PHE C 290 70.78 11.78 34.33
CA PHE C 290 71.73 11.69 35.43
C PHE C 290 72.67 12.90 35.43
N ARG C 291 72.77 13.57 34.28
CA ARG C 291 73.61 14.75 34.16
C ARG C 291 72.91 15.98 34.70
N ASN C 292 71.60 16.05 34.50
CA ASN C 292 70.80 17.15 35.01
C ASN C 292 70.63 17.09 36.53
N LEU C 293 71.00 15.95 37.10
CA LEU C 293 70.96 15.78 38.55
C LEU C 293 72.26 16.23 39.20
N ARG C 294 73.36 16.08 38.48
CA ARG C 294 74.66 16.53 38.97
C ARG C 294 74.75 18.05 38.93
N LYS C 295 74.27 18.63 37.84
CA LYS C 295 74.29 20.08 37.66
C LYS C 295 73.23 20.77 38.53
N GLN C 296 72.30 19.99 39.03
CA GLN C 296 71.23 20.52 39.88
C GLN C 296 71.57 20.36 41.36
N ARG C 297 72.76 19.83 41.63
CA ARG C 297 73.22 19.64 43.01
C ARG C 297 72.26 18.77 43.81
N ILE C 298 71.89 17.63 43.26
CA ILE C 298 70.96 16.71 43.92
C ILE C 298 71.64 15.40 44.26
N GLU C 299 71.80 15.13 45.55
CA GLU C 299 72.40 13.89 46.02
C GLU C 299 71.37 12.77 46.06
N ILE C 300 71.70 11.66 45.40
CA ILE C 300 70.79 10.52 45.32
C ILE C 300 71.50 9.19 45.62
N SER C 301 72.78 9.28 45.97
CA SER C 301 73.54 8.08 46.35
C SER C 301 72.85 7.33 47.48
N ARG C 302 72.60 6.04 47.27
CA ARG C 302 71.91 5.22 48.26
C ARG C 302 72.73 5.12 49.56
N ARG C 303 72.03 5.09 50.69
CA ARG C 303 72.67 5.00 51.99
C ARG C 303 73.19 3.59 52.25
N GLY C 304 72.61 2.61 51.54
CA GLY C 304 73.01 1.23 51.70
C GLY C 304 72.16 0.29 50.85
N ASN C 305 72.27 -1.00 51.12
CA ASN C 305 71.49 -2.00 50.39
C ASN C 305 70.00 -1.71 50.45
N ALA C 306 69.29 -1.96 49.36
CA ALA C 306 67.88 -1.64 49.27
C ALA C 306 67.03 -2.69 49.97
N GLY C 307 67.56 -3.90 50.10
CA GLY C 307 66.86 -4.99 50.75
C GLY C 307 65.98 -5.78 49.80
N ASP C 308 65.27 -6.76 50.33
CA ASP C 308 64.39 -7.58 49.53
C ASP C 308 63.18 -6.77 49.06
N CYS C 309 62.82 -6.92 47.79
CA CYS C 309 61.72 -6.18 47.20
C CYS C 309 60.38 -6.59 47.81
N LEU C 310 60.30 -7.80 48.33
CA LEU C 310 59.09 -8.31 48.93
C LEU C 310 58.93 -7.82 50.37
N ALA C 311 59.85 -6.95 50.80
CA ALA C 311 59.82 -6.41 52.15
C ALA C 311 58.45 -5.84 52.49
N ASN C 312 57.92 -6.26 53.64
CA ASN C 312 56.61 -5.82 54.09
C ASN C 312 56.65 -5.27 55.52
N PRO C 313 56.21 -4.02 55.70
CA PRO C 313 55.70 -3.13 54.64
C PRO C 313 56.79 -2.67 53.69
N ALA C 314 56.43 -2.48 52.43
CA ALA C 314 57.37 -2.02 51.42
C ALA C 314 57.51 -0.49 51.48
N VAL C 315 58.72 -0.02 51.75
CA VAL C 315 58.98 1.41 51.84
C VAL C 315 59.76 1.92 50.64
N PRO C 316 59.15 2.83 49.87
CA PRO C 316 59.78 3.44 48.69
C PRO C 316 60.85 4.44 49.08
N TRP C 317 62.05 4.30 48.51
CA TRP C 317 63.13 5.24 48.79
C TRP C 317 62.88 6.57 48.08
N GLY C 318 62.80 7.64 48.86
CA GLY C 318 62.46 8.95 48.35
C GLY C 318 63.31 9.45 47.20
N GLN C 319 64.54 8.93 47.10
CA GLN C 319 65.45 9.35 46.05
C GLN C 319 64.95 8.96 44.67
N GLY C 320 63.97 8.06 44.63
CA GLY C 320 63.41 7.59 43.37
C GLY C 320 62.49 8.62 42.73
N VAL C 321 61.82 9.40 43.56
CA VAL C 321 60.90 10.43 43.07
C VAL C 321 61.63 11.45 42.22
N GLU C 322 62.87 11.74 42.58
CA GLU C 322 63.69 12.71 41.85
C GLU C 322 64.21 12.14 40.54
N ILE C 323 64.54 10.85 40.55
CA ILE C 323 65.04 10.17 39.35
C ILE C 323 63.97 10.17 38.26
N GLU C 324 62.71 10.11 38.67
CA GLU C 324 61.60 10.14 37.74
C GLU C 324 61.44 11.52 37.13
N ARG C 325 61.44 12.54 37.97
CA ARG C 325 61.30 13.93 37.53
C ARG C 325 62.47 14.34 36.64
N ALA C 326 63.54 13.55 36.66
CA ALA C 326 64.70 13.81 35.83
C ALA C 326 64.51 13.26 34.42
N LEU C 327 64.24 11.96 34.35
CA LEU C 327 64.03 11.30 33.06
C LEU C 327 62.88 11.93 32.29
N LYS C 328 61.79 12.23 32.99
CA LYS C 328 60.61 12.81 32.36
C LYS C 328 60.84 14.24 31.91
N GLN C 329 61.87 14.88 32.48
CA GLN C 329 62.19 16.25 32.13
C GLN C 329 63.17 16.33 30.97
N VAL C 330 63.79 15.20 30.65
CA VAL C 330 64.77 15.14 29.57
C VAL C 330 64.16 15.52 28.24
N GLN C 331 64.94 16.20 27.40
CA GLN C 331 64.50 16.58 26.07
C GLN C 331 65.69 16.78 25.13
N VAL C 332 66.05 15.72 24.42
CA VAL C 332 67.17 15.77 23.49
C VAL C 332 66.75 15.30 22.09
N GLU C 333 67.69 15.30 21.16
CA GLU C 333 67.42 14.87 19.80
C GLU C 333 68.06 13.51 19.54
N GLY C 334 67.25 12.56 19.07
CA GLY C 334 67.72 11.21 18.82
C GLY C 334 67.35 10.69 17.46
N LEU C 335 67.56 9.39 17.25
CA LEU C 335 67.25 8.74 15.98
C LEU C 335 65.75 8.79 15.69
N SER C 336 64.94 8.77 16.75
CA SER C 336 63.49 8.78 16.60
C SER C 336 62.93 10.18 16.73
N GLY C 337 63.60 11.15 16.11
CA GLY C 337 63.15 12.53 16.12
C GLY C 337 63.25 13.18 17.49
N ASN C 338 62.52 14.27 17.68
CA ASN C 338 62.54 15.01 18.94
C ASN C 338 61.95 14.18 20.08
N ILE C 339 62.73 14.02 21.13
CA ILE C 339 62.30 13.22 22.28
C ILE C 339 61.82 14.11 23.44
N LYS C 340 60.56 13.98 23.79
CA LYS C 340 59.98 14.71 24.90
C LYS C 340 58.97 13.84 25.65
N PHE C 341 58.73 14.16 26.92
CA PHE C 341 57.83 13.36 27.74
C PHE C 341 56.85 14.23 28.51
N ASP C 342 55.76 13.61 28.96
CA ASP C 342 54.80 14.26 29.83
C ASP C 342 54.96 13.76 31.26
N GLN C 343 54.05 14.16 32.14
CA GLN C 343 54.14 13.79 33.55
C GLN C 343 54.03 12.28 33.77
N ASN C 344 53.47 11.58 32.79
CA ASN C 344 53.27 10.14 32.91
C ASN C 344 54.44 9.32 32.37
N GLY C 345 54.93 9.68 31.19
CA GLY C 345 56.04 8.97 30.59
C GLY C 345 55.84 8.75 29.10
N LYS C 346 54.61 9.00 28.63
CA LYS C 346 54.31 8.86 27.21
C LYS C 346 54.97 9.99 26.42
N ARG C 347 55.58 9.65 25.30
CA ARG C 347 56.27 10.63 24.48
C ARG C 347 55.30 11.63 23.85
N ILE C 348 55.77 12.87 23.72
CA ILE C 348 54.96 13.94 23.13
C ILE C 348 55.79 14.76 22.15
N ASN C 349 55.12 15.61 21.38
CA ASN C 349 55.78 16.46 20.40
C ASN C 349 56.72 15.65 19.50
N TYR C 350 56.24 14.50 19.03
CA TYR C 350 57.03 13.65 18.16
C TYR C 350 56.51 13.68 16.73
N THR C 351 57.23 13.02 15.82
CA THR C 351 56.86 13.00 14.41
C THR C 351 56.99 11.61 13.81
N ILE C 352 55.91 11.15 13.17
CA ILE C 352 55.91 9.85 12.51
C ILE C 352 55.68 10.02 11.02
N ASN C 353 56.70 9.68 10.22
CA ASN C 353 56.62 9.82 8.78
C ASN C 353 55.73 8.75 8.14
N ILE C 354 54.79 9.20 7.31
CA ILE C 354 53.93 8.29 6.57
C ILE C 354 54.63 7.84 5.29
N MET C 355 54.70 6.53 5.08
CA MET C 355 55.45 5.98 3.97
C MET C 355 54.56 5.25 2.97
N GLU C 356 54.93 5.34 1.69
CA GLU C 356 54.28 4.56 0.64
C GLU C 356 55.33 3.83 -0.18
N LEU C 357 55.00 2.62 -0.62
CA LEU C 357 55.95 1.82 -1.39
C LEU C 357 55.71 1.96 -2.89
N LYS C 358 56.63 2.63 -3.57
CA LYS C 358 56.53 2.81 -5.02
C LYS C 358 57.44 1.83 -5.75
N THR C 359 57.59 2.03 -7.05
CA THR C 359 58.42 1.15 -7.88
C THR C 359 59.90 1.29 -7.55
N ASN C 360 60.33 2.53 -7.34
CA ASN C 360 61.73 2.80 -7.02
C ASN C 360 62.07 2.52 -5.56
N GLY C 361 61.06 2.19 -4.77
CA GLY C 361 61.24 1.90 -3.36
C GLY C 361 60.40 2.77 -2.47
N PRO C 362 60.53 2.61 -1.15
CA PRO C 362 59.79 3.39 -0.15
C PRO C 362 59.99 4.89 -0.37
N ARG C 363 58.99 5.68 0.01
CA ARG C 363 59.04 7.13 -0.17
C ARG C 363 58.11 7.85 0.80
N LYS C 364 58.65 8.81 1.53
CA LYS C 364 57.87 9.57 2.49
C LYS C 364 56.91 10.52 1.78
N ILE C 365 55.63 10.38 2.08
CA ILE C 365 54.60 11.22 1.45
C ILE C 365 54.09 12.28 2.43
N GLY C 366 54.61 12.24 3.65
CA GLY C 366 54.21 13.20 4.67
C GLY C 366 54.55 12.72 6.06
N TYR C 367 54.08 13.45 7.07
CA TYR C 367 54.33 13.08 8.46
C TYR C 367 53.07 13.24 9.31
N TRP C 368 53.16 12.82 10.56
CA TRP C 368 52.02 12.92 11.47
C TRP C 368 52.46 13.52 12.81
N SER C 369 51.86 14.65 13.16
CA SER C 369 52.13 15.30 14.43
C SER C 369 50.94 15.14 15.37
N GLU C 370 51.22 14.99 16.66
CA GLU C 370 50.15 14.83 17.64
C GLU C 370 49.27 16.06 17.72
N VAL C 371 49.75 17.16 17.13
CA VAL C 371 49.03 18.44 17.19
C VAL C 371 48.56 18.91 15.83
N ASP C 372 49.17 18.37 14.78
CA ASP C 372 48.86 18.80 13.41
C ASP C 372 48.25 17.66 12.59
N LYS C 373 48.05 16.51 13.22
CA LYS C 373 47.56 15.34 12.52
C LYS C 373 48.46 15.02 11.32
N MET C 374 47.86 14.61 10.21
CA MET C 374 48.63 14.28 9.01
C MET C 374 48.89 15.51 8.15
N VAL C 375 50.13 15.63 7.68
CA VAL C 375 50.52 16.74 6.80
C VAL C 375 51.40 16.22 5.66
N LEU C 376 50.92 16.37 4.42
CA LEU C 376 51.61 15.84 3.26
C LEU C 376 52.86 16.64 2.87
N THR C 377 53.90 15.93 2.45
CA THR C 377 55.12 16.55 1.96
C THR C 377 55.16 16.51 0.43
N LEU C 378 55.04 17.69 -0.18
CA LEU C 378 54.85 17.79 -1.63
C LEU C 378 56.11 17.52 -2.45
N LYS C 393 48.11 7.73 -24.33
CA LYS C 393 47.35 6.49 -24.19
C LYS C 393 46.52 6.19 -25.45
N THR C 394 47.11 5.48 -26.41
CA THR C 394 46.40 5.06 -27.60
C THR C 394 45.08 4.42 -27.16
N VAL C 395 43.98 5.13 -27.34
CA VAL C 395 42.71 4.80 -26.71
C VAL C 395 42.19 3.42 -27.10
N VAL C 396 41.59 2.71 -26.14
CA VAL C 396 41.03 1.40 -26.39
C VAL C 396 39.54 1.51 -26.71
N VAL C 397 39.19 1.27 -27.97
CA VAL C 397 37.80 1.37 -28.40
C VAL C 397 37.17 -0.01 -28.51
N THR C 398 36.18 -0.28 -27.66
CA THR C 398 35.47 -1.55 -27.68
C THR C 398 34.25 -1.46 -28.58
N THR C 399 33.98 -2.55 -29.30
CA THR C 399 32.83 -2.60 -30.19
C THR C 399 32.39 -4.03 -30.44
N ILE C 400 31.15 -4.22 -30.90
CA ILE C 400 30.61 -5.54 -31.16
C ILE C 400 30.52 -5.81 -32.66
N LEU C 401 30.63 -7.09 -33.03
CA LEU C 401 30.52 -7.49 -34.42
C LEU C 401 29.05 -7.59 -34.83
N GLU C 402 28.53 -6.51 -35.41
CA GLU C 402 27.14 -6.46 -35.84
C GLU C 402 27.02 -5.69 -37.15
N SER C 403 26.60 -6.38 -38.21
CA SER C 403 26.44 -5.77 -39.52
C SER C 403 25.26 -4.80 -39.53
N PRO C 404 25.41 -3.67 -40.23
CA PRO C 404 26.62 -3.29 -40.96
C PRO C 404 27.45 -2.27 -40.19
N TYR C 405 27.41 -2.33 -38.87
CA TYR C 405 28.14 -1.39 -38.02
C TYR C 405 29.63 -1.75 -37.95
N VAL C 406 29.91 -3.00 -37.61
CA VAL C 406 31.28 -3.48 -37.55
C VAL C 406 31.38 -4.89 -38.12
N MET C 407 32.05 -5.02 -39.26
CA MET C 407 32.18 -6.31 -39.92
C MET C 407 33.64 -6.61 -40.27
N MET C 408 33.94 -7.88 -40.46
CA MET C 408 35.28 -8.29 -40.86
C MET C 408 35.48 -8.04 -42.36
N LYS C 409 36.48 -7.24 -42.69
CA LYS C 409 36.79 -6.93 -44.09
C LYS C 409 37.04 -8.21 -44.88
N LYS C 410 36.88 -8.12 -46.20
CA LYS C 410 37.07 -9.28 -47.07
C LYS C 410 38.39 -10.00 -46.75
N ASN C 411 39.50 -9.36 -47.10
CA ASN C 411 40.81 -9.94 -46.83
C ASN C 411 41.34 -9.54 -45.46
N HIS C 412 40.56 -9.82 -44.43
CA HIS C 412 40.94 -9.47 -43.06
C HIS C 412 42.12 -10.29 -42.57
N GLU C 413 42.33 -11.45 -43.19
CA GLU C 413 43.43 -12.33 -42.83
C GLU C 413 44.77 -11.76 -43.29
N MET C 414 44.72 -10.92 -44.33
CA MET C 414 45.93 -10.30 -44.86
C MET C 414 46.11 -8.89 -44.31
N LEU C 415 45.28 -8.52 -43.34
CA LEU C 415 45.34 -7.21 -42.72
C LEU C 415 45.53 -7.30 -41.21
N LYS C 416 45.84 -6.18 -40.58
CA LYS C 416 46.04 -6.13 -39.14
C LYS C 416 45.59 -4.79 -38.58
N GLY C 417 45.49 -4.71 -37.26
CA GLY C 417 45.09 -3.49 -36.59
C GLY C 417 43.64 -3.12 -36.84
N ASN C 418 43.41 -1.85 -37.13
CA ASN C 418 42.06 -1.35 -37.36
C ASN C 418 41.60 -1.56 -38.79
N GLU C 419 42.56 -1.85 -39.68
CA GLU C 419 42.26 -2.05 -41.09
C GLU C 419 41.46 -3.33 -41.32
N ARG C 420 41.45 -4.20 -40.31
CA ARG C 420 40.76 -5.48 -40.39
C ARG C 420 39.25 -5.29 -40.45
N TYR C 421 38.75 -4.22 -39.84
CA TYR C 421 37.32 -4.01 -39.71
C TYR C 421 36.78 -2.91 -40.63
N GLU C 422 35.49 -2.99 -40.93
CA GLU C 422 34.82 -1.99 -41.75
C GLU C 422 33.34 -1.93 -41.38
N GLY C 423 32.76 -0.73 -41.44
CA GLY C 423 31.36 -0.57 -41.12
C GLY C 423 31.00 0.83 -40.65
N TYR C 424 29.74 1.03 -40.30
CA TYR C 424 29.24 2.33 -39.86
C TYR C 424 30.01 2.83 -38.64
N CYS C 425 30.12 1.99 -37.62
CA CYS C 425 30.80 2.37 -36.39
C CYS C 425 32.31 2.49 -36.59
N VAL C 426 32.85 1.69 -37.52
CA VAL C 426 34.27 1.76 -37.82
C VAL C 426 34.63 3.13 -38.38
N ASP C 427 33.77 3.65 -39.25
CA ASP C 427 33.95 4.99 -39.80
C ASP C 427 33.63 6.05 -38.76
N LEU C 428 32.60 5.78 -37.96
CA LEU C 428 32.20 6.72 -36.91
C LEU C 428 33.31 6.87 -35.89
N ALA C 429 34.09 5.82 -35.69
CA ALA C 429 35.20 5.85 -34.76
C ALA C 429 36.28 6.82 -35.25
N ALA C 430 36.66 6.69 -36.51
CA ALA C 430 37.67 7.55 -37.11
C ALA C 430 37.25 9.01 -37.05
N GLU C 431 35.97 9.26 -37.28
CA GLU C 431 35.43 10.61 -37.22
C GLU C 431 35.51 11.20 -35.82
N ILE C 432 35.07 10.43 -34.84
CA ILE C 432 35.13 10.86 -33.45
C ILE C 432 36.56 11.12 -33.02
N ALA C 433 37.46 10.22 -33.43
CA ALA C 433 38.87 10.34 -33.06
C ALA C 433 39.52 11.57 -33.71
N LYS C 434 39.00 11.98 -34.86
CA LYS C 434 39.54 13.12 -35.57
C LYS C 434 39.15 14.44 -34.91
N HIS C 435 37.91 14.51 -34.42
CA HIS C 435 37.41 15.71 -33.79
C HIS C 435 37.82 15.81 -32.31
N CYS C 436 38.18 14.68 -31.72
CA CYS C 436 38.63 14.65 -30.34
C CYS C 436 40.15 14.58 -30.25
N GLY C 437 40.78 14.25 -31.38
CA GLY C 437 42.24 14.20 -31.45
C GLY C 437 42.84 13.11 -30.59
N PHE C 438 42.81 11.88 -31.07
CA PHE C 438 43.43 10.77 -30.37
C PHE C 438 43.55 9.53 -31.26
N LYS C 439 44.58 8.73 -31.01
CA LYS C 439 44.75 7.46 -31.70
C LYS C 439 43.96 6.39 -30.96
N TYR C 440 43.52 5.36 -31.68
CA TYR C 440 42.71 4.32 -31.08
C TYR C 440 43.00 2.94 -31.65
N LYS C 441 42.59 1.92 -30.90
CA LYS C 441 42.75 0.53 -31.32
C LYS C 441 41.42 -0.20 -31.21
N LEU C 442 40.81 -0.50 -32.36
CA LEU C 442 39.54 -1.19 -32.39
C LEU C 442 39.65 -2.61 -31.85
N THR C 443 38.84 -2.91 -30.83
CA THR C 443 38.85 -4.23 -30.23
C THR C 443 37.43 -4.77 -30.07
N ILE C 444 37.26 -6.06 -30.38
CA ILE C 444 35.95 -6.70 -30.25
C ILE C 444 35.75 -7.22 -28.84
N VAL C 445 34.58 -6.94 -28.27
CA VAL C 445 34.26 -7.39 -26.92
C VAL C 445 34.35 -8.91 -26.80
N GLY C 446 34.86 -9.39 -25.67
CA GLY C 446 35.06 -10.81 -25.46
C GLY C 446 33.80 -11.64 -25.61
N ASP C 447 32.91 -11.54 -24.64
CA ASP C 447 31.68 -12.35 -24.63
C ASP C 447 30.75 -12.03 -25.80
N GLY C 448 31.01 -10.92 -26.47
CA GLY C 448 30.22 -10.52 -27.63
C GLY C 448 28.83 -10.06 -27.30
N LYS C 449 28.66 -9.53 -26.08
CA LYS C 449 27.37 -9.00 -25.66
C LYS C 449 27.40 -7.47 -25.64
N TYR C 450 26.23 -6.86 -25.49
CA TYR C 450 26.13 -5.42 -25.48
C TYR C 450 26.37 -4.84 -24.08
N GLY C 451 25.40 -4.98 -23.21
CA GLY C 451 25.51 -4.47 -21.85
C GLY C 451 24.33 -4.80 -20.97
N ALA C 452 24.39 -5.94 -20.30
CA ALA C 452 23.34 -6.35 -19.37
C ALA C 452 23.90 -6.51 -17.97
N ARG C 453 23.01 -6.78 -17.01
CA ARG C 453 23.44 -6.94 -15.62
C ARG C 453 22.81 -8.17 -14.97
N ASP C 454 23.61 -9.22 -14.80
CA ASP C 454 23.15 -10.44 -14.13
C ASP C 454 22.63 -10.10 -12.74
N ALA C 455 21.36 -10.42 -12.48
CA ALA C 455 20.72 -10.10 -11.22
C ALA C 455 21.49 -10.65 -10.02
N ASP C 456 21.89 -11.92 -10.11
CA ASP C 456 22.57 -12.58 -9.00
C ASP C 456 23.95 -11.99 -8.72
N THR C 457 24.88 -12.21 -9.64
CA THR C 457 26.26 -11.77 -9.46
C THR C 457 26.39 -10.25 -9.49
N LYS C 458 25.36 -9.59 -10.02
CA LYS C 458 25.36 -8.14 -10.14
C LYS C 458 26.56 -7.65 -10.96
N ILE C 459 26.95 -8.45 -11.95
CA ILE C 459 28.09 -8.14 -12.80
C ILE C 459 27.66 -7.68 -14.19
N TRP C 460 28.30 -6.64 -14.69
CA TRP C 460 28.03 -6.15 -16.04
C TRP C 460 28.81 -6.96 -17.06
N ASN C 461 28.19 -7.22 -18.21
CA ASN C 461 28.84 -7.96 -19.27
C ASN C 461 28.85 -7.18 -20.59
N GLY C 462 29.61 -7.67 -21.55
CA GLY C 462 29.71 -7.01 -22.85
C GLY C 462 30.52 -5.74 -22.80
N MET C 463 30.22 -4.82 -23.72
CA MET C 463 30.94 -3.57 -23.81
C MET C 463 30.76 -2.71 -22.56
N VAL C 464 29.50 -2.55 -22.15
CA VAL C 464 29.19 -1.79 -20.95
C VAL C 464 30.01 -2.30 -19.77
N GLY C 465 30.25 -3.60 -19.74
CA GLY C 465 31.06 -4.20 -18.70
C GLY C 465 32.51 -3.79 -18.79
N GLU C 466 33.10 -3.96 -19.98
CA GLU C 466 34.50 -3.63 -20.20
C GLU C 466 34.80 -2.16 -19.92
N LEU C 467 33.74 -1.34 -19.87
CA LEU C 467 33.89 0.07 -19.56
C LEU C 467 33.96 0.30 -18.06
N VAL C 468 33.07 -0.35 -17.33
CA VAL C 468 32.99 -0.19 -15.88
C VAL C 468 34.20 -0.79 -15.17
N TYR C 469 34.79 -1.82 -15.77
CA TYR C 469 35.90 -2.52 -15.14
C TYR C 469 37.25 -2.13 -15.72
N GLY C 470 37.27 -1.04 -16.48
CA GLY C 470 38.52 -0.46 -16.98
C GLY C 470 39.20 -1.22 -18.09
N LYS C 471 38.46 -2.09 -18.77
CA LYS C 471 39.03 -2.87 -19.86
C LYS C 471 39.17 -2.01 -21.12
N ALA C 472 38.24 -1.07 -21.30
CA ALA C 472 38.27 -0.18 -22.45
C ALA C 472 38.07 1.27 -22.05
N ASP C 473 38.42 2.20 -22.94
CA ASP C 473 38.31 3.61 -22.65
C ASP C 473 37.02 4.22 -23.21
N ILE C 474 36.47 3.57 -24.23
CA ILE C 474 35.28 4.09 -24.90
C ILE C 474 34.59 2.99 -25.70
N ALA C 475 33.28 3.14 -25.87
CA ALA C 475 32.48 2.16 -26.60
C ALA C 475 31.78 2.78 -27.79
N ILE C 476 32.24 2.44 -28.99
CA ILE C 476 31.62 2.93 -30.22
C ILE C 476 30.91 1.79 -30.95
N ALA C 477 29.62 1.66 -30.70
CA ALA C 477 28.82 0.58 -31.26
C ALA C 477 27.34 0.94 -31.15
N PRO C 478 26.47 0.09 -31.73
CA PRO C 478 25.02 0.33 -31.61
C PRO C 478 24.53 0.07 -30.19
N LEU C 479 25.10 0.77 -29.22
CA LEU C 479 24.72 0.58 -27.83
C LEU C 479 23.50 1.44 -27.47
N THR C 480 22.41 0.78 -27.11
CA THR C 480 21.17 1.48 -26.77
C THR C 480 21.35 2.31 -25.49
N ILE C 481 20.79 3.52 -25.51
CA ILE C 481 20.85 4.39 -24.34
C ILE C 481 19.71 4.07 -23.38
N THR C 482 20.00 3.26 -22.37
CA THR C 482 18.99 2.85 -21.40
C THR C 482 19.28 3.45 -20.03
N LEU C 483 18.22 3.59 -19.22
CA LEU C 483 18.35 4.15 -17.88
C LEU C 483 19.29 3.31 -17.01
N VAL C 484 19.16 1.99 -17.12
CA VAL C 484 19.97 1.07 -16.32
C VAL C 484 21.47 1.23 -16.59
N ARG C 485 21.80 1.71 -17.79
CA ARG C 485 23.19 1.89 -18.19
C ARG C 485 23.67 3.30 -17.91
N GLU C 486 22.79 4.27 -18.09
CA GLU C 486 23.12 5.67 -17.87
C GLU C 486 23.55 5.91 -16.43
N GLU C 487 23.20 4.97 -15.55
CA GLU C 487 23.54 5.08 -14.13
C GLU C 487 24.98 4.71 -13.86
N VAL C 488 25.52 3.79 -14.65
CA VAL C 488 26.88 3.30 -14.44
C VAL C 488 27.89 3.94 -15.38
N ILE C 489 27.44 4.27 -16.60
CA ILE C 489 28.33 4.89 -17.58
C ILE C 489 27.72 6.17 -18.14
N ASP C 490 28.44 6.82 -19.05
CA ASP C 490 27.97 8.05 -19.67
C ASP C 490 27.66 7.86 -21.15
N PHE C 491 26.49 8.31 -21.57
CA PHE C 491 26.09 8.22 -22.96
C PHE C 491 26.09 9.59 -23.63
N SER C 492 26.80 9.70 -24.74
CA SER C 492 26.75 10.91 -25.55
C SER C 492 25.37 11.00 -26.20
N LYS C 493 25.06 12.16 -26.78
CA LYS C 493 23.79 12.32 -27.47
C LYS C 493 23.67 11.26 -28.56
N PRO C 494 22.43 10.86 -28.89
CA PRO C 494 22.20 9.80 -29.87
C PRO C 494 22.78 10.12 -31.23
N PHE C 495 23.53 9.19 -31.80
CA PHE C 495 24.08 9.36 -33.14
C PHE C 495 23.20 8.66 -34.17
N MET C 496 22.09 8.10 -33.70
CA MET C 496 21.16 7.39 -34.58
C MET C 496 19.88 7.02 -33.84
N SER C 497 18.79 7.72 -34.16
CA SER C 497 17.50 7.44 -33.53
C SER C 497 16.79 6.29 -34.24
N LEU C 498 16.20 5.39 -33.45
CA LEU C 498 15.52 4.23 -34.01
C LEU C 498 14.30 3.82 -33.18
N GLY C 499 13.84 2.60 -33.39
CA GLY C 499 12.70 2.07 -32.68
C GLY C 499 12.31 0.69 -33.16
N ILE C 500 11.14 0.22 -32.74
CA ILE C 500 10.65 -1.10 -33.15
C ILE C 500 9.78 -0.97 -34.41
N SER C 501 10.10 -1.78 -35.42
CA SER C 501 9.39 -1.71 -36.70
C SER C 501 8.74 -3.03 -37.07
N ILE C 502 8.02 -3.03 -38.19
CA ILE C 502 7.33 -4.22 -38.67
C ILE C 502 7.93 -4.70 -39.99
N MET C 503 8.16 -6.00 -40.11
CA MET C 503 8.70 -6.58 -41.33
C MET C 503 7.75 -7.59 -41.95
N ILE C 504 7.39 -7.34 -43.21
CA ILE C 504 6.52 -8.23 -43.95
C ILE C 504 7.17 -8.63 -45.26
N LYS C 505 6.61 -9.63 -45.92
CA LYS C 505 7.15 -10.12 -47.19
C LYS C 505 6.74 -9.20 -48.34
N PRO C 512 -1.37 -14.37 -61.36
CA PRO C 512 -2.17 -14.84 -62.50
C PRO C 512 -3.13 -15.95 -62.09
N GLY C 513 -2.83 -17.17 -62.52
CA GLY C 513 -3.64 -18.33 -62.20
C GLY C 513 -5.00 -18.28 -62.85
N VAL C 514 -5.15 -19.01 -63.96
CA VAL C 514 -6.42 -19.09 -64.65
C VAL C 514 -7.51 -19.65 -63.74
N PHE C 515 -7.09 -20.12 -62.57
CA PHE C 515 -8.01 -20.71 -61.59
C PHE C 515 -8.81 -19.65 -60.82
N SER C 516 -8.62 -18.38 -61.18
CA SER C 516 -9.43 -17.31 -60.60
C SER C 516 -10.64 -17.06 -61.47
N PHE C 517 -10.73 -17.82 -62.56
CA PHE C 517 -11.84 -17.72 -63.50
C PHE C 517 -12.78 -18.91 -63.31
N LEU C 518 -12.21 -20.02 -62.85
CA LEU C 518 -12.98 -21.24 -62.59
C LEU C 518 -13.60 -21.20 -61.21
N ASP C 519 -13.19 -20.22 -60.40
CA ASP C 519 -13.70 -20.09 -59.04
C ASP C 519 -15.06 -19.43 -58.98
N PRO C 520 -15.20 -18.25 -59.62
CA PRO C 520 -16.49 -17.54 -59.61
C PRO C 520 -17.62 -18.49 -59.90
N LEU C 521 -17.57 -19.12 -61.07
CA LEU C 521 -18.56 -20.13 -61.37
C LEU C 521 -17.91 -21.49 -61.11
N ALA C 522 -18.48 -22.19 -60.12
CA ALA C 522 -17.95 -23.45 -59.60
C ALA C 522 -17.84 -24.48 -60.70
N TYR C 523 -16.86 -25.36 -60.58
CA TYR C 523 -16.67 -26.43 -61.56
C TYR C 523 -17.95 -27.26 -61.69
N GLU C 524 -18.66 -27.43 -60.58
CA GLU C 524 -19.89 -28.21 -60.55
C GLU C 524 -20.97 -27.51 -61.37
N ILE C 525 -20.94 -26.18 -61.35
CA ILE C 525 -21.93 -25.38 -62.05
C ILE C 525 -21.64 -25.34 -63.56
N TRP C 526 -20.36 -25.23 -63.92
CA TRP C 526 -19.97 -25.27 -65.33
C TRP C 526 -20.40 -26.59 -65.94
N MET C 527 -20.37 -27.65 -65.14
CA MET C 527 -20.76 -28.98 -65.60
C MET C 527 -22.25 -29.04 -65.90
N CYS C 528 -23.06 -28.73 -64.90
CA CYS C 528 -24.51 -28.80 -65.04
C CYS C 528 -25.04 -27.89 -66.15
N ILE C 529 -24.42 -26.73 -66.29
CA ILE C 529 -24.82 -25.79 -67.34
C ILE C 529 -24.52 -26.38 -68.73
N VAL C 530 -23.59 -27.33 -68.76
CA VAL C 530 -23.24 -28.02 -70.00
C VAL C 530 -24.15 -29.23 -70.21
N PHE C 531 -24.50 -29.90 -69.12
CA PHE C 531 -25.42 -31.03 -69.18
C PHE C 531 -26.81 -30.56 -69.62
N ALA C 532 -27.27 -29.45 -69.05
CA ALA C 532 -28.54 -28.85 -69.44
C ALA C 532 -28.43 -28.26 -70.83
N TYR C 533 -27.21 -27.89 -71.21
CA TYR C 533 -26.94 -27.36 -72.54
C TYR C 533 -27.29 -28.38 -73.61
N ILE C 534 -26.71 -29.58 -73.49
CA ILE C 534 -27.01 -30.67 -74.41
C ILE C 534 -28.39 -31.24 -74.08
N GLY C 535 -28.88 -30.95 -72.88
CA GLY C 535 -30.19 -31.41 -72.46
C GLY C 535 -31.30 -30.65 -73.17
N VAL C 536 -30.96 -29.48 -73.71
CA VAL C 536 -31.92 -28.67 -74.45
C VAL C 536 -31.76 -28.91 -75.95
N SER C 537 -30.52 -29.10 -76.40
CA SER C 537 -30.25 -29.36 -77.80
C SER C 537 -30.76 -30.74 -78.21
N VAL C 538 -31.06 -31.57 -77.22
CA VAL C 538 -31.62 -32.90 -77.48
C VAL C 538 -33.14 -32.86 -77.45
N VAL C 539 -33.69 -31.98 -76.61
CA VAL C 539 -35.13 -31.78 -76.55
C VAL C 539 -35.62 -31.10 -77.82
N LEU C 540 -34.88 -30.10 -78.27
CA LEU C 540 -35.18 -29.42 -79.53
C LEU C 540 -35.00 -30.39 -80.70
N PHE C 541 -34.03 -31.29 -80.56
CA PHE C 541 -33.75 -32.28 -81.60
C PHE C 541 -34.94 -33.21 -81.83
N LEU C 542 -35.76 -33.38 -80.79
CA LEU C 542 -36.92 -34.26 -80.88
C LEU C 542 -38.13 -33.51 -81.46
N VAL C 543 -38.00 -32.19 -81.58
CA VAL C 543 -39.08 -31.36 -82.11
C VAL C 543 -39.16 -31.47 -83.64
N SER C 544 -38.03 -31.29 -84.30
CA SER C 544 -37.98 -31.36 -85.76
C SER C 544 -38.32 -32.76 -86.26
N THR C 568 -32.13 -41.15 -93.33
CA THR C 568 -32.84 -40.74 -92.12
C THR C 568 -31.88 -40.54 -90.96
N ASN C 569 -30.80 -41.31 -90.95
CA ASN C 569 -29.80 -41.21 -89.89
C ASN C 569 -28.98 -39.93 -90.00
N GLU C 570 -28.67 -39.53 -91.23
CA GLU C 570 -27.91 -38.31 -91.48
C GLU C 570 -28.78 -37.09 -91.25
N PHE C 571 -30.07 -37.23 -91.54
CA PHE C 571 -31.04 -36.14 -91.32
C PHE C 571 -31.10 -35.77 -89.85
N GLY C 572 -30.78 -36.73 -88.98
CA GLY C 572 -30.74 -36.50 -87.55
C GLY C 572 -29.43 -35.87 -87.12
N ILE C 573 -28.39 -36.08 -87.92
CA ILE C 573 -27.08 -35.52 -87.63
C ILE C 573 -27.04 -34.04 -88.02
N PHE C 574 -27.58 -33.72 -89.19
CA PHE C 574 -27.64 -32.35 -89.66
C PHE C 574 -28.51 -31.50 -88.74
N ASN C 575 -29.55 -32.11 -88.19
CA ASN C 575 -30.44 -31.43 -87.26
C ASN C 575 -29.80 -31.26 -85.89
N SER C 576 -29.11 -32.31 -85.43
CA SER C 576 -28.43 -32.27 -84.14
C SER C 576 -27.33 -31.23 -84.15
N LEU C 577 -26.82 -30.94 -85.34
CA LEU C 577 -25.79 -29.91 -85.50
C LEU C 577 -26.42 -28.53 -85.61
N TRP C 578 -27.69 -28.51 -86.02
CA TRP C 578 -28.44 -27.26 -86.12
C TRP C 578 -28.96 -26.84 -84.76
N PHE C 579 -29.38 -27.82 -83.96
CA PHE C 579 -29.86 -27.56 -82.61
C PHE C 579 -28.67 -27.25 -81.69
N SER C 580 -27.50 -27.72 -82.08
CA SER C 580 -26.26 -27.43 -81.36
C SER C 580 -25.81 -26.01 -81.69
N LEU C 581 -26.27 -25.51 -82.83
CA LEU C 581 -26.00 -24.13 -83.24
C LEU C 581 -27.04 -23.22 -82.60
N GLY C 582 -28.24 -23.77 -82.40
CA GLY C 582 -29.27 -23.07 -81.65
C GLY C 582 -28.92 -23.16 -80.17
N ALA C 583 -27.96 -24.02 -79.86
CA ALA C 583 -27.45 -24.16 -78.50
C ALA C 583 -26.34 -23.16 -78.27
N PHE C 584 -25.26 -23.27 -79.04
CA PHE C 584 -24.22 -22.25 -79.09
C PHE C 584 -24.96 -20.91 -79.13
N MET C 585 -24.95 -20.20 -78.00
CA MET C 585 -25.97 -19.20 -77.70
C MET C 585 -25.98 -17.92 -78.53
N GLN C 586 -27.12 -17.24 -78.48
CA GLN C 586 -27.30 -15.90 -79.04
C GLN C 586 -28.25 -15.12 -78.14
N PRO C 593 -40.44 -20.93 -86.70
CA PRO C 593 -41.35 -19.82 -86.38
C PRO C 593 -41.95 -19.96 -84.99
N ARG C 594 -43.27 -19.78 -84.89
CA ARG C 594 -43.95 -19.82 -83.59
C ARG C 594 -44.39 -21.24 -83.21
N SER C 595 -43.43 -22.14 -83.09
CA SER C 595 -43.71 -23.48 -82.60
C SER C 595 -43.74 -23.46 -81.07
N LEU C 596 -44.92 -23.16 -80.53
CA LEU C 596 -45.10 -22.96 -79.09
C LEU C 596 -44.30 -23.94 -78.23
N SER C 597 -44.27 -25.20 -78.64
CA SER C 597 -43.53 -26.23 -77.91
C SER C 597 -42.09 -25.80 -77.64
N GLY C 598 -41.26 -25.86 -78.66
CA GLY C 598 -39.86 -25.48 -78.54
C GLY C 598 -39.67 -23.99 -78.34
N ARG C 599 -40.76 -23.23 -78.47
CA ARG C 599 -40.71 -21.78 -78.30
C ARG C 599 -40.43 -21.40 -76.85
N ILE C 600 -41.21 -21.96 -75.93
CA ILE C 600 -41.02 -21.68 -74.50
C ILE C 600 -39.71 -22.25 -74.01
N VAL C 601 -39.19 -23.26 -74.71
CA VAL C 601 -37.90 -23.84 -74.39
C VAL C 601 -36.78 -22.81 -74.60
N GLY C 602 -36.84 -22.11 -75.73
CA GLY C 602 -35.87 -21.08 -76.03
C GLY C 602 -35.97 -19.91 -75.08
N GLY C 603 -37.20 -19.62 -74.64
CA GLY C 603 -37.44 -18.53 -73.71
C GLY C 603 -36.96 -18.85 -72.31
N VAL C 604 -37.31 -20.04 -71.82
CA VAL C 604 -36.90 -20.47 -70.49
C VAL C 604 -35.38 -20.66 -70.43
N TRP C 605 -34.80 -21.21 -71.48
CA TRP C 605 -33.36 -21.39 -71.55
C TRP C 605 -32.65 -20.04 -71.55
N TRP C 606 -33.28 -19.05 -72.17
CA TRP C 606 -32.73 -17.70 -72.22
C TRP C 606 -32.78 -17.06 -70.82
N PHE C 607 -33.90 -17.25 -70.14
CA PHE C 607 -34.04 -16.73 -68.78
C PHE C 607 -33.06 -17.44 -67.85
N PHE C 608 -32.77 -18.69 -68.14
CA PHE C 608 -31.83 -19.48 -67.36
C PHE C 608 -30.42 -18.94 -67.49
N THR C 609 -29.96 -18.76 -68.72
CA THR C 609 -28.62 -18.25 -68.98
C THR C 609 -28.49 -16.80 -68.52
N LEU C 610 -29.59 -16.06 -68.57
CA LEU C 610 -29.61 -14.67 -68.11
C LEU C 610 -29.23 -14.60 -66.64
N ILE C 611 -29.85 -15.45 -65.83
CA ILE C 611 -29.58 -15.49 -64.40
C ILE C 611 -28.12 -15.88 -64.13
N ILE C 612 -27.64 -16.89 -64.83
CA ILE C 612 -26.27 -17.37 -64.64
C ILE C 612 -25.24 -16.30 -64.96
N ILE C 613 -25.33 -15.70 -66.14
CA ILE C 613 -24.38 -14.66 -66.54
C ILE C 613 -24.46 -13.45 -65.62
N SER C 614 -25.64 -13.21 -65.07
CA SER C 614 -25.83 -12.13 -64.10
C SER C 614 -25.14 -12.50 -62.78
N SER C 615 -25.27 -13.76 -62.39
CA SER C 615 -24.62 -14.24 -61.18
C SER C 615 -23.11 -14.18 -61.33
N TYR C 616 -22.60 -14.65 -62.46
CA TYR C 616 -21.17 -14.61 -62.73
C TYR C 616 -20.63 -13.18 -62.64
N THR C 617 -21.35 -12.25 -63.26
CA THR C 617 -20.94 -10.85 -63.26
C THR C 617 -20.93 -10.27 -61.85
N ALA C 618 -22.03 -10.48 -61.12
CA ALA C 618 -22.15 -9.97 -59.76
C ALA C 618 -21.06 -10.54 -58.85
N ASN C 619 -20.89 -11.87 -58.90
CA ASN C 619 -19.90 -12.55 -58.08
C ASN C 619 -18.48 -12.08 -58.40
N LEU C 620 -18.19 -11.90 -59.68
CA LEU C 620 -16.88 -11.46 -60.12
C LEU C 620 -16.58 -10.05 -59.61
N ALA C 621 -17.62 -9.27 -59.40
CA ALA C 621 -17.47 -7.91 -58.91
C ALA C 621 -17.06 -7.94 -57.44
N ALA C 622 -17.57 -8.96 -56.75
CA ALA C 622 -17.34 -9.15 -55.33
C ALA C 622 -15.91 -9.63 -55.05
N PHE C 623 -15.36 -10.42 -55.97
CA PHE C 623 -14.01 -10.94 -55.81
C PHE C 623 -12.98 -9.83 -55.96
N LEU C 624 -13.35 -8.76 -56.64
CA LEU C 624 -12.45 -7.61 -56.82
C LEU C 624 -12.68 -6.57 -55.73
N THR C 625 -13.91 -6.48 -55.25
CA THR C 625 -14.25 -5.57 -54.17
C THR C 625 -13.58 -6.02 -52.87
N VAL C 626 -13.69 -7.31 -52.58
CA VAL C 626 -13.06 -7.87 -51.40
C VAL C 626 -11.53 -7.86 -51.55
N GLU C 627 -11.06 -8.01 -52.78
CA GLU C 627 -9.63 -8.01 -53.04
C GLU C 627 -9.06 -6.67 -52.66
N ARG C 628 -9.89 -5.64 -52.70
CA ARG C 628 -9.44 -4.32 -52.30
C ARG C 628 -9.65 -4.10 -50.82
N PRO C 632 -3.23 -3.58 -46.95
CA PRO C 632 -1.86 -3.94 -46.62
C PRO C 632 -1.51 -3.56 -45.19
N ILE C 633 -0.66 -4.34 -44.53
CA ILE C 633 -0.24 -4.04 -43.18
C ILE C 633 0.50 -2.72 -43.13
N GLU C 634 -0.21 -1.66 -42.74
CA GLU C 634 0.36 -0.32 -42.71
C GLU C 634 0.97 0.02 -41.36
N SER C 635 0.14 0.00 -40.33
CA SER C 635 0.58 0.37 -39.00
C SER C 635 0.53 -0.82 -38.06
N ALA C 636 0.88 -0.59 -36.80
CA ALA C 636 0.84 -1.64 -35.79
C ALA C 636 -0.60 -1.96 -35.39
N GLU C 637 -1.45 -0.94 -35.43
CA GLU C 637 -2.86 -1.11 -35.10
C GLU C 637 -3.53 -2.07 -36.07
N ASP C 638 -2.96 -2.19 -37.26
CA ASP C 638 -3.49 -3.09 -38.28
C ASP C 638 -3.22 -4.55 -37.94
N LEU C 639 -2.15 -4.80 -37.18
CA LEU C 639 -1.80 -6.15 -36.77
C LEU C 639 -2.73 -6.64 -35.65
N SER C 640 -3.25 -5.70 -34.87
CA SER C 640 -4.12 -6.04 -33.75
C SER C 640 -5.57 -6.20 -34.20
N LYS C 641 -5.97 -5.45 -35.22
CA LYS C 641 -7.34 -5.46 -35.71
C LYS C 641 -7.65 -6.71 -36.52
N GLN C 642 -6.61 -7.45 -36.91
CA GLN C 642 -6.78 -8.66 -37.70
C GLN C 642 -6.05 -9.84 -37.08
N THR C 643 -6.31 -11.03 -37.60
CA THR C 643 -5.71 -12.26 -37.06
C THR C 643 -5.20 -13.18 -38.16
N GLU C 644 -5.65 -12.93 -39.40
CA GLU C 644 -5.24 -13.74 -40.53
C GLU C 644 -3.72 -13.83 -40.64
N ILE C 645 -3.05 -12.69 -40.45
CA ILE C 645 -1.60 -12.63 -40.52
C ILE C 645 -0.97 -12.69 -39.13
N ALA C 646 -0.34 -13.82 -38.82
CA ALA C 646 0.33 -13.99 -37.54
C ALA C 646 1.54 -13.07 -37.43
N TYR C 647 2.00 -12.85 -36.22
CA TYR C 647 3.17 -12.00 -35.98
C TYR C 647 3.77 -12.25 -34.60
N GLY C 648 5.08 -12.02 -34.49
CA GLY C 648 5.77 -12.23 -33.23
C GLY C 648 7.09 -11.48 -33.16
N THR C 649 7.80 -11.66 -32.06
CA THR C 649 9.10 -11.02 -31.86
C THR C 649 10.15 -12.04 -31.45
N LEU C 650 11.33 -11.56 -31.08
CA LEU C 650 12.39 -12.43 -30.61
C LEU C 650 12.02 -12.98 -29.23
N ASP C 651 12.30 -14.26 -29.00
CA ASP C 651 11.91 -14.91 -27.74
C ASP C 651 12.55 -14.26 -26.52
N SER C 652 13.64 -13.52 -26.73
CA SER C 652 14.33 -12.85 -25.65
C SER C 652 14.98 -11.55 -26.13
N GLY C 653 14.71 -10.46 -25.42
CA GLY C 653 15.25 -9.16 -25.78
C GLY C 653 14.34 -8.02 -25.38
N SER C 654 14.83 -6.80 -25.55
CA SER C 654 14.06 -5.61 -25.20
C SER C 654 12.79 -5.51 -26.04
N THR C 655 12.85 -6.05 -27.25
CA THR C 655 11.70 -6.03 -28.15
C THR C 655 10.51 -6.77 -27.55
N LYS C 656 10.75 -7.99 -27.10
CA LYS C 656 9.70 -8.80 -26.49
C LYS C 656 9.26 -8.22 -25.15
N GLU C 657 10.24 -7.84 -24.33
CA GLU C 657 9.96 -7.27 -23.01
C GLU C 657 9.21 -5.95 -23.12
N PHE C 658 9.30 -5.31 -24.28
CA PHE C 658 8.61 -4.05 -24.52
C PHE C 658 7.10 -4.23 -24.48
N PHE C 659 6.60 -5.15 -25.29
CA PHE C 659 5.17 -5.42 -25.36
C PHE C 659 4.63 -5.94 -24.02
N ARG C 660 5.42 -6.78 -23.37
CA ARG C 660 5.02 -7.35 -22.08
C ARG C 660 4.76 -6.27 -21.04
N ARG C 661 5.62 -5.27 -21.00
CA ARG C 661 5.53 -4.20 -20.00
C ARG C 661 4.73 -2.99 -20.49
N SER C 662 4.49 -2.94 -21.80
CA SER C 662 3.78 -1.80 -22.39
C SER C 662 2.34 -1.72 -21.91
N LYS C 663 1.94 -0.54 -21.46
CA LYS C 663 0.58 -0.31 -20.98
C LYS C 663 -0.24 0.45 -22.01
N ILE C 664 0.30 0.57 -23.21
CA ILE C 664 -0.39 1.26 -24.30
C ILE C 664 -1.49 0.39 -24.90
N ALA C 665 -2.58 1.02 -25.29
CA ALA C 665 -3.75 0.30 -25.80
C ALA C 665 -3.40 -0.75 -26.86
N VAL C 666 -2.93 -0.29 -28.02
CA VAL C 666 -2.63 -1.18 -29.13
C VAL C 666 -1.63 -2.28 -28.77
N PHE C 667 -0.48 -1.88 -28.26
CA PHE C 667 0.60 -2.81 -27.94
C PHE C 667 0.16 -3.84 -26.89
N ASP C 668 -0.81 -3.47 -26.07
CA ASP C 668 -1.33 -4.37 -25.05
C ASP C 668 -1.97 -5.59 -25.70
N LYS C 669 -2.95 -5.34 -26.56
CA LYS C 669 -3.65 -6.41 -27.27
C LYS C 669 -2.67 -7.30 -28.04
N MET C 670 -1.69 -6.67 -28.69
CA MET C 670 -0.69 -7.40 -29.45
C MET C 670 0.02 -8.43 -28.58
N TRP C 671 0.45 -7.99 -27.40
CA TRP C 671 1.15 -8.87 -26.47
C TRP C 671 0.24 -10.00 -26.01
N THR C 672 -1.01 -9.66 -25.70
CA THR C 672 -1.99 -10.66 -25.28
C THR C 672 -2.09 -11.80 -26.29
N TYR C 673 -2.07 -11.43 -27.57
CA TYR C 673 -2.13 -12.40 -28.65
C TYR C 673 -0.86 -13.25 -28.71
N MET C 674 0.29 -12.59 -28.78
CA MET C 674 1.58 -13.28 -28.88
C MET C 674 1.87 -14.13 -27.66
N ARG C 675 1.33 -13.74 -26.51
CA ARG C 675 1.60 -14.43 -25.26
C ARG C 675 1.01 -15.84 -25.24
N SER C 676 -0.06 -16.05 -25.98
CA SER C 676 -0.75 -17.34 -25.98
C SER C 676 -0.95 -17.88 -27.40
N ALA C 677 -0.28 -17.27 -28.36
CA ALA C 677 -0.42 -17.69 -29.76
C ALA C 677 0.26 -19.04 -30.00
N GLU C 678 -0.46 -19.94 -30.67
CA GLU C 678 0.07 -21.26 -30.98
C GLU C 678 -0.05 -21.55 -32.48
N PRO C 679 1.03 -22.08 -33.09
CA PRO C 679 2.32 -22.36 -32.44
C PRO C 679 3.06 -21.10 -32.01
N SER C 680 4.22 -21.28 -31.41
CA SER C 680 5.03 -20.15 -30.93
C SER C 680 5.30 -19.15 -32.04
N VAL C 681 4.92 -17.89 -31.80
CA VAL C 681 5.16 -16.82 -32.76
C VAL C 681 6.54 -16.19 -32.55
N PHE C 682 7.23 -16.65 -31.51
CA PHE C 682 8.55 -16.14 -31.19
C PHE C 682 9.64 -17.01 -31.83
N VAL C 683 10.71 -16.37 -32.28
CA VAL C 683 11.81 -17.09 -32.91
C VAL C 683 13.06 -17.09 -32.04
N ARG C 684 13.99 -17.99 -32.34
CA ARG C 684 15.22 -18.12 -31.55
C ARG C 684 16.19 -16.97 -31.87
N THR C 685 16.47 -16.77 -33.15
CA THR C 685 17.37 -15.71 -33.58
C THR C 685 16.69 -14.79 -34.59
N THR C 686 17.36 -13.70 -34.95
CA THR C 686 16.83 -12.76 -35.91
C THR C 686 16.76 -13.36 -37.31
N ALA C 687 17.72 -14.23 -37.62
CA ALA C 687 17.75 -14.91 -38.91
C ALA C 687 16.53 -15.81 -39.08
N GLU C 688 16.15 -16.48 -38.00
CA GLU C 688 14.99 -17.38 -38.02
C GLU C 688 13.71 -16.58 -38.28
N GLY C 689 13.61 -15.41 -37.67
CA GLY C 689 12.46 -14.54 -37.85
C GLY C 689 12.29 -14.10 -39.29
N VAL C 690 13.38 -13.66 -39.89
CA VAL C 690 13.37 -13.23 -41.29
C VAL C 690 13.00 -14.39 -42.21
N ALA C 691 13.55 -15.57 -41.91
CA ALA C 691 13.26 -16.76 -42.70
C ALA C 691 11.78 -17.13 -42.62
N ARG C 692 11.19 -16.90 -41.45
CA ARG C 692 9.77 -17.21 -41.24
C ARG C 692 8.89 -16.29 -42.07
N VAL C 693 9.35 -15.05 -42.26
CA VAL C 693 8.59 -14.07 -43.03
C VAL C 693 8.73 -14.35 -44.53
N ARG C 694 9.87 -14.92 -44.92
CA ARG C 694 10.15 -15.19 -46.32
C ARG C 694 9.55 -16.52 -46.79
N LYS C 695 9.09 -17.33 -45.83
CA LYS C 695 8.58 -18.65 -46.15
C LYS C 695 7.11 -18.83 -45.77
N SER C 696 6.48 -17.74 -45.34
CA SER C 696 5.07 -17.80 -44.95
C SER C 696 4.15 -17.16 -45.98
N LYS C 697 4.74 -16.72 -47.10
CA LYS C 697 3.97 -16.11 -48.18
C LYS C 697 3.17 -14.91 -47.71
N GLY C 698 3.70 -14.18 -46.73
CA GLY C 698 3.05 -13.00 -46.21
C GLY C 698 2.03 -13.29 -45.13
N LYS C 699 2.14 -14.46 -44.51
CA LYS C 699 1.23 -14.86 -43.45
C LYS C 699 1.82 -14.61 -42.07
N TYR C 700 3.10 -14.27 -42.03
CA TYR C 700 3.79 -14.01 -40.77
C TYR C 700 4.60 -12.72 -40.82
N ALA C 701 4.39 -11.86 -39.83
CA ALA C 701 5.14 -10.62 -39.71
C ALA C 701 6.11 -10.70 -38.53
N TYR C 702 7.27 -10.06 -38.68
CA TYR C 702 8.28 -10.09 -37.62
C TYR C 702 8.60 -8.68 -37.12
N LEU C 703 8.58 -8.52 -35.80
CA LEU C 703 8.86 -7.23 -35.19
C LEU C 703 10.29 -7.16 -34.68
N LEU C 704 11.03 -6.17 -35.15
CA LEU C 704 12.44 -6.03 -34.78
C LEU C 704 12.89 -4.57 -34.86
N GLU C 705 14.15 -4.33 -34.47
CA GLU C 705 14.71 -2.99 -34.51
C GLU C 705 14.74 -2.45 -35.94
N SER C 706 14.29 -1.21 -36.10
CA SER C 706 14.23 -0.58 -37.42
C SER C 706 15.58 -0.61 -38.13
N THR C 707 16.64 -0.35 -37.38
CA THR C 707 17.99 -0.31 -37.94
C THR C 707 18.33 -1.61 -38.68
N MET C 708 18.18 -2.73 -38.00
CA MET C 708 18.49 -4.03 -38.59
C MET C 708 17.48 -4.36 -39.71
N ASN C 709 16.25 -3.91 -39.53
CA ASN C 709 15.20 -4.15 -40.52
C ASN C 709 15.51 -3.46 -41.84
N GLU C 710 15.79 -2.16 -41.78
CA GLU C 710 16.11 -1.37 -42.96
C GLU C 710 17.26 -2.00 -43.73
N TYR C 711 18.22 -2.57 -43.01
CA TYR C 711 19.36 -3.22 -43.63
C TYR C 711 18.97 -4.49 -44.36
N ILE C 712 18.11 -5.29 -43.72
CA ILE C 712 17.63 -6.53 -44.31
C ILE C 712 16.90 -6.26 -45.63
N GLU C 713 16.15 -5.16 -45.67
CA GLU C 713 15.41 -4.78 -46.87
C GLU C 713 16.35 -4.53 -48.04
N GLN C 714 17.61 -4.23 -47.74
CA GLN C 714 18.60 -3.95 -48.78
C GLN C 714 19.51 -5.16 -49.00
N ARG C 715 18.99 -6.35 -48.75
CA ARG C 715 19.75 -7.58 -48.94
C ARG C 715 18.94 -8.57 -49.78
N LYS C 716 19.63 -9.30 -50.65
CA LYS C 716 18.97 -10.29 -51.51
C LYS C 716 18.21 -11.31 -50.67
N PRO C 717 17.12 -11.86 -51.24
CA PRO C 717 16.62 -11.57 -52.60
C PRO C 717 15.70 -10.35 -52.63
N CYS C 718 15.89 -9.43 -51.69
CA CYS C 718 15.07 -8.22 -51.64
C CYS C 718 13.59 -8.56 -51.57
N ASP C 719 13.21 -9.39 -50.59
CA ASP C 719 11.84 -9.86 -50.46
C ASP C 719 11.21 -9.43 -49.14
N THR C 720 11.83 -8.46 -48.48
CA THR C 720 11.32 -7.95 -47.21
C THR C 720 11.28 -6.42 -47.21
N MET C 721 10.30 -5.86 -46.50
CA MET C 721 10.15 -4.41 -46.43
C MET C 721 9.59 -3.96 -45.09
N LYS C 722 10.03 -2.79 -44.64
CA LYS C 722 9.53 -2.22 -43.40
C LYS C 722 8.27 -1.40 -43.69
N VAL C 723 7.28 -1.54 -42.82
CA VAL C 723 6.00 -0.84 -43.01
C VAL C 723 5.63 -0.01 -41.79
N GLY C 724 5.09 1.18 -42.04
CA GLY C 724 4.67 2.06 -40.97
C GLY C 724 5.84 2.63 -40.19
N GLY C 725 5.56 3.58 -39.30
CA GLY C 725 6.59 4.18 -38.48
C GLY C 725 6.95 3.31 -37.30
N ASN C 726 7.99 3.72 -36.57
CA ASN C 726 8.44 2.97 -35.40
C ASN C 726 7.40 2.97 -34.28
N LEU C 727 7.48 1.98 -33.40
CA LEU C 727 6.53 1.85 -32.30
C LEU C 727 6.96 2.65 -31.08
N ASP C 728 8.27 2.87 -30.98
CA ASP C 728 8.82 3.64 -29.87
C ASP C 728 10.05 4.43 -30.31
N SER C 729 10.52 5.31 -29.45
CA SER C 729 11.68 6.15 -29.76
C SER C 729 12.89 5.75 -28.94
N LYS C 730 13.89 5.17 -29.60
CA LYS C 730 15.14 4.80 -28.95
C LYS C 730 16.30 5.59 -29.57
N GLY C 731 17.52 5.11 -29.34
CA GLY C 731 18.69 5.77 -29.88
C GLY C 731 19.99 5.21 -29.36
N TYR C 732 20.96 5.02 -30.26
CA TYR C 732 22.29 4.57 -29.89
C TYR C 732 23.17 5.75 -29.54
N GLY C 733 24.24 5.50 -28.79
CA GLY C 733 25.16 6.55 -28.40
C GLY C 733 26.54 6.01 -28.06
N ILE C 734 27.53 6.91 -28.06
CA ILE C 734 28.88 6.54 -27.69
C ILE C 734 29.02 6.48 -26.18
N ALA C 735 29.42 5.31 -25.67
CA ALA C 735 29.52 5.10 -24.23
C ALA C 735 30.93 5.36 -23.71
N THR C 736 31.01 6.14 -22.64
CA THR C 736 32.29 6.46 -22.02
C THR C 736 32.20 6.33 -20.51
N PRO C 737 33.25 5.75 -19.88
CA PRO C 737 33.28 5.54 -18.44
C PRO C 737 32.88 6.79 -17.66
N LYS C 738 32.09 6.61 -16.61
CA LYS C 738 31.61 7.72 -15.80
C LYS C 738 32.77 8.59 -15.32
N GLY C 739 32.67 9.89 -15.59
CA GLY C 739 33.70 10.83 -15.18
C GLY C 739 34.99 10.67 -15.97
N SER C 740 34.85 10.48 -17.28
CA SER C 740 36.00 10.32 -18.16
C SER C 740 36.40 11.65 -18.78
N SER C 741 37.61 11.71 -19.32
CA SER C 741 38.11 12.91 -19.96
C SER C 741 37.53 13.07 -21.37
N LEU C 742 37.29 11.94 -22.03
CA LEU C 742 36.74 11.94 -23.38
C LEU C 742 35.25 12.25 -23.38
N GLY C 743 34.67 12.30 -22.18
CA GLY C 743 33.24 12.52 -22.04
C GLY C 743 32.71 13.67 -22.89
N THR C 744 32.91 14.89 -22.41
CA THR C 744 32.40 16.08 -23.09
C THR C 744 32.84 16.18 -24.55
N PRO C 745 34.14 15.96 -24.83
CA PRO C 745 34.64 16.07 -26.21
C PRO C 745 33.83 15.20 -27.18
N VAL C 746 33.71 13.91 -26.88
CA VAL C 746 32.98 12.99 -27.74
C VAL C 746 31.53 13.42 -27.92
N ASN C 747 30.91 13.84 -26.82
CA ASN C 747 29.51 14.31 -26.87
C ASN C 747 29.33 15.39 -27.93
N LEU C 748 30.15 16.43 -27.86
CA LEU C 748 30.09 17.52 -28.82
C LEU C 748 30.40 17.03 -30.22
N ALA C 749 31.35 16.09 -30.31
CA ALA C 749 31.76 15.53 -31.60
C ALA C 749 30.57 14.91 -32.32
N VAL C 750 29.76 14.16 -31.58
CA VAL C 750 28.57 13.52 -32.15
C VAL C 750 27.60 14.57 -32.68
N LEU C 751 27.38 15.61 -31.90
CA LEU C 751 26.49 16.70 -32.31
C LEU C 751 27.03 17.40 -33.55
N LYS C 752 28.34 17.58 -33.61
CA LYS C 752 28.97 18.23 -34.76
C LYS C 752 28.81 17.39 -36.01
N LEU C 753 29.01 16.08 -35.88
CA LEU C 753 28.92 15.17 -37.01
C LEU C 753 27.50 15.14 -37.59
N SER C 754 26.50 15.16 -36.71
CA SER C 754 25.11 15.11 -37.14
C SER C 754 24.69 16.38 -37.89
N GLU C 755 25.15 17.52 -37.39
CA GLU C 755 24.83 18.81 -37.99
C GLU C 755 25.50 18.98 -39.35
N GLN C 756 26.67 18.36 -39.50
CA GLN C 756 27.37 18.39 -40.77
C GLN C 756 26.79 17.34 -41.73
N GLY C 757 25.73 16.67 -41.28
CA GLY C 757 25.08 15.64 -42.07
C GLY C 757 26.00 14.45 -42.31
N LEU C 758 27.08 14.38 -41.56
CA LEU C 758 28.05 13.30 -41.71
C LEU C 758 27.48 11.97 -41.24
N LEU C 759 26.66 12.01 -40.18
CA LEU C 759 26.03 10.81 -39.66
C LEU C 759 25.04 10.24 -40.67
N ASP C 760 24.16 11.09 -41.19
CA ASP C 760 23.20 10.69 -42.20
C ASP C 760 23.92 10.13 -43.42
N LYS C 761 25.04 10.76 -43.77
CA LYS C 761 25.84 10.33 -44.90
C LYS C 761 26.37 8.92 -44.69
N LEU C 762 26.92 8.66 -43.51
CA LEU C 762 27.47 7.35 -43.19
C LEU C 762 26.40 6.25 -43.30
N LYS C 763 25.22 6.52 -42.76
CA LYS C 763 24.13 5.56 -42.81
C LYS C 763 23.77 5.23 -44.25
N ASN C 764 23.60 6.27 -45.06
CA ASN C 764 23.31 6.09 -46.49
C ASN C 764 24.38 5.26 -47.18
N LYS C 765 25.62 5.38 -46.70
CA LYS C 765 26.75 4.68 -47.31
C LYS C 765 26.67 3.18 -47.08
N TRP C 766 26.24 2.77 -45.88
CA TRP C 766 26.26 1.36 -45.51
C TRP C 766 24.90 0.68 -45.65
N TRP C 767 23.84 1.47 -45.65
CA TRP C 767 22.49 0.93 -45.75
C TRP C 767 21.98 0.87 -47.19
N TYR C 768 21.99 2.01 -47.87
CA TYR C 768 21.39 2.10 -49.20
C TYR C 768 22.43 2.07 -50.32
N ASP C 769 23.46 2.90 -50.22
CA ASP C 769 24.51 2.96 -51.23
C ASP C 769 25.21 1.61 -51.38
N LYS C 770 25.66 1.06 -50.26
CA LYS C 770 26.34 -0.23 -50.26
C LYS C 770 25.34 -1.37 -50.38
N GLY C 771 24.06 -1.01 -50.37
CA GLY C 771 22.98 -2.00 -50.43
C GLY C 771 22.93 -2.73 -51.76
N GLU C 772 22.20 -3.84 -51.78
CA GLU C 772 22.08 -4.67 -52.97
C GLU C 772 20.68 -4.56 -53.58
N CYS C 773 19.84 -3.73 -52.96
CA CYS C 773 18.44 -3.66 -53.37
C CYS C 773 17.95 -2.22 -53.58
N SER C 790 -3.76 -11.77 -66.96
CA SER C 790 -3.72 -13.20 -66.67
C SER C 790 -5.07 -13.90 -66.86
N ASN C 791 -6.04 -13.52 -66.05
CA ASN C 791 -7.37 -14.13 -66.11
C ASN C 791 -7.99 -14.03 -67.51
N VAL C 792 -7.95 -12.83 -68.08
CA VAL C 792 -8.52 -12.59 -69.40
C VAL C 792 -7.82 -13.44 -70.46
N ALA C 793 -6.55 -13.73 -70.24
CA ALA C 793 -5.77 -14.51 -71.19
C ALA C 793 -6.33 -15.92 -71.37
N GLY C 794 -6.73 -16.54 -70.26
CA GLY C 794 -7.29 -17.87 -70.30
C GLY C 794 -8.48 -17.99 -71.22
N VAL C 795 -9.21 -16.89 -71.38
CA VAL C 795 -10.38 -16.85 -72.24
C VAL C 795 -9.98 -16.64 -73.69
N PHE C 796 -8.78 -16.12 -73.90
CA PHE C 796 -8.25 -15.92 -75.25
C PHE C 796 -7.79 -17.23 -75.86
N TYR C 797 -7.18 -18.09 -75.05
CA TYR C 797 -6.69 -19.38 -75.52
C TYR C 797 -7.85 -20.31 -75.90
N ILE C 798 -8.92 -20.25 -75.13
CA ILE C 798 -10.10 -21.06 -75.40
C ILE C 798 -10.81 -20.57 -76.66
N LEU C 799 -10.58 -19.31 -77.00
CA LEU C 799 -11.15 -18.72 -78.22
C LEU C 799 -10.40 -19.23 -79.44
N VAL C 800 -9.09 -19.05 -79.46
CA VAL C 800 -8.26 -19.51 -80.56
C VAL C 800 -8.41 -21.02 -80.74
N GLY C 801 -8.60 -21.72 -79.63
CA GLY C 801 -8.83 -23.16 -79.67
C GLY C 801 -10.13 -23.49 -80.39
N GLY C 802 -11.14 -22.65 -80.17
CA GLY C 802 -12.42 -22.81 -80.84
C GLY C 802 -12.31 -22.49 -82.32
N LEU C 803 -11.52 -21.47 -82.64
CA LEU C 803 -11.28 -21.10 -84.03
C LEU C 803 -10.57 -22.22 -84.77
N GLY C 804 -9.58 -22.81 -84.11
CA GLY C 804 -8.83 -23.92 -84.69
C GLY C 804 -9.71 -25.13 -84.90
N LEU C 805 -10.59 -25.40 -83.94
CA LEU C 805 -11.53 -26.51 -84.05
C LEU C 805 -12.45 -26.31 -85.25
N ALA C 806 -12.84 -25.07 -85.48
CA ALA C 806 -13.70 -24.74 -86.61
C ALA C 806 -12.95 -24.85 -87.93
N MET C 807 -11.70 -24.39 -87.93
CA MET C 807 -10.85 -24.49 -89.12
C MET C 807 -10.63 -25.95 -89.48
N LEU C 808 -10.80 -26.83 -88.50
CA LEU C 808 -10.65 -28.27 -88.71
C LEU C 808 -11.96 -28.87 -89.24
N VAL C 809 -13.07 -28.42 -88.67
CA VAL C 809 -14.39 -28.88 -89.11
C VAL C 809 -14.70 -28.37 -90.51
N ALA C 810 -14.13 -27.22 -90.86
CA ALA C 810 -14.32 -26.65 -92.18
C ALA C 810 -13.66 -27.50 -93.25
N LEU C 811 -12.39 -27.83 -93.03
CA LEU C 811 -11.61 -28.62 -93.99
C LEU C 811 -12.28 -29.95 -94.31
N ILE C 812 -12.75 -30.65 -93.27
CA ILE C 812 -13.37 -31.95 -93.46
C ILE C 812 -14.66 -31.86 -94.28
N GLU C 813 -15.42 -30.79 -94.07
CA GLU C 813 -16.68 -30.57 -94.79
C GLU C 813 -16.44 -30.45 -96.29
N PHE C 814 -15.43 -29.68 -96.67
CA PHE C 814 -15.09 -29.51 -98.08
C PHE C 814 -14.58 -30.81 -98.68
N CYS C 815 -13.99 -31.66 -97.84
CA CYS C 815 -13.46 -32.95 -98.28
C CYS C 815 -14.58 -33.93 -98.61
N TYR C 816 -15.57 -34.04 -97.72
CA TYR C 816 -16.70 -34.94 -97.94
C TYR C 816 -17.48 -34.53 -99.17
N LYS C 817 -17.65 -33.22 -99.37
CA LYS C 817 -18.37 -32.70 -100.52
C LYS C 817 -17.61 -32.94 -101.81
N ASN D 4 45.65 -35.05 60.71
CA ASN D 4 45.97 -34.65 59.35
C ASN D 4 45.57 -33.21 59.07
N SER D 5 46.54 -32.31 59.11
CA SER D 5 46.29 -30.89 58.88
C SER D 5 46.88 -30.42 57.56
N ILE D 6 46.01 -30.13 56.60
CA ILE D 6 46.44 -29.66 55.29
C ILE D 6 46.26 -28.15 55.16
N GLN D 7 47.38 -27.43 55.18
CA GLN D 7 47.34 -25.97 55.08
C GLN D 7 47.21 -25.51 53.62
N ILE D 8 46.24 -24.62 53.38
CA ILE D 8 46.03 -24.07 52.05
C ILE D 8 45.92 -22.55 52.10
N GLY D 9 46.16 -21.91 50.96
CA GLY D 9 46.08 -20.45 50.89
C GLY D 9 44.76 -19.98 50.33
N GLY D 10 44.34 -18.79 50.76
CA GLY D 10 43.09 -18.22 50.31
C GLY D 10 43.22 -16.75 49.95
N LEU D 11 43.21 -16.45 48.66
CA LEU D 11 43.33 -15.07 48.18
C LEU D 11 41.97 -14.51 47.78
N PHE D 12 41.33 -13.81 48.71
CA PHE D 12 40.02 -13.22 48.47
C PHE D 12 40.10 -11.71 48.30
N PRO D 13 39.67 -11.20 47.14
CA PRO D 13 39.63 -9.77 46.86
C PRO D 13 38.67 -9.05 47.82
N ARG D 14 39.10 -7.91 48.34
CA ARG D 14 38.26 -7.13 49.25
C ARG D 14 36.89 -6.86 48.62
N GLY D 15 35.84 -7.37 49.25
CA GLY D 15 34.49 -7.20 48.75
C GLY D 15 33.83 -8.52 48.41
N ALA D 16 34.62 -9.59 48.39
CA ALA D 16 34.11 -10.92 48.10
C ALA D 16 33.46 -11.54 49.34
N ASP D 17 32.39 -10.89 49.82
CA ASP D 17 31.70 -11.34 51.02
C ASP D 17 30.99 -12.67 50.81
N GLN D 18 30.08 -12.71 49.84
CA GLN D 18 29.33 -13.92 49.56
C GLN D 18 30.23 -15.06 49.11
N GLU D 19 31.30 -14.71 48.40
CA GLU D 19 32.27 -15.70 47.95
C GLU D 19 32.95 -16.37 49.14
N TYR D 20 33.36 -15.57 50.11
CA TYR D 20 34.01 -16.09 51.31
C TYR D 20 33.01 -16.84 52.18
N SER D 21 31.78 -16.31 52.27
CA SER D 21 30.72 -16.97 53.02
C SER D 21 30.47 -18.36 52.47
N ALA D 22 30.45 -18.47 51.14
CA ALA D 22 30.29 -19.75 50.48
C ALA D 22 31.51 -20.62 50.70
N PHE D 23 32.67 -19.98 50.84
CA PHE D 23 33.92 -20.68 51.09
C PHE D 23 33.90 -21.30 52.47
N ARG D 24 33.30 -20.60 53.43
CA ARG D 24 33.18 -21.08 54.80
C ARG D 24 32.21 -22.25 54.88
N VAL D 25 31.04 -22.09 54.27
CA VAL D 25 30.02 -23.13 54.27
C VAL D 25 30.58 -24.43 53.68
N GLY D 26 31.42 -24.29 52.66
CA GLY D 26 32.05 -25.45 52.04
C GLY D 26 32.99 -26.15 53.00
N MET D 27 33.72 -25.39 53.78
CA MET D 27 34.64 -25.94 54.77
C MET D 27 33.88 -26.79 55.78
N VAL D 28 32.64 -26.39 56.07
CA VAL D 28 31.82 -27.10 57.05
C VAL D 28 31.15 -28.33 56.45
N GLN D 29 30.62 -28.19 55.24
CA GLN D 29 29.90 -29.28 54.59
C GLN D 29 30.82 -30.41 54.15
N PHE D 30 32.08 -30.08 53.89
CA PHE D 30 33.03 -31.07 53.41
C PHE D 30 34.16 -31.32 54.41
N SER D 31 33.85 -31.17 55.70
CA SER D 31 34.82 -31.43 56.76
C SER D 31 34.72 -32.87 57.23
N THR D 32 35.85 -33.57 57.23
CA THR D 32 35.88 -34.98 57.64
C THR D 32 36.91 -35.20 58.74
N SER D 33 36.83 -36.36 59.39
CA SER D 33 37.75 -36.71 60.46
C SER D 33 39.09 -37.18 59.92
N GLU D 34 39.08 -37.68 58.68
CA GLU D 34 40.29 -38.17 58.05
C GLU D 34 41.34 -37.07 57.93
N PHE D 35 40.89 -35.86 57.64
CA PHE D 35 41.78 -34.71 57.51
C PHE D 35 41.01 -33.40 57.52
N ARG D 36 41.65 -32.35 58.00
CA ARG D 36 41.02 -31.02 58.05
C ARG D 36 41.83 -30.00 57.27
N LEU D 37 41.13 -29.11 56.57
CA LEU D 37 41.79 -28.08 55.78
C LEU D 37 41.95 -26.79 56.59
N THR D 38 43.17 -26.24 56.57
CA THR D 38 43.47 -25.02 57.32
C THR D 38 43.69 -23.85 56.38
N PRO D 39 42.63 -23.06 56.14
CA PRO D 39 42.68 -21.90 55.23
C PRO D 39 43.40 -20.70 55.85
N HIS D 40 44.39 -20.17 55.14
CA HIS D 40 45.06 -18.95 55.56
C HIS D 40 44.61 -17.81 54.65
N ILE D 41 43.64 -17.03 55.12
CA ILE D 41 43.01 -16.01 54.30
C ILE D 41 43.83 -14.73 54.20
N ASP D 42 43.93 -14.21 52.98
CA ASP D 42 44.63 -12.95 52.72
C ASP D 42 43.78 -12.05 51.84
N ASN D 43 43.23 -10.99 52.44
CA ASN D 43 42.41 -10.03 51.70
C ASN D 43 43.24 -8.91 51.09
N LEU D 44 43.49 -9.02 49.79
CA LEU D 44 44.27 -8.00 49.08
C LEU D 44 43.56 -7.53 47.81
N GLU D 45 43.97 -6.37 47.31
CA GLU D 45 43.44 -5.85 46.05
C GLU D 45 43.89 -6.74 44.89
N VAL D 46 43.00 -7.61 44.44
CA VAL D 46 43.33 -8.59 43.42
C VAL D 46 43.92 -7.95 42.16
N ALA D 47 43.52 -6.71 41.88
CA ALA D 47 43.99 -6.00 40.69
C ALA D 47 45.49 -5.72 40.75
N ASN D 48 45.96 -5.28 41.92
CA ASN D 48 47.37 -4.95 42.11
C ASN D 48 48.27 -6.18 41.96
N SER D 49 49.08 -6.17 40.90
CA SER D 49 49.96 -7.30 40.60
C SER D 49 51.01 -7.50 41.69
N PHE D 50 51.55 -6.39 42.20
CA PHE D 50 52.56 -6.45 43.25
C PHE D 50 52.04 -7.15 44.49
N ALA D 51 50.89 -6.68 44.99
CA ALA D 51 50.27 -7.24 46.18
C ALA D 51 50.03 -8.74 46.02
N VAL D 52 49.53 -9.13 44.85
CA VAL D 52 49.27 -10.53 44.56
C VAL D 52 50.54 -11.37 44.63
N THR D 53 51.66 -10.76 44.23
CA THR D 53 52.95 -11.45 44.27
C THR D 53 53.36 -11.74 45.72
N ASN D 54 53.17 -10.75 46.60
CA ASN D 54 53.48 -10.91 48.00
C ASN D 54 52.59 -11.95 48.67
N ALA D 55 51.29 -11.84 48.42
CA ALA D 55 50.32 -12.77 48.99
C ALA D 55 50.60 -14.21 48.58
N PHE D 56 51.18 -14.38 47.40
CA PHE D 56 51.52 -15.69 46.89
C PHE D 56 52.78 -16.23 47.56
N CYS D 57 53.81 -15.40 47.61
CA CYS D 57 55.08 -15.79 48.23
C CYS D 57 54.93 -15.95 49.74
N SER D 58 54.00 -15.20 50.32
CA SER D 58 53.72 -15.30 51.75
C SER D 58 53.08 -16.63 52.07
N GLN D 59 52.07 -17.01 51.29
CA GLN D 59 51.39 -18.29 51.47
C GLN D 59 52.32 -19.44 51.08
N PHE D 60 53.32 -19.15 50.28
CA PHE D 60 54.28 -20.16 49.84
C PHE D 60 55.33 -20.42 50.91
N SER D 61 55.74 -19.36 51.60
CA SER D 61 56.71 -19.49 52.68
C SER D 61 56.07 -20.18 53.88
N ARG D 62 54.78 -19.95 54.06
CA ARG D 62 54.02 -20.59 55.13
C ARG D 62 53.86 -22.08 54.83
N GLY D 63 54.31 -22.49 53.64
CA GLY D 63 54.28 -23.89 53.25
C GLY D 63 52.88 -24.44 53.06
N VAL D 64 52.21 -23.99 52.00
CA VAL D 64 50.88 -24.50 51.68
C VAL D 64 50.97 -25.58 50.61
N TYR D 65 49.93 -26.41 50.52
CA TYR D 65 49.90 -27.49 49.54
C TYR D 65 49.13 -27.07 48.29
N ALA D 66 48.24 -26.10 48.45
CA ALA D 66 47.45 -25.58 47.34
C ALA D 66 46.92 -24.19 47.67
N ILE D 67 46.58 -23.43 46.63
CA ILE D 67 46.09 -22.07 46.81
C ILE D 67 44.79 -21.84 46.07
N PHE D 68 43.78 -21.33 46.79
CA PHE D 68 42.53 -20.94 46.19
C PHE D 68 42.34 -19.44 46.27
N GLY D 69 42.10 -18.81 45.12
CA GLY D 69 41.92 -17.37 45.08
C GLY D 69 41.33 -16.87 43.78
N PHE D 70 41.51 -15.58 43.51
CA PHE D 70 41.00 -14.95 42.30
C PHE D 70 42.09 -14.12 41.65
N TYR D 71 41.91 -13.82 40.37
CA TYR D 71 42.83 -12.93 39.67
C TYR D 71 42.10 -12.01 38.68
N ASP D 72 42.74 -10.90 38.35
CA ASP D 72 42.17 -9.94 37.41
C ASP D 72 42.88 -10.05 36.06
N LYS D 73 42.39 -9.32 35.07
CA LYS D 73 43.00 -9.33 33.74
C LYS D 73 44.44 -8.83 33.80
N LYS D 74 44.82 -8.26 34.94
CA LYS D 74 46.15 -7.70 35.10
C LYS D 74 47.07 -8.62 35.91
N SER D 75 46.53 -9.23 36.94
CA SER D 75 47.33 -10.07 37.84
C SER D 75 47.32 -11.54 37.44
N VAL D 76 46.48 -11.89 36.47
CA VAL D 76 46.35 -13.28 36.04
C VAL D 76 47.68 -13.87 35.60
N ASN D 77 48.48 -13.08 34.89
CA ASN D 77 49.76 -13.55 34.40
C ASN D 77 50.74 -13.86 35.52
N THR D 78 50.65 -13.11 36.61
CA THR D 78 51.51 -13.35 37.77
C THR D 78 51.23 -14.72 38.37
N ILE D 79 49.96 -15.01 38.60
CA ILE D 79 49.55 -16.30 39.17
C ILE D 79 49.96 -17.46 38.29
N THR D 80 49.50 -17.45 37.04
CA THR D 80 49.79 -18.53 36.11
C THR D 80 51.29 -18.80 35.99
N SER D 81 52.09 -17.75 36.10
CA SER D 81 53.53 -17.87 35.94
C SER D 81 54.19 -18.50 37.17
N PHE D 82 53.94 -17.91 38.34
CA PHE D 82 54.52 -18.41 39.58
C PHE D 82 54.08 -19.84 39.88
N CYS D 83 52.77 -20.09 39.77
CA CYS D 83 52.22 -21.41 40.03
C CYS D 83 52.81 -22.46 39.09
N GLY D 84 53.22 -22.03 37.91
CA GLY D 84 53.82 -22.93 36.94
C GLY D 84 55.29 -23.20 37.23
N THR D 85 55.97 -22.18 37.76
CA THR D 85 57.38 -22.29 38.08
C THR D 85 57.60 -23.04 39.40
N LEU D 86 56.79 -22.70 40.40
CA LEU D 86 56.92 -23.29 41.72
C LEU D 86 56.07 -24.55 41.87
N HIS D 87 55.46 -24.98 40.76
CA HIS D 87 54.64 -26.20 40.77
C HIS D 87 53.54 -26.15 41.82
N VAL D 88 53.06 -24.95 42.13
CA VAL D 88 51.99 -24.79 43.09
C VAL D 88 50.63 -24.80 42.39
N SER D 89 49.69 -25.55 42.94
CA SER D 89 48.35 -25.63 42.36
C SER D 89 47.49 -24.44 42.76
N PHE D 90 46.77 -23.87 41.80
CA PHE D 90 45.94 -22.69 42.05
C PHE D 90 44.53 -22.90 41.55
N ILE D 91 43.59 -23.03 42.48
CA ILE D 91 42.18 -23.18 42.15
C ILE D 91 41.48 -21.84 42.19
N THR D 92 40.75 -21.51 41.12
CA THR D 92 40.09 -20.22 41.01
C THR D 92 38.77 -20.28 40.25
N PRO D 93 37.76 -19.57 40.74
CA PRO D 93 36.45 -19.45 40.10
C PRO D 93 36.47 -18.37 39.01
N SER D 94 37.54 -17.58 38.98
CA SER D 94 37.66 -16.49 38.01
C SER D 94 37.61 -16.98 36.57
N PHE D 95 37.64 -16.04 35.63
CA PHE D 95 37.57 -16.37 34.21
C PHE D 95 38.70 -17.30 33.80
N PRO D 96 38.41 -18.24 32.88
CA PRO D 96 39.40 -19.20 32.38
C PRO D 96 40.58 -18.50 31.72
N THR D 97 41.77 -19.07 31.85
CA THR D 97 42.97 -18.51 31.25
C THR D 97 42.96 -18.70 29.73
N ASP D 98 43.43 -17.68 29.01
CA ASP D 98 43.49 -17.74 27.56
C ASP D 98 44.69 -18.55 27.09
N GLY D 99 44.61 -19.86 27.24
CA GLY D 99 45.70 -20.75 26.84
C GLY D 99 45.75 -22.01 27.67
N THR D 100 46.94 -22.61 27.74
CA THR D 100 47.13 -23.85 28.49
C THR D 100 48.16 -23.67 29.59
N HIS D 101 47.74 -23.10 30.71
CA HIS D 101 48.64 -22.86 31.83
C HIS D 101 48.51 -23.95 32.90
N PRO D 102 49.58 -24.75 33.07
CA PRO D 102 49.61 -25.85 34.04
C PRO D 102 49.50 -25.37 35.48
N PHE D 103 49.14 -26.27 36.38
CA PHE D 103 49.03 -25.96 37.80
C PHE D 103 47.98 -24.89 38.08
N VAL D 104 46.91 -24.89 37.29
CA VAL D 104 45.80 -23.96 37.48
C VAL D 104 44.47 -24.68 37.27
N ILE D 105 43.63 -24.67 38.31
CA ILE D 105 42.32 -25.29 38.23
C ILE D 105 41.23 -24.22 38.14
N GLN D 106 40.48 -24.24 37.04
CA GLN D 106 39.48 -23.21 36.78
C GLN D 106 38.06 -23.72 36.96
N MET D 107 37.34 -23.11 37.90
CA MET D 107 35.97 -23.52 38.21
C MET D 107 34.96 -23.04 37.19
N ARG D 108 35.27 -21.92 36.53
CA ARG D 108 34.36 -21.33 35.56
C ARG D 108 34.51 -21.97 34.18
N PRO D 109 33.41 -22.55 33.67
CA PRO D 109 33.39 -23.15 32.33
C PRO D 109 33.46 -22.06 31.25
N ASP D 110 33.93 -22.44 30.07
CA ASP D 110 34.05 -21.49 28.97
C ASP D 110 32.68 -21.17 28.37
N LEU D 111 32.31 -19.90 28.41
CA LEU D 111 31.01 -19.46 27.90
C LEU D 111 31.08 -19.16 26.41
N LYS D 112 32.28 -18.93 25.91
CA LYS D 112 32.51 -18.59 24.51
C LYS D 112 31.69 -19.47 23.57
N GLY D 113 31.67 -20.78 23.83
CA GLY D 113 30.95 -21.72 23.01
C GLY D 113 29.44 -21.54 23.08
N ALA D 114 28.93 -21.46 24.31
CA ALA D 114 27.49 -21.33 24.53
C ALA D 114 26.93 -20.05 23.91
N LEU D 115 27.74 -18.99 23.92
CA LEU D 115 27.31 -17.71 23.37
C LEU D 115 27.14 -17.80 21.85
N LEU D 116 28.18 -18.26 21.17
CA LEU D 116 28.16 -18.37 19.72
C LEU D 116 27.00 -19.23 19.23
N SER D 117 26.69 -20.29 19.99
CA SER D 117 25.60 -21.17 19.63
C SER D 117 24.25 -20.47 19.75
N LEU D 118 24.11 -19.65 20.78
CA LEU D 118 22.87 -18.93 21.02
C LEU D 118 22.59 -17.91 19.91
N ILE D 119 23.66 -17.27 19.44
CA ILE D 119 23.54 -16.28 18.38
C ILE D 119 22.95 -16.90 17.12
N GLU D 120 23.45 -18.08 16.75
CA GLU D 120 22.97 -18.78 15.57
C GLU D 120 21.53 -19.25 15.76
N TYR D 121 21.17 -19.61 16.99
CA TYR D 121 19.81 -20.05 17.30
C TYR D 121 18.80 -18.97 16.97
N TYR D 122 19.06 -17.75 17.44
CA TYR D 122 18.18 -16.62 17.15
C TYR D 122 18.41 -16.11 15.73
N GLN D 123 19.40 -16.69 15.05
CA GLN D 123 19.72 -16.33 13.68
C GLN D 123 20.03 -14.83 13.55
N TRP D 124 21.04 -14.39 14.28
CA TRP D 124 21.48 -13.00 14.26
C TRP D 124 22.55 -12.78 13.20
N ASP D 125 22.43 -11.70 12.44
CA ASP D 125 23.41 -11.37 11.41
C ASP D 125 24.02 -9.99 11.67
N LYS D 126 23.29 -9.14 12.39
CA LYS D 126 23.77 -7.82 12.75
C LYS D 126 23.37 -7.48 14.17
N PHE D 127 24.37 -7.33 15.05
CA PHE D 127 24.10 -7.06 16.45
C PHE D 127 25.20 -6.21 17.08
N ALA D 128 24.86 -5.54 18.18
CA ALA D 128 25.83 -4.74 18.93
C ALA D 128 26.43 -5.57 20.06
N TYR D 129 27.73 -5.43 20.27
CA TYR D 129 28.42 -6.20 21.28
C TYR D 129 29.11 -5.31 22.30
N LEU D 130 28.40 -4.97 23.37
CA LEU D 130 28.96 -4.15 24.43
C LEU D 130 29.77 -5.02 25.40
N TYR D 131 31.08 -4.80 25.45
CA TYR D 131 31.96 -5.66 26.23
C TYR D 131 32.68 -4.91 27.34
N ASP D 132 33.20 -5.67 28.30
CA ASP D 132 33.99 -5.11 29.39
C ASP D 132 35.33 -5.82 29.45
N SER D 133 36.41 -5.04 29.42
CA SER D 133 37.76 -5.60 29.34
C SER D 133 38.23 -6.23 30.66
N ASP D 134 37.31 -6.40 31.61
CA ASP D 134 37.66 -6.93 32.91
C ASP D 134 38.00 -8.42 32.87
N ARG D 135 37.24 -9.19 32.10
CA ARG D 135 37.45 -10.62 32.01
C ARG D 135 38.19 -11.02 30.74
N GLY D 136 38.96 -10.09 30.19
CA GLY D 136 39.72 -10.34 28.98
C GLY D 136 38.87 -10.34 27.73
N LEU D 137 39.48 -9.94 26.61
CA LEU D 137 38.77 -9.87 25.34
C LEU D 137 38.74 -11.24 24.66
N SER D 138 38.75 -12.30 25.47
CA SER D 138 38.72 -13.66 24.96
C SER D 138 37.42 -13.95 24.20
N THR D 139 36.31 -13.48 24.74
CA THR D 139 35.00 -13.68 24.12
C THR D 139 34.78 -12.68 22.98
N LEU D 140 35.40 -11.51 23.09
CA LEU D 140 35.32 -10.51 22.05
C LEU D 140 35.96 -11.02 20.76
N GLN D 141 37.17 -11.58 20.90
CA GLN D 141 37.87 -12.17 19.76
C GLN D 141 37.05 -13.31 19.18
N ALA D 142 36.34 -14.03 20.04
CA ALA D 142 35.51 -15.15 19.62
C ALA D 142 34.43 -14.72 18.64
N VAL D 143 33.67 -13.69 19.00
CA VAL D 143 32.58 -13.22 18.17
C VAL D 143 33.10 -12.49 16.93
N LEU D 144 34.25 -11.84 17.05
CA LEU D 144 34.84 -11.12 15.93
C LEU D 144 35.37 -12.09 14.87
N ASP D 145 36.04 -13.14 15.33
CA ASP D 145 36.58 -14.16 14.42
C ASP D 145 35.45 -14.92 13.73
N SER D 146 34.40 -15.20 14.49
CA SER D 146 33.24 -15.90 13.95
C SER D 146 32.44 -15.00 13.02
N ALA D 147 32.58 -13.69 13.23
CA ALA D 147 31.88 -12.71 12.39
C ALA D 147 32.43 -12.75 10.97
N ALA D 148 33.66 -13.21 10.83
CA ALA D 148 34.29 -13.34 9.52
C ALA D 148 33.73 -14.55 8.78
N GLU D 149 33.63 -15.67 9.50
CA GLU D 149 33.14 -16.92 8.91
C GLU D 149 31.64 -16.87 8.69
N LYS D 150 30.89 -16.66 9.78
CA LYS D 150 29.43 -16.64 9.73
C LYS D 150 28.91 -15.37 9.07
N LYS D 151 29.83 -14.46 8.75
CA LYS D 151 29.47 -13.21 8.10
C LYS D 151 28.49 -12.38 8.92
N TRP D 152 28.98 -11.81 10.03
CA TRP D 152 28.16 -10.95 10.87
C TRP D 152 28.65 -9.51 10.81
N GLN D 153 27.74 -8.56 11.06
CA GLN D 153 28.10 -7.16 11.17
C GLN D 153 28.08 -6.74 12.63
N VAL D 154 29.13 -7.06 13.35
CA VAL D 154 29.21 -6.79 14.79
C VAL D 154 29.67 -5.37 15.08
N THR D 155 28.99 -4.71 16.00
CA THR D 155 29.37 -3.37 16.44
C THR D 155 29.92 -3.42 17.85
N ALA D 156 31.20 -3.76 17.98
CA ALA D 156 31.84 -3.88 19.28
C ALA D 156 32.13 -2.53 19.91
N ILE D 157 31.72 -2.37 21.16
CA ILE D 157 31.94 -1.12 21.88
C ILE D 157 32.39 -1.37 23.32
N ASN D 158 33.58 -0.88 23.65
CA ASN D 158 34.12 -1.04 25.00
C ASN D 158 33.37 -0.17 26.00
N VAL D 159 32.42 -0.77 26.71
CA VAL D 159 31.61 -0.06 27.70
C VAL D 159 32.28 -0.08 29.07
N GLY D 160 33.58 -0.39 29.08
CA GLY D 160 34.32 -0.52 30.32
C GLY D 160 34.99 0.75 30.80
N ASN D 161 35.74 1.40 29.92
CA ASN D 161 36.51 2.59 30.29
C ASN D 161 35.65 3.82 30.56
N ILE D 162 34.36 3.61 30.77
CA ILE D 162 33.44 4.70 31.03
C ILE D 162 33.59 5.21 32.47
N ASN D 163 34.11 6.42 32.62
CA ASN D 163 34.25 7.03 33.95
C ASN D 163 32.90 7.22 34.64
N ASN D 164 32.77 6.65 35.83
CA ASN D 164 31.46 6.57 36.50
C ASN D 164 30.94 7.86 37.19
N ASP D 165 31.80 8.87 37.33
CA ASP D 165 31.46 10.15 37.99
C ASP D 165 30.94 11.19 37.00
N LYS D 166 30.22 10.74 35.99
CA LYS D 166 29.72 11.58 34.90
C LYS D 166 29.33 10.68 33.73
N LYS D 167 29.02 9.42 34.03
CA LYS D 167 28.69 8.45 32.98
C LYS D 167 27.24 8.51 32.54
N ASP D 168 26.89 9.53 31.76
CA ASP D 168 25.52 9.71 31.30
C ASP D 168 25.52 10.29 29.89
N GLU D 169 26.35 11.32 29.68
CA GLU D 169 26.55 11.89 28.36
C GLU D 169 27.30 10.89 27.49
N THR D 170 27.77 9.82 28.12
CA THR D 170 28.48 8.76 27.41
C THR D 170 27.52 7.70 26.92
N TYR D 171 26.54 7.35 27.75
CA TYR D 171 25.51 6.39 27.38
C TYR D 171 24.58 6.96 26.32
N ARG D 172 24.28 8.25 26.43
CA ARG D 172 23.45 8.93 25.45
C ARG D 172 24.15 8.96 24.09
N SER D 173 25.47 9.10 24.14
CA SER D 173 26.28 9.11 22.93
C SER D 173 26.60 7.68 22.49
N LEU D 174 26.29 6.72 23.36
CA LEU D 174 26.51 5.31 23.07
C LEU D 174 25.37 4.75 22.23
N PHE D 175 24.14 5.01 22.66
CA PHE D 175 22.97 4.54 21.94
C PHE D 175 22.64 5.47 20.77
N GLN D 176 23.45 6.52 20.61
CA GLN D 176 23.33 7.41 19.47
C GLN D 176 24.01 6.76 18.27
N ASP D 177 25.08 6.02 18.54
CA ASP D 177 25.78 5.28 17.50
C ASP D 177 25.05 3.97 17.22
N LEU D 178 24.35 3.47 18.22
CA LEU D 178 23.57 2.25 18.08
C LEU D 178 22.22 2.55 17.45
N GLU D 179 22.08 3.76 16.91
CA GLU D 179 20.84 4.17 16.26
C GLU D 179 21.11 4.51 14.80
N LEU D 180 22.37 4.74 14.46
CA LEU D 180 22.76 5.00 13.08
C LEU D 180 22.42 3.79 12.21
N LYS D 181 22.60 2.60 12.78
CA LYS D 181 22.27 1.36 12.10
C LYS D 181 21.01 0.74 12.71
N LYS D 182 20.33 1.52 13.54
CA LYS D 182 19.09 1.07 14.19
C LYS D 182 19.28 -0.28 14.86
N GLU D 183 20.35 -0.42 15.65
CA GLU D 183 20.63 -1.66 16.36
C GLU D 183 19.54 -1.98 17.37
N ARG D 184 18.93 -3.16 17.22
CA ARG D 184 17.87 -3.59 18.12
C ARG D 184 18.27 -4.85 18.88
N ARG D 185 19.43 -5.38 18.54
CA ARG D 185 19.92 -6.61 19.18
C ARG D 185 21.28 -6.38 19.83
N VAL D 186 21.31 -6.37 21.16
CA VAL D 186 22.52 -6.06 21.91
C VAL D 186 22.98 -7.24 22.77
N ILE D 187 24.29 -7.45 22.81
CA ILE D 187 24.87 -8.48 23.68
C ILE D 187 25.69 -7.83 24.79
N LEU D 188 25.26 -8.01 26.03
CA LEU D 188 25.94 -7.42 27.16
C LEU D 188 26.94 -8.40 27.79
N ASP D 189 28.22 -8.21 27.48
CA ASP D 189 29.28 -9.02 28.05
C ASP D 189 29.95 -8.28 29.20
N CYS D 190 29.31 -8.28 30.36
CA CYS D 190 29.81 -7.53 31.51
C CYS D 190 29.62 -8.30 32.81
N GLU D 191 30.10 -7.72 33.91
CA GLU D 191 29.91 -8.30 35.22
C GLU D 191 28.50 -8.04 35.72
N ARG D 192 28.12 -8.70 36.80
CA ARG D 192 26.77 -8.56 37.36
C ARG D 192 26.45 -7.11 37.71
N ASP D 193 27.48 -6.31 37.91
CA ASP D 193 27.30 -4.90 38.28
C ASP D 193 27.14 -4.01 37.06
N LYS D 194 28.10 -4.08 36.14
CA LYS D 194 28.06 -3.26 34.93
C LYS D 194 26.80 -3.54 34.11
N VAL D 195 26.21 -4.71 34.32
CA VAL D 195 24.99 -5.09 33.63
C VAL D 195 23.79 -4.30 34.15
N ASN D 196 23.66 -4.24 35.47
CA ASN D 196 22.57 -3.48 36.09
C ASN D 196 22.61 -2.01 35.72
N ASP D 197 23.82 -1.46 35.61
CA ASP D 197 23.99 -0.07 35.20
C ASP D 197 23.45 0.15 33.80
N ILE D 198 23.80 -0.75 32.89
CA ILE D 198 23.32 -0.68 31.52
C ILE D 198 21.80 -0.89 31.45
N VAL D 199 21.32 -1.93 32.13
CA VAL D 199 19.90 -2.23 32.17
C VAL D 199 19.09 -1.03 32.65
N ASP D 200 19.60 -0.35 33.67
CA ASP D 200 18.94 0.83 34.21
C ASP D 200 18.88 1.94 33.17
N GLN D 201 20.00 2.18 32.49
CA GLN D 201 20.07 3.18 31.45
C GLN D 201 19.12 2.84 30.31
N VAL D 202 19.07 1.55 29.95
CA VAL D 202 18.21 1.07 28.89
C VAL D 202 16.74 1.41 29.16
N ILE D 203 16.32 1.22 30.41
CA ILE D 203 14.95 1.50 30.79
C ILE D 203 14.67 3.00 30.77
N THR D 204 15.67 3.79 31.18
CA THR D 204 15.52 5.23 31.21
C THR D 204 15.26 5.80 29.81
N ILE D 205 16.08 5.40 28.85
CA ILE D 205 15.93 5.86 27.47
C ILE D 205 14.79 5.13 26.77
N GLY D 206 14.25 4.11 27.43
CA GLY D 206 13.09 3.40 26.92
C GLY D 206 13.40 2.38 25.83
N LYS D 207 14.64 1.94 25.77
CA LYS D 207 15.04 0.93 24.79
C LYS D 207 14.89 -0.48 25.35
N HIS D 208 13.86 -0.67 26.17
CA HIS D 208 13.59 -1.97 26.76
C HIS D 208 12.20 -2.46 26.37
N VAL D 209 11.61 -1.81 25.37
CA VAL D 209 10.28 -2.17 24.89
C VAL D 209 10.37 -3.22 23.79
N LYS D 210 9.21 -3.69 23.35
CA LYS D 210 9.16 -4.70 22.29
C LYS D 210 9.93 -4.25 21.06
N GLY D 211 10.78 -5.13 20.54
CA GLY D 211 11.58 -4.81 19.38
C GLY D 211 13.05 -4.99 19.66
N TYR D 212 13.43 -4.82 20.92
CA TYR D 212 14.83 -4.98 21.34
C TYR D 212 15.07 -6.38 21.89
N HIS D 213 16.29 -6.87 21.72
CA HIS D 213 16.66 -8.19 22.21
C HIS D 213 18.04 -8.16 22.85
N TYR D 214 18.10 -8.40 24.16
CA TYR D 214 19.36 -8.36 24.88
C TYR D 214 19.82 -9.76 25.29
N ILE D 215 21.14 -9.95 25.30
CA ILE D 215 21.73 -11.21 25.72
C ILE D 215 22.81 -10.96 26.76
N ILE D 216 22.54 -11.39 27.99
CA ILE D 216 23.50 -11.23 29.09
C ILE D 216 24.57 -12.31 29.01
N ALA D 217 25.76 -11.90 28.56
CA ALA D 217 26.86 -12.84 28.34
C ALA D 217 27.62 -13.17 29.63
N ASN D 218 26.95 -13.83 30.56
CA ASN D 218 27.58 -14.31 31.78
C ASN D 218 26.89 -15.56 32.32
N LEU D 219 27.52 -16.23 33.26
CA LEU D 219 26.99 -17.48 33.81
C LEU D 219 25.99 -17.22 34.93
N GLY D 220 25.68 -15.95 35.17
CA GLY D 220 24.74 -15.58 36.21
C GLY D 220 23.59 -14.75 35.69
N PHE D 221 22.67 -15.39 34.97
CA PHE D 221 21.52 -14.70 34.38
C PHE D 221 20.53 -14.27 35.45
N THR D 222 20.30 -15.13 36.43
CA THR D 222 19.34 -14.84 37.50
C THR D 222 20.02 -14.16 38.67
N ASP D 223 21.31 -13.91 38.55
CA ASP D 223 22.08 -13.28 39.62
C ASP D 223 21.76 -11.79 39.73
N GLY D 224 21.35 -11.18 38.62
CA GLY D 224 21.02 -9.77 38.60
C GLY D 224 19.53 -9.52 38.69
N ASP D 225 19.17 -8.26 38.90
CA ASP D 225 17.76 -7.88 38.97
C ASP D 225 17.16 -7.79 37.58
N LEU D 226 16.14 -8.61 37.33
CA LEU D 226 15.50 -8.64 36.01
C LEU D 226 14.07 -8.11 36.08
N LEU D 227 13.55 -7.95 37.28
CA LEU D 227 12.18 -7.46 37.48
C LEU D 227 11.94 -6.12 36.79
N LYS D 228 13.02 -5.40 36.51
CA LYS D 228 12.91 -4.08 35.91
C LYS D 228 12.68 -4.14 34.39
N ILE D 229 13.50 -4.92 33.69
CA ILE D 229 13.34 -5.09 32.25
C ILE D 229 12.54 -6.35 31.93
N GLN D 230 11.70 -6.76 32.87
CA GLN D 230 10.91 -7.98 32.71
C GLN D 230 9.58 -7.70 32.05
N PHE D 231 8.98 -6.55 32.37
CA PHE D 231 7.68 -6.18 31.84
C PHE D 231 7.80 -5.12 30.75
N GLY D 232 9.03 -4.77 30.41
CA GLY D 232 9.28 -3.76 29.39
C GLY D 232 8.77 -4.17 28.02
N GLY D 233 9.00 -5.43 27.65
CA GLY D 233 8.57 -5.94 26.37
C GLY D 233 9.72 -6.53 25.57
N ALA D 234 10.90 -5.95 25.72
CA ALA D 234 12.09 -6.43 25.03
C ALA D 234 12.49 -7.80 25.54
N GLU D 235 12.78 -8.72 24.62
CA GLU D 235 13.19 -10.07 24.99
C GLU D 235 14.60 -10.09 25.55
N VAL D 236 14.78 -10.75 26.69
CA VAL D 236 16.09 -10.86 27.32
C VAL D 236 16.49 -12.32 27.51
N SER D 237 17.68 -12.66 27.02
CA SER D 237 18.18 -14.02 27.16
C SER D 237 19.51 -14.01 27.90
N GLY D 238 19.95 -15.18 28.37
CA GLY D 238 21.19 -15.28 29.10
C GLY D 238 21.60 -16.71 29.39
N PHE D 239 22.52 -16.87 30.34
CA PHE D 239 23.03 -18.19 30.69
C PHE D 239 23.02 -18.41 32.20
N GLN D 240 22.66 -19.61 32.62
CA GLN D 240 22.63 -19.96 34.03
C GLN D 240 23.42 -21.24 34.29
N ILE D 241 24.37 -21.17 35.20
CA ILE D 241 25.22 -22.32 35.51
C ILE D 241 24.73 -23.02 36.79
N VAL D 242 24.07 -22.27 37.65
CA VAL D 242 23.54 -22.82 38.89
C VAL D 242 22.06 -23.17 38.72
N ASP D 243 21.81 -24.44 38.39
CA ASP D 243 20.43 -24.90 38.18
C ASP D 243 19.72 -25.09 39.51
N TYR D 244 18.78 -24.19 39.80
CA TYR D 244 18.04 -24.24 41.06
C TYR D 244 16.96 -25.32 41.03
N ASP D 245 16.93 -26.09 39.95
CA ASP D 245 15.96 -27.17 39.81
C ASP D 245 16.55 -28.51 40.25
N ASP D 246 17.87 -28.54 40.43
CA ASP D 246 18.54 -29.73 40.93
C ASP D 246 18.27 -29.89 42.41
N SER D 247 17.90 -31.11 42.81
CA SER D 247 17.63 -31.40 44.22
C SER D 247 18.89 -31.12 45.05
N LEU D 248 20.05 -31.22 44.41
CA LEU D 248 21.31 -30.94 45.08
C LEU D 248 21.41 -29.46 45.43
N VAL D 249 21.16 -28.61 44.44
CA VAL D 249 21.21 -27.17 44.65
C VAL D 249 20.04 -26.71 45.52
N SER D 250 18.87 -27.30 45.28
CA SER D 250 17.68 -26.97 46.03
C SER D 250 17.88 -27.19 47.53
N LYS D 251 18.60 -28.26 47.86
CA LYS D 251 18.90 -28.58 49.26
C LYS D 251 19.90 -27.59 49.84
N PHE D 252 20.84 -27.15 49.01
CA PHE D 252 21.84 -26.17 49.44
C PHE D 252 21.19 -24.85 49.83
N ILE D 253 20.26 -24.40 49.00
CA ILE D 253 19.55 -23.14 49.26
C ILE D 253 18.71 -23.22 50.53
N GLU D 254 18.14 -24.40 50.78
CA GLU D 254 17.32 -24.61 51.97
C GLU D 254 18.08 -24.25 53.24
N ARG D 255 19.39 -24.50 53.24
CA ARG D 255 20.23 -24.19 54.39
C ARG D 255 20.91 -22.84 54.23
N TRP D 256 21.18 -22.46 52.99
CA TRP D 256 21.84 -21.19 52.70
C TRP D 256 20.94 -20.01 53.02
N SER D 257 19.70 -20.08 52.56
CA SER D 257 18.73 -18.99 52.73
C SER D 257 18.40 -18.73 54.19
N THR D 258 18.71 -19.69 55.06
CA THR D 258 18.38 -19.57 56.48
C THR D 258 19.56 -19.06 57.31
N LEU D 259 20.77 -19.25 56.80
CA LEU D 259 21.97 -18.84 57.51
C LEU D 259 21.89 -17.38 57.97
N GLU D 260 22.49 -17.09 59.12
CA GLU D 260 22.48 -15.75 59.68
C GLU D 260 23.32 -14.81 58.81
N GLU D 261 22.71 -13.72 58.37
CA GLU D 261 23.38 -12.77 57.49
C GLU D 261 24.46 -11.99 58.24
N LYS D 262 24.43 -12.04 59.57
CA LYS D 262 25.41 -11.36 60.39
C LYS D 262 26.77 -12.04 60.29
N GLU D 263 26.79 -13.35 60.54
CA GLU D 263 28.03 -14.12 60.47
C GLU D 263 28.39 -14.44 59.02
N TYR D 264 27.37 -14.69 58.21
CA TYR D 264 27.58 -14.97 56.79
C TYR D 264 27.01 -13.86 55.93
N PRO D 265 27.85 -12.85 55.62
CA PRO D 265 27.46 -11.68 54.82
C PRO D 265 26.85 -12.07 53.47
N GLY D 266 25.75 -11.41 53.11
CA GLY D 266 25.09 -11.67 51.85
C GLY D 266 24.83 -13.13 51.59
N ALA D 267 24.29 -13.82 52.60
CA ALA D 267 24.03 -15.25 52.48
C ALA D 267 22.59 -15.60 52.87
N HIS D 268 21.78 -14.58 53.13
CA HIS D 268 20.40 -14.80 53.53
C HIS D 268 19.44 -14.60 52.36
N THR D 269 19.73 -15.24 51.23
CA THR D 269 18.89 -15.13 50.05
C THR D 269 18.58 -16.50 49.47
N ALA D 270 17.62 -16.54 48.55
CA ALA D 270 17.21 -17.79 47.91
C ALA D 270 18.08 -18.10 46.69
N THR D 271 18.91 -17.15 46.30
CA THR D 271 19.80 -17.32 45.15
C THR D 271 21.25 -17.14 45.55
N ILE D 272 22.15 -17.38 44.60
CA ILE D 272 23.59 -17.25 44.85
C ILE D 272 24.35 -16.94 43.57
N LYS D 273 25.26 -15.98 43.64
CA LYS D 273 26.09 -15.61 42.50
C LYS D 273 26.91 -16.81 42.04
N TYR D 274 27.06 -16.95 40.72
CA TYR D 274 27.77 -18.09 40.16
C TYR D 274 29.23 -18.13 40.63
N THR D 275 29.80 -16.96 40.91
CA THR D 275 31.16 -16.88 41.44
C THR D 275 31.24 -17.50 42.82
N SER D 276 30.21 -17.27 43.64
CA SER D 276 30.15 -17.83 44.98
C SER D 276 29.89 -19.33 44.93
N ALA D 277 29.01 -19.74 44.02
CA ALA D 277 28.66 -21.15 43.87
C ALA D 277 29.87 -21.97 43.45
N LEU D 278 30.73 -21.38 42.62
CA LEU D 278 31.95 -22.04 42.18
C LEU D 278 32.94 -22.15 43.34
N THR D 279 32.95 -21.16 44.22
CA THR D 279 33.81 -21.18 45.39
C THR D 279 33.47 -22.37 46.27
N TYR D 280 32.17 -22.58 46.49
CA TYR D 280 31.69 -23.70 47.28
C TYR D 280 32.09 -25.03 46.63
N ASP D 281 31.94 -25.09 45.31
CA ASP D 281 32.29 -26.29 44.56
C ASP D 281 33.81 -26.50 44.54
N ALA D 282 34.55 -25.40 44.71
CA ALA D 282 36.00 -25.46 44.75
C ALA D 282 36.48 -26.22 45.98
N VAL D 283 35.86 -25.94 47.12
CA VAL D 283 36.18 -26.63 48.36
C VAL D 283 36.00 -28.13 48.21
N GLN D 284 34.91 -28.52 47.57
CA GLN D 284 34.60 -29.94 47.38
C GLN D 284 35.65 -30.61 46.50
N VAL D 285 36.15 -29.89 45.50
CA VAL D 285 37.17 -30.42 44.61
C VAL D 285 38.49 -30.63 45.35
N MET D 286 38.85 -29.66 46.19
CA MET D 286 40.08 -29.73 46.95
C MET D 286 40.03 -30.85 48.00
N THR D 287 38.84 -31.10 48.52
CA THR D 287 38.65 -32.17 49.51
C THR D 287 38.80 -33.53 48.85
N GLU D 288 38.08 -33.75 47.76
CA GLU D 288 38.13 -35.02 47.04
C GLU D 288 39.53 -35.29 46.50
N ALA D 289 40.27 -34.22 46.22
CA ALA D 289 41.62 -34.34 45.69
C ALA D 289 42.60 -34.82 46.76
N PHE D 290 42.57 -34.18 47.92
CA PHE D 290 43.45 -34.54 49.02
C PHE D 290 43.05 -35.89 49.61
N ARG D 291 41.81 -36.30 49.34
CA ARG D 291 41.31 -37.58 49.82
C ARG D 291 41.78 -38.72 48.92
N ASN D 292 41.84 -38.45 47.62
CA ASN D 292 42.32 -39.44 46.66
C ASN D 292 43.81 -39.67 46.76
N LEU D 293 44.50 -38.79 47.50
CA LEU D 293 45.92 -38.93 47.73
C LEU D 293 46.21 -39.78 48.95
N ARG D 294 45.30 -39.74 49.93
CA ARG D 294 45.43 -40.54 51.13
C ARG D 294 45.11 -42.00 50.82
N LYS D 295 44.07 -42.22 50.03
CA LYS D 295 43.66 -43.57 49.66
C LYS D 295 44.58 -44.17 48.62
N GLN D 296 45.40 -43.33 48.00
CA GLN D 296 46.34 -43.78 46.98
C GLN D 296 47.72 -44.03 47.58
N ARG D 297 47.83 -43.85 48.90
CA ARG D 297 49.09 -44.05 49.61
C ARG D 297 50.21 -43.20 49.03
N ILE D 298 49.95 -41.91 48.89
CA ILE D 298 50.93 -40.98 48.36
C ILE D 298 51.35 -39.94 49.39
N GLU D 299 52.61 -40.00 49.81
CA GLU D 299 53.14 -39.06 50.78
C GLU D 299 53.58 -37.77 50.10
N ILE D 300 53.07 -36.64 50.59
CA ILE D 300 53.38 -35.34 50.01
C ILE D 300 53.65 -34.30 51.08
N SER D 301 53.45 -34.70 52.34
CA SER D 301 53.51 -33.77 53.46
C SER D 301 54.87 -33.09 53.60
N ARG D 302 54.86 -31.86 54.12
CA ARG D 302 56.08 -31.10 54.36
C ARG D 302 55.89 -30.15 55.53
N ARG D 303 56.74 -29.13 55.62
CA ARG D 303 56.66 -28.15 56.70
C ARG D 303 56.59 -26.74 56.16
N GLY D 304 56.57 -25.76 57.06
CA GLY D 304 56.51 -24.37 56.68
C GLY D 304 57.89 -23.78 56.44
N ASN D 305 58.70 -24.47 55.63
CA ASN D 305 60.04 -24.03 55.31
C ASN D 305 60.39 -24.22 53.83
N ALA D 306 59.39 -24.08 52.97
CA ALA D 306 59.59 -24.10 51.53
C ALA D 306 60.63 -23.06 51.12
N GLY D 307 60.81 -22.05 51.97
CA GLY D 307 61.78 -21.00 51.71
C GLY D 307 61.19 -19.85 50.92
N ASP D 308 62.03 -18.87 50.58
CA ASP D 308 61.59 -17.71 49.83
C ASP D 308 61.27 -18.11 48.39
N CYS D 309 60.15 -17.62 47.86
CA CYS D 309 59.72 -17.96 46.51
C CYS D 309 60.66 -17.39 45.45
N LEU D 310 61.38 -16.33 45.81
CA LEU D 310 62.32 -15.71 44.88
C LEU D 310 63.65 -16.45 44.87
N ALA D 311 63.72 -17.57 45.57
CA ALA D 311 64.94 -18.36 45.65
C ALA D 311 65.49 -18.66 44.26
N ASN D 312 66.77 -18.40 44.08
CA ASN D 312 67.42 -18.62 42.79
C ASN D 312 68.69 -19.44 42.94
N PRO D 313 68.77 -20.58 42.23
CA PRO D 313 67.74 -21.08 41.32
C PRO D 313 66.49 -21.56 42.06
N ALA D 314 65.33 -21.40 41.44
CA ALA D 314 64.07 -21.85 42.03
C ALA D 314 63.84 -23.32 41.78
N VAL D 315 63.76 -24.10 42.85
CA VAL D 315 63.56 -25.54 42.75
C VAL D 315 62.13 -25.95 43.14
N PRO D 316 61.39 -26.52 42.18
CA PRO D 316 60.02 -26.98 42.40
C PRO D 316 59.99 -28.26 43.22
N TRP D 317 59.20 -28.28 44.29
CA TRP D 317 59.07 -29.46 45.13
C TRP D 317 58.23 -30.52 44.43
N GLY D 318 58.82 -31.69 44.20
CA GLY D 318 58.20 -32.75 43.43
C GLY D 318 56.83 -33.18 43.91
N GLN D 319 56.54 -32.94 45.19
CA GLN D 319 55.25 -33.32 45.77
C GLN D 319 54.10 -32.54 45.14
N GLY D 320 54.43 -31.45 44.44
CA GLY D 320 53.42 -30.62 43.81
C GLY D 320 52.84 -31.24 42.56
N VAL D 321 53.66 -32.02 41.86
CA VAL D 321 53.23 -32.68 40.63
C VAL D 321 52.08 -33.64 40.90
N GLU D 322 52.10 -34.26 42.08
CA GLU D 322 51.06 -35.22 42.46
C GLU D 322 49.77 -34.51 42.88
N ILE D 323 49.92 -33.36 43.53
CA ILE D 323 48.78 -32.57 43.96
C ILE D 323 47.96 -32.10 42.76
N GLU D 324 48.66 -31.85 41.65
CA GLU D 324 48.00 -31.43 40.42
C GLU D 324 47.22 -32.58 39.81
N ARG D 325 47.87 -33.73 39.69
CA ARG D 325 47.25 -34.91 39.11
C ARG D 325 46.07 -35.39 39.94
N ALA D 326 45.97 -34.87 41.17
CA ALA D 326 44.87 -35.21 42.07
C ALA D 326 43.66 -34.34 41.79
N LEU D 327 43.85 -33.03 41.85
CA LEU D 327 42.77 -32.07 41.60
C LEU D 327 42.18 -32.25 40.21
N LYS D 328 43.05 -32.44 39.22
CA LYS D 328 42.62 -32.59 37.84
C LYS D 328 41.90 -33.92 37.60
N GLN D 329 42.10 -34.87 38.50
CA GLN D 329 41.49 -36.18 38.38
C GLN D 329 40.13 -36.23 39.09
N VAL D 330 39.87 -35.23 39.92
CA VAL D 330 38.63 -35.15 40.67
C VAL D 330 37.42 -35.11 39.76
N GLN D 331 36.33 -35.74 40.18
CA GLN D 331 35.09 -35.72 39.42
C GLN D 331 33.89 -35.97 40.32
N VAL D 332 33.30 -34.90 40.82
CA VAL D 332 32.14 -35.00 41.71
C VAL D 332 30.98 -34.15 41.19
N GLU D 333 29.87 -34.18 41.91
CA GLU D 333 28.69 -33.41 41.52
C GLU D 333 28.51 -32.21 42.44
N GLY D 334 28.41 -31.02 41.85
CA GLY D 334 28.28 -29.80 42.62
C GLY D 334 27.13 -28.92 42.15
N LEU D 335 27.10 -27.69 42.66
CA LEU D 335 26.06 -26.74 42.30
C LEU D 335 26.11 -26.39 40.82
N SER D 336 27.30 -26.40 40.25
CA SER D 336 27.50 -26.05 38.85
C SER D 336 27.52 -27.30 37.96
N GLY D 337 26.61 -28.23 38.23
CA GLY D 337 26.50 -29.44 37.44
C GLY D 337 27.68 -30.38 37.61
N ASN D 338 27.85 -31.30 36.66
CA ASN D 338 28.93 -32.26 36.70
C ASN D 338 30.30 -31.59 36.57
N ILE D 339 31.16 -31.83 37.55
CA ILE D 339 32.50 -31.23 37.55
C ILE D 339 33.56 -32.20 37.07
N LYS D 340 34.22 -31.88 35.96
CA LYS D 340 35.30 -32.69 35.43
C LYS D 340 36.37 -31.79 34.82
N PHE D 341 37.60 -32.31 34.74
CA PHE D 341 38.72 -31.52 34.24
C PHE D 341 39.54 -32.29 33.21
N ASP D 342 40.32 -31.54 32.42
CA ASP D 342 41.26 -32.15 31.50
C ASP D 342 42.68 -32.01 32.04
N GLN D 343 43.66 -32.37 31.23
CA GLN D 343 45.06 -32.34 31.66
C GLN D 343 45.54 -30.93 32.00
N ASN D 344 44.84 -29.93 31.47
CA ASN D 344 45.22 -28.54 31.67
C ASN D 344 44.59 -27.90 32.91
N GLY D 345 43.28 -28.11 33.06
CA GLY D 345 42.56 -27.54 34.19
C GLY D 345 41.22 -26.97 33.80
N LYS D 346 41.00 -26.83 32.50
CA LYS D 346 39.73 -26.34 31.99
C LYS D 346 38.64 -27.39 32.18
N ARG D 347 37.47 -26.96 32.66
CA ARG D 347 36.37 -27.88 32.90
C ARG D 347 35.82 -28.48 31.62
N ILE D 348 35.39 -29.73 31.69
CA ILE D 348 34.83 -30.44 30.55
C ILE D 348 33.58 -31.20 30.94
N ASN D 349 32.86 -31.70 29.95
CA ASN D 349 31.62 -32.44 30.19
C ASN D 349 30.68 -31.70 31.12
N TYR D 350 30.51 -30.40 30.88
CA TYR D 350 29.64 -29.57 31.71
C TYR D 350 28.38 -29.18 30.96
N THR D 351 27.46 -28.52 31.66
CA THR D 351 26.19 -28.13 31.06
C THR D 351 25.81 -26.70 31.44
N ILE D 352 25.51 -25.89 30.43
CA ILE D 352 25.09 -24.51 30.65
C ILE D 352 23.67 -24.30 30.13
N ASN D 353 22.74 -24.04 31.04
CA ASN D 353 21.35 -23.83 30.67
C ASN D 353 21.10 -22.49 29.99
N ILE D 354 20.44 -22.53 28.83
CA ILE D 354 20.07 -21.31 28.13
C ILE D 354 18.76 -20.77 28.68
N MET D 355 18.76 -19.50 29.06
CA MET D 355 17.60 -18.90 29.72
C MET D 355 16.96 -17.79 28.89
N GLU D 356 15.64 -17.69 28.99
CA GLU D 356 14.90 -16.59 28.39
C GLU D 356 14.00 -15.95 29.45
N LEU D 357 13.84 -14.64 29.37
CA LEU D 357 13.02 -13.92 30.34
C LEU D 357 11.62 -13.68 29.81
N LYS D 358 10.64 -14.38 30.39
CA LYS D 358 9.25 -14.22 29.99
C LYS D 358 8.50 -13.33 30.98
N THR D 359 7.18 -13.28 30.84
CA THR D 359 6.35 -12.45 31.70
C THR D 359 6.31 -12.99 33.13
N ASN D 360 6.20 -14.31 33.26
CA ASN D 360 6.15 -14.95 34.57
C ASN D 360 7.53 -15.07 35.23
N GLY D 361 8.56 -14.69 34.49
CA GLY D 361 9.92 -14.75 34.99
C GLY D 361 10.83 -15.59 34.11
N PRO D 362 12.10 -15.75 34.52
CA PRO D 362 13.08 -16.54 33.79
C PRO D 362 12.60 -17.97 33.54
N ARG D 363 13.05 -18.57 32.45
CA ARG D 363 12.63 -19.92 32.09
C ARG D 363 13.66 -20.59 31.19
N LYS D 364 14.09 -21.79 31.58
CA LYS D 364 15.06 -22.55 30.81
C LYS D 364 14.44 -23.08 29.52
N ILE D 365 15.03 -22.72 28.39
CA ILE D 365 14.52 -23.16 27.09
C ILE D 365 15.41 -24.26 26.51
N GLY D 366 16.47 -24.61 27.22
CA GLY D 366 17.39 -25.63 26.77
C GLY D 366 18.73 -25.56 27.46
N TYR D 367 19.68 -26.35 27.00
CA TYR D 367 21.02 -26.36 27.58
C TYR D 367 22.08 -26.41 26.49
N TRP D 368 23.35 -26.30 26.90
CA TRP D 368 24.47 -26.34 25.97
C TRP D 368 25.55 -27.28 26.45
N SER D 369 25.84 -28.31 25.66
CA SER D 369 26.89 -29.25 25.97
C SER D 369 28.08 -29.03 25.05
N GLU D 370 29.29 -29.23 25.57
CA GLU D 370 30.51 -29.03 24.79
C GLU D 370 30.58 -30.03 23.63
N VAL D 371 29.72 -31.06 23.68
CA VAL D 371 29.74 -32.12 22.68
C VAL D 371 28.44 -32.18 21.88
N ASP D 372 27.39 -31.59 22.42
CA ASP D 372 26.08 -31.63 21.76
C ASP D 372 25.60 -30.24 21.34
N LYS D 373 26.44 -29.23 21.57
CA LYS D 373 26.07 -27.85 21.28
C LYS D 373 24.78 -27.49 22.01
N MET D 374 23.90 -26.74 21.35
CA MET D 374 22.65 -26.34 21.95
C MET D 374 21.54 -27.38 21.73
N VAL D 375 20.80 -27.68 22.78
CA VAL D 375 19.69 -28.63 22.71
C VAL D 375 18.48 -28.09 23.48
N LEU D 376 17.41 -27.81 22.75
CA LEU D 376 16.21 -27.25 23.37
C LEU D 376 15.38 -28.30 24.10
N THR D 377 14.81 -27.90 25.23
CA THR D 377 13.92 -28.77 26.00
C THR D 377 12.48 -28.29 25.81
N LEU D 378 11.68 -29.10 25.12
CA LEU D 378 10.31 -28.74 24.79
C LEU D 378 9.43 -28.61 26.04
N LYS D 393 -9.48 -23.60 10.19
CA LYS D 393 -10.35 -24.64 9.64
C LYS D 393 -10.42 -24.57 8.12
N THR D 394 -10.27 -25.71 7.47
CA THR D 394 -10.31 -25.79 6.02
C THR D 394 -11.73 -26.03 5.52
N VAL D 395 -12.22 -25.15 4.65
CA VAL D 395 -13.57 -25.26 4.13
C VAL D 395 -13.63 -26.24 2.96
N VAL D 396 -14.58 -27.16 3.02
CA VAL D 396 -14.78 -28.15 1.96
C VAL D 396 -15.73 -27.61 0.90
N VAL D 397 -15.20 -27.31 -0.28
CA VAL D 397 -16.00 -26.78 -1.37
C VAL D 397 -16.35 -27.86 -2.38
N THR D 398 -17.63 -28.18 -2.47
CA THR D 398 -18.08 -29.18 -3.44
C THR D 398 -18.49 -28.52 -4.76
N THR D 399 -18.18 -29.20 -5.86
CA THR D 399 -18.50 -28.69 -7.19
C THR D 399 -18.59 -29.82 -8.20
N ILE D 400 -19.25 -29.55 -9.32
CA ILE D 400 -19.43 -30.55 -10.36
C ILE D 400 -18.54 -30.25 -11.58
N LEU D 401 -18.15 -31.31 -12.28
CA LEU D 401 -17.34 -31.17 -13.48
C LEU D 401 -18.20 -30.79 -14.68
N GLU D 402 -18.31 -29.49 -14.94
CA GLU D 402 -19.12 -29.00 -16.05
C GLU D 402 -18.44 -27.81 -16.72
N SER D 403 -18.06 -27.98 -17.98
CA SER D 403 -17.39 -26.93 -18.74
C SER D 403 -18.36 -25.79 -19.06
N PRO D 404 -17.87 -24.53 -18.98
CA PRO D 404 -16.49 -24.20 -18.61
C PRO D 404 -16.39 -23.72 -17.17
N TYR D 405 -17.26 -24.23 -16.31
CA TYR D 405 -17.27 -23.82 -14.90
C TYR D 405 -16.15 -24.49 -14.11
N VAL D 406 -16.07 -25.82 -14.21
CA VAL D 406 -15.01 -26.57 -13.56
C VAL D 406 -14.50 -27.69 -14.47
N MET D 407 -13.25 -27.56 -14.91
CA MET D 407 -12.66 -28.52 -15.83
C MET D 407 -11.30 -28.98 -15.33
N MET D 408 -10.86 -30.14 -15.80
CA MET D 408 -9.55 -30.66 -15.45
C MET D 408 -8.47 -29.95 -16.26
N LYS D 409 -7.53 -29.31 -15.57
CA LYS D 409 -6.44 -28.61 -16.23
C LYS D 409 -5.67 -29.56 -17.14
N LYS D 410 -4.97 -28.99 -18.12
CA LYS D 410 -4.20 -29.77 -19.08
C LYS D 410 -3.33 -30.82 -18.39
N ASN D 411 -2.29 -30.37 -17.70
CA ASN D 411 -1.41 -31.27 -16.97
C ASN D 411 -1.88 -31.50 -15.54
N HIS D 412 -3.13 -31.96 -15.40
CA HIS D 412 -3.72 -32.19 -14.09
C HIS D 412 -3.05 -33.36 -13.38
N GLU D 413 -2.43 -34.25 -14.17
CA GLU D 413 -1.76 -35.42 -13.61
C GLU D 413 -0.46 -35.02 -12.91
N MET D 414 0.10 -33.89 -13.31
CA MET D 414 1.33 -33.39 -12.73
C MET D 414 1.05 -32.35 -11.65
N LEU D 415 -0.24 -32.17 -11.33
CA LEU D 415 -0.65 -31.20 -10.32
C LEU D 415 -1.45 -31.86 -9.20
N LYS D 416 -1.66 -31.12 -8.11
CA LYS D 416 -2.42 -31.62 -6.98
C LYS D 416 -3.21 -30.50 -6.31
N GLY D 417 -4.11 -30.87 -5.42
CA GLY D 417 -4.92 -29.92 -4.70
C GLY D 417 -5.90 -29.17 -5.58
N ASN D 418 -5.98 -27.86 -5.40
CA ASN D 418 -6.91 -27.03 -6.16
C ASN D 418 -6.35 -26.62 -7.52
N GLU D 419 -5.03 -26.78 -7.68
CA GLU D 419 -4.36 -26.41 -8.92
C GLU D 419 -4.76 -27.33 -10.06
N ARG D 420 -5.36 -28.47 -9.72
CA ARG D 420 -5.77 -29.45 -10.72
C ARG D 420 -6.91 -28.94 -11.58
N TYR D 421 -7.74 -28.06 -11.01
CA TYR D 421 -8.94 -27.60 -11.70
C TYR D 421 -8.84 -26.17 -12.19
N GLU D 422 -9.65 -25.85 -13.20
CA GLU D 422 -9.73 -24.51 -13.76
C GLU D 422 -11.10 -24.27 -14.36
N GLY D 423 -11.58 -23.03 -14.26
CA GLY D 423 -12.87 -22.68 -14.81
C GLY D 423 -13.52 -21.49 -14.13
N TYR D 424 -14.73 -21.17 -14.55
CA TYR D 424 -15.48 -20.03 -14.00
C TYR D 424 -15.68 -20.17 -12.49
N CYS D 425 -16.19 -21.32 -12.08
CA CYS D 425 -16.46 -21.55 -10.66
C CYS D 425 -15.17 -21.69 -9.85
N VAL D 426 -14.13 -22.22 -10.49
CA VAL D 426 -12.83 -22.35 -9.84
C VAL D 426 -12.28 -20.99 -9.45
N ASP D 427 -12.45 -20.02 -10.36
CA ASP D 427 -12.03 -18.65 -10.09
C ASP D 427 -12.99 -17.98 -9.12
N LEU D 428 -14.28 -18.27 -9.29
CA LEU D 428 -15.31 -17.72 -8.42
C LEU D 428 -15.10 -18.17 -6.98
N ALA D 429 -14.56 -19.37 -6.82
CA ALA D 429 -14.28 -19.91 -5.49
C ALA D 429 -13.19 -19.08 -4.79
N ALA D 430 -12.09 -18.85 -5.50
CA ALA D 430 -10.99 -18.07 -4.97
C ALA D 430 -11.44 -16.66 -4.58
N GLU D 431 -12.31 -16.08 -5.40
CA GLU D 431 -12.82 -14.74 -5.13
C GLU D 431 -13.68 -14.72 -3.87
N ILE D 432 -14.60 -15.68 -3.76
CA ILE D 432 -15.46 -15.78 -2.59
C ILE D 432 -14.62 -16.00 -1.33
N ALA D 433 -13.62 -16.87 -1.45
CA ALA D 433 -12.76 -17.20 -0.31
C ALA D 433 -11.93 -16.00 0.13
N LYS D 434 -11.63 -15.11 -0.81
CA LYS D 434 -10.83 -13.93 -0.52
C LYS D 434 -11.62 -12.88 0.25
N HIS D 435 -12.89 -12.72 -0.12
CA HIS D 435 -13.76 -11.73 0.51
C HIS D 435 -14.36 -12.25 1.81
N CYS D 436 -14.38 -13.56 1.98
CA CYS D 436 -14.91 -14.17 3.20
C CYS D 436 -13.79 -14.60 4.13
N GLY D 437 -12.57 -14.63 3.60
CA GLY D 437 -11.40 -14.97 4.38
C GLY D 437 -11.40 -16.39 4.90
N PHE D 438 -11.05 -17.34 4.04
CA PHE D 438 -10.95 -18.74 4.44
C PHE D 438 -10.23 -19.58 3.39
N LYS D 439 -9.53 -20.62 3.85
CA LYS D 439 -8.90 -21.57 2.96
C LYS D 439 -9.90 -22.64 2.56
N TYR D 440 -9.73 -23.22 1.38
CA TYR D 440 -10.69 -24.20 0.89
C TYR D 440 -10.03 -25.34 0.11
N LYS D 441 -10.76 -26.44 -0.03
CA LYS D 441 -10.28 -27.59 -0.79
C LYS D 441 -11.34 -28.01 -1.81
N LEU D 442 -11.07 -27.74 -3.09
CA LEU D 442 -11.99 -28.08 -4.15
C LEU D 442 -12.17 -29.59 -4.28
N THR D 443 -13.41 -30.04 -4.19
CA THR D 443 -13.72 -31.47 -4.29
C THR D 443 -14.88 -31.70 -5.26
N ILE D 444 -14.75 -32.73 -6.08
CA ILE D 444 -15.79 -33.08 -7.03
C ILE D 444 -16.82 -34.02 -6.39
N VAL D 445 -18.09 -33.70 -6.57
CA VAL D 445 -19.17 -34.51 -6.01
C VAL D 445 -19.09 -35.96 -6.50
N GLY D 446 -19.37 -36.89 -5.61
CA GLY D 446 -19.28 -38.31 -5.92
C GLY D 446 -20.11 -38.74 -7.12
N ASP D 447 -21.42 -38.80 -6.94
CA ASP D 447 -22.32 -39.27 -7.98
C ASP D 447 -22.32 -38.37 -9.21
N GLY D 448 -21.77 -37.17 -9.07
CA GLY D 448 -21.67 -36.24 -10.18
C GLY D 448 -22.99 -35.63 -10.59
N LYS D 449 -23.91 -35.55 -9.64
CA LYS D 449 -25.22 -34.94 -9.88
C LYS D 449 -25.29 -33.55 -9.23
N TYR D 450 -26.32 -32.80 -9.58
CA TYR D 450 -26.50 -31.45 -9.04
C TYR D 450 -27.22 -31.47 -7.69
N GLY D 451 -28.52 -31.69 -7.72
CA GLY D 451 -29.31 -31.72 -6.51
C GLY D 451 -30.76 -32.08 -6.73
N ALA D 452 -31.07 -33.37 -6.68
CA ALA D 452 -32.44 -33.84 -6.85
C ALA D 452 -32.89 -34.62 -5.60
N ARG D 453 -34.15 -35.00 -5.57
CA ARG D 453 -34.70 -35.72 -4.42
C ARG D 453 -35.51 -36.93 -4.85
N ASP D 454 -34.95 -38.12 -4.68
CA ASP D 454 -35.65 -39.36 -5.00
C ASP D 454 -36.95 -39.43 -4.20
N ALA D 455 -38.07 -39.54 -4.91
CA ALA D 455 -39.39 -39.55 -4.27
C ALA D 455 -39.51 -40.64 -3.21
N ASP D 456 -39.08 -41.85 -3.54
CA ASP D 456 -39.20 -42.99 -2.65
C ASP D 456 -38.35 -42.85 -1.39
N THR D 457 -37.03 -42.93 -1.56
CA THR D 457 -36.10 -42.89 -0.44
C THR D 457 -36.07 -41.52 0.23
N LYS D 458 -36.57 -40.51 -0.47
CA LYS D 458 -36.58 -39.14 0.04
C LYS D 458 -35.17 -38.68 0.37
N ILE D 459 -34.19 -39.14 -0.41
CA ILE D 459 -32.80 -38.81 -0.19
C ILE D 459 -32.29 -37.82 -1.23
N TRP D 460 -31.54 -36.83 -0.77
CA TRP D 460 -30.92 -35.84 -1.66
C TRP D 460 -29.62 -36.40 -2.24
N ASN D 461 -29.37 -36.10 -3.51
CA ASN D 461 -28.15 -36.54 -4.16
C ASN D 461 -27.36 -35.37 -4.75
N GLY D 462 -26.13 -35.64 -5.16
CA GLY D 462 -25.28 -34.61 -5.75
C GLY D 462 -24.76 -33.65 -4.71
N MET D 463 -24.46 -32.42 -5.14
CA MET D 463 -23.91 -31.39 -4.27
C MET D 463 -24.90 -31.01 -3.17
N VAL D 464 -26.15 -30.75 -3.56
CA VAL D 464 -27.19 -30.40 -2.60
C VAL D 464 -27.26 -31.46 -1.50
N GLY D 465 -27.02 -32.71 -1.87
CA GLY D 465 -27.02 -33.79 -0.90
C GLY D 465 -25.85 -33.71 0.05
N GLU D 466 -24.64 -33.56 -0.49
CA GLU D 466 -23.43 -33.49 0.32
C GLU D 466 -23.47 -32.31 1.29
N LEU D 467 -24.36 -31.36 1.03
CA LEU D 467 -24.51 -30.20 1.92
C LEU D 467 -25.42 -30.54 3.10
N VAL D 468 -26.54 -31.20 2.81
CA VAL D 468 -27.52 -31.54 3.82
C VAL D 468 -27.00 -32.60 4.79
N TYR D 469 -26.10 -33.45 4.31
CA TYR D 469 -25.60 -34.55 5.12
C TYR D 469 -24.20 -34.28 5.68
N GLY D 470 -23.77 -33.03 5.61
CA GLY D 470 -22.54 -32.59 6.24
C GLY D 470 -21.25 -33.05 5.57
N LYS D 471 -21.36 -33.46 4.31
CA LYS D 471 -20.19 -33.89 3.55
C LYS D 471 -19.33 -32.70 3.11
N ALA D 472 -19.99 -31.58 2.82
CA ALA D 472 -19.29 -30.38 2.40
C ALA D 472 -19.80 -29.15 3.17
N ASP D 473 -19.02 -28.08 3.12
CA ASP D 473 -19.36 -26.85 3.83
C ASP D 473 -20.04 -25.83 2.93
N ILE D 474 -19.79 -25.94 1.63
CA ILE D 474 -20.32 -24.97 0.67
C ILE D 474 -20.29 -25.54 -0.74
N ALA D 475 -21.21 -25.07 -1.58
CA ALA D 475 -21.30 -25.53 -2.96
C ALA D 475 -21.14 -24.39 -3.95
N ILE D 476 -20.01 -24.39 -4.65
CA ILE D 476 -19.73 -23.38 -5.66
C ILE D 476 -19.77 -24.00 -7.06
N ALA D 477 -20.92 -23.94 -7.70
CA ALA D 477 -21.12 -24.55 -9.00
C ALA D 477 -22.35 -23.94 -9.67
N PRO D 478 -22.62 -24.32 -10.93
CA PRO D 478 -23.83 -23.83 -11.61
C PRO D 478 -25.09 -24.45 -11.02
N LEU D 479 -25.30 -24.29 -9.72
CA LEU D 479 -26.46 -24.86 -9.06
C LEU D 479 -27.67 -23.95 -9.19
N THR D 480 -28.71 -24.44 -9.85
CA THR D 480 -29.92 -23.65 -10.06
C THR D 480 -30.64 -23.37 -8.74
N ILE D 481 -31.12 -22.15 -8.59
CA ILE D 481 -31.87 -21.78 -7.38
C ILE D 481 -33.34 -22.16 -7.53
N THR D 482 -33.70 -23.31 -6.99
CA THR D 482 -35.07 -23.81 -7.08
C THR D 482 -35.75 -23.81 -5.71
N LEU D 483 -37.07 -23.73 -5.72
CA LEU D 483 -37.86 -23.73 -4.49
C LEU D 483 -37.63 -25.00 -3.68
N VAL D 484 -37.58 -26.14 -4.36
CA VAL D 484 -37.40 -27.43 -3.70
C VAL D 484 -36.08 -27.50 -2.93
N ARG D 485 -35.09 -26.73 -3.38
CA ARG D 485 -33.79 -26.73 -2.75
C ARG D 485 -33.67 -25.64 -1.69
N GLU D 486 -34.29 -24.49 -1.95
CA GLU D 486 -34.25 -23.37 -1.03
C GLU D 486 -34.85 -23.75 0.33
N GLU D 487 -35.61 -24.83 0.34
CA GLU D 487 -36.26 -25.30 1.57
C GLU D 487 -35.28 -26.06 2.46
N VAL D 488 -34.31 -26.73 1.86
CA VAL D 488 -33.37 -27.55 2.62
C VAL D 488 -32.02 -26.85 2.82
N ILE D 489 -31.63 -26.03 1.86
CA ILE D 489 -30.36 -25.30 1.94
C ILE D 489 -30.55 -23.81 1.73
N ASP D 490 -29.46 -23.06 1.77
CA ASP D 490 -29.51 -21.62 1.58
C ASP D 490 -28.80 -21.22 0.28
N PHE D 491 -29.48 -20.39 -0.52
CA PHE D 491 -28.90 -19.91 -1.76
C PHE D 491 -28.57 -18.42 -1.66
N SER D 492 -27.32 -18.08 -1.98
CA SER D 492 -26.92 -16.69 -2.07
C SER D 492 -27.59 -16.09 -3.29
N LYS D 493 -27.54 -14.76 -3.40
CA LYS D 493 -28.08 -14.09 -4.58
C LYS D 493 -27.43 -14.65 -5.84
N PRO D 494 -28.16 -14.63 -6.96
CA PRO D 494 -27.67 -15.21 -8.21
C PRO D 494 -26.37 -14.56 -8.68
N PHE D 495 -25.38 -15.37 -9.02
CA PHE D 495 -24.12 -14.86 -9.55
C PHE D 495 -24.11 -14.95 -11.07
N MET D 496 -25.23 -15.39 -11.64
CA MET D 496 -25.36 -15.52 -13.08
C MET D 496 -26.80 -15.85 -13.49
N SER D 497 -27.48 -14.87 -14.06
CA SER D 497 -28.86 -15.05 -14.51
C SER D 497 -28.90 -15.70 -15.89
N LEU D 498 -29.80 -16.67 -16.06
CA LEU D 498 -29.91 -17.38 -17.33
C LEU D 498 -31.35 -17.77 -17.64
N GLY D 499 -31.50 -18.71 -18.57
CA GLY D 499 -32.81 -19.21 -18.96
C GLY D 499 -32.72 -20.21 -20.09
N ILE D 500 -33.86 -20.54 -20.69
CA ILE D 500 -33.91 -21.48 -21.80
C ILE D 500 -33.80 -20.75 -23.13
N SER D 501 -32.88 -21.20 -23.97
CA SER D 501 -32.62 -20.53 -25.25
C SER D 501 -32.81 -21.46 -26.44
N ILE D 502 -32.66 -20.91 -27.64
CA ILE D 502 -32.82 -21.68 -28.87
C ILE D 502 -31.50 -21.78 -29.63
N MET D 503 -31.17 -22.97 -30.10
CA MET D 503 -29.95 -23.19 -30.86
C MET D 503 -30.23 -23.71 -32.26
N ILE D 504 -29.70 -23.03 -33.27
CA ILE D 504 -29.85 -23.47 -34.65
C ILE D 504 -28.49 -23.63 -35.32
N LYS D 505 -28.50 -24.06 -36.58
CA LYS D 505 -27.28 -24.21 -37.35
C LYS D 505 -26.99 -22.96 -38.16
N GLY D 513 -30.58 -22.80 -49.52
CA GLY D 513 -31.80 -22.01 -49.50
C GLY D 513 -32.01 -21.27 -50.80
N VAL D 514 -32.88 -21.81 -51.65
CA VAL D 514 -33.21 -21.17 -52.93
C VAL D 514 -33.82 -19.79 -52.68
N PHE D 515 -34.08 -19.49 -51.41
CA PHE D 515 -34.68 -18.21 -51.03
C PHE D 515 -33.68 -17.06 -51.03
N SER D 516 -32.44 -17.35 -51.42
CA SER D 516 -31.43 -16.30 -51.58
C SER D 516 -31.46 -15.79 -53.02
N PHE D 517 -32.34 -16.38 -53.82
CA PHE D 517 -32.52 -15.99 -55.21
C PHE D 517 -33.80 -15.19 -55.38
N LEU D 518 -34.75 -15.44 -54.49
CA LEU D 518 -36.03 -14.74 -54.50
C LEU D 518 -35.92 -13.43 -53.72
N ASP D 519 -34.83 -13.26 -53.00
CA ASP D 519 -34.61 -12.06 -52.20
C ASP D 519 -34.15 -10.87 -53.03
N PRO D 520 -33.08 -11.06 -53.82
CA PRO D 520 -32.56 -9.95 -54.64
C PRO D 520 -33.70 -9.25 -55.35
N LEU D 521 -34.43 -9.98 -56.16
CA LEU D 521 -35.60 -9.39 -56.77
C LEU D 521 -36.82 -9.86 -55.97
N ALA D 522 -37.48 -8.87 -55.36
CA ALA D 522 -38.58 -9.07 -54.43
C ALA D 522 -39.70 -9.85 -55.09
N TYR D 523 -40.43 -10.63 -54.30
CA TYR D 523 -41.55 -11.39 -54.81
C TYR D 523 -42.57 -10.47 -55.48
N GLU D 524 -42.71 -9.27 -54.93
CA GLU D 524 -43.65 -8.29 -55.46
C GLU D 524 -43.21 -7.83 -56.84
N ILE D 525 -41.89 -7.76 -57.04
CA ILE D 525 -41.33 -7.32 -58.30
C ILE D 525 -41.42 -8.40 -59.37
N TRP D 526 -41.16 -9.65 -58.98
CA TRP D 526 -41.30 -10.77 -59.90
C TRP D 526 -42.74 -10.84 -60.41
N MET D 527 -43.68 -10.47 -59.56
CA MET D 527 -45.09 -10.49 -59.93
C MET D 527 -45.40 -9.44 -60.98
N CYS D 528 -45.10 -8.18 -60.66
CA CYS D 528 -45.39 -7.08 -61.57
C CYS D 528 -44.70 -7.23 -62.92
N ILE D 529 -43.47 -7.75 -62.90
CA ILE D 529 -42.73 -7.97 -64.14
C ILE D 529 -43.41 -9.04 -65.00
N VAL D 530 -44.22 -9.87 -64.34
CA VAL D 530 -44.99 -10.89 -65.04
C VAL D 530 -46.33 -10.34 -65.51
N PHE D 531 -46.92 -9.46 -64.70
CA PHE D 531 -48.17 -8.80 -65.07
C PHE D 531 -47.96 -7.89 -66.27
N ALA D 532 -46.86 -7.13 -66.25
CA ALA D 532 -46.50 -6.28 -67.37
C ALA D 532 -46.06 -7.13 -68.55
N TYR D 533 -45.57 -8.33 -68.25
CA TYR D 533 -45.15 -9.28 -69.28
C TYR D 533 -46.33 -9.65 -70.16
N ILE D 534 -47.40 -10.12 -69.54
CA ILE D 534 -48.62 -10.45 -70.26
C ILE D 534 -49.36 -9.18 -70.66
N GLY D 535 -49.00 -8.07 -70.01
CA GLY D 535 -49.59 -6.78 -70.32
C GLY D 535 -49.07 -6.22 -71.63
N VAL D 536 -47.94 -6.76 -72.09
CA VAL D 536 -47.37 -6.35 -73.37
C VAL D 536 -47.74 -7.34 -74.46
N SER D 537 -47.81 -8.62 -74.10
CA SER D 537 -48.18 -9.67 -75.05
C SER D 537 -49.66 -9.55 -75.43
N VAL D 538 -50.41 -8.78 -74.64
CA VAL D 538 -51.82 -8.56 -74.93
C VAL D 538 -51.99 -7.28 -75.77
N VAL D 539 -51.11 -6.31 -75.53
CA VAL D 539 -51.12 -5.07 -76.31
C VAL D 539 -50.65 -5.35 -77.73
N LEU D 540 -49.62 -6.17 -77.86
CA LEU D 540 -49.14 -6.61 -79.17
C LEU D 540 -50.18 -7.47 -79.86
N PHE D 541 -50.92 -8.23 -79.06
CA PHE D 541 -51.97 -9.11 -79.58
C PHE D 541 -53.08 -8.31 -80.26
N LEU D 542 -53.25 -7.07 -79.84
CA LEU D 542 -54.28 -6.21 -80.41
C LEU D 542 -53.79 -5.52 -81.68
N VAL D 543 -52.49 -5.61 -81.92
CA VAL D 543 -51.89 -4.98 -83.10
C VAL D 543 -52.17 -5.78 -84.37
N SER D 544 -51.90 -7.08 -84.32
CA SER D 544 -52.13 -7.95 -85.47
C SER D 544 -53.61 -8.03 -85.83
N THR D 568 -62.09 -17.56 -86.50
CA THR D 568 -61.63 -16.27 -86.01
C THR D 568 -61.16 -16.37 -84.56
N ASN D 569 -61.77 -17.29 -83.80
CA ASN D 569 -61.40 -17.49 -82.41
C ASN D 569 -60.04 -18.16 -82.27
N GLU D 570 -59.76 -19.11 -83.16
CA GLU D 570 -58.48 -19.81 -83.15
C GLU D 570 -57.37 -18.91 -83.68
N PHE D 571 -57.73 -18.03 -84.61
CA PHE D 571 -56.77 -17.08 -85.17
C PHE D 571 -56.24 -16.16 -84.08
N GLY D 572 -57.03 -15.96 -83.03
CA GLY D 572 -56.63 -15.16 -81.89
C GLY D 572 -55.78 -15.94 -80.92
N ILE D 573 -55.93 -17.26 -80.94
CA ILE D 573 -55.15 -18.14 -80.08
C ILE D 573 -53.75 -18.34 -80.63
N PHE D 574 -53.65 -18.55 -81.94
CA PHE D 574 -52.36 -18.71 -82.59
C PHE D 574 -51.53 -17.44 -82.49
N ASN D 575 -52.22 -16.30 -82.52
CA ASN D 575 -51.56 -15.00 -82.40
C ASN D 575 -51.14 -14.72 -80.95
N SER D 576 -52.03 -15.06 -80.01
CA SER D 576 -51.74 -14.88 -78.60
C SER D 576 -50.55 -15.73 -78.17
N LEU D 577 -50.34 -16.83 -78.89
CA LEU D 577 -49.21 -17.71 -78.63
C LEU D 577 -47.96 -17.19 -79.33
N TRP D 578 -48.16 -16.39 -80.36
CA TRP D 578 -47.05 -15.79 -81.09
C TRP D 578 -46.55 -14.55 -80.36
N PHE D 579 -47.47 -13.79 -79.78
CA PHE D 579 -47.11 -12.61 -79.00
C PHE D 579 -46.55 -13.04 -77.65
N SER D 580 -46.89 -14.24 -77.22
CA SER D 580 -46.34 -14.82 -76.00
C SER D 580 -44.92 -15.32 -76.26
N LEU D 581 -44.63 -15.59 -77.54
CA LEU D 581 -43.29 -15.97 -77.95
C LEU D 581 -42.47 -14.71 -78.18
N GLY D 582 -43.14 -13.64 -78.60
CA GLY D 582 -42.52 -12.33 -78.69
C GLY D 582 -42.37 -11.77 -77.30
N ALA D 583 -43.04 -12.42 -76.35
CA ALA D 583 -42.96 -12.05 -74.94
C ALA D 583 -41.78 -12.78 -74.30
N PHE D 584 -41.84 -14.12 -74.29
CA PHE D 584 -40.69 -14.93 -73.93
C PHE D 584 -39.48 -14.30 -74.63
N MET D 585 -38.65 -13.63 -73.83
CA MET D 585 -37.78 -12.57 -74.34
C MET D 585 -36.62 -12.99 -75.26
N GLN D 586 -36.10 -11.99 -75.97
CA GLN D 586 -34.88 -12.11 -76.75
C GLN D 586 -34.13 -10.77 -76.71
N PRO D 593 -42.58 -6.04 -89.43
CA PRO D 593 -41.58 -5.06 -89.88
C PRO D 593 -41.63 -3.77 -89.07
N ARG D 594 -41.63 -2.64 -89.75
CA ARG D 594 -41.61 -1.34 -89.08
C ARG D 594 -43.01 -0.82 -88.77
N SER D 595 -43.75 -1.57 -87.97
CA SER D 595 -45.06 -1.13 -87.49
C SER D 595 -44.85 -0.22 -86.28
N LEU D 596 -44.66 1.07 -86.55
CA LEU D 596 -44.31 2.06 -85.53
C LEU D 596 -45.06 1.86 -84.22
N SER D 597 -46.35 1.54 -84.30
CA SER D 597 -47.17 1.31 -83.12
C SER D 597 -46.50 0.31 -82.17
N GLY D 598 -46.57 -0.97 -82.52
CA GLY D 598 -45.98 -2.01 -81.70
C GLY D 598 -44.47 -1.99 -81.69
N ARG D 599 -43.89 -1.15 -82.54
CA ARG D 599 -42.45 -1.01 -82.64
C ARG D 599 -41.86 -0.39 -81.37
N ILE D 600 -42.40 0.75 -80.97
CA ILE D 600 -41.93 1.43 -79.77
C ILE D 600 -42.26 0.62 -78.52
N VAL D 601 -43.26 -0.25 -78.63
CA VAL D 601 -43.60 -1.15 -77.53
C VAL D 601 -42.47 -2.12 -77.26
N GLY D 602 -41.92 -2.71 -78.32
CA GLY D 602 -40.80 -3.62 -78.21
C GLY D 602 -39.55 -2.94 -77.72
N GLY D 603 -39.39 -1.67 -78.10
CA GLY D 603 -38.25 -0.88 -77.68
C GLY D 603 -38.32 -0.48 -76.22
N VAL D 604 -39.48 0.02 -75.81
CA VAL D 604 -39.69 0.44 -74.43
C VAL D 604 -39.65 -0.77 -73.48
N TRP D 605 -40.24 -1.87 -73.91
CA TRP D 605 -40.22 -3.10 -73.12
C TRP D 605 -38.80 -3.62 -72.97
N TRP D 606 -37.99 -3.41 -74.00
CA TRP D 606 -36.59 -3.82 -73.97
C TRP D 606 -35.80 -2.96 -72.99
N PHE D 607 -36.05 -1.66 -73.03
CA PHE D 607 -35.41 -0.73 -72.10
C PHE D 607 -35.85 -1.02 -70.67
N PHE D 608 -37.08 -1.48 -70.52
CA PHE D 608 -37.63 -1.84 -69.22
C PHE D 608 -36.91 -3.04 -68.63
N THR D 609 -36.83 -4.12 -69.41
CA THR D 609 -36.16 -5.34 -68.95
C THR D 609 -34.66 -5.11 -68.78
N LEU D 610 -34.10 -4.20 -69.56
CA LEU D 610 -32.69 -3.86 -69.44
C LEU D 610 -32.38 -3.32 -68.06
N ILE D 611 -33.21 -2.38 -67.60
CA ILE D 611 -33.04 -1.79 -66.28
C ILE D 611 -33.18 -2.83 -65.18
N ILE D 612 -34.19 -3.68 -65.30
CA ILE D 612 -34.45 -4.71 -64.29
C ILE D 612 -33.29 -5.70 -64.15
N ILE D 613 -32.85 -6.26 -65.26
CA ILE D 613 -31.75 -7.23 -65.24
C ILE D 613 -30.46 -6.57 -64.76
N SER D 614 -30.32 -5.28 -65.02
CA SER D 614 -29.18 -4.52 -64.54
C SER D 614 -29.27 -4.34 -63.03
N SER D 615 -30.49 -4.07 -62.55
CA SER D 615 -30.73 -3.93 -61.12
C SER D 615 -30.48 -5.24 -60.40
N TYR D 616 -31.00 -6.33 -60.94
CA TYR D 616 -30.79 -7.64 -60.37
C TYR D 616 -29.30 -7.96 -60.25
N THR D 617 -28.56 -7.69 -61.32
CA THR D 617 -27.13 -7.96 -61.34
C THR D 617 -26.39 -7.12 -60.30
N ALA D 618 -26.65 -5.83 -60.29
CA ALA D 618 -26.01 -4.92 -59.34
C ALA D 618 -26.32 -5.31 -57.90
N ASN D 619 -27.60 -5.53 -57.61
CA ASN D 619 -28.03 -5.90 -56.27
C ASN D 619 -27.41 -7.21 -55.81
N LEU D 620 -27.35 -8.19 -56.72
CA LEU D 620 -26.78 -9.49 -56.41
C LEU D 620 -25.30 -9.38 -56.08
N ALA D 621 -24.64 -8.36 -56.63
CA ALA D 621 -23.23 -8.13 -56.40
C ALA D 621 -22.98 -7.58 -55.01
N ALA D 622 -23.79 -6.59 -54.65
CA ALA D 622 -23.82 -6.12 -53.27
C ALA D 622 -23.96 -7.32 -52.33
N PHE D 623 -24.91 -8.21 -52.64
CA PHE D 623 -25.15 -9.38 -51.79
C PHE D 623 -23.90 -10.26 -51.68
N LEU D 624 -23.17 -10.38 -52.78
CA LEU D 624 -21.99 -11.24 -52.84
C LEU D 624 -20.76 -10.58 -52.23
N THR D 625 -20.88 -9.29 -51.93
CA THR D 625 -19.78 -8.54 -51.33
C THR D 625 -19.89 -8.55 -49.81
N VAL D 626 -20.96 -7.97 -49.29
CA VAL D 626 -21.19 -7.90 -47.85
C VAL D 626 -21.59 -9.27 -47.29
N GLU D 627 -22.68 -9.81 -47.81
CA GLU D 627 -23.16 -11.14 -47.44
C GLU D 627 -23.37 -11.29 -45.93
N ARG D 628 -24.26 -10.47 -45.38
CA ARG D 628 -24.61 -10.59 -43.97
C ARG D 628 -25.77 -11.57 -43.79
N PRO D 632 -33.60 -17.51 -39.72
CA PRO D 632 -35.06 -17.69 -39.72
C PRO D 632 -35.67 -17.41 -38.36
N ILE D 633 -35.34 -18.24 -37.39
CA ILE D 633 -35.92 -18.14 -36.05
C ILE D 633 -35.41 -16.92 -35.29
N GLU D 634 -36.32 -16.03 -34.93
CA GLU D 634 -35.97 -14.82 -34.20
C GLU D 634 -36.45 -14.93 -32.77
N SER D 635 -37.52 -15.69 -32.59
CA SER D 635 -38.03 -15.92 -31.26
C SER D 635 -38.60 -17.33 -31.14
N ALA D 636 -39.14 -17.63 -29.97
CA ALA D 636 -39.74 -18.92 -29.72
C ALA D 636 -41.08 -19.04 -30.44
N GLU D 637 -41.77 -17.90 -30.56
CA GLU D 637 -43.06 -17.87 -31.26
C GLU D 637 -42.91 -18.26 -32.71
N ASP D 638 -41.70 -18.08 -33.24
CA ASP D 638 -41.41 -18.44 -34.63
C ASP D 638 -41.34 -19.95 -34.82
N LEU D 639 -40.98 -20.66 -33.77
CA LEU D 639 -40.91 -22.11 -33.82
C LEU D 639 -42.29 -22.75 -33.80
N SER D 640 -43.25 -22.06 -33.20
CA SER D 640 -44.61 -22.56 -33.09
C SER D 640 -45.44 -22.23 -34.33
N LYS D 641 -45.13 -21.10 -34.95
CA LYS D 641 -45.88 -20.65 -36.12
C LYS D 641 -45.53 -21.44 -37.38
N GLN D 642 -44.44 -22.20 -37.32
CA GLN D 642 -44.00 -22.99 -38.47
C GLN D 642 -43.76 -24.45 -38.09
N THR D 643 -43.56 -25.29 -39.09
CA THR D 643 -43.37 -26.72 -38.86
C THR D 643 -42.22 -27.29 -39.68
N GLU D 644 -41.80 -26.53 -40.70
CA GLU D 644 -40.72 -26.97 -41.57
C GLU D 644 -39.47 -27.34 -40.77
N ILE D 645 -39.15 -26.52 -39.77
CA ILE D 645 -37.98 -26.76 -38.93
C ILE D 645 -38.39 -27.44 -37.62
N ALA D 646 -38.02 -28.72 -37.49
CA ALA D 646 -38.32 -29.46 -36.28
C ALA D 646 -37.50 -28.93 -35.10
N TYR D 647 -37.93 -29.25 -33.89
CA TYR D 647 -37.23 -28.81 -32.68
C TYR D 647 -37.62 -29.65 -31.47
N GLY D 648 -36.71 -29.77 -30.52
CA GLY D 648 -36.96 -30.54 -29.33
C GLY D 648 -36.02 -30.18 -28.19
N THR D 649 -36.17 -30.89 -27.07
CA THR D 649 -35.33 -30.65 -25.89
C THR D 649 -34.72 -31.95 -25.41
N LEU D 650 -34.08 -31.91 -24.25
CA LEU D 650 -33.51 -33.10 -23.64
C LEU D 650 -34.65 -33.99 -23.14
N ASP D 651 -34.50 -35.31 -23.33
CA ASP D 651 -35.55 -36.25 -22.96
C ASP D 651 -35.87 -36.22 -21.47
N SER D 652 -34.94 -35.72 -20.67
CA SER D 652 -35.14 -35.63 -19.22
C SER D 652 -34.40 -34.42 -18.65
N GLY D 653 -35.13 -33.61 -17.88
CA GLY D 653 -34.56 -32.43 -17.26
C GLY D 653 -35.57 -31.33 -17.07
N SER D 654 -35.17 -30.27 -16.40
CA SER D 654 -36.05 -29.13 -16.13
C SER D 654 -36.50 -28.47 -17.42
N THR D 655 -35.66 -28.56 -18.45
CA THR D 655 -35.97 -27.97 -19.75
C THR D 655 -37.23 -28.58 -20.35
N LYS D 656 -37.26 -29.92 -20.40
CA LYS D 656 -38.41 -30.63 -20.93
C LYS D 656 -39.63 -30.46 -20.03
N GLU D 657 -39.42 -30.63 -18.72
CA GLU D 657 -40.50 -30.52 -17.75
C GLU D 657 -41.08 -29.10 -17.74
N PHE D 658 -40.31 -28.13 -18.23
CA PHE D 658 -40.77 -26.75 -18.28
C PHE D 658 -41.95 -26.60 -19.24
N PHE D 659 -41.76 -27.05 -20.47
CA PHE D 659 -42.81 -26.96 -21.49
C PHE D 659 -44.04 -27.77 -21.10
N ARG D 660 -43.81 -28.94 -20.51
CA ARG D 660 -44.90 -29.82 -20.10
C ARG D 660 -45.83 -29.15 -19.10
N ARG D 661 -45.24 -28.43 -18.15
CA ARG D 661 -46.00 -27.80 -17.09
C ARG D 661 -46.37 -26.34 -17.39
N SER D 662 -45.75 -25.79 -18.43
CA SER D 662 -45.97 -24.39 -18.79
C SER D 662 -47.40 -24.16 -19.29
N LYS D 663 -48.06 -23.16 -18.74
CA LYS D 663 -49.42 -22.83 -19.13
C LYS D 663 -49.45 -21.59 -20.02
N ILE D 664 -48.27 -21.18 -20.48
CA ILE D 664 -48.15 -20.02 -21.36
C ILE D 664 -48.57 -20.37 -22.77
N ALA D 665 -49.19 -19.41 -23.46
CA ALA D 665 -49.73 -19.62 -24.80
C ALA D 665 -48.73 -20.30 -25.74
N VAL D 666 -47.65 -19.59 -26.07
CA VAL D 666 -46.67 -20.07 -27.03
C VAL D 666 -46.07 -21.42 -26.62
N PHE D 667 -45.52 -21.48 -25.42
CA PHE D 667 -44.85 -22.68 -24.93
C PHE D 667 -45.79 -23.88 -24.89
N ASP D 668 -47.09 -23.62 -24.76
CA ASP D 668 -48.08 -24.68 -24.74
C ASP D 668 -48.09 -25.42 -26.07
N LYS D 669 -48.30 -24.69 -27.14
CA LYS D 669 -48.33 -25.26 -28.49
C LYS D 669 -47.04 -26.02 -28.78
N MET D 670 -45.92 -25.42 -28.40
CA MET D 670 -44.61 -26.05 -28.62
C MET D 670 -44.56 -27.44 -28.00
N TRP D 671 -45.00 -27.55 -26.76
CA TRP D 671 -45.00 -28.83 -26.06
C TRP D 671 -45.93 -29.83 -26.75
N THR D 672 -47.11 -29.36 -27.15
CA THR D 672 -48.08 -30.20 -27.85
C THR D 672 -47.44 -30.85 -29.07
N TYR D 673 -46.63 -30.07 -29.79
CA TYR D 673 -45.94 -30.58 -30.97
C TYR D 673 -44.88 -31.60 -30.60
N MET D 674 -43.99 -31.23 -29.68
CA MET D 674 -42.89 -32.10 -29.28
C MET D 674 -43.39 -33.37 -28.60
N ARG D 675 -44.56 -33.29 -27.97
CA ARG D 675 -45.11 -34.42 -27.22
C ARG D 675 -45.49 -35.59 -28.13
N SER D 676 -45.84 -35.27 -29.37
CA SER D 676 -46.29 -36.31 -30.31
C SER D 676 -45.52 -36.27 -31.63
N ALA D 677 -44.43 -35.52 -31.66
CA ALA D 677 -43.61 -35.38 -32.86
C ALA D 677 -42.87 -36.68 -33.17
N GLU D 678 -42.94 -37.10 -34.43
CA GLU D 678 -42.25 -38.32 -34.87
C GLU D 678 -41.38 -38.04 -36.09
N PRO D 679 -40.13 -38.53 -36.08
CA PRO D 679 -39.54 -39.30 -34.98
C PRO D 679 -39.31 -38.46 -33.73
N SER D 680 -38.78 -39.09 -32.68
CA SER D 680 -38.54 -38.41 -31.42
C SER D 680 -37.68 -37.16 -31.60
N VAL D 681 -38.19 -36.02 -31.15
CA VAL D 681 -37.46 -34.76 -31.24
C VAL D 681 -36.57 -34.56 -30.01
N PHE D 682 -36.68 -35.50 -29.06
CA PHE D 682 -35.88 -35.43 -27.85
C PHE D 682 -34.59 -36.24 -28.00
N VAL D 683 -33.51 -35.74 -27.41
CA VAL D 683 -32.21 -36.41 -27.47
C VAL D 683 -31.82 -36.98 -26.13
N ARG D 684 -30.87 -37.91 -26.14
CA ARG D 684 -30.40 -38.56 -24.92
C ARG D 684 -29.52 -37.63 -24.09
N THR D 685 -28.50 -37.05 -24.72
CA THR D 685 -27.59 -36.14 -24.05
C THR D 685 -27.53 -34.80 -24.78
N THR D 686 -26.85 -33.83 -24.17
CA THR D 686 -26.70 -32.51 -24.77
C THR D 686 -25.84 -32.57 -26.03
N ALA D 687 -24.85 -33.46 -26.02
CA ALA D 687 -23.97 -33.63 -27.16
C ALA D 687 -24.74 -34.13 -28.37
N GLU D 688 -25.69 -35.04 -28.13
CA GLU D 688 -26.52 -35.58 -29.20
C GLU D 688 -27.38 -34.49 -29.83
N GLY D 689 -27.91 -33.61 -28.98
CA GLY D 689 -28.74 -32.52 -29.46
C GLY D 689 -27.98 -31.57 -30.37
N VAL D 690 -26.78 -31.19 -29.95
CA VAL D 690 -25.93 -30.31 -30.74
C VAL D 690 -25.57 -30.97 -32.07
N ALA D 691 -25.26 -32.27 -32.03
CA ALA D 691 -24.91 -33.02 -33.23
C ALA D 691 -26.08 -33.05 -34.20
N ARG D 692 -27.30 -33.13 -33.67
CA ARG D 692 -28.50 -33.17 -34.49
C ARG D 692 -28.72 -31.85 -35.21
N VAL D 693 -28.31 -30.76 -34.57
CA VAL D 693 -28.45 -29.43 -35.15
C VAL D 693 -27.38 -29.19 -36.21
N ARG D 694 -26.22 -29.82 -36.03
CA ARG D 694 -25.11 -29.64 -36.95
C ARG D 694 -25.20 -30.56 -38.17
N LYS D 695 -26.10 -31.53 -38.11
CA LYS D 695 -26.22 -32.51 -39.18
C LYS D 695 -27.58 -32.48 -39.86
N SER D 696 -28.42 -31.50 -39.50
CA SER D 696 -29.74 -31.39 -40.10
C SER D 696 -29.82 -30.25 -41.10
N LYS D 697 -28.69 -29.58 -41.35
CA LYS D 697 -28.63 -28.48 -42.30
C LYS D 697 -29.63 -27.38 -41.96
N GLY D 698 -29.88 -27.17 -40.68
CA GLY D 698 -30.78 -26.13 -40.22
C GLY D 698 -32.24 -26.55 -40.21
N LYS D 699 -32.47 -27.86 -40.19
CA LYS D 699 -33.83 -28.39 -40.17
C LYS D 699 -34.25 -28.77 -38.76
N TYR D 700 -33.32 -28.75 -37.83
CA TYR D 700 -33.60 -29.11 -36.45
C TYR D 700 -33.01 -28.10 -35.46
N ALA D 701 -33.86 -27.61 -34.56
CA ALA D 701 -33.43 -26.69 -33.51
C ALA D 701 -33.42 -27.38 -32.16
N TYR D 702 -32.48 -27.00 -31.30
CA TYR D 702 -32.36 -27.62 -29.99
C TYR D 702 -32.52 -26.58 -28.88
N LEU D 703 -33.37 -26.89 -27.91
CA LEU D 703 -33.63 -25.99 -26.79
C LEU D 703 -32.85 -26.42 -25.55
N LEU D 704 -32.03 -25.51 -25.03
CA LEU D 704 -31.20 -25.82 -23.87
C LEU D 704 -30.88 -24.57 -23.06
N GLU D 705 -30.18 -24.75 -21.95
CA GLU D 705 -29.79 -23.64 -21.09
C GLU D 705 -28.89 -22.65 -21.84
N SER D 706 -29.21 -21.37 -21.72
CA SER D 706 -28.45 -20.32 -22.41
C SER D 706 -26.97 -20.40 -22.11
N THR D 707 -26.63 -20.66 -20.84
CA THR D 707 -25.24 -20.73 -20.41
C THR D 707 -24.43 -21.72 -21.24
N MET D 708 -24.92 -22.95 -21.32
CA MET D 708 -24.22 -23.99 -22.08
C MET D 708 -24.27 -23.69 -23.57
N ASN D 709 -25.36 -23.07 -24.02
CA ASN D 709 -25.53 -22.71 -25.41
C ASN D 709 -24.49 -21.68 -25.86
N GLU D 710 -24.41 -20.58 -25.12
CA GLU D 710 -23.45 -19.53 -25.42
C GLU D 710 -22.03 -20.08 -25.53
N TYR D 711 -21.72 -21.06 -24.69
CA TYR D 711 -20.40 -21.68 -24.68
C TYR D 711 -20.18 -22.50 -25.95
N ILE D 712 -21.19 -23.26 -26.35
CA ILE D 712 -21.11 -24.09 -27.55
C ILE D 712 -20.85 -23.22 -28.78
N GLU D 713 -21.47 -22.04 -28.81
CA GLU D 713 -21.31 -21.11 -29.92
C GLU D 713 -19.85 -20.68 -30.07
N GLN D 714 -19.09 -20.79 -28.98
CA GLN D 714 -17.68 -20.40 -28.99
C GLN D 714 -16.77 -21.62 -29.10
N ARG D 715 -17.27 -22.68 -29.73
CA ARG D 715 -16.49 -23.89 -29.91
C ARG D 715 -16.51 -24.33 -31.37
N LYS D 716 -15.39 -24.84 -31.86
CA LYS D 716 -15.29 -25.30 -33.24
C LYS D 716 -16.36 -26.36 -33.54
N PRO D 717 -16.81 -26.42 -34.81
CA PRO D 717 -16.35 -25.57 -35.92
C PRO D 717 -17.10 -24.26 -36.00
N CYS D 718 -17.60 -23.77 -34.87
CA CYS D 718 -18.34 -22.52 -34.83
C CYS D 718 -19.51 -22.53 -35.81
N ASP D 719 -20.36 -23.53 -35.68
CA ASP D 719 -21.48 -23.71 -36.61
C ASP D 719 -22.84 -23.64 -35.90
N THR D 720 -22.83 -23.13 -34.68
CA THR D 720 -24.06 -22.99 -33.90
C THR D 720 -24.19 -21.59 -33.31
N MET D 721 -25.41 -21.12 -33.17
CA MET D 721 -25.65 -19.78 -32.63
C MET D 721 -26.97 -19.71 -31.86
N LYS D 722 -26.97 -18.91 -30.80
CA LYS D 722 -28.18 -18.70 -30.01
C LYS D 722 -29.02 -17.58 -30.62
N VAL D 723 -30.33 -17.79 -30.70
CA VAL D 723 -31.23 -16.81 -31.29
C VAL D 723 -32.35 -16.40 -30.34
N GLY D 724 -32.67 -15.11 -30.35
CA GLY D 724 -33.72 -14.58 -29.50
C GLY D 724 -33.34 -14.59 -28.02
N GLY D 725 -34.18 -13.98 -27.20
CA GLY D 725 -33.94 -13.94 -25.77
C GLY D 725 -34.37 -15.23 -25.08
N ASN D 726 -34.05 -15.33 -23.80
CA ASN D 726 -34.40 -16.53 -23.03
C ASN D 726 -35.91 -16.68 -22.88
N LEU D 727 -36.35 -17.91 -22.63
CA LEU D 727 -37.77 -18.21 -22.51
C LEU D 727 -38.26 -18.00 -21.07
N ASP D 728 -37.34 -18.12 -20.12
CA ASP D 728 -37.66 -17.93 -18.71
C ASP D 728 -36.48 -17.33 -17.96
N SER D 729 -36.71 -16.91 -16.72
CA SER D 729 -35.67 -16.30 -15.90
C SER D 729 -35.23 -17.22 -14.77
N LYS D 730 -34.01 -17.73 -14.87
CA LYS D 730 -33.43 -18.57 -13.83
C LYS D 730 -32.20 -17.89 -13.24
N GLY D 731 -31.37 -18.67 -12.55
CA GLY D 731 -30.16 -18.14 -11.95
C GLY D 731 -29.45 -19.12 -11.04
N TYR D 732 -28.13 -19.19 -11.17
CA TYR D 732 -27.32 -20.03 -10.29
C TYR D 732 -26.93 -19.26 -9.03
N GLY D 733 -26.57 -19.98 -7.99
CA GLY D 733 -26.17 -19.36 -6.74
C GLY D 733 -25.29 -20.27 -5.90
N ILE D 734 -24.58 -19.67 -4.93
CA ILE D 734 -23.74 -20.44 -4.03
C ILE D 734 -24.60 -21.05 -2.93
N ALA D 735 -24.54 -22.38 -2.82
CA ALA D 735 -25.36 -23.09 -1.85
C ALA D 735 -24.63 -23.35 -0.53
N THR D 736 -25.29 -23.03 0.57
CA THR D 736 -24.71 -23.23 1.90
C THR D 736 -25.73 -23.87 2.83
N PRO D 737 -25.29 -24.83 3.65
CA PRO D 737 -26.16 -25.54 4.59
C PRO D 737 -27.05 -24.59 5.38
N LYS D 738 -28.31 -24.94 5.56
CA LYS D 738 -29.25 -24.10 6.30
C LYS D 738 -28.71 -23.73 7.67
N GLY D 739 -28.69 -22.43 7.96
CA GLY D 739 -28.21 -21.94 9.24
C GLY D 739 -26.72 -22.09 9.39
N SER D 740 -25.98 -21.79 8.33
CA SER D 740 -24.53 -21.87 8.35
C SER D 740 -23.90 -20.53 8.71
N SER D 741 -22.63 -20.56 9.08
CA SER D 741 -21.90 -19.34 9.42
C SER D 741 -21.47 -18.59 8.17
N LEU D 742 -21.17 -19.33 7.12
CA LEU D 742 -20.73 -18.73 5.86
C LEU D 742 -21.90 -18.13 5.09
N GLY D 743 -23.11 -18.37 5.59
CA GLY D 743 -24.32 -17.90 4.93
C GLY D 743 -24.26 -16.45 4.49
N THR D 744 -24.47 -15.55 5.44
CA THR D 744 -24.50 -14.12 5.15
C THR D 744 -23.24 -13.61 4.44
N PRO D 745 -22.05 -13.99 4.94
CA PRO D 745 -20.80 -13.53 4.32
C PRO D 745 -20.74 -13.80 2.82
N VAL D 746 -20.97 -15.06 2.43
CA VAL D 746 -20.92 -15.44 1.02
C VAL D 746 -21.96 -14.67 0.21
N ASN D 747 -23.16 -14.52 0.75
CA ASN D 747 -24.23 -13.78 0.09
C ASN D 747 -23.76 -12.38 -0.31
N LEU D 748 -23.23 -11.64 0.66
CA LEU D 748 -22.73 -10.29 0.40
C LEU D 748 -21.56 -10.33 -0.58
N ALA D 749 -20.73 -11.35 -0.46
CA ALA D 749 -19.57 -11.50 -1.34
C ALA D 749 -19.99 -11.57 -2.80
N VAL D 750 -21.04 -12.33 -3.08
CA VAL D 750 -21.56 -12.45 -4.44
C VAL D 750 -22.03 -11.11 -4.97
N LEU D 751 -22.76 -10.37 -4.13
CA LEU D 751 -23.24 -9.05 -4.50
C LEU D 751 -22.08 -8.09 -4.75
N LYS D 752 -21.04 -8.20 -3.93
CA LYS D 752 -19.87 -7.34 -4.08
C LYS D 752 -19.15 -7.64 -5.38
N LEU D 753 -19.00 -8.92 -5.70
CA LEU D 753 -18.31 -9.33 -6.92
C LEU D 753 -19.03 -8.84 -8.17
N SER D 754 -20.35 -8.90 -8.16
CA SER D 754 -21.15 -8.50 -9.31
C SER D 754 -21.07 -7.00 -9.55
N GLU D 755 -21.10 -6.22 -8.46
CA GLU D 755 -21.04 -4.77 -8.56
C GLU D 755 -19.67 -4.30 -9.03
N GLN D 756 -18.64 -5.07 -8.69
CA GLN D 756 -17.28 -4.74 -9.12
C GLN D 756 -17.07 -5.24 -10.55
N GLY D 757 -18.13 -5.78 -11.15
CA GLY D 757 -18.07 -6.29 -12.50
C GLY D 757 -17.15 -7.49 -12.61
N LEU D 758 -16.79 -8.07 -11.47
CA LEU D 758 -15.88 -9.21 -11.44
C LEU D 758 -16.55 -10.46 -11.99
N LEU D 759 -17.85 -10.60 -11.73
CA LEU D 759 -18.60 -11.74 -12.25
C LEU D 759 -18.68 -11.70 -13.77
N ASP D 760 -19.08 -10.54 -14.30
CA ASP D 760 -19.16 -10.36 -15.74
C ASP D 760 -17.80 -10.59 -16.38
N LYS D 761 -16.75 -10.14 -15.69
CA LYS D 761 -15.38 -10.31 -16.17
C LYS D 761 -15.03 -11.79 -16.28
N LEU D 762 -15.34 -12.56 -15.25
CA LEU D 762 -15.05 -13.99 -15.23
C LEU D 762 -15.74 -14.71 -16.38
N LYS D 763 -17.00 -14.40 -16.62
CA LYS D 763 -17.75 -15.01 -17.70
C LYS D 763 -17.10 -14.73 -19.04
N ASN D 764 -16.77 -13.47 -19.28
CA ASN D 764 -16.09 -13.07 -20.50
C ASN D 764 -14.77 -13.83 -20.67
N LYS D 765 -14.13 -14.14 -19.55
CA LYS D 765 -12.83 -14.82 -19.59
C LYS D 765 -12.95 -16.26 -20.09
N TRP D 766 -14.01 -16.95 -19.68
CA TRP D 766 -14.16 -18.36 -19.99
C TRP D 766 -15.08 -18.64 -21.17
N TRP D 767 -15.95 -17.68 -21.49
CA TRP D 767 -16.89 -17.85 -22.60
C TRP D 767 -16.36 -17.29 -23.91
N TYR D 768 -15.99 -16.01 -23.91
CA TYR D 768 -15.61 -15.34 -25.14
C TYR D 768 -14.09 -15.20 -25.32
N ASP D 769 -13.42 -14.71 -24.27
CA ASP D 769 -11.97 -14.53 -24.33
C ASP D 769 -11.26 -15.86 -24.57
N LYS D 770 -11.60 -16.86 -23.75
CA LYS D 770 -10.98 -18.18 -23.87
C LYS D 770 -11.62 -18.96 -25.02
N GLY D 771 -12.64 -18.36 -25.63
CA GLY D 771 -13.36 -19.00 -26.71
C GLY D 771 -12.53 -19.19 -27.97
N GLU D 772 -13.01 -20.04 -28.87
CA GLU D 772 -12.30 -20.34 -30.09
C GLU D 772 -13.00 -19.73 -31.30
N CYS D 773 -14.08 -19.00 -31.06
CA CYS D 773 -14.90 -18.47 -32.15
C CYS D 773 -15.23 -17.00 -31.96
N SER D 790 -25.87 -23.74 -54.73
CA SER D 790 -27.23 -23.61 -54.17
C SER D 790 -28.12 -22.67 -54.98
N ASN D 791 -27.76 -21.40 -55.00
CA ASN D 791 -28.55 -20.38 -55.71
C ASN D 791 -28.75 -20.74 -57.18
N VAL D 792 -27.66 -21.11 -57.85
CA VAL D 792 -27.70 -21.45 -59.27
C VAL D 792 -28.60 -22.65 -59.52
N ALA D 793 -28.68 -23.55 -58.52
CA ALA D 793 -29.49 -24.76 -58.63
C ALA D 793 -30.97 -24.44 -58.81
N GLY D 794 -31.45 -23.46 -58.06
CA GLY D 794 -32.85 -23.06 -58.15
C GLY D 794 -33.26 -22.68 -59.56
N VAL D 795 -32.31 -22.17 -60.33
CA VAL D 795 -32.58 -21.76 -61.70
C VAL D 795 -32.53 -22.95 -62.65
N PHE D 796 -31.89 -24.03 -62.19
CA PHE D 796 -31.82 -25.26 -62.98
C PHE D 796 -33.16 -26.02 -62.92
N TYR D 797 -33.77 -26.03 -61.75
CA TYR D 797 -35.04 -26.73 -61.56
C TYR D 797 -36.16 -26.05 -62.35
N ILE D 798 -36.13 -24.73 -62.39
CA ILE D 798 -37.14 -23.96 -63.14
C ILE D 798 -36.94 -24.15 -64.64
N LEU D 799 -35.73 -24.52 -65.03
CA LEU D 799 -35.43 -24.81 -66.43
C LEU D 799 -36.01 -26.15 -66.84
N VAL D 800 -35.65 -27.20 -66.11
CA VAL D 800 -36.16 -28.54 -66.38
C VAL D 800 -37.68 -28.55 -66.30
N GLY D 801 -38.23 -27.73 -65.40
CA GLY D 801 -39.68 -27.60 -65.28
C GLY D 801 -40.29 -27.01 -66.54
N GLY D 802 -39.57 -26.06 -67.14
CA GLY D 802 -40.00 -25.45 -68.39
C GLY D 802 -39.90 -26.43 -69.54
N LEU D 803 -38.85 -27.24 -69.54
CA LEU D 803 -38.66 -28.26 -70.55
C LEU D 803 -39.77 -29.30 -70.48
N GLY D 804 -40.12 -29.70 -69.26
CA GLY D 804 -41.18 -30.66 -69.05
C GLY D 804 -42.53 -30.11 -69.48
N LEU D 805 -42.77 -28.83 -69.19
CA LEU D 805 -43.99 -28.17 -69.60
C LEU D 805 -44.12 -28.16 -71.13
N ALA D 806 -42.98 -27.97 -71.80
CA ALA D 806 -42.94 -27.96 -73.25
C ALA D 806 -43.17 -29.37 -73.81
N MET D 807 -42.55 -30.36 -73.17
CA MET D 807 -42.72 -31.75 -73.57
C MET D 807 -44.17 -32.17 -73.42
N LEU D 808 -44.90 -31.45 -72.57
CA LEU D 808 -46.32 -31.71 -72.37
C LEU D 808 -47.16 -31.02 -73.42
N VAL D 809 -46.79 -29.77 -73.74
CA VAL D 809 -47.48 -29.00 -74.75
C VAL D 809 -47.25 -29.60 -76.14
N ALA D 810 -46.10 -30.25 -76.30
CA ALA D 810 -45.77 -30.88 -77.57
C ALA D 810 -46.68 -32.07 -77.84
N LEU D 811 -46.79 -32.95 -76.84
CA LEU D 811 -47.60 -34.16 -76.96
C LEU D 811 -49.05 -33.84 -77.35
N ILE D 812 -49.63 -32.86 -76.67
CA ILE D 812 -51.03 -32.49 -76.91
C ILE D 812 -51.23 -31.97 -78.34
N GLU D 813 -50.25 -31.21 -78.83
CA GLU D 813 -50.33 -30.65 -80.19
C GLU D 813 -50.42 -31.75 -81.24
N PHE D 814 -49.58 -32.78 -81.10
CA PHE D 814 -49.59 -33.90 -82.03
C PHE D 814 -50.88 -34.70 -81.93
N CYS D 815 -51.50 -34.65 -80.75
CA CYS D 815 -52.75 -35.36 -80.52
C CYS D 815 -53.92 -34.69 -81.24
N TYR D 816 -54.02 -33.38 -81.10
CA TYR D 816 -55.08 -32.63 -81.75
C TYR D 816 -54.99 -32.74 -83.27
N LYS D 817 -53.76 -32.71 -83.78
CA LYS D 817 -53.53 -32.82 -85.22
C LYS D 817 -53.86 -34.22 -85.72
OAA ZK1 E . -33.91 0.56 -6.70
OAB ZK1 E . -32.40 2.92 -7.22
OAC ZK1 E . -30.86 2.74 -10.43
OAD ZK1 E . -30.82 5.03 -11.51
OAE ZK1 E . -30.01 4.65 -8.97
FAF ZK1 E . -37.02 0.71 -14.10
FAG ZK1 E . -38.52 0.62 -12.45
FAH ZK1 E . -38.29 2.49 -13.62
CAI ZK1 E . -34.84 3.50 -11.43
CAJ ZK1 E . -36.34 1.14 -10.90
CAK ZK1 E . -35.73 4.30 -16.00
CAL ZK1 E . -36.69 5.98 -14.78
CAM ZK1 E . -35.48 3.36 -14.86
CAN ZK1 E . -36.72 5.17 -13.47
CAO ZK1 E . -32.82 4.40 -9.56
NAP ZK1 E . -35.13 0.84 -8.82
OAQ ZK1 E . -35.60 5.61 -15.58
CAR ZK1 E . -35.82 3.07 -12.36
CAS ZK1 E . -36.57 1.90 -12.11
CAT ZK1 E . -34.14 1.29 -7.87
CAU ZK1 E . -33.38 2.49 -8.14
CAV ZK1 E . -35.36 1.57 -9.98
CAW ZK1 E . -34.61 2.74 -10.24
NAX ZK1 E . -36.03 3.85 -13.57
NAY ZK1 E . -33.59 3.20 -9.28
CAZ ZK1 E . -37.62 1.42 -13.10
PBA ZK1 E . -31.07 4.15 -10.14
OAA ZK1 F . 14.62 25.04 -30.11
OAB ZK1 F . 14.90 27.06 -32.11
OAC ZK1 F . 14.26 25.72 -35.34
OAD ZK1 F . 13.08 27.43 -36.79
OAE ZK1 F . 15.29 28.04 -35.36
FAF ZK1 F . 7.83 22.38 -33.49
FAG ZK1 F . 7.67 22.89 -31.34
FAH ZK1 F . 6.71 24.20 -32.85
CAI ZK1 F . 10.41 25.99 -33.74
CAJ ZK1 F . 10.14 23.98 -31.75
CAK ZK1 F . 6.84 25.02 -36.69
CAL ZK1 F . 6.40 27.02 -35.67
CAM ZK1 F . 7.93 24.56 -35.77
CAN ZK1 F . 7.35 26.76 -34.47
CAO ZK1 F . 12.84 27.55 -33.94
NAP ZK1 F . 12.36 24.51 -30.93
OAQ ZK1 F . 6.86 26.39 -36.83
CAR ZK1 F . 9.22 25.23 -33.67
CAS ZK1 F . 9.07 24.23 -32.68
CAT ZK1 F . 13.57 25.28 -31.01
CAU ZK1 F . 13.71 26.30 -32.03
CAV ZK1 F . 11.33 24.73 -31.82
CAW ZK1 F . 11.47 25.74 -32.82
NAX ZK1 F . 8.15 25.50 -34.62
NAY ZK1 F . 12.70 26.53 -32.90
CAZ ZK1 F . 7.78 23.40 -32.59
PBA ZK1 F . 13.90 27.13 -35.39
OAA ZK1 G . 22.45 -1.96 -26.51
OAB ZK1 G . 21.12 -4.34 -25.63
OAC ZK1 G . 17.94 -4.66 -27.20
OAD ZK1 G . 17.43 -7.10 -27.67
OAE ZK1 G . 18.32 -6.27 -25.26
FAF ZK1 G . 20.41 -3.46 -34.13
FAG ZK1 G . 22.58 -3.14 -33.79
FAH ZK1 G . 21.85 -5.18 -34.26
CAI ZK1 G . 20.54 -5.68 -30.30
CAJ ZK1 G . 21.84 -3.32 -31.16
CAK ZK1 G . 18.53 -7.28 -34.27
CAL ZK1 G . 20.18 -8.76 -33.66
CAM ZK1 G . 18.95 -6.15 -33.38
CAN ZK1 G . 20.93 -7.73 -32.77
CAO ZK1 G . 20.16 -6.20 -27.48
NAP ZK1 G . 22.14 -2.64 -28.86
OAQ ZK1 G . 18.80 -8.50 -33.67
CAR ZK1 G . 20.71 -5.45 -31.68
CAS ZK1 G . 21.36 -4.27 -32.12
CAT ZK1 G . 21.97 -2.89 -27.45
CAU ZK1 G . 21.30 -4.09 -27.00
CAV ZK1 G . 21.68 -3.55 -29.78
CAW ZK1 G . 21.03 -4.73 -29.34
NAX ZK1 G . 20.22 -6.43 -32.63
NAY ZK1 G . 20.84 -4.99 -27.92
CAZ ZK1 G . 21.56 -4.00 -33.61
PBA ZK1 G . 18.40 -6.01 -26.89
OAA ZK1 H . -28.76 -27.37 -10.30
OAB ZK1 H . -30.50 -29.29 -11.48
OAC ZK1 H . -32.12 -27.93 -14.34
OAD ZK1 H . -32.40 -29.72 -16.12
OAE ZK1 H . -33.09 -30.15 -13.55
FAF ZK1 H . -25.91 -25.28 -17.50
FAG ZK1 H . -24.36 -25.86 -16.01
FAH ZK1 H . -24.80 -27.21 -17.71
CAI ZK1 H . -28.25 -28.62 -15.77
CAJ ZK1 H . -26.54 -26.69 -14.59
CAK ZK1 H . -27.59 -27.91 -20.41
CAL ZK1 H . -26.73 -29.97 -19.86
CAM ZK1 H . -27.70 -27.38 -19.00
CAN ZK1 H . -26.59 -29.65 -18.36
CAO ZK1 H . -30.29 -29.94 -14.20
NAP ZK1 H . -27.64 -27.02 -12.46
OAQ ZK1 H . -27.81 -29.27 -20.42
CAR ZK1 H . -27.27 -27.98 -16.56
CAS ZK1 H . -26.42 -27.02 -15.99
CAT ZK1 H . -28.64 -27.67 -11.66
CAU ZK1 H . -29.52 -28.66 -12.26
CAV ZK1 H . -27.51 -27.33 -13.80
CAW ZK1 H . -28.38 -28.29 -14.38
NAX ZK1 H . -27.16 -28.33 -17.97
NAY ZK1 H . -29.40 -28.96 -13.57
CAZ ZK1 H . -25.34 -26.33 -16.83
PBA ZK1 H . -32.03 -29.38 -14.56
#